data_3NL2
#
_entry.id   3NL2
#
_cell.length_a   102.473
_cell.length_b   153.008
_cell.length_c   146.746
_cell.angle_alpha   90.000
_cell.angle_beta   102.290
_cell.angle_gamma   90.000
#
_symmetry.space_group_name_H-M   'P 1 21 1'
#
_entity_poly.entity_id   1
_entity_poly.type   'polypeptide(L)'
_entity_poly.pdbx_seq_one_letter_code
;MKFSKEQFDYSLYLVTDSGMIPEGKTLYGQVEAGLQNGVTLVQIREKDADTKFFIEEALQIKELCHAHNVPLIINDRIDV
AMAIGADGIHVGQDDMPIPMIRKLVGPDMVIGWSVGFPEEVDELSKMGPDMVDYIGVGTLFPTLTKKNPKKAPMGTAGAI
RVLDALERNNAHWCRTVGIGGLHPDNIERVLYQCVSSNGKRSLDGICVVSDIIASLDAAKSTKILRGLIDKTDYKFVNIG
LSTKNSLTTTDEIQSIISNTLKARPLVQHITNKVHQNFGANVTLALGSSPIMSEIQSEVNDLAAIPHATLLLNTGSVAPP
EMLKAAIRAYNDVKRPIVFDPVGYSATETRLLLNNKLLTFGQFSCIKGNSSEILGLAELNKERMKGVDASSGISNELLIQ
ATKIVAFKYKTVAVCTGEFDFIADGTIEGKYSLSKGTNGTSVEDIPCVAVEAGPIEIMGDITASGCSLGSTIACMIGGQP
SEGNLFHAVVAGVMLYKAAGKIASEKCNGSGSFQVELIDALYRLTRENTPVTWAPKLTHT
;
_entity_poly.pdbx_strand_id   A,B,C,D,E,F
#
# COMPACT_ATOMS: atom_id res chain seq x y z
N LYS A 2 53.55 0.84 16.27
CA LYS A 2 53.06 1.68 17.37
C LYS A 2 53.43 3.16 17.16
N PHE A 3 52.41 4.02 17.23
CA PHE A 3 52.61 5.47 17.20
C PHE A 3 52.46 6.02 18.61
N SER A 4 53.16 7.10 18.91
CA SER A 4 52.95 7.82 20.17
C SER A 4 51.89 8.90 19.96
N LYS A 5 51.09 9.18 20.98
CA LYS A 5 50.00 10.14 20.86
C LYS A 5 50.35 11.42 20.04
N GLU A 6 51.63 11.80 20.01
CA GLU A 6 52.06 13.06 19.35
C GLU A 6 52.39 12.89 17.86
N GLN A 7 52.58 11.66 17.41
CA GLN A 7 52.87 11.40 16.01
C GLN A 7 51.59 11.40 15.18
N PHE A 8 50.47 11.64 15.86
CA PHE A 8 49.16 11.55 15.24
C PHE A 8 48.83 12.78 14.40
N ASP A 9 48.75 12.60 13.09
CA ASP A 9 48.43 13.69 12.17
C ASP A 9 46.92 13.71 11.87
N TYR A 10 46.18 14.57 12.54
CA TYR A 10 44.74 14.60 12.35
C TYR A 10 44.29 15.36 11.09
N SER A 11 45.25 15.86 10.32
CA SER A 11 44.96 16.65 9.13
C SER A 11 43.69 16.21 8.43
N LEU A 12 43.80 15.13 7.67
CA LEU A 12 42.65 14.59 6.93
C LEU A 12 42.28 13.22 7.44
N TYR A 13 41.35 13.19 8.39
CA TYR A 13 40.96 11.98 9.11
C TYR A 13 39.79 11.31 8.38
N LEU A 14 40.09 10.20 7.72
CA LEU A 14 39.09 9.47 6.92
C LEU A 14 38.32 8.45 7.73
N VAL A 15 37.07 8.76 8.05
CA VAL A 15 36.22 7.83 8.79
C VAL A 15 35.45 7.04 7.75
N THR A 16 35.68 5.73 7.71
CA THR A 16 35.03 4.86 6.73
C THR A 16 33.65 4.40 7.18
N ASP A 17 32.75 4.29 6.21
CA ASP A 17 31.42 3.74 6.43
C ASP A 17 31.24 2.69 5.35
N SER A 18 31.56 1.46 5.70
CA SER A 18 31.55 0.36 4.75
C SER A 18 30.28 0.31 3.89
N GLY A 19 29.13 0.54 4.51
CA GLY A 19 27.85 0.44 3.83
C GLY A 19 27.46 1.64 2.96
N MET A 20 28.37 2.06 2.08
CA MET A 20 28.08 3.12 1.13
C MET A 20 29.21 3.28 0.14
N ILE A 21 29.87 2.16 -0.15
CA ILE A 21 30.89 2.12 -1.19
C ILE A 21 30.23 1.88 -2.55
N PRO A 22 30.69 2.60 -3.58
CA PRO A 22 30.13 2.45 -4.94
C PRO A 22 30.49 1.09 -5.54
N GLU A 23 29.58 0.54 -6.35
CA GLU A 23 29.80 -0.77 -6.94
C GLU A 23 31.11 -0.86 -7.70
N GLY A 24 31.73 -2.04 -7.67
CA GLY A 24 32.99 -2.25 -8.37
C GLY A 24 34.17 -1.67 -7.62
N LYS A 25 33.92 -1.22 -6.40
CA LYS A 25 34.97 -0.63 -5.57
C LYS A 25 34.93 -1.23 -4.18
N THR A 26 36.11 -1.40 -3.59
CA THR A 26 36.23 -1.98 -2.25
C THR A 26 36.50 -0.92 -1.20
N LEU A 27 36.46 -1.33 0.07
CA LEU A 27 36.90 -0.45 1.15
C LEU A 27 38.40 -0.30 1.07
N TYR A 28 39.08 -1.38 0.73
CA TYR A 28 40.52 -1.32 0.52
C TYR A 28 40.83 -0.34 -0.61
N GLY A 29 40.13 -0.49 -1.73
CA GLY A 29 40.33 0.37 -2.89
C GLY A 29 40.26 1.85 -2.56
N GLN A 30 39.16 2.24 -1.91
CA GLN A 30 38.97 3.63 -1.50
C GLN A 30 40.02 4.06 -0.50
N VAL A 31 40.09 3.38 0.64
CA VAL A 31 41.01 3.79 1.69
C VAL A 31 42.45 3.83 1.22
N GLU A 32 42.75 3.10 0.16
CA GLU A 32 44.09 3.15 -0.39
C GLU A 32 44.31 4.45 -1.14
N ALA A 33 43.41 4.71 -2.10
CA ALA A 33 43.43 5.94 -2.88
C ALA A 33 43.58 7.16 -1.97
N GLY A 34 42.76 7.19 -0.91
CA GLY A 34 42.79 8.29 0.04
C GLY A 34 44.11 8.43 0.79
N LEU A 35 44.85 7.33 0.90
CA LEU A 35 46.11 7.32 1.62
C LEU A 35 47.26 7.90 0.77
N GLN A 36 47.24 7.60 -0.52
CA GLN A 36 48.25 8.06 -1.46
C GLN A 36 48.14 9.55 -1.70
N ASN A 37 46.97 10.12 -1.42
CA ASN A 37 46.71 11.50 -1.78
C ASN A 37 46.38 12.43 -0.62
N GLY A 38 46.56 12.00 0.62
CA GLY A 38 46.24 12.86 1.74
C GLY A 38 45.90 12.20 3.06
N VAL A 39 44.85 11.40 3.09
CA VAL A 39 44.42 10.81 4.35
C VAL A 39 45.63 10.52 5.25
N THR A 40 45.54 10.95 6.50
CA THR A 40 46.63 10.90 7.46
C THR A 40 46.19 10.21 8.74
N LEU A 41 44.97 9.67 8.70
CA LEU A 41 44.39 8.94 9.82
C LEU A 41 43.13 8.25 9.31
N VAL A 42 42.97 6.98 9.66
CA VAL A 42 41.82 6.20 9.23
C VAL A 42 41.08 5.55 10.39
N GLN A 43 39.76 5.72 10.42
CA GLN A 43 38.91 5.08 11.41
C GLN A 43 38.01 4.12 10.66
N ILE A 44 37.89 2.90 11.17
CA ILE A 44 36.98 1.90 10.63
C ILE A 44 35.75 1.77 11.50
N ARG A 45 34.57 1.79 10.89
CA ARG A 45 33.32 1.58 11.59
C ARG A 45 32.75 0.26 11.14
N GLU A 46 32.14 -0.49 12.06
CA GLU A 46 31.37 -1.66 11.67
C GLU A 46 30.32 -1.99 12.73
N LYS A 47 29.14 -1.38 12.70
CA LYS A 47 28.19 -1.75 13.75
C LYS A 47 27.27 -2.92 13.34
N ASP A 48 27.05 -3.05 12.04
CA ASP A 48 26.09 -4.01 11.50
C ASP A 48 26.71 -5.30 10.97
N ALA A 49 28.02 -5.32 10.69
CA ALA A 49 28.59 -6.57 10.19
C ALA A 49 28.89 -7.58 11.31
N ASP A 50 29.46 -8.72 10.92
CA ASP A 50 29.80 -9.80 11.86
C ASP A 50 31.13 -9.53 12.54
N THR A 51 31.12 -9.49 13.86
CA THR A 51 32.30 -9.00 14.60
C THR A 51 33.58 -9.82 14.31
N LYS A 52 33.49 -10.81 13.44
CA LYS A 52 34.67 -11.58 13.05
C LYS A 52 35.10 -11.26 11.64
N PHE A 53 34.14 -11.00 10.76
CA PHE A 53 34.47 -10.49 9.43
C PHE A 53 35.08 -9.08 9.60
N PHE A 54 34.51 -8.31 10.52
CA PHE A 54 35.05 -7.04 10.95
C PHE A 54 36.56 -7.16 11.15
N ILE A 55 36.95 -8.10 12.00
CA ILE A 55 38.34 -8.31 12.40
C ILE A 55 39.28 -8.69 11.24
N GLU A 56 38.73 -9.27 10.19
CA GLU A 56 39.53 -9.65 9.03
C GLU A 56 39.75 -8.44 8.13
N GLU A 57 38.74 -7.58 8.08
CA GLU A 57 38.80 -6.34 7.30
C GLU A 57 39.72 -5.39 8.02
N ALA A 58 39.65 -5.41 9.36
CA ALA A 58 40.45 -4.50 10.18
C ALA A 58 41.94 -4.79 10.10
N LEU A 59 42.30 -6.07 10.13
CA LEU A 59 43.68 -6.47 10.00
C LEU A 59 44.18 -6.18 8.59
N GLN A 60 43.32 -6.41 7.61
CA GLN A 60 43.66 -6.23 6.21
C GLN A 60 43.93 -4.76 5.89
N ILE A 61 43.20 -3.88 6.59
CA ILE A 61 43.32 -2.44 6.40
C ILE A 61 44.41 -1.82 7.27
N LYS A 62 44.69 -2.45 8.43
CA LYS A 62 45.79 -2.01 9.28
C LYS A 62 47.15 -2.23 8.61
N GLU A 63 47.23 -3.25 7.75
CA GLU A 63 48.43 -3.44 6.93
C GLU A 63 48.58 -2.33 5.91
N LEU A 64 47.48 -1.96 5.26
CA LEU A 64 47.48 -0.89 4.28
C LEU A 64 47.91 0.42 4.92
N CYS A 65 47.28 0.75 6.04
CA CYS A 65 47.55 1.98 6.78
C CYS A 65 48.99 2.05 7.27
N HIS A 66 49.37 1.10 8.12
CA HIS A 66 50.75 1.00 8.59
C HIS A 66 51.77 1.14 7.45
N ALA A 67 51.41 0.63 6.26
CA ALA A 67 52.27 0.70 5.08
C ALA A 67 52.50 2.14 4.62
N HIS A 68 51.50 3.00 4.82
CA HIS A 68 51.65 4.42 4.53
C HIS A 68 51.99 5.19 5.81
N ASN A 69 52.35 4.46 6.86
CA ASN A 69 52.74 5.05 8.13
C ASN A 69 51.65 5.89 8.79
N VAL A 70 50.39 5.55 8.50
CA VAL A 70 49.25 6.22 9.10
C VAL A 70 48.51 5.27 10.06
N PRO A 71 48.18 5.76 11.26
CA PRO A 71 47.53 4.94 12.29
C PRO A 71 46.13 4.47 11.90
N LEU A 72 45.64 3.46 12.61
CA LEU A 72 44.29 2.96 12.41
C LEU A 72 43.50 3.06 13.72
N ILE A 73 42.28 3.58 13.61
CA ILE A 73 41.43 3.79 14.78
C ILE A 73 40.11 3.04 14.60
N ILE A 74 39.51 2.59 15.70
CA ILE A 74 38.35 1.73 15.61
C ILE A 74 37.18 2.19 16.46
N ASN A 75 36.00 2.15 15.85
CA ASN A 75 34.76 2.62 16.46
C ASN A 75 33.76 1.49 16.46
N ASP A 76 33.17 1.14 17.61
CA ASP A 76 33.54 1.61 18.94
C ASP A 76 33.75 0.35 19.75
N ARG A 77 34.37 -0.63 19.11
CA ARG A 77 34.62 -1.94 19.69
C ARG A 77 36.01 -2.02 20.29
N ILE A 78 36.12 -1.62 21.56
CA ILE A 78 37.39 -1.61 22.28
C ILE A 78 38.09 -2.96 22.13
N ASP A 79 37.30 -4.02 22.24
CA ASP A 79 37.79 -5.39 22.08
C ASP A 79 38.44 -5.68 20.72
N VAL A 80 37.72 -5.42 19.63
CA VAL A 80 38.30 -5.55 18.30
C VAL A 80 39.60 -4.76 18.22
N ALA A 81 39.65 -3.65 18.95
CA ALA A 81 40.81 -2.76 18.92
C ALA A 81 41.99 -3.38 19.65
N MET A 82 41.80 -3.75 20.92
CA MET A 82 42.86 -4.43 21.65
C MET A 82 43.32 -5.66 20.90
N ALA A 83 42.35 -6.38 20.35
CA ALA A 83 42.61 -7.63 19.65
C ALA A 83 43.56 -7.47 18.47
N ILE A 84 43.26 -6.55 17.57
CA ILE A 84 44.03 -6.45 16.34
C ILE A 84 45.17 -5.46 16.45
N GLY A 85 45.49 -5.03 17.67
CA GLY A 85 46.58 -4.09 17.87
C GLY A 85 46.35 -2.79 17.12
N ALA A 86 45.17 -2.21 17.33
CA ALA A 86 44.80 -0.96 16.70
C ALA A 86 45.45 0.20 17.42
N ASP A 87 45.63 1.32 16.72
CA ASP A 87 46.39 2.44 17.24
C ASP A 87 45.55 3.36 18.12
N GLY A 88 44.24 3.24 17.97
CA GLY A 88 43.33 4.06 18.75
C GLY A 88 41.89 3.62 18.60
N ILE A 89 41.04 4.11 19.50
CA ILE A 89 39.62 3.79 19.45
C ILE A 89 38.78 5.03 19.66
N HIS A 90 37.75 5.18 18.84
CA HIS A 90 36.83 6.28 18.95
C HIS A 90 35.55 5.78 19.57
N VAL A 91 35.13 6.37 20.67
CA VAL A 91 33.83 6.03 21.25
C VAL A 91 32.96 7.28 21.30
N GLY A 92 31.65 7.07 21.41
CA GLY A 92 30.72 8.17 21.46
C GLY A 92 30.30 8.48 22.88
N GLN A 93 29.32 9.37 23.00
CA GLN A 93 28.84 9.78 24.30
C GLN A 93 28.01 8.64 24.91
N ASP A 94 27.40 7.85 24.05
CA ASP A 94 26.54 6.78 24.52
C ASP A 94 27.27 5.44 24.59
N ASP A 95 28.56 5.48 24.29
CA ASP A 95 29.39 4.28 24.33
C ASP A 95 30.09 4.17 25.70
N MET A 96 30.96 3.17 25.84
CA MET A 96 31.59 2.86 27.12
C MET A 96 32.27 4.05 27.78
N PRO A 97 31.95 4.31 29.08
CA PRO A 97 32.63 5.36 29.85
C PRO A 97 34.14 5.33 29.66
N ILE A 98 34.77 6.52 29.61
CA ILE A 98 36.18 6.60 29.23
C ILE A 98 37.19 6.00 30.22
N PRO A 99 37.07 6.36 31.51
CA PRO A 99 37.92 5.72 32.53
C PRO A 99 37.98 4.20 32.35
N MET A 100 36.81 3.58 32.19
CA MET A 100 36.68 2.14 31.94
C MET A 100 37.50 1.69 30.70
N ILE A 101 37.41 2.47 29.62
CA ILE A 101 38.15 2.16 28.39
C ILE A 101 39.65 2.22 28.61
N ARG A 102 40.10 3.29 29.25
CA ARG A 102 41.51 3.48 29.54
C ARG A 102 42.04 2.30 30.35
N LYS A 103 41.29 1.94 31.39
CA LYS A 103 41.67 0.79 32.22
C LYS A 103 41.98 -0.45 31.37
N LEU A 104 41.20 -0.71 30.32
CA LEU A 104 41.39 -1.89 29.46
C LEU A 104 42.55 -1.77 28.47
N VAL A 105 42.62 -0.63 27.78
CA VAL A 105 43.60 -0.45 26.71
C VAL A 105 44.93 0.06 27.25
N GLY A 106 44.93 0.50 28.50
CA GLY A 106 46.10 1.08 29.14
C GLY A 106 46.59 2.27 28.35
N PRO A 107 47.54 3.05 28.89
CA PRO A 107 47.99 4.21 28.11
C PRO A 107 48.61 3.74 26.79
N ASP A 108 49.19 4.66 26.02
CA ASP A 108 49.87 4.33 24.77
C ASP A 108 48.90 4.28 23.57
N MET A 109 47.62 4.09 23.85
CA MET A 109 46.63 4.03 22.79
C MET A 109 45.72 5.24 22.82
N VAL A 110 45.41 5.75 21.63
CA VAL A 110 44.59 6.96 21.49
C VAL A 110 43.09 6.73 21.72
N ILE A 111 42.48 7.57 22.54
CA ILE A 111 41.04 7.51 22.76
C ILE A 111 40.34 8.75 22.19
N GLY A 112 39.50 8.54 21.19
CA GLY A 112 38.71 9.59 20.59
C GLY A 112 37.32 9.60 21.20
N TRP A 113 36.81 10.78 21.52
CA TRP A 113 35.50 10.93 22.13
C TRP A 113 34.67 11.89 21.27
N SER A 114 33.38 11.60 21.13
CA SER A 114 32.50 12.46 20.33
C SER A 114 31.85 13.54 21.22
N VAL A 115 32.40 14.74 21.16
CA VAL A 115 31.88 15.84 21.96
C VAL A 115 31.09 16.78 21.07
N GLY A 116 29.98 17.31 21.58
CA GLY A 116 29.16 18.25 20.83
C GLY A 116 28.80 19.47 21.65
N PHE A 117 29.02 19.40 22.97
CA PHE A 117 28.69 20.46 23.90
C PHE A 117 29.85 20.70 24.88
N PRO A 118 29.96 21.94 25.39
CA PRO A 118 30.96 22.32 26.39
C PRO A 118 30.91 21.44 27.63
N GLU A 119 29.70 21.17 28.12
CA GLU A 119 29.50 20.36 29.32
C GLU A 119 30.36 19.09 29.25
N GLU A 120 30.46 18.53 28.05
CA GLU A 120 31.22 17.31 27.82
C GLU A 120 32.72 17.59 27.82
N VAL A 121 33.10 18.84 27.61
CA VAL A 121 34.52 19.18 27.68
C VAL A 121 34.91 19.31 29.15
N ASP A 122 33.99 19.83 29.96
CA ASP A 122 34.18 19.94 31.40
C ASP A 122 34.51 18.57 31.98
N GLU A 123 33.70 17.58 31.62
CA GLU A 123 33.90 16.19 32.05
C GLU A 123 35.24 15.64 31.55
N LEU A 124 35.49 15.81 30.25
CA LEU A 124 36.74 15.39 29.60
C LEU A 124 37.97 15.91 30.33
N SER A 125 37.81 17.07 30.97
CA SER A 125 38.88 17.75 31.70
C SER A 125 39.04 17.33 33.16
N LYS A 126 37.93 17.04 33.84
CA LYS A 126 37.98 16.50 35.19
C LYS A 126 38.69 15.15 35.21
N MET A 127 38.92 14.58 34.03
CA MET A 127 39.58 13.29 33.90
C MET A 127 41.08 13.43 33.64
N GLY A 128 41.53 14.65 33.41
CA GLY A 128 42.94 14.92 33.15
C GLY A 128 43.43 14.24 31.87
N PRO A 129 44.75 14.31 31.62
CA PRO A 129 45.40 13.66 30.48
C PRO A 129 45.53 12.18 30.75
N ASP A 130 45.92 11.37 29.79
CA ASP A 130 45.53 11.56 28.44
C ASP A 130 44.47 10.45 28.34
N MET A 131 43.57 10.46 29.34
CA MET A 131 42.23 9.91 29.19
C MET A 131 41.78 10.13 27.75
N VAL A 132 41.08 11.23 27.50
CA VAL A 132 40.73 11.58 26.12
C VAL A 132 41.92 12.19 25.42
N ASP A 133 42.23 11.71 24.23
CA ASP A 133 43.42 12.16 23.52
C ASP A 133 43.07 13.06 22.35
N TYR A 134 41.80 13.04 21.98
CA TYR A 134 41.28 13.90 20.91
C TYR A 134 39.78 13.73 20.87
N ILE A 135 39.06 14.77 20.49
CA ILE A 135 37.61 14.67 20.31
C ILE A 135 37.17 15.01 18.90
N GLY A 136 36.09 14.39 18.45
CA GLY A 136 35.43 14.75 17.22
C GLY A 136 34.35 15.72 17.62
N VAL A 137 34.35 16.92 17.05
CA VAL A 137 33.43 17.94 17.51
C VAL A 137 32.06 17.82 16.85
N GLY A 138 31.08 17.51 17.72
CA GLY A 138 29.66 17.36 17.45
C GLY A 138 29.33 16.83 16.08
N THR A 139 28.11 17.05 15.61
CA THR A 139 27.87 16.91 14.18
C THR A 139 27.66 18.31 13.67
N LEU A 140 28.65 18.84 12.97
CA LEU A 140 28.63 20.23 12.56
C LEU A 140 27.39 20.51 11.72
N PHE A 141 27.14 19.63 10.76
CA PHE A 141 26.05 19.82 9.83
C PHE A 141 25.16 18.58 9.71
N PRO A 142 23.89 18.76 9.34
CA PRO A 142 23.01 17.59 9.17
C PRO A 142 23.60 16.71 8.10
N THR A 143 23.41 15.40 8.24
CA THR A 143 24.04 14.45 7.35
C THR A 143 23.03 13.42 6.84
N MET A 154 23.94 22.48 14.69
CA MET A 154 24.84 23.04 15.71
C MET A 154 25.93 23.90 15.09
N GLY A 155 26.46 23.46 13.95
CA GLY A 155 27.34 24.28 13.14
C GLY A 155 28.63 24.81 13.77
N THR A 156 29.33 25.66 13.03
CA THR A 156 30.55 26.28 13.51
C THR A 156 30.40 27.03 14.84
N ALA A 157 29.29 27.72 15.01
CA ALA A 157 29.03 28.42 16.26
C ALA A 157 29.20 27.46 17.44
N GLY A 158 28.59 26.30 17.32
CA GLY A 158 28.60 25.30 18.38
C GLY A 158 29.93 24.62 18.57
N ALA A 159 30.70 24.55 17.50
CA ALA A 159 32.07 24.06 17.57
C ALA A 159 32.97 25.02 18.34
N ILE A 160 32.86 26.30 18.00
CA ILE A 160 33.55 27.34 18.76
C ILE A 160 33.29 27.20 20.25
N ARG A 161 32.02 27.06 20.64
CA ARG A 161 31.69 26.94 22.06
C ARG A 161 32.47 25.82 22.74
N VAL A 162 32.78 24.77 21.96
CA VAL A 162 33.56 23.66 22.47
C VAL A 162 35.05 24.01 22.57
N LEU A 163 35.65 24.42 21.45
CA LEU A 163 37.05 24.85 21.47
C LEU A 163 37.30 25.83 22.61
N ASP A 164 36.30 26.66 22.90
CA ASP A 164 36.41 27.64 23.97
C ASP A 164 36.46 26.97 25.34
N ALA A 165 35.69 25.91 25.53
CA ALA A 165 35.73 25.20 26.79
C ALA A 165 37.04 24.43 26.91
N LEU A 166 37.57 24.00 25.78
CA LEU A 166 38.85 23.31 25.76
C LEU A 166 39.97 24.25 26.15
N GLU A 167 39.63 25.53 26.24
CA GLU A 167 40.63 26.54 26.50
C GLU A 167 40.44 27.06 27.91
N ARG A 168 39.19 27.35 28.26
CA ARG A 168 38.85 27.75 29.61
C ARG A 168 39.26 26.67 30.60
N ASN A 169 39.31 25.42 30.10
CA ASN A 169 39.67 24.27 30.91
C ASN A 169 41.14 23.88 30.80
N ASN A 170 41.87 24.63 29.97
CA ASN A 170 43.24 24.27 29.64
C ASN A 170 43.41 22.77 29.46
N ALA A 171 42.81 22.26 28.38
CA ALA A 171 42.99 20.86 28.02
C ALA A 171 44.04 20.77 26.92
N HIS A 172 45.22 21.33 27.21
CA HIS A 172 46.36 21.32 26.30
C HIS A 172 46.58 19.96 25.58
N TRP A 173 46.14 18.88 26.23
CA TRP A 173 46.51 17.54 25.79
C TRP A 173 45.58 16.96 24.74
N CYS A 174 44.41 17.57 24.60
CA CYS A 174 43.32 17.05 23.78
C CYS A 174 43.23 17.73 22.41
N ARG A 175 43.47 16.99 21.33
CA ARG A 175 43.36 17.53 19.98
C ARG A 175 41.89 17.49 19.52
N THR A 176 41.60 18.09 18.37
CA THR A 176 40.23 18.16 17.88
C THR A 176 40.15 17.93 16.39
N VAL A 177 39.13 17.20 15.97
CA VAL A 177 38.77 17.12 14.56
C VAL A 177 37.31 17.45 14.39
N GLY A 178 36.99 18.16 13.31
CA GLY A 178 35.62 18.52 13.05
C GLY A 178 34.98 17.36 12.33
N ILE A 179 33.69 17.10 12.60
CA ILE A 179 33.07 16.00 11.91
C ILE A 179 31.61 16.22 11.60
N GLY A 180 31.17 15.68 10.46
CA GLY A 180 29.75 15.59 10.18
C GLY A 180 29.25 16.46 9.05
N GLY A 181 29.20 15.88 7.85
CA GLY A 181 28.66 16.59 6.70
C GLY A 181 29.65 17.59 6.19
N LEU A 182 30.92 17.26 6.34
CA LEU A 182 32.00 18.09 5.85
C LEU A 182 32.30 17.77 4.39
N HIS A 183 32.21 18.78 3.53
CA HIS A 183 32.46 18.61 2.09
C HIS A 183 33.27 19.80 1.56
N PRO A 184 33.66 19.76 0.29
CA PRO A 184 34.41 20.91 -0.24
C PRO A 184 33.60 22.21 -0.20
N ASP A 185 32.28 22.09 -0.21
CA ASP A 185 31.41 23.26 -0.23
C ASP A 185 31.30 23.96 1.13
N ASN A 186 32.13 23.55 2.09
CA ASN A 186 32.04 24.11 3.43
C ASN A 186 33.22 23.78 4.35
N ILE A 187 34.24 23.12 3.81
CA ILE A 187 35.40 22.77 4.62
C ILE A 187 36.23 24.00 4.96
N GLU A 188 36.41 24.90 3.99
CA GLU A 188 37.23 26.08 4.24
C GLU A 188 36.55 26.98 5.26
N ARG A 189 35.23 27.11 5.16
CA ARG A 189 34.52 27.93 6.14
C ARG A 189 34.61 27.33 7.53
N VAL A 190 34.60 26.00 7.61
CA VAL A 190 34.67 25.31 8.89
C VAL A 190 36.03 25.51 9.52
N LEU A 191 37.08 25.29 8.73
CA LEU A 191 38.43 25.51 9.20
C LEU A 191 38.62 26.94 9.68
N TYR A 192 38.02 27.84 8.92
CA TYR A 192 38.21 29.28 9.04
C TYR A 192 37.60 29.87 10.31
N GLN A 193 36.35 29.50 10.62
CA GLN A 193 35.67 30.09 11.76
C GLN A 193 35.62 29.23 13.01
N CYS A 194 36.01 27.97 12.87
CA CYS A 194 36.16 27.11 14.04
C CYS A 194 37.50 27.37 14.70
N VAL A 195 37.59 28.51 15.38
CA VAL A 195 38.78 28.87 16.15
C VAL A 195 38.37 29.29 17.54
N SER A 196 39.27 29.11 18.49
CA SER A 196 39.00 29.47 19.87
C SER A 196 38.72 30.97 19.89
N SER A 197 38.03 31.44 20.93
CA SER A 197 37.75 32.87 21.03
C SER A 197 38.99 33.68 21.39
N ASN A 198 40.00 32.99 21.91
CA ASN A 198 41.28 33.65 22.18
C ASN A 198 42.30 33.41 21.06
N GLY A 199 41.81 32.95 19.92
CA GLY A 199 42.64 32.73 18.75
C GLY A 199 43.66 31.60 18.89
N LYS A 200 43.83 31.10 20.11
CA LYS A 200 44.95 30.22 20.38
C LYS A 200 44.77 28.76 19.92
N ARG A 201 43.55 28.39 19.52
CA ARG A 201 43.28 27.01 19.13
C ARG A 201 42.26 26.87 18.01
N SER A 202 42.58 26.12 16.97
CA SER A 202 41.59 25.75 15.97
C SER A 202 41.49 24.23 15.80
N LEU A 203 40.83 23.80 14.73
CA LEU A 203 40.64 22.37 14.50
C LEU A 203 41.94 21.73 14.03
N ASP A 204 42.31 20.61 14.64
CA ASP A 204 43.55 19.90 14.29
C ASP A 204 43.39 19.10 13.01
N GLY A 205 42.14 18.90 12.61
CA GLY A 205 41.86 18.26 11.33
C GLY A 205 40.38 18.14 10.99
N ILE A 206 40.13 17.52 9.85
CA ILE A 206 38.79 17.41 9.32
C ILE A 206 38.42 15.94 9.08
N CYS A 207 37.23 15.53 9.49
CA CYS A 207 36.74 14.19 9.23
C CYS A 207 35.81 14.13 8.03
N VAL A 208 36.27 13.49 6.95
CA VAL A 208 35.40 13.23 5.82
C VAL A 208 34.95 11.77 5.81
N VAL A 209 33.72 11.55 5.36
CA VAL A 209 33.14 10.21 5.31
C VAL A 209 32.65 9.98 3.89
N SER A 210 31.44 10.45 3.61
CA SER A 210 30.80 10.26 2.32
C SER A 210 31.55 10.91 1.15
N ASP A 211 32.58 11.70 1.46
CA ASP A 211 33.23 12.48 0.41
C ASP A 211 34.41 11.76 -0.25
N ILE A 212 34.97 10.77 0.43
CA ILE A 212 36.02 9.97 -0.17
C ILE A 212 35.51 8.58 -0.40
N ILE A 213 34.82 8.03 0.60
CA ILE A 213 34.29 6.67 0.52
C ILE A 213 33.36 6.51 -0.67
N ALA A 214 32.36 7.38 -0.77
CA ALA A 214 31.33 7.26 -1.81
C ALA A 214 31.78 7.85 -3.14
N SER A 215 33.02 8.32 -3.19
CA SER A 215 33.57 8.93 -4.39
C SER A 215 33.77 7.90 -5.49
N LEU A 216 33.35 8.23 -6.70
CA LEU A 216 33.60 7.39 -7.86
C LEU A 216 35.06 7.48 -8.26
N ASP A 217 35.72 8.56 -7.85
CA ASP A 217 37.16 8.73 -8.03
C ASP A 217 37.78 9.22 -6.71
N ALA A 218 38.06 8.30 -5.80
CA ALA A 218 38.51 8.67 -4.46
C ALA A 218 39.87 9.35 -4.46
N ALA A 219 40.72 9.03 -5.44
CA ALA A 219 42.04 9.65 -5.52
C ALA A 219 41.90 11.17 -5.74
N LYS A 220 40.98 11.54 -6.63
CA LYS A 220 40.72 12.94 -6.96
C LYS A 220 40.06 13.65 -5.76
N SER A 221 38.97 13.09 -5.27
CA SER A 221 38.24 13.68 -4.17
C SER A 221 39.17 13.98 -2.99
N THR A 222 40.20 13.16 -2.82
CA THR A 222 41.13 13.34 -1.71
C THR A 222 42.13 14.44 -1.98
N LYS A 223 42.68 14.48 -3.20
CA LYS A 223 43.60 15.55 -3.58
C LYS A 223 42.95 16.91 -3.37
N ILE A 224 41.65 16.99 -3.67
CA ILE A 224 40.87 18.22 -3.49
C ILE A 224 40.81 18.63 -2.02
N LEU A 225 40.41 17.70 -1.16
CA LEU A 225 40.28 17.98 0.26
C LEU A 225 41.62 18.29 0.89
N ARG A 226 42.68 17.75 0.31
CA ARG A 226 44.01 18.12 0.76
C ARG A 226 44.33 19.58 0.39
N GLY A 227 44.08 19.93 -0.86
CA GLY A 227 44.28 21.30 -1.33
C GLY A 227 43.62 22.34 -0.43
N LEU A 228 42.43 22.01 0.04
CA LEU A 228 41.67 22.87 0.93
C LEU A 228 42.25 22.90 2.35
N ILE A 229 42.69 21.75 2.84
CA ILE A 229 43.08 21.64 4.24
C ILE A 229 44.41 22.33 4.53
N ASP A 230 45.34 22.29 3.57
CA ASP A 230 46.66 22.88 3.80
C ASP A 230 46.88 24.20 3.04
N LYS A 231 45.80 24.75 2.50
CA LYS A 231 45.75 26.13 2.06
C LYS A 231 45.65 26.99 3.34
N THR A 232 45.79 28.31 3.23
CA THR A 232 45.63 29.15 4.42
C THR A 232 44.82 30.43 4.18
N ASP A 233 44.31 30.58 2.96
CA ASP A 233 43.49 31.73 2.59
C ASP A 233 42.06 31.32 2.24
N TYR A 234 41.09 31.80 2.99
CA TYR A 234 39.71 31.67 2.55
C TYR A 234 39.23 32.97 1.94
N LYS A 235 39.46 33.14 0.64
CA LYS A 235 38.96 34.30 -0.08
C LYS A 235 37.48 34.12 -0.35
N PHE A 236 36.66 34.36 0.67
CA PHE A 236 35.23 34.05 0.61
C PHE A 236 34.42 35.11 -0.12
N VAL A 237 35.04 36.28 -0.29
CA VAL A 237 34.41 37.35 -1.05
C VAL A 237 35.45 38.03 -1.92
N ASN A 238 35.07 38.35 -3.15
CA ASN A 238 35.99 38.94 -4.11
C ASN A 238 36.24 40.43 -3.85
N ILE A 239 36.77 40.70 -2.65
CA ILE A 239 37.10 42.05 -2.18
C ILE A 239 38.32 41.90 -1.28
N GLY A 240 39.14 42.93 -1.20
CA GLY A 240 40.28 42.89 -0.31
C GLY A 240 39.85 42.64 1.13
N LEU A 241 40.61 41.83 1.86
CA LEU A 241 40.30 41.58 3.25
C LEU A 241 41.42 42.05 4.15
N SER A 242 42.38 42.77 3.56
CA SER A 242 43.54 43.28 4.28
C SER A 242 43.11 44.00 5.56
N THR A 243 43.88 43.86 6.63
CA THR A 243 43.53 44.52 7.88
C THR A 243 43.95 45.98 7.80
N LYS A 244 42.98 46.87 8.00
CA LYS A 244 43.24 48.30 7.99
C LYS A 244 43.07 48.87 9.39
N ASN A 245 44.12 49.48 9.89
CA ASN A 245 44.09 50.09 11.21
C ASN A 245 44.02 51.61 11.11
N SER A 246 44.50 52.13 9.99
CA SER A 246 44.37 53.54 9.68
C SER A 246 42.90 53.84 9.46
N LEU A 247 42.36 54.77 10.24
CA LEU A 247 40.98 55.21 10.08
C LEU A 247 40.66 55.44 8.61
N THR A 248 39.42 55.12 8.23
CA THR A 248 39.02 55.25 6.84
C THR A 248 39.10 56.70 6.45
N THR A 249 39.94 57.03 5.48
CA THR A 249 40.16 58.43 5.11
C THR A 249 39.04 58.95 4.24
N THR A 250 38.87 60.26 4.25
CA THR A 250 37.93 60.92 3.35
C THR A 250 38.12 60.47 1.89
N ASP A 251 39.37 60.44 1.45
CA ASP A 251 39.66 60.08 0.07
C ASP A 251 39.27 58.64 -0.22
N GLU A 252 39.38 57.76 0.79
CA GLU A 252 38.97 56.35 0.66
C GLU A 252 37.46 56.23 0.53
N ILE A 253 36.73 56.85 1.47
CA ILE A 253 35.26 56.94 1.44
C ILE A 253 34.75 57.49 0.10
N GLN A 254 35.46 58.50 -0.40
CA GLN A 254 35.14 59.10 -1.68
C GLN A 254 35.28 58.07 -2.80
N SER A 255 36.31 57.24 -2.74
CA SER A 255 36.54 56.27 -3.79
C SER A 255 35.54 55.13 -3.70
N ILE A 256 35.12 54.79 -2.49
CA ILE A 256 34.11 53.76 -2.28
C ILE A 256 32.85 54.16 -3.02
N ILE A 257 32.33 55.35 -2.71
CA ILE A 257 31.09 55.84 -3.30
C ILE A 257 31.15 55.95 -4.83
N SER A 258 32.27 56.43 -5.34
CA SER A 258 32.46 56.53 -6.77
C SER A 258 32.30 55.14 -7.39
N ASN A 259 32.91 54.15 -6.75
CA ASN A 259 32.90 52.79 -7.27
C ASN A 259 31.50 52.21 -7.33
N THR A 260 30.74 52.37 -6.24
CA THR A 260 29.38 51.84 -6.19
C THR A 260 28.45 52.59 -7.15
N LEU A 261 28.73 53.86 -7.39
CA LEU A 261 27.95 54.61 -8.37
C LEU A 261 28.27 54.17 -9.79
N LYS A 262 29.56 54.02 -10.07
CA LYS A 262 30.03 53.59 -11.38
C LYS A 262 29.68 52.13 -11.67
N ALA A 263 29.60 51.30 -10.63
CA ALA A 263 29.41 49.86 -10.78
C ALA A 263 27.95 49.40 -10.78
N ARG A 264 27.05 50.27 -10.35
CA ARG A 264 25.62 49.94 -10.29
C ARG A 264 25.35 48.52 -9.78
N PRO A 265 25.72 48.26 -8.51
CA PRO A 265 25.60 46.93 -7.90
C PRO A 265 24.17 46.48 -7.86
N LEU A 266 23.93 45.20 -8.10
CA LEU A 266 22.60 44.62 -7.93
C LEU A 266 22.52 44.03 -6.54
N VAL A 267 21.66 44.62 -5.71
CA VAL A 267 21.48 44.15 -4.33
C VAL A 267 20.19 43.38 -4.13
N GLN A 268 20.30 42.05 -4.04
CA GLN A 268 19.15 41.21 -3.81
C GLN A 268 18.70 41.33 -2.36
N HIS A 269 17.45 41.73 -2.16
CA HIS A 269 16.90 41.90 -0.83
C HIS A 269 16.00 40.76 -0.45
N ILE A 270 16.37 40.04 0.59
CA ILE A 270 15.48 39.06 1.19
C ILE A 270 15.09 39.61 2.56
N THR A 271 13.94 40.26 2.63
CA THR A 271 13.57 40.97 3.85
C THR A 271 12.05 41.01 4.00
N ASN A 272 11.56 41.59 5.10
CA ASN A 272 10.13 41.58 5.47
C ASN A 272 9.22 42.39 4.57
N LYS A 273 7.91 42.28 4.76
CA LYS A 273 7.03 43.20 4.06
C LYS A 273 7.45 44.72 4.12
N VAL A 274 7.86 45.17 5.30
CA VAL A 274 8.08 46.60 5.64
C VAL A 274 9.31 47.26 5.02
N HIS A 275 10.45 46.56 5.08
CA HIS A 275 11.70 47.10 4.55
C HIS A 275 11.77 46.88 3.05
N GLN A 276 10.80 46.15 2.51
CA GLN A 276 10.70 45.95 1.09
C GLN A 276 10.79 47.31 0.40
N ASN A 277 9.72 48.09 0.48
CA ASN A 277 9.68 49.36 -0.22
C ASN A 277 10.82 50.26 0.24
N PHE A 278 10.95 50.46 1.55
CA PHE A 278 11.97 51.36 2.06
C PHE A 278 13.41 51.00 1.61
N GLY A 279 13.78 49.75 1.79
CA GLY A 279 15.12 49.32 1.43
C GLY A 279 15.43 49.49 -0.04
N ALA A 280 14.43 49.31 -0.90
CA ALA A 280 14.66 49.39 -2.34
C ALA A 280 14.91 50.83 -2.73
N ASN A 281 14.37 51.75 -1.95
CA ASN A 281 14.56 53.17 -2.17
C ASN A 281 15.94 53.65 -1.73
N VAL A 282 16.40 53.16 -0.58
CA VAL A 282 17.76 53.42 -0.11
C VAL A 282 18.77 52.90 -1.13
N THR A 283 18.52 51.69 -1.62
CA THR A 283 19.39 51.10 -2.62
C THR A 283 19.34 51.94 -3.88
N LEU A 284 18.14 52.28 -4.31
CA LEU A 284 17.94 52.95 -5.59
C LEU A 284 18.56 54.34 -5.55
N ALA A 285 18.56 54.92 -4.36
CA ALA A 285 19.15 56.23 -4.14
C ALA A 285 20.69 56.17 -4.21
N LEU A 286 21.27 55.03 -3.84
CA LEU A 286 22.71 54.90 -3.91
C LEU A 286 23.16 54.47 -5.30
N GLY A 287 22.28 54.67 -6.29
CA GLY A 287 22.59 54.36 -7.67
C GLY A 287 22.85 52.91 -7.96
N SER A 288 22.11 52.02 -7.30
CA SER A 288 22.25 50.59 -7.52
C SER A 288 20.88 49.91 -7.52
N SER A 289 20.67 48.96 -8.44
CA SER A 289 19.37 48.35 -8.64
C SER A 289 19.06 47.25 -7.63
N PRO A 290 17.91 47.36 -6.95
CA PRO A 290 17.51 46.35 -5.98
C PRO A 290 16.58 45.29 -6.58
N ILE A 291 16.76 44.03 -6.19
CA ILE A 291 15.83 42.94 -6.56
C ILE A 291 15.31 42.27 -5.31
N MET A 292 14.00 42.02 -5.26
CA MET A 292 13.38 41.44 -4.07
C MET A 292 12.99 39.98 -4.26
N SER A 293 13.76 39.26 -5.08
CA SER A 293 13.47 37.86 -5.40
C SER A 293 13.71 36.91 -4.22
N GLU A 294 12.64 36.22 -3.83
CA GLU A 294 12.74 35.13 -2.85
C GLU A 294 12.47 33.80 -3.58
N ILE A 295 12.87 33.78 -4.85
CA ILE A 295 12.67 32.65 -5.73
C ILE A 295 13.95 31.80 -5.82
N GLN A 296 13.86 30.52 -5.48
CA GLN A 296 15.02 29.63 -5.37
C GLN A 296 15.79 29.38 -6.66
N SER A 297 15.07 29.19 -7.75
CA SER A 297 15.68 28.89 -9.06
C SER A 297 16.50 30.06 -9.61
N GLU A 298 16.02 31.26 -9.37
CA GLU A 298 16.69 32.49 -9.81
C GLU A 298 18.01 32.71 -9.10
N VAL A 299 18.08 32.24 -7.87
CA VAL A 299 19.17 32.58 -6.96
C VAL A 299 20.57 32.44 -7.56
N ASN A 300 20.78 31.44 -8.40
CA ASN A 300 22.10 31.30 -9.01
C ASN A 300 22.37 32.28 -10.15
N ASP A 301 21.37 32.45 -11.03
CA ASP A 301 21.47 33.38 -12.17
C ASP A 301 21.63 34.80 -11.65
N LEU A 302 20.96 35.07 -10.54
CA LEU A 302 20.97 36.42 -9.92
C LEU A 302 22.34 36.79 -9.40
N ALA A 303 22.98 35.88 -8.67
CA ALA A 303 24.29 36.12 -8.10
C ALA A 303 25.42 36.12 -9.14
N ALA A 304 25.08 35.76 -10.39
CA ALA A 304 26.06 35.70 -11.47
C ALA A 304 26.33 37.08 -12.04
N ILE A 305 25.29 37.91 -12.03
CA ILE A 305 25.35 39.29 -12.50
C ILE A 305 26.47 40.09 -11.78
N PRO A 306 27.21 40.92 -12.54
CA PRO A 306 28.40 41.58 -12.00
C PRO A 306 28.08 42.46 -10.80
N HIS A 307 29.06 42.58 -9.91
CA HIS A 307 28.91 43.36 -8.68
C HIS A 307 27.54 43.11 -7.98
N ALA A 308 27.14 41.84 -7.90
CA ALA A 308 25.90 41.47 -7.20
C ALA A 308 26.16 41.35 -5.69
N THR A 309 25.08 41.34 -4.90
CA THR A 309 25.21 41.42 -3.45
C THR A 309 23.96 40.94 -2.75
N LEU A 310 24.11 40.17 -1.69
CA LEU A 310 22.94 39.64 -1.01
C LEU A 310 22.73 40.37 0.31
N LEU A 311 21.56 40.96 0.49
CA LEU A 311 21.17 41.53 1.79
C LEU A 311 20.11 40.64 2.40
N LEU A 312 20.30 40.25 3.66
CA LEU A 312 19.51 39.17 4.23
C LEU A 312 18.90 39.52 5.57
N ASN A 313 17.57 39.58 5.59
CA ASN A 313 16.84 39.78 6.84
C ASN A 313 16.26 38.49 7.39
N THR A 314 16.25 38.40 8.70
CA THR A 314 15.48 37.36 9.36
C THR A 314 14.10 37.96 9.60
N GLY A 315 13.11 37.10 9.80
CA GLY A 315 11.73 37.55 9.86
C GLY A 315 11.24 37.72 8.45
N SER A 316 12.04 37.26 7.50
CA SER A 316 11.61 37.19 6.12
C SER A 316 10.63 36.03 5.98
N VAL A 317 9.86 36.06 4.90
CA VAL A 317 8.80 35.07 4.68
C VAL A 317 9.31 33.84 3.91
N ALA A 318 10.54 33.94 3.39
CA ALA A 318 11.13 32.86 2.60
C ALA A 318 11.61 31.68 3.44
N PRO A 319 11.49 30.46 2.88
CA PRO A 319 11.77 29.18 3.56
C PRO A 319 13.26 28.95 3.79
N PRO A 320 13.65 28.47 4.98
CA PRO A 320 15.06 28.11 5.23
C PRO A 320 15.75 27.42 4.04
N GLU A 321 15.09 26.45 3.40
CA GLU A 321 15.71 25.75 2.28
C GLU A 321 16.17 26.72 1.16
N MET A 322 15.51 27.87 1.04
CA MET A 322 15.86 28.84 -0.01
C MET A 322 16.91 29.84 0.46
N LEU A 323 16.82 30.29 1.71
CA LEU A 323 17.87 31.10 2.30
C LEU A 323 19.20 30.34 2.20
N LYS A 324 19.22 29.08 2.62
CA LYS A 324 20.39 28.24 2.42
C LYS A 324 20.74 28.31 0.94
N ALA A 325 19.76 28.05 0.07
CA ALA A 325 20.00 28.05 -1.38
C ALA A 325 20.75 29.29 -1.84
N ALA A 326 20.40 30.44 -1.25
CA ALA A 326 20.94 31.73 -1.68
C ALA A 326 22.28 32.00 -1.04
N ILE A 327 22.32 31.99 0.28
CA ILE A 327 23.57 32.15 1.01
C ILE A 327 24.69 31.34 0.35
N ARG A 328 24.36 30.12 -0.07
CA ARG A 328 25.32 29.30 -0.79
C ARG A 328 25.62 29.87 -2.18
N ALA A 329 24.57 30.19 -2.93
CA ALA A 329 24.72 30.68 -4.28
C ALA A 329 25.69 31.84 -4.41
N TYR A 330 25.70 32.71 -3.39
CA TYR A 330 26.57 33.88 -3.36
C TYR A 330 27.99 33.57 -2.92
N ASN A 331 28.15 32.70 -1.94
CA ASN A 331 29.48 32.22 -1.55
C ASN A 331 30.22 31.48 -2.67
N ASP A 332 29.47 30.75 -3.50
CA ASP A 332 30.05 29.98 -4.59
C ASP A 332 30.71 30.94 -5.56
N VAL A 333 30.02 32.02 -5.88
CA VAL A 333 30.52 33.02 -6.83
C VAL A 333 31.40 34.10 -6.15
N LYS A 334 31.62 33.96 -4.85
CA LYS A 334 32.47 34.86 -4.07
C LYS A 334 31.99 36.31 -4.02
N ARG A 335 30.67 36.49 -4.03
CA ARG A 335 30.05 37.79 -3.84
C ARG A 335 29.62 37.97 -2.37
N PRO A 336 29.44 39.23 -1.95
CA PRO A 336 29.22 39.61 -0.54
C PRO A 336 27.80 39.42 -0.01
N ILE A 337 27.68 38.81 1.16
CA ILE A 337 26.39 38.75 1.85
C ILE A 337 26.37 39.65 3.08
N VAL A 338 25.37 40.49 3.20
CA VAL A 338 25.16 41.26 4.42
C VAL A 338 24.00 40.71 5.22
N PHE A 339 24.26 40.35 6.46
CA PHE A 339 23.28 39.67 7.29
C PHE A 339 22.76 40.62 8.35
N ASP A 340 21.44 40.76 8.39
CA ASP A 340 20.78 41.63 9.34
C ASP A 340 19.76 40.81 10.14
N PRO A 341 20.18 40.29 11.28
CA PRO A 341 19.30 39.49 12.13
C PRO A 341 18.35 40.37 12.94
N VAL A 342 17.14 40.59 12.41
CA VAL A 342 16.15 41.41 13.09
C VAL A 342 15.32 40.58 14.06
N GLY A 343 15.75 39.34 14.29
CA GLY A 343 15.05 38.45 15.20
C GLY A 343 15.98 37.83 16.22
N SER A 345 16.38 37.47 18.92
CA SER A 345 16.08 37.99 20.26
C SER A 345 14.62 37.78 20.61
N ALA A 346 13.75 38.54 19.97
CA ALA A 346 12.31 38.43 20.22
C ALA A 346 11.68 37.27 19.47
N THR A 347 11.86 36.09 20.05
CA THR A 347 11.11 34.85 19.80
C THR A 347 12.10 33.70 19.82
N GLU A 348 11.61 32.53 20.22
CA GLU A 348 12.33 31.28 20.09
C GLU A 348 12.44 30.90 18.61
N THR A 349 11.39 31.16 17.83
CA THR A 349 11.40 30.79 16.41
C THR A 349 12.46 31.54 15.59
N ARG A 350 12.68 32.81 15.91
CA ARG A 350 13.67 33.59 15.19
C ARG A 350 15.07 33.22 15.63
N LEU A 351 15.29 33.13 16.94
CA LEU A 351 16.56 32.68 17.46
C LEU A 351 16.99 31.44 16.71
N LEU A 352 16.06 30.50 16.58
CA LEU A 352 16.30 29.23 15.90
C LEU A 352 16.71 29.44 14.43
N LEU A 353 15.93 30.24 13.71
CA LEU A 353 16.18 30.50 12.31
C LEU A 353 17.54 31.15 12.06
N ASN A 354 17.91 32.12 12.91
CA ASN A 354 19.18 32.83 12.75
C ASN A 354 20.36 31.89 12.89
N ASN A 355 20.38 31.15 13.99
CA ASN A 355 21.45 30.20 14.26
C ASN A 355 21.59 29.23 13.10
N LYS A 356 20.46 28.89 12.50
CA LYS A 356 20.44 27.98 11.36
C LYS A 356 21.08 28.63 10.13
N LEU A 357 20.78 29.92 9.93
CA LEU A 357 21.34 30.67 8.81
C LEU A 357 22.84 30.89 8.93
N LEU A 358 23.29 31.17 10.14
CA LEU A 358 24.70 31.48 10.38
C LEU A 358 25.62 30.30 10.09
N THR A 359 25.02 29.16 9.76
CA THR A 359 25.80 27.97 9.46
C THR A 359 25.60 27.54 8.02
N PHE A 360 24.89 28.37 7.24
CA PHE A 360 24.67 28.09 5.83
C PHE A 360 25.79 28.62 4.94
N GLY A 361 26.50 29.63 5.43
CA GLY A 361 27.60 30.20 4.66
C GLY A 361 28.41 31.26 5.41
N GLN A 362 29.28 31.95 4.66
CA GLN A 362 30.14 33.00 5.20
C GLN A 362 29.60 34.39 4.87
N PHE A 363 29.34 35.18 5.90
CA PHE A 363 28.83 36.54 5.70
C PHE A 363 29.91 37.60 5.67
N SER A 364 29.84 38.50 4.69
CA SER A 364 30.78 39.62 4.63
C SER A 364 30.49 40.65 5.72
N CYS A 365 29.24 40.78 6.12
CA CYS A 365 28.91 41.70 7.20
C CYS A 365 27.64 41.32 7.98
N ILE A 366 27.75 41.32 9.31
CA ILE A 366 26.61 41.12 10.19
C ILE A 366 26.30 42.45 10.89
N LYS A 367 25.04 42.86 10.82
CA LYS A 367 24.62 44.18 11.34
C LYS A 367 23.50 44.04 12.36
N GLY A 368 23.68 44.63 13.52
CA GLY A 368 22.63 44.63 14.52
C GLY A 368 22.69 45.82 15.45
N ASN A 369 21.78 45.87 16.40
CA ASN A 369 21.81 46.90 17.42
C ASN A 369 21.94 46.26 18.79
N SER A 370 22.35 47.05 19.78
CA SER A 370 22.53 46.60 21.16
C SER A 370 22.05 45.18 21.47
N SER A 371 20.73 44.94 21.41
CA SER A 371 20.15 43.64 21.75
C SER A 371 20.65 42.50 20.87
N GLU A 372 20.48 42.66 19.56
CA GLU A 372 20.88 41.66 18.60
C GLU A 372 22.38 41.39 18.61
N ILE A 373 23.21 42.40 18.88
CA ILE A 373 24.66 42.19 18.93
C ILE A 373 25.14 41.54 20.23
N LEU A 374 24.55 41.94 21.36
CA LEU A 374 24.86 41.25 22.61
C LEU A 374 24.41 39.78 22.54
N GLY A 375 23.22 39.55 21.98
CA GLY A 375 22.70 38.20 21.80
C GLY A 375 23.59 37.33 20.95
N LEU A 376 24.04 37.87 19.83
CA LEU A 376 24.93 37.15 18.92
C LEU A 376 26.29 36.85 19.54
N ALA A 377 26.75 37.72 20.42
CA ALA A 377 28.04 37.55 21.09
C ALA A 377 27.92 36.56 22.24
N GLU A 378 26.68 36.30 22.63
CA GLU A 378 26.39 35.41 23.75
C GLU A 378 26.81 36.05 25.07
N LEU A 379 26.16 37.17 25.39
CA LEU A 379 26.35 37.93 26.61
C LEU A 379 26.77 37.06 27.80
N SER A 394 25.35 49.41 28.61
CA SER A 394 26.68 50.05 28.71
C SER A 394 27.18 50.52 27.34
N ASN A 395 28.46 50.90 27.25
CA ASN A 395 29.05 51.36 25.98
C ASN A 395 30.37 50.68 25.64
N GLU A 396 31.17 50.39 26.65
CA GLU A 396 32.39 49.63 26.42
C GLU A 396 31.98 48.19 26.15
N LEU A 397 30.83 47.82 26.72
CA LEU A 397 30.31 46.46 26.57
C LEU A 397 29.90 46.21 25.14
N LEU A 398 29.21 47.18 24.55
CA LEU A 398 28.80 47.10 23.15
C LEU A 398 30.03 46.95 22.25
N ILE A 399 31.12 47.65 22.60
CA ILE A 399 32.36 47.52 21.85
C ILE A 399 32.95 46.11 21.96
N GLN A 400 32.97 45.58 23.18
CA GLN A 400 33.45 44.23 23.40
C GLN A 400 32.59 43.25 22.61
N ALA A 401 31.27 43.40 22.70
CA ALA A 401 30.36 42.50 22.00
C ALA A 401 30.53 42.57 20.49
N THR A 402 30.63 43.78 19.94
CA THR A 402 30.84 43.94 18.50
C THR A 402 32.10 43.21 17.98
N LYS A 403 33.19 43.27 18.76
CA LYS A 403 34.40 42.54 18.39
C LYS A 403 34.16 41.04 18.47
N ILE A 404 33.48 40.59 19.53
CA ILE A 404 33.21 39.16 19.73
C ILE A 404 32.45 38.60 18.55
N VAL A 405 31.41 39.30 18.11
CA VAL A 405 30.62 38.87 16.96
C VAL A 405 31.45 38.88 15.68
N ALA A 406 32.19 39.96 15.45
CA ALA A 406 33.01 40.06 14.25
C ALA A 406 33.95 38.89 14.14
N PHE A 407 34.65 38.61 15.23
CA PHE A 407 35.59 37.50 15.24
C PHE A 407 34.86 36.17 15.09
N LYS A 408 33.82 35.96 15.90
CA LYS A 408 33.14 34.68 15.94
C LYS A 408 32.77 34.21 14.55
N TYR A 409 32.06 35.07 13.81
CA TYR A 409 31.51 34.70 12.50
C TYR A 409 32.42 35.16 11.37
N LYS A 410 33.66 35.45 11.75
CA LYS A 410 34.71 35.91 10.83
C LYS A 410 34.17 36.89 9.81
N THR A 411 33.83 38.09 10.27
CA THR A 411 33.08 39.02 9.43
C THR A 411 33.19 40.44 9.97
N VAL A 412 32.90 41.43 9.13
CA VAL A 412 32.75 42.79 9.63
C VAL A 412 31.40 42.88 10.33
N ALA A 413 31.41 43.18 11.63
CA ALA A 413 30.17 43.31 12.41
C ALA A 413 29.88 44.76 12.73
N VAL A 414 28.65 45.19 12.46
CA VAL A 414 28.26 46.55 12.76
C VAL A 414 27.24 46.56 13.90
N CYS A 415 27.44 47.41 14.89
CA CYS A 415 26.49 47.54 15.99
C CYS A 415 25.95 48.97 16.05
N THR A 416 24.70 49.16 15.65
CA THR A 416 24.07 50.48 15.63
C THR A 416 23.55 50.98 16.98
N GLY A 417 23.65 52.30 17.17
CA GLY A 417 23.13 52.95 18.36
C GLY A 417 23.38 54.44 18.22
N GLU A 418 23.58 55.12 19.35
CA GLU A 418 24.00 56.51 19.31
C GLU A 418 25.37 56.53 18.63
N PHE A 419 26.26 55.68 19.13
CA PHE A 419 27.51 55.38 18.45
C PHE A 419 27.32 54.09 17.66
N ASP A 420 27.86 54.05 16.45
CA ASP A 420 27.92 52.81 15.67
C ASP A 420 29.33 52.25 15.80
N PHE A 421 29.46 50.97 16.13
CA PHE A 421 30.76 50.36 16.22
C PHE A 421 30.94 49.38 15.07
N ILE A 422 32.09 49.44 14.42
CA ILE A 422 32.40 48.51 13.34
C ILE A 422 33.67 47.74 13.69
N ALA A 423 33.59 46.42 13.70
CA ALA A 423 34.75 45.59 13.98
C ALA A 423 35.04 44.68 12.80
N ASP A 424 36.32 44.56 12.45
CA ASP A 424 36.76 43.64 11.40
C ASP A 424 37.33 42.35 12.00
N GLY A 425 36.58 41.27 11.86
CA GLY A 425 37.02 39.99 12.36
C GLY A 425 37.42 39.03 11.27
N THR A 426 37.63 39.52 10.04
CA THR A 426 37.98 38.62 8.95
C THR A 426 39.42 38.13 9.02
N ILE A 427 40.27 38.85 9.72
CA ILE A 427 41.68 38.45 9.83
C ILE A 427 42.28 38.04 8.47
N GLU A 428 41.99 38.82 7.43
CA GLU A 428 42.57 38.65 6.10
C GLU A 428 42.23 37.30 5.47
N GLY A 429 41.20 36.66 6.01
CA GLY A 429 40.76 35.35 5.50
C GLY A 429 41.67 34.19 5.86
N LYS A 430 42.48 34.38 6.91
CA LYS A 430 43.47 33.39 7.33
C LYS A 430 42.87 32.27 8.17
N TYR A 431 43.14 31.03 7.77
CA TYR A 431 42.86 29.90 8.64
C TYR A 431 44.02 28.92 8.65
N SER A 432 44.11 28.15 9.72
CA SER A 432 45.14 27.14 9.80
C SER A 432 44.72 26.04 10.77
N LEU A 433 45.37 24.89 10.65
CA LEU A 433 45.06 23.78 11.53
C LEU A 433 45.82 23.93 12.84
N SER A 434 45.13 23.57 13.92
CA SER A 434 45.64 23.48 15.28
C SER A 434 46.45 24.61 15.93
N LYS A 435 46.32 25.81 15.39
CA LYS A 435 47.30 26.86 15.65
C LYS A 435 46.36 27.78 16.42
N GLY A 436 45.97 28.77 15.65
CA GLY A 436 44.72 28.83 15.03
C GLY A 436 44.71 29.93 13.97
N THR A 437 44.21 31.09 14.29
CA THR A 437 44.84 32.36 14.58
C THR A 437 46.22 32.73 15.15
N ASN A 438 46.98 33.42 14.31
CA ASN A 438 48.30 33.90 14.67
C ASN A 438 48.47 35.04 15.70
N GLY A 439 48.47 34.85 17.02
CA GLY A 439 47.39 34.82 17.98
C GLY A 439 46.68 36.18 18.06
N THR A 440 45.85 36.35 17.04
CA THR A 440 44.91 37.46 16.91
C THR A 440 43.57 37.10 17.58
N SER A 441 43.34 37.58 18.80
CA SER A 441 42.14 37.19 19.52
C SER A 441 40.98 38.17 19.35
N VAL A 442 39.81 37.79 19.86
CA VAL A 442 38.67 38.68 19.94
C VAL A 442 39.11 40.07 20.38
N GLU A 443 40.05 40.14 21.32
CA GLU A 443 40.41 41.39 22.00
C GLU A 443 41.00 42.45 21.08
N ASP A 444 41.81 42.01 20.12
CA ASP A 444 42.70 42.94 19.41
C ASP A 444 42.48 43.07 17.90
N ILE A 445 41.25 42.85 17.43
CA ILE A 445 40.90 43.13 16.04
C ILE A 445 40.49 44.60 15.90
N PRO A 446 40.66 45.17 14.69
CA PRO A 446 40.28 46.57 14.44
C PRO A 446 38.81 46.81 14.76
N CYS A 447 38.54 47.79 15.61
CA CYS A 447 37.19 48.22 15.91
C CYS A 447 37.13 49.75 16.01
N VAL A 448 36.37 50.35 15.11
CA VAL A 448 36.23 51.79 15.07
C VAL A 448 34.84 52.24 15.52
N ALA A 449 34.70 53.52 15.82
CA ALA A 449 33.40 54.07 16.22
C ALA A 449 32.99 55.22 15.29
N VAL A 450 31.68 55.42 15.14
CA VAL A 450 31.13 56.51 14.34
C VAL A 450 30.01 57.19 15.10
N GLU A 451 30.22 58.42 15.54
CA GLU A 451 29.19 59.16 16.26
C GLU A 451 28.81 60.50 15.62
N ALA A 452 27.60 60.95 15.90
CA ALA A 452 27.15 62.25 15.39
C ALA A 452 26.12 62.83 16.34
N GLY A 453 26.38 62.65 17.64
CA GLY A 453 25.46 63.12 18.66
C GLY A 453 24.11 62.44 18.58
N PRO A 454 23.20 62.80 19.49
CA PRO A 454 21.82 62.27 19.55
C PRO A 454 21.03 62.65 18.29
N ILE A 455 20.03 61.85 17.94
CA ILE A 455 19.26 62.08 16.71
C ILE A 455 17.76 61.82 16.91
N GLY A 465 17.08 51.83 10.05
CA GLY A 465 18.14 51.08 10.66
C GLY A 465 18.43 49.88 9.78
N CYS A 466 17.36 49.31 9.22
CA CYS A 466 17.50 48.24 8.22
C CYS A 466 17.70 48.92 6.86
N SER A 467 17.76 50.24 6.91
CA SER A 467 18.21 51.04 5.79
C SER A 467 19.73 51.03 5.79
N LEU A 468 20.31 50.93 6.97
CA LEU A 468 21.76 50.82 7.11
C LEU A 468 22.25 49.54 6.42
N GLY A 469 21.48 48.47 6.56
CA GLY A 469 21.78 47.24 5.86
C GLY A 469 21.92 47.51 4.38
N SER A 470 20.89 48.11 3.79
CA SER A 470 20.86 48.32 2.33
C SER A 470 21.98 49.23 1.91
N THR A 471 22.37 50.14 2.79
CA THR A 471 23.47 51.05 2.49
C THR A 471 24.78 50.28 2.47
N ILE A 472 25.14 49.69 3.59
CA ILE A 472 26.31 48.82 3.68
C ILE A 472 26.37 47.85 2.48
N ALA A 473 25.21 47.31 2.11
CA ALA A 473 25.14 46.39 0.98
C ALA A 473 25.63 47.00 -0.31
N CYS A 474 25.24 48.25 -0.58
CA CYS A 474 25.61 48.97 -1.80
C CYS A 474 27.08 49.38 -1.82
N MET A 475 27.62 49.71 -0.66
CA MET A 475 29.02 50.12 -0.55
C MET A 475 29.97 48.95 -0.83
N ILE A 476 29.72 47.84 -0.16
CA ILE A 476 30.47 46.61 -0.39
C ILE A 476 30.26 46.13 -1.82
N GLY A 477 29.06 46.35 -2.36
CA GLY A 477 28.71 45.85 -3.68
C GLY A 477 29.58 46.42 -4.78
N GLY A 478 29.88 47.72 -4.64
CA GLY A 478 30.65 48.45 -5.63
C GLY A 478 32.15 48.19 -5.60
N GLN A 479 32.67 47.75 -4.47
CA GLN A 479 34.08 47.41 -4.34
C GLN A 479 34.53 46.42 -5.42
N PRO A 480 35.69 46.70 -6.02
CA PRO A 480 36.30 45.87 -7.06
C PRO A 480 37.31 44.92 -6.45
N SER A 481 37.85 44.01 -7.25
CA SER A 481 38.88 43.07 -6.82
C SER A 481 39.85 43.69 -5.80
N GLU A 482 40.34 44.89 -6.11
CA GLU A 482 41.39 45.55 -5.33
C GLU A 482 40.87 46.35 -4.13
N GLY A 483 39.56 46.34 -3.94
CA GLY A 483 38.94 47.13 -2.88
C GLY A 483 39.33 46.71 -1.47
N ASN A 484 38.53 47.15 -0.50
CA ASN A 484 38.67 46.68 0.87
C ASN A 484 37.33 46.63 1.56
N LEU A 485 36.99 45.44 2.05
CA LEU A 485 35.68 45.20 2.66
C LEU A 485 35.44 46.06 3.89
N PHE A 486 36.45 46.17 4.77
CA PHE A 486 36.28 46.88 6.01
C PHE A 486 35.98 48.35 5.79
N HIS A 487 36.76 49.02 4.94
CA HIS A 487 36.53 50.44 4.63
C HIS A 487 35.14 50.63 4.03
N ALA A 488 34.75 49.75 3.12
CA ALA A 488 33.44 49.84 2.51
C ALA A 488 32.35 49.88 3.58
N VAL A 489 32.41 48.96 4.55
CA VAL A 489 31.41 48.95 5.61
C VAL A 489 31.42 50.25 6.40
N VAL A 490 32.59 50.70 6.82
CA VAL A 490 32.67 51.97 7.55
C VAL A 490 32.09 53.12 6.71
N ALA A 491 32.46 53.20 5.44
CA ALA A 491 31.88 54.18 4.53
C ALA A 491 30.36 54.16 4.59
N GLY A 492 29.75 52.99 4.45
CA GLY A 492 28.31 52.88 4.60
C GLY A 492 27.76 53.41 5.92
N VAL A 493 28.38 53.08 7.04
CA VAL A 493 27.89 53.53 8.33
C VAL A 493 28.02 55.03 8.48
N MET A 494 29.06 55.60 7.86
CA MET A 494 29.24 57.05 7.81
C MET A 494 28.16 57.69 6.95
N LEU A 495 28.11 57.28 5.69
CA LEU A 495 27.12 57.78 4.74
C LEU A 495 25.71 57.73 5.33
N TYR A 496 25.38 56.64 6.02
CA TYR A 496 24.06 56.53 6.65
C TYR A 496 23.91 57.50 7.83
N LYS A 497 24.82 57.42 8.79
CA LYS A 497 24.81 58.31 9.93
C LYS A 497 24.79 59.77 9.46
N ALA A 498 25.46 60.06 8.35
CA ALA A 498 25.52 61.42 7.81
C ALA A 498 24.16 61.87 7.25
N ALA A 499 23.56 61.04 6.41
CA ALA A 499 22.25 61.32 5.85
C ALA A 499 21.19 61.33 6.96
N GLY A 500 21.57 60.85 8.14
CA GLY A 500 20.69 60.86 9.30
C GLY A 500 20.64 62.23 9.97
N LYS A 501 21.81 62.82 10.24
CA LYS A 501 21.87 64.16 10.79
C LYS A 501 21.09 65.11 9.87
N ILE A 502 21.43 65.10 8.58
CA ILE A 502 20.79 65.98 7.60
C ILE A 502 19.27 65.83 7.57
N ALA A 503 18.79 64.60 7.50
CA ALA A 503 17.34 64.37 7.45
C ALA A 503 16.65 64.86 8.73
N SER A 504 17.19 64.51 9.89
CA SER A 504 16.58 64.91 11.15
C SER A 504 16.42 66.43 11.26
N GLU A 505 17.29 67.17 10.58
CA GLU A 505 17.18 68.64 10.54
C GLU A 505 16.10 69.09 9.56
N LYS A 506 16.12 68.56 8.34
CA LYS A 506 15.25 69.03 7.27
C LYS A 506 13.82 68.50 7.32
N CYS A 507 13.42 67.90 8.43
CA CYS A 507 12.15 67.17 8.46
C CYS A 507 11.16 67.64 9.52
N ASN A 508 9.88 67.31 9.30
CA ASN A 508 8.79 67.75 10.16
C ASN A 508 8.14 66.63 10.98
N GLY A 509 8.71 65.42 10.91
CA GLY A 509 8.17 64.26 11.61
C GLY A 509 8.71 62.91 11.11
N SER A 510 8.17 61.81 11.62
CA SER A 510 8.57 60.48 11.16
C SER A 510 8.50 60.36 9.66
N GLY A 511 7.36 60.77 9.11
CA GLY A 511 7.08 60.65 7.70
C GLY A 511 8.12 61.29 6.81
N SER A 512 8.29 62.59 6.96
CA SER A 512 9.28 63.26 6.14
C SER A 512 10.72 62.82 6.48
N PHE A 513 10.97 62.49 7.75
CA PHE A 513 12.33 62.05 8.11
C PHE A 513 12.80 60.92 7.21
N GLN A 514 11.87 60.05 6.86
CA GLN A 514 12.20 58.92 6.04
C GLN A 514 12.52 59.39 4.61
N VAL A 515 11.59 60.13 4.00
CA VAL A 515 11.81 60.58 2.63
C VAL A 515 13.01 61.51 2.51
N GLU A 516 13.28 62.28 3.55
CA GLU A 516 14.48 63.14 3.56
C GLU A 516 15.78 62.34 3.71
N LEU A 517 15.69 61.18 4.36
CA LEU A 517 16.87 60.33 4.54
C LEU A 517 17.26 59.76 3.19
N ILE A 518 16.28 59.27 2.46
CA ILE A 518 16.53 58.80 1.10
C ILE A 518 17.10 59.91 0.23
N ASP A 519 16.52 61.10 0.30
CA ASP A 519 17.06 62.27 -0.40
C ASP A 519 18.51 62.55 -0.05
N ALA A 520 18.79 62.66 1.25
CA ALA A 520 20.13 62.98 1.74
C ALA A 520 21.15 61.96 1.27
N LEU A 521 20.75 60.70 1.21
CA LEU A 521 21.61 59.68 0.67
C LEU A 521 21.88 59.97 -0.81
N TYR A 522 20.84 60.35 -1.53
CA TYR A 522 20.98 60.64 -2.95
C TYR A 522 21.91 61.81 -3.17
N ARG A 523 21.65 62.91 -2.48
CA ARG A 523 22.47 64.11 -2.58
C ARG A 523 23.93 63.87 -2.11
N LEU A 524 24.07 63.29 -0.93
CA LEU A 524 25.38 63.01 -0.34
C LEU A 524 26.34 62.28 -1.29
N THR A 525 25.82 61.32 -2.06
CA THR A 525 26.68 60.51 -2.92
C THR A 525 26.87 61.11 -4.32
N ARG A 526 25.96 61.97 -4.75
CA ARG A 526 26.12 62.63 -6.04
C ARG A 526 27.23 63.66 -5.98
N GLU A 527 27.55 64.11 -4.78
CA GLU A 527 28.73 64.94 -4.51
C GLU A 527 29.61 64.29 -3.43
N ASN A 528 30.64 63.56 -3.84
CA ASN A 528 31.52 62.98 -2.84
C ASN A 528 32.29 64.09 -2.20
N THR A 529 31.79 64.62 -1.10
CA THR A 529 32.55 65.64 -0.39
C THR A 529 32.69 65.25 1.07
N PRO A 530 33.09 64.01 1.31
CA PRO A 530 33.06 63.43 2.65
C PRO A 530 33.69 64.34 3.70
N VAL A 531 34.58 65.26 3.28
CA VAL A 531 35.13 66.27 4.21
C VAL A 531 34.00 67.10 4.84
N THR A 532 32.93 67.28 4.07
CA THR A 532 31.67 67.89 4.50
C THR A 532 30.92 67.19 5.66
N TRP A 533 30.87 65.85 5.65
CA TRP A 533 29.91 65.09 6.48
C TRP A 533 30.05 65.16 8.00
N ALA A 534 28.89 65.30 8.64
CA ALA A 534 28.73 65.47 10.09
C ALA A 534 29.38 64.45 11.05
N PRO A 535 29.43 63.16 10.68
CA PRO A 535 29.85 62.12 11.62
C PRO A 535 31.36 61.99 11.81
N LYS A 536 31.76 61.90 13.08
CA LYS A 536 33.15 61.82 13.48
C LYS A 536 33.59 60.34 13.65
N LEU A 537 34.64 59.95 12.95
CA LEU A 537 35.09 58.56 12.96
C LEU A 537 36.34 58.34 13.83
N THR A 538 36.14 57.87 15.06
CA THR A 538 37.24 57.71 16.00
C THR A 538 37.75 56.26 16.05
N HIS A 539 38.68 55.99 16.96
CA HIS A 539 39.05 54.61 17.26
C HIS A 539 38.27 54.13 18.48
N THR A 540 38.18 52.81 18.67
CA THR A 540 37.46 52.24 19.81
C THR A 540 38.43 51.75 20.87
N LYS B 2 -10.42 11.33 -54.97
CA LYS B 2 -9.09 11.92 -54.95
C LYS B 2 -9.16 13.45 -54.96
N PHE B 3 -8.51 14.07 -53.97
CA PHE B 3 -8.36 15.53 -53.92
C PHE B 3 -6.97 15.93 -54.38
N SER B 4 -6.85 17.12 -54.95
CA SER B 4 -5.53 17.68 -55.26
C SER B 4 -5.05 18.55 -54.09
N LYS B 5 -3.73 18.60 -53.87
CA LYS B 5 -3.14 19.37 -52.77
C LYS B 5 -3.91 20.67 -52.43
N GLU B 6 -4.41 21.34 -53.46
CA GLU B 6 -5.01 22.68 -53.33
C GLU B 6 -6.51 22.68 -52.93
N GLN B 7 -7.18 21.56 -53.11
CA GLN B 7 -8.58 21.45 -52.71
C GLN B 7 -8.72 21.24 -51.19
N PHE B 8 -7.58 21.20 -50.52
CA PHE B 8 -7.54 20.91 -49.08
C PHE B 8 -7.93 22.10 -48.20
N ASP B 9 -9.08 21.98 -47.54
CA ASP B 9 -9.56 23.05 -46.68
C ASP B 9 -9.16 22.76 -45.25
N TYR B 10 -8.10 23.44 -44.78
CA TYR B 10 -7.59 23.21 -43.43
C TYR B 10 -8.35 23.95 -42.32
N SER B 11 -9.33 24.77 -42.71
CA SER B 11 -10.16 25.52 -41.76
C SER B 11 -10.30 24.83 -40.39
N LEU B 12 -11.16 23.83 -40.31
CA LEU B 12 -11.41 23.14 -39.05
C LEU B 12 -11.03 21.68 -39.16
N TYR B 13 -9.79 21.39 -38.80
CA TYR B 13 -9.15 20.08 -38.96
C TYR B 13 -9.38 19.21 -37.73
N LEU B 14 -10.30 18.26 -37.84
CA LEU B 14 -10.68 17.42 -36.72
C LEU B 14 -9.78 16.20 -36.60
N VAL B 15 -8.87 16.23 -35.62
CA VAL B 15 -8.02 15.09 -35.33
C VAL B 15 -8.72 14.19 -34.32
N THR B 16 -9.07 12.98 -34.72
CA THR B 16 -9.77 12.06 -33.82
C THR B 16 -8.82 11.33 -32.87
N ASP B 17 -9.29 11.09 -31.65
CA ASP B 17 -8.61 10.27 -30.69
C ASP B 17 -9.64 9.27 -30.17
N SER B 18 -9.67 8.10 -30.81
CA SER B 18 -10.68 7.08 -30.53
C SER B 18 -10.87 6.81 -29.02
N GLY B 19 -9.78 6.80 -28.28
CA GLY B 19 -9.82 6.46 -26.86
C GLY B 19 -10.18 7.61 -25.95
N MET B 20 -11.32 8.25 -26.23
CA MET B 20 -11.85 9.32 -25.37
C MET B 20 -13.22 9.79 -25.86
N ILE B 21 -13.96 8.85 -26.46
CA ILE B 21 -15.33 9.08 -26.88
C ILE B 21 -16.27 8.83 -25.69
N PRO B 22 -17.25 9.72 -25.49
CA PRO B 22 -18.22 9.57 -24.40
C PRO B 22 -19.12 8.35 -24.63
N GLU B 23 -19.52 7.69 -23.54
CA GLU B 23 -20.35 6.49 -23.65
C GLU B 23 -21.63 6.75 -24.45
N GLY B 24 -22.07 5.72 -25.18
CA GLY B 24 -23.28 5.82 -25.97
C GLY B 24 -23.06 6.57 -27.26
N LYS B 25 -21.80 6.89 -27.54
CA LYS B 25 -21.44 7.62 -28.76
C LYS B 25 -20.29 6.94 -29.49
N THR B 26 -20.35 6.96 -30.82
CA THR B 26 -19.33 6.32 -31.64
C THR B 26 -18.34 7.33 -32.19
N LEU B 27 -17.27 6.85 -32.81
CA LEU B 27 -16.39 7.72 -33.57
C LEU B 27 -17.11 8.20 -34.82
N TYR B 28 -17.90 7.31 -35.41
CA TYR B 28 -18.72 7.66 -36.57
C TYR B 28 -19.70 8.76 -36.17
N GLY B 29 -20.40 8.55 -35.05
CA GLY B 29 -21.36 9.52 -34.54
C GLY B 29 -20.78 10.93 -34.41
N GLN B 30 -19.65 11.04 -33.71
CA GLN B 30 -18.98 12.31 -33.51
C GLN B 30 -18.50 12.87 -34.82
N VAL B 31 -17.63 12.14 -35.52
CA VAL B 31 -17.05 12.65 -36.77
C VAL B 31 -18.12 13.04 -37.81
N GLU B 32 -19.29 12.42 -37.71
CA GLU B 32 -20.41 12.81 -38.57
C GLU B 32 -20.93 14.20 -38.17
N ALA B 33 -21.35 14.32 -36.91
CA ALA B 33 -21.80 15.59 -36.37
C ALA B 33 -20.85 16.72 -36.76
N GLY B 34 -19.56 16.52 -36.54
CA GLY B 34 -18.57 17.54 -36.84
C GLY B 34 -18.48 17.90 -38.31
N LEU B 35 -18.91 16.98 -39.17
CA LEU B 35 -18.86 17.20 -40.62
C LEU B 35 -19.95 18.17 -41.06
N GLN B 36 -21.20 17.79 -40.85
CA GLN B 36 -22.33 18.63 -41.23
C GLN B 36 -22.50 19.80 -40.27
N ASN B 37 -21.38 20.43 -39.91
CA ASN B 37 -21.41 21.56 -38.99
C ASN B 37 -20.14 22.40 -39.07
N GLY B 38 -19.15 21.90 -39.80
CA GLY B 38 -17.88 22.60 -39.96
C GLY B 38 -16.67 21.79 -40.39
N VAL B 39 -16.33 20.74 -39.65
CA VAL B 39 -15.11 20.00 -39.93
C VAL B 39 -14.88 19.89 -41.44
N THR B 40 -13.68 20.24 -41.87
CA THR B 40 -13.34 20.35 -43.28
C THR B 40 -12.11 19.50 -43.59
N LEU B 41 -11.69 18.73 -42.60
CA LEU B 41 -10.58 17.78 -42.73
C LEU B 41 -10.58 16.87 -41.52
N VAL B 42 -10.41 15.57 -41.75
CA VAL B 42 -10.40 14.62 -40.64
C VAL B 42 -9.13 13.77 -40.65
N GLN B 43 -8.52 13.64 -39.48
CA GLN B 43 -7.38 12.76 -39.32
C GLN B 43 -7.76 11.67 -38.33
N ILE B 44 -7.45 10.41 -38.68
CA ILE B 44 -7.70 9.30 -37.78
C ILE B 44 -6.39 8.87 -37.15
N ARG B 45 -6.42 8.65 -35.84
CA ARG B 45 -5.27 8.13 -35.11
C ARG B 45 -5.65 6.76 -34.62
N GLU B 46 -4.71 5.84 -34.64
CA GLU B 46 -4.92 4.57 -33.98
C GLU B 46 -3.58 4.05 -33.49
N LYS B 47 -3.16 4.68 -32.41
CA LYS B 47 -1.93 4.38 -31.70
C LYS B 47 -2.28 3.46 -30.52
N ASP B 48 -3.45 2.82 -30.59
CA ASP B 48 -3.96 1.99 -29.49
C ASP B 48 -4.84 0.77 -29.87
N ALA B 49 -4.85 0.38 -31.15
CA ALA B 49 -5.70 -0.73 -31.57
C ALA B 49 -5.02 -1.75 -32.50
N ASP B 50 -5.82 -2.69 -33.00
CA ASP B 50 -5.34 -3.73 -33.89
C ASP B 50 -5.30 -3.23 -35.33
N THR B 51 -4.12 -3.24 -35.94
CA THR B 51 -3.93 -2.58 -37.21
C THR B 51 -4.90 -3.07 -38.31
N LYS B 52 -5.76 -4.04 -37.99
CA LYS B 52 -6.76 -4.53 -38.93
C LYS B 52 -8.14 -3.98 -38.62
N PHE B 53 -8.45 -3.89 -37.33
CA PHE B 53 -9.68 -3.21 -36.91
C PHE B 53 -9.58 -1.72 -37.29
N PHE B 54 -8.40 -1.15 -37.07
CA PHE B 54 -8.06 0.16 -37.57
C PHE B 54 -8.60 0.30 -39.00
N ILE B 55 -8.16 -0.61 -39.87
CA ILE B 55 -8.46 -0.53 -41.30
C ILE B 55 -9.96 -0.59 -41.63
N GLU B 56 -10.74 -1.20 -40.75
CA GLU B 56 -12.17 -1.32 -40.96
C GLU B 56 -12.87 -0.03 -40.55
N GLU B 57 -12.33 0.61 -39.52
CA GLU B 57 -12.83 1.90 -39.04
C GLU B 57 -12.45 2.99 -40.04
N ALA B 58 -11.24 2.90 -40.57
CA ALA B 58 -10.73 3.87 -41.52
C ALA B 58 -11.52 3.86 -42.83
N LEU B 59 -11.85 2.67 -43.32
CA LEU B 59 -12.66 2.54 -44.53
C LEU B 59 -14.09 3.03 -44.26
N GLN B 60 -14.61 2.68 -43.09
CA GLN B 60 -15.95 3.08 -42.69
C GLN B 60 -16.08 4.61 -42.56
N ILE B 61 -14.99 5.25 -42.14
CA ILE B 61 -14.98 6.70 -41.95
C ILE B 61 -14.58 7.45 -43.22
N LYS B 62 -13.83 6.80 -44.10
CA LYS B 62 -13.49 7.41 -45.38
C LYS B 62 -14.72 7.55 -46.29
N GLU B 63 -15.68 6.62 -46.13
CA GLU B 63 -16.99 6.74 -46.79
C GLU B 63 -17.79 7.95 -46.25
N LEU B 64 -17.83 8.10 -44.94
CA LEU B 64 -18.47 9.24 -44.29
C LEU B 64 -17.87 10.57 -44.76
N CYS B 65 -16.55 10.68 -44.68
CA CYS B 65 -15.84 11.88 -45.12
C CYS B 65 -16.04 12.22 -46.60
N HIS B 66 -15.66 11.29 -47.47
CA HIS B 66 -15.86 11.45 -48.91
C HIS B 66 -17.29 11.89 -49.25
N ALA B 67 -18.25 11.40 -48.46
CA ALA B 67 -19.67 11.75 -48.63
C ALA B 67 -19.94 13.24 -48.37
N HIS B 68 -19.16 13.85 -47.47
CA HIS B 68 -19.23 15.28 -47.23
C HIS B 68 -18.13 16.00 -48.01
N ASN B 69 -17.52 15.30 -48.95
CA ASN B 69 -16.47 15.87 -49.82
C ASN B 69 -15.26 16.40 -49.05
N VAL B 70 -15.01 15.83 -47.88
CA VAL B 70 -13.86 16.20 -47.07
C VAL B 70 -12.84 15.04 -46.98
N PRO B 71 -11.55 15.38 -47.17
CA PRO B 71 -10.47 14.38 -47.24
C PRO B 71 -10.28 13.64 -45.93
N LEU B 72 -9.64 12.47 -45.99
CA LEU B 72 -9.28 11.73 -44.79
C LEU B 72 -7.76 11.57 -44.72
N ILE B 73 -7.22 11.85 -43.54
CA ILE B 73 -5.78 11.77 -43.32
C ILE B 73 -5.48 10.73 -42.23
N ILE B 74 -4.28 10.14 -42.28
CA ILE B 74 -3.97 9.06 -41.37
C ILE B 74 -2.61 9.22 -40.67
N ASN B 75 -2.62 8.99 -39.36
CA ASN B 75 -1.45 9.13 -38.52
C ASN B 75 -1.18 7.80 -37.80
N ASP B 76 0.02 7.24 -37.90
CA ASP B 76 1.10 7.67 -38.79
C ASP B 76 1.51 6.40 -39.55
N ARG B 77 0.49 5.62 -39.90
CA ARG B 77 0.72 4.38 -40.59
C ARG B 77 0.57 4.58 -42.09
N ILE B 78 1.69 4.89 -42.73
CA ILE B 78 1.76 5.07 -44.18
C ILE B 78 1.08 3.91 -44.91
N ASP B 79 1.35 2.70 -44.42
CA ASP B 79 0.79 1.50 -45.00
C ASP B 79 -0.76 1.45 -44.96
N VAL B 80 -1.34 1.65 -43.79
CA VAL B 80 -2.78 1.74 -43.67
C VAL B 80 -3.32 2.78 -44.64
N ALA B 81 -2.54 3.84 -44.83
CA ALA B 81 -2.94 4.93 -45.72
C ALA B 81 -2.95 4.50 -47.20
N MET B 82 -1.80 4.02 -47.70
CA MET B 82 -1.72 3.51 -49.06
C MET B 82 -2.80 2.45 -49.28
N ALA B 83 -2.97 1.60 -48.28
CA ALA B 83 -3.91 0.49 -48.36
C ALA B 83 -5.34 0.93 -48.62
N ILE B 84 -5.86 1.81 -47.76
CA ILE B 84 -7.26 2.19 -47.86
C ILE B 84 -7.49 3.43 -48.73
N GLY B 85 -6.50 3.82 -49.52
CA GLY B 85 -6.66 4.92 -50.45
C GLY B 85 -7.03 6.18 -49.68
N ALA B 86 -6.22 6.48 -48.68
CA ALA B 86 -6.39 7.67 -47.86
C ALA B 86 -5.83 8.86 -48.61
N ASP B 87 -6.32 10.05 -48.27
CA ASP B 87 -6.04 11.28 -49.01
C ASP B 87 -4.75 11.96 -48.55
N GLY B 88 -4.30 11.59 -47.36
CA GLY B 88 -3.08 12.16 -46.82
C GLY B 88 -2.64 11.45 -45.56
N ILE B 89 -1.40 11.67 -45.18
CA ILE B 89 -0.86 11.06 -43.98
C ILE B 89 -0.07 12.07 -43.16
N HIS B 90 -0.33 12.06 -41.87
CA HIS B 90 0.37 12.92 -40.94
C HIS B 90 1.41 12.11 -40.19
N VAL B 91 2.66 12.53 -40.26
CA VAL B 91 3.70 11.89 -39.47
C VAL B 91 4.34 12.90 -38.55
N GLY B 92 4.99 12.42 -37.50
CA GLY B 92 5.64 13.33 -36.57
C GLY B 92 7.13 13.40 -36.82
N GLN B 93 7.84 14.01 -35.89
CA GLN B 93 9.27 14.22 -36.03
C GLN B 93 10.01 12.92 -35.76
N ASP B 94 9.40 12.07 -34.93
CA ASP B 94 9.99 10.80 -34.57
C ASP B 94 9.48 9.66 -35.44
N ASP B 95 8.66 10.00 -36.42
CA ASP B 95 8.10 9.02 -37.33
C ASP B 95 8.97 8.93 -38.62
N MET B 96 8.56 8.09 -39.56
CA MET B 96 9.35 7.84 -40.78
C MET B 96 9.82 9.11 -41.50
N PRO B 97 11.13 9.20 -41.79
CA PRO B 97 11.68 10.32 -42.58
C PRO B 97 10.82 10.62 -43.81
N ILE B 98 10.71 11.90 -44.17
CA ILE B 98 9.75 12.30 -45.19
C ILE B 98 10.07 11.81 -46.61
N PRO B 99 11.31 12.06 -47.07
CA PRO B 99 11.71 11.53 -48.38
C PRO B 99 11.25 10.09 -48.54
N MET B 100 11.55 9.28 -47.52
CA MET B 100 11.14 7.87 -47.47
C MET B 100 9.64 7.68 -47.68
N ILE B 101 8.84 8.55 -47.07
CA ILE B 101 7.39 8.45 -47.18
C ILE B 101 6.92 8.78 -48.58
N ARG B 102 7.46 9.87 -49.12
CA ARG B 102 7.11 10.36 -50.45
C ARG B 102 7.39 9.26 -51.48
N LYS B 103 8.58 8.67 -51.37
CA LYS B 103 8.95 7.54 -52.22
C LYS B 103 7.88 6.43 -52.26
N LEU B 104 7.24 6.14 -51.14
CA LEU B 104 6.21 5.08 -51.09
C LEU B 104 4.83 5.50 -51.62
N VAL B 105 4.38 6.67 -51.19
CA VAL B 105 3.03 7.14 -51.51
C VAL B 105 2.99 7.89 -52.85
N GLY B 106 4.17 8.26 -53.35
CA GLY B 106 4.28 9.02 -54.58
C GLY B 106 3.57 10.33 -54.46
N PRO B 107 3.77 11.26 -55.42
CA PRO B 107 3.05 12.53 -55.26
C PRO B 107 1.54 12.29 -55.24
N ASP B 108 0.76 13.37 -55.26
CA ASP B 108 -0.71 13.27 -55.29
C ASP B 108 -1.33 13.09 -53.91
N MET B 109 -0.53 12.59 -52.97
CA MET B 109 -1.01 12.43 -51.60
C MET B 109 -0.37 13.44 -50.63
N VAL B 110 -1.19 13.94 -49.71
CA VAL B 110 -0.77 14.98 -48.78
C VAL B 110 0.05 14.42 -47.62
N ILE B 111 1.18 15.08 -47.36
CA ILE B 111 2.03 14.71 -46.23
C ILE B 111 2.06 15.81 -45.18
N GLY B 112 1.48 15.52 -44.01
CA GLY B 112 1.52 16.41 -42.86
C GLY B 112 2.68 16.07 -41.93
N TRP B 113 3.38 17.09 -41.47
CA TRP B 113 4.53 16.92 -40.59
C TRP B 113 4.30 17.72 -39.31
N SER B 114 4.72 17.20 -38.17
CA SER B 114 4.57 17.92 -36.91
C SER B 114 5.81 18.76 -36.60
N VAL B 115 5.72 20.05 -36.88
CA VAL B 115 6.84 20.95 -36.65
C VAL B 115 6.57 21.81 -35.41
N GLY B 116 7.62 22.08 -34.64
CA GLY B 116 7.48 22.85 -33.41
C GLY B 116 8.58 23.88 -33.29
N PHE B 117 9.61 23.73 -34.09
CA PHE B 117 10.75 24.65 -34.09
C PHE B 117 11.11 25.04 -35.51
N PRO B 118 11.71 26.22 -35.68
CA PRO B 118 12.21 26.74 -36.96
C PRO B 118 13.18 25.78 -37.66
N GLU B 119 14.11 25.22 -36.89
CA GLU B 119 15.12 24.27 -37.40
C GLU B 119 14.45 23.22 -38.27
N GLU B 120 13.27 22.79 -37.86
CA GLU B 120 12.50 21.82 -38.59
C GLU B 120 11.90 22.39 -39.87
N VAL B 121 11.72 23.71 -39.91
CA VAL B 121 11.22 24.33 -41.12
C VAL B 121 12.35 24.42 -42.13
N ASP B 122 13.55 24.70 -41.63
CA ASP B 122 14.75 24.73 -42.48
C ASP B 122 14.87 23.41 -43.24
N GLU B 123 14.76 22.29 -42.51
CA GLU B 123 14.84 20.96 -43.11
C GLU B 123 13.71 20.73 -44.11
N LEU B 124 12.49 21.07 -43.71
CA LEU B 124 11.28 20.97 -44.54
C LEU B 124 11.43 21.70 -45.88
N SER B 125 12.26 22.74 -45.87
CA SER B 125 12.55 23.57 -47.05
C SER B 125 13.66 23.05 -47.95
N LYS B 126 14.75 22.54 -47.36
CA LYS B 126 15.81 21.88 -48.12
C LYS B 126 15.27 20.70 -48.93
N MET B 127 14.04 20.29 -48.64
CA MET B 127 13.41 19.18 -49.35
C MET B 127 12.52 19.66 -50.49
N GLY B 128 12.33 20.98 -50.59
CA GLY B 128 11.50 21.56 -51.64
C GLY B 128 10.07 21.06 -51.59
N PRO B 129 9.25 21.45 -52.60
CA PRO B 129 7.84 21.06 -52.69
C PRO B 129 7.68 19.59 -53.03
N ASP B 130 6.44 19.10 -52.98
CA ASP B 130 6.14 17.67 -53.17
C ASP B 130 6.73 16.76 -52.06
N MET B 131 7.42 17.36 -51.10
CA MET B 131 7.73 16.68 -49.85
C MET B 131 6.60 17.00 -48.84
N VAL B 132 6.84 17.97 -47.95
CA VAL B 132 5.82 18.36 -46.96
C VAL B 132 4.75 19.29 -47.55
N ASP B 133 3.48 18.94 -47.36
CA ASP B 133 2.39 19.69 -47.96
C ASP B 133 1.67 20.57 -46.96
N TYR B 134 1.92 20.32 -45.67
CA TYR B 134 1.35 21.10 -44.58
C TYR B 134 1.95 20.60 -43.28
N ILE B 135 2.15 21.51 -42.34
CA ILE B 135 2.61 21.13 -41.01
C ILE B 135 1.62 21.50 -39.91
N GLY B 136 1.60 20.68 -38.86
CA GLY B 136 0.89 21.01 -37.64
C GLY B 136 1.91 21.69 -36.75
N VAL B 137 1.61 22.90 -36.30
CA VAL B 137 2.57 23.68 -35.54
C VAL B 137 2.60 23.37 -34.05
N GLY B 138 3.74 22.75 -33.66
CA GLY B 138 4.14 22.34 -32.31
C GLY B 138 3.01 21.83 -31.46
N THR B 139 3.17 21.82 -30.16
CA THR B 139 2.00 21.73 -29.32
C THR B 139 1.88 23.09 -28.68
N LEU B 140 0.89 23.85 -29.14
CA LEU B 140 0.75 25.23 -28.70
C LEU B 140 0.63 25.31 -27.19
N PHE B 141 -0.23 24.45 -26.64
CA PHE B 141 -0.54 24.49 -25.22
C PHE B 141 -0.44 23.12 -24.58
N PRO B 142 -0.18 23.06 -23.27
CA PRO B 142 -0.12 21.75 -22.61
C PRO B 142 -1.46 21.09 -22.75
N THR B 143 -1.47 19.76 -22.86
CA THR B 143 -2.69 19.03 -23.14
C THR B 143 -2.85 17.87 -22.17
N MET B 154 5.12 26.28 -25.33
CA MET B 154 5.72 26.95 -26.48
C MET B 154 4.82 28.07 -27.01
N GLY B 155 3.51 27.82 -27.01
CA GLY B 155 2.52 28.87 -27.25
C GLY B 155 2.61 29.61 -28.57
N THR B 156 1.82 30.69 -28.68
CA THR B 156 1.74 31.48 -29.91
C THR B 156 3.06 32.10 -30.31
N ALA B 157 3.84 32.51 -29.32
CA ALA B 157 5.18 33.05 -29.58
C ALA B 157 6.01 32.07 -30.41
N GLY B 158 5.99 30.79 -30.01
CA GLY B 158 6.76 29.75 -30.66
C GLY B 158 6.22 29.39 -32.03
N ALA B 159 4.91 29.53 -32.19
CA ALA B 159 4.26 29.33 -33.48
C ALA B 159 4.70 30.40 -34.46
N ILE B 160 4.69 31.64 -34.00
CA ILE B 160 5.18 32.73 -34.84
C ILE B 160 6.58 32.39 -35.33
N ARG B 161 7.47 31.97 -34.44
CA ARG B 161 8.85 31.73 -34.84
C ARG B 161 8.90 30.75 -36.03
N VAL B 162 7.95 29.83 -36.08
CA VAL B 162 7.86 28.86 -37.17
C VAL B 162 7.30 29.50 -38.45
N LEU B 163 6.13 30.14 -38.36
CA LEU B 163 5.57 30.86 -39.51
C LEU B 163 6.59 31.80 -40.13
N ASP B 164 7.44 32.36 -39.27
CA ASP B 164 8.52 33.25 -39.71
C ASP B 164 9.62 32.53 -40.51
N ALA B 165 9.97 31.32 -40.10
CA ALA B 165 10.93 30.53 -40.85
C ALA B 165 10.30 30.06 -42.18
N LEU B 166 8.99 29.80 -42.16
CA LEU B 166 8.25 29.40 -43.36
C LEU B 166 8.24 30.54 -44.37
N GLU B 167 8.69 31.69 -43.94
CA GLU B 167 8.65 32.88 -44.78
C GLU B 167 10.06 33.26 -45.18
N ARG B 168 10.97 33.28 -44.21
CA ARG B 168 12.37 33.48 -44.49
C ARG B 168 12.88 32.43 -45.49
N ASN B 169 12.22 31.26 -45.49
CA ASN B 169 12.58 30.15 -46.37
C ASN B 169 11.75 30.08 -47.64
N ASN B 170 10.82 31.03 -47.77
CA ASN B 170 9.83 30.98 -48.84
C ASN B 170 9.32 29.57 -49.12
N ALA B 171 8.57 29.04 -48.17
CA ALA B 171 7.98 27.75 -48.37
C ALA B 171 6.53 27.94 -48.80
N HIS B 172 6.34 28.77 -49.83
CA HIS B 172 5.02 29.01 -50.43
C HIS B 172 4.07 27.78 -50.50
N TRP B 173 4.64 26.58 -50.59
CA TRP B 173 3.87 25.38 -50.91
C TRP B 173 3.26 24.69 -49.68
N CYS B 174 3.74 25.10 -48.51
CA CYS B 174 3.47 24.42 -47.24
C CYS B 174 2.41 25.16 -46.42
N ARG B 175 1.24 24.54 -46.25
CA ARG B 175 0.20 25.13 -45.40
C ARG B 175 0.49 24.86 -43.92
N THR B 176 -0.29 25.47 -43.02
CA THR B 176 -0.10 25.28 -41.58
C THR B 176 -1.42 25.13 -40.85
N VAL B 177 -1.46 24.21 -39.90
CA VAL B 177 -2.54 24.18 -38.92
C VAL B 177 -1.95 24.25 -37.52
N GLY B 178 -2.60 25.00 -36.63
CA GLY B 178 -2.19 25.03 -35.24
C GLY B 178 -2.75 23.81 -34.53
N ILE B 179 -1.98 23.26 -33.59
CA ILE B 179 -2.49 22.09 -32.89
C ILE B 179 -2.08 22.04 -31.42
N GLY B 180 -2.97 21.48 -30.60
CA GLY B 180 -2.61 21.14 -29.23
C GLY B 180 -3.25 21.98 -28.14
N GLY B 181 -4.33 21.48 -27.57
CA GLY B 181 -4.97 22.16 -26.47
C GLY B 181 -5.71 23.37 -26.96
N LEU B 182 -6.21 23.31 -28.19
CA LEU B 182 -7.00 24.39 -28.77
C LEU B 182 -8.48 24.24 -28.39
N HIS B 183 -9.01 25.27 -27.76
CA HIS B 183 -10.41 25.25 -27.32
C HIS B 183 -11.04 26.62 -27.59
N PRO B 184 -12.35 26.78 -27.33
CA PRO B 184 -12.97 28.10 -27.54
C PRO B 184 -12.37 29.20 -26.66
N ASP B 185 -11.82 28.81 -25.51
CA ASP B 185 -11.23 29.77 -24.58
C ASP B 185 -9.86 30.33 -25.04
N ASN B 186 -9.47 30.06 -26.29
CA ASN B 186 -8.16 30.46 -26.76
C ASN B 186 -7.93 30.33 -28.27
N ILE B 187 -8.98 29.95 -28.99
CA ILE B 187 -8.84 29.76 -30.43
C ILE B 187 -8.71 31.10 -31.15
N GLU B 188 -9.53 32.07 -30.76
CA GLU B 188 -9.45 33.40 -31.36
C GLU B 188 -8.11 34.09 -31.08
N ARG B 189 -7.59 33.97 -29.87
CA ARG B 189 -6.26 34.49 -29.59
C ARG B 189 -5.15 33.82 -30.43
N VAL B 190 -5.27 32.51 -30.64
CA VAL B 190 -4.30 31.75 -31.44
C VAL B 190 -4.34 32.15 -32.90
N LEU B 191 -5.55 32.22 -33.46
CA LEU B 191 -5.74 32.71 -34.82
C LEU B 191 -5.17 34.10 -34.99
N TYR B 192 -5.39 34.92 -33.97
CA TYR B 192 -5.13 36.34 -33.98
C TYR B 192 -3.66 36.72 -33.93
N GLN B 193 -2.89 36.06 -33.06
CA GLN B 193 -1.48 36.43 -32.95
C GLN B 193 -0.50 35.47 -33.62
N CYS B 194 -1.02 34.34 -34.09
CA CYS B 194 -0.21 33.42 -34.91
C CYS B 194 -0.20 33.92 -36.35
N VAL B 195 0.58 34.97 -36.58
CA VAL B 195 0.78 35.52 -37.93
C VAL B 195 2.25 35.76 -38.15
N SER B 196 2.67 35.65 -39.41
CA SER B 196 4.06 35.85 -39.77
C SER B 196 4.45 37.26 -39.34
N SER B 197 5.75 37.51 -39.15
CA SER B 197 6.19 38.83 -38.71
C SER B 197 6.08 39.86 -39.84
N ASN B 198 5.98 39.38 -41.07
CA ASN B 198 5.74 40.27 -42.20
C ASN B 198 4.27 40.33 -42.61
N GLY B 199 3.40 39.83 -41.72
CA GLY B 199 1.97 39.92 -41.91
C GLY B 199 1.44 39.05 -43.03
N LYS B 200 2.35 38.51 -43.84
CA LYS B 200 1.94 37.82 -45.07
C LYS B 200 1.36 36.42 -44.90
N ARG B 201 1.55 35.81 -43.72
CA ARG B 201 1.08 34.45 -43.49
C ARG B 201 0.53 34.20 -42.10
N SER B 202 -0.65 33.58 -42.01
CA SER B 202 -1.17 33.10 -40.73
C SER B 202 -1.54 31.62 -40.78
N LEU B 203 -2.23 31.14 -39.77
CA LEU B 203 -2.58 29.72 -39.72
C LEU B 203 -3.69 29.40 -40.72
N ASP B 204 -3.51 28.34 -41.49
CA ASP B 204 -4.50 27.95 -42.50
C ASP B 204 -5.69 27.21 -41.87
N GLY B 205 -5.56 26.85 -40.61
CA GLY B 205 -6.64 26.22 -39.89
C GLY B 205 -6.28 25.86 -38.47
N ILE B 206 -7.25 25.23 -37.81
CA ILE B 206 -7.11 24.88 -36.41
C ILE B 206 -7.41 23.39 -36.19
N CYS B 207 -6.56 22.70 -35.43
CA CYS B 207 -6.80 21.30 -35.08
C CYS B 207 -7.44 21.15 -33.71
N VAL B 208 -8.69 20.70 -33.70
CA VAL B 208 -9.35 20.36 -32.45
C VAL B 208 -9.39 18.84 -32.26
N VAL B 209 -9.28 18.42 -31.01
CA VAL B 209 -9.29 17.01 -30.69
C VAL B 209 -10.36 16.77 -29.63
N SER B 210 -9.99 17.02 -28.38
CA SER B 210 -10.86 16.76 -27.23
C SER B 210 -12.10 17.64 -27.23
N ASP B 211 -12.17 18.60 -28.13
CA ASP B 211 -13.26 19.57 -28.10
C ASP B 211 -14.49 19.16 -28.90
N ILE B 212 -14.29 18.29 -29.88
CA ILE B 212 -15.43 17.77 -30.64
C ILE B 212 -15.63 16.30 -30.28
N ILE B 213 -14.53 15.56 -30.25
CA ILE B 213 -14.57 14.14 -29.95
C ILE B 213 -15.22 13.87 -28.60
N ALA B 214 -14.74 14.55 -27.56
CA ALA B 214 -15.18 14.30 -26.19
C ALA B 214 -16.46 15.06 -25.86
N SER B 215 -16.97 15.79 -26.85
CA SER B 215 -18.18 16.58 -26.65
C SER B 215 -19.42 15.70 -26.46
N LEU B 216 -20.25 16.03 -25.47
CA LEU B 216 -21.52 15.35 -25.27
C LEU B 216 -22.52 15.76 -26.34
N ASP B 217 -22.27 16.93 -26.95
CA ASP B 217 -23.04 17.38 -28.09
C ASP B 217 -22.08 17.90 -29.17
N ALA B 218 -21.56 16.98 -29.97
CA ALA B 218 -20.54 17.32 -30.96
C ALA B 218 -21.03 18.30 -32.04
N ALA B 219 -22.32 18.22 -32.35
CA ALA B 219 -22.89 19.12 -33.36
C ALA B 219 -22.77 20.57 -32.92
N LYS B 220 -23.08 20.82 -31.63
CA LYS B 220 -22.99 22.14 -31.04
C LYS B 220 -21.54 22.61 -30.93
N SER B 221 -20.70 21.81 -30.27
CA SER B 221 -19.30 22.16 -30.09
C SER B 221 -18.64 22.55 -31.41
N THR B 222 -19.10 21.95 -32.51
CA THR B 222 -18.51 22.22 -33.82
C THR B 222 -19.05 23.51 -34.40
N LYS B 223 -20.35 23.74 -34.26
CA LYS B 223 -20.96 24.99 -34.71
C LYS B 223 -20.19 26.18 -34.11
N ILE B 224 -19.92 26.07 -32.81
CA ILE B 224 -19.18 27.08 -32.04
C ILE B 224 -17.78 27.36 -32.60
N LEU B 225 -17.01 26.30 -32.82
CA LEU B 225 -15.64 26.43 -33.33
C LEU B 225 -15.64 26.98 -34.75
N ARG B 226 -16.73 26.75 -35.47
CA ARG B 226 -16.87 27.34 -36.79
C ARG B 226 -17.09 28.84 -36.66
N GLY B 227 -18.02 29.22 -35.79
CA GLY B 227 -18.30 30.62 -35.52
C GLY B 227 -17.05 31.42 -35.23
N LEU B 228 -16.13 30.81 -34.47
CA LEU B 228 -14.87 31.44 -34.11
C LEU B 228 -13.87 31.50 -35.27
N ILE B 229 -13.83 30.43 -36.06
CA ILE B 229 -12.80 30.31 -37.08
C ILE B 229 -13.02 31.23 -38.29
N ASP B 230 -14.28 31.43 -38.66
CA ASP B 230 -14.57 32.28 -39.82
C ASP B 230 -15.12 33.69 -39.45
N LYS B 231 -15.01 34.02 -38.17
CA LYS B 231 -15.17 35.40 -37.71
C LYS B 231 -13.86 36.11 -38.11
N THR B 232 -13.80 37.43 -37.97
CA THR B 232 -12.55 38.15 -38.27
C THR B 232 -12.20 39.25 -37.26
N ASP B 233 -13.02 39.36 -36.21
CA ASP B 233 -12.78 40.33 -35.14
C ASP B 233 -12.53 39.66 -33.80
N TYR B 234 -11.35 39.87 -33.23
CA TYR B 234 -11.11 39.46 -31.85
C TYR B 234 -11.23 40.68 -30.94
N LYS B 235 -12.46 40.98 -30.54
CA LYS B 235 -12.69 42.05 -29.56
C LYS B 235 -12.26 41.57 -28.16
N PHE B 236 -10.96 41.61 -27.90
CA PHE B 236 -10.42 40.99 -26.69
C PHE B 236 -10.53 41.91 -25.49
N VAL B 237 -10.72 43.19 -25.76
CA VAL B 237 -10.95 44.16 -24.69
C VAL B 237 -12.08 45.11 -25.09
N ASN B 238 -12.93 45.43 -24.13
CA ASN B 238 -14.10 46.29 -24.38
C ASN B 238 -13.75 47.78 -24.52
N ILE B 239 -12.90 48.06 -25.49
CA ILE B 239 -12.40 49.40 -25.78
C ILE B 239 -12.16 49.44 -27.28
N GLY B 240 -12.29 50.62 -27.88
CA GLY B 240 -12.02 50.77 -29.30
C GLY B 240 -10.62 50.32 -29.64
N LEU B 241 -10.47 49.63 -30.77
CA LEU B 241 -9.16 49.19 -31.21
C LEU B 241 -8.80 49.82 -32.55
N SER B 242 -9.62 50.78 -32.98
CA SER B 242 -9.39 51.50 -34.24
C SER B 242 -7.96 52.03 -34.36
N THR B 243 -7.41 51.95 -35.56
CA THR B 243 -6.04 52.41 -35.76
C THR B 243 -6.06 53.92 -35.87
N LYS B 244 -5.30 54.55 -34.99
CA LYS B 244 -5.19 56.01 -35.00
C LYS B 244 -3.80 56.42 -35.45
N ASN B 245 -3.74 57.24 -36.50
CA ASN B 245 -2.47 57.72 -37.03
C ASN B 245 -2.25 59.18 -36.69
N SER B 246 -3.37 59.86 -36.46
CA SER B 246 -3.35 61.24 -35.98
C SER B 246 -2.83 61.24 -34.56
N LEU B 247 -1.74 61.98 -34.33
CA LEU B 247 -1.19 62.10 -32.98
C LEU B 247 -2.31 62.37 -31.97
N THR B 248 -2.17 61.80 -30.77
CA THR B 248 -3.17 61.96 -29.74
C THR B 248 -3.29 63.44 -29.40
N THR B 249 -4.47 64.01 -29.64
CA THR B 249 -4.66 65.44 -29.44
C THR B 249 -4.83 65.78 -27.95
N THR B 250 -4.52 67.03 -27.61
CA THR B 250 -4.78 67.55 -26.28
C THR B 250 -6.21 67.28 -25.82
N ASP B 251 -7.17 67.55 -26.70
CA ASP B 251 -8.58 67.34 -26.36
C ASP B 251 -8.90 65.86 -26.10
N GLU B 252 -8.21 64.97 -26.79
CA GLU B 252 -8.37 63.52 -26.58
C GLU B 252 -7.81 63.10 -25.23
N ILE B 253 -6.54 63.43 -24.98
CA ILE B 253 -5.93 63.20 -23.67
C ILE B 253 -6.80 63.73 -22.53
N GLN B 254 -7.38 64.90 -22.74
CA GLN B 254 -8.24 65.54 -21.74
C GLN B 254 -9.47 64.66 -21.48
N SER B 255 -10.00 64.07 -22.53
CA SER B 255 -11.19 63.27 -22.38
C SER B 255 -10.84 61.96 -21.70
N ILE B 256 -9.64 61.46 -21.99
CA ILE B 256 -9.19 60.21 -21.37
C ILE B 256 -9.21 60.39 -19.86
N ILE B 257 -8.52 61.42 -19.37
CA ILE B 257 -8.38 61.64 -17.94
C ILE B 257 -9.71 61.89 -17.27
N SER B 258 -10.61 62.60 -17.96
CA SER B 258 -11.94 62.85 -17.42
C SER B 258 -12.65 61.52 -17.17
N ASN B 259 -12.52 60.63 -18.15
CA ASN B 259 -13.20 59.35 -18.09
C ASN B 259 -12.70 58.50 -16.95
N THR B 260 -11.38 58.41 -16.78
CA THR B 260 -10.82 57.61 -15.71
C THR B 260 -11.11 58.22 -14.33
N LEU B 261 -11.23 59.53 -14.27
CA LEU B 261 -11.61 60.15 -13.00
C LEU B 261 -13.07 59.86 -12.68
N LYS B 262 -13.93 60.04 -13.69
CA LYS B 262 -15.37 59.83 -13.54
C LYS B 262 -15.72 58.36 -13.32
N ALA B 263 -14.91 57.47 -13.86
CA ALA B 263 -15.22 56.04 -13.86
C ALA B 263 -14.62 55.27 -12.67
N ARG B 264 -13.70 55.90 -11.95
CA ARG B 264 -13.04 55.27 -10.79
C ARG B 264 -12.69 53.79 -11.00
N PRO B 265 -11.80 53.51 -11.95
CA PRO B 265 -11.45 52.14 -12.33
C PRO B 265 -10.81 51.40 -11.17
N LEU B 266 -11.12 50.12 -11.07
CA LEU B 266 -10.48 49.28 -10.08
C LEU B 266 -9.29 48.59 -10.75
N VAL B 267 -8.09 48.92 -10.30
CA VAL B 267 -6.88 48.33 -10.87
C VAL B 267 -6.27 47.28 -9.95
N GLN B 268 -6.46 46.00 -10.29
CA GLN B 268 -5.87 44.91 -9.54
C GLN B 268 -4.39 44.82 -9.84
N HIS B 269 -3.57 44.95 -8.79
CA HIS B 269 -2.13 44.90 -8.93
C HIS B 269 -1.59 43.55 -8.49
N ILE B 270 -0.98 42.83 -9.42
CA ILE B 270 -0.20 41.65 -9.07
C ILE B 270 1.29 41.98 -9.29
N THR B 271 1.97 42.37 -8.22
CA THR B 271 3.32 42.90 -8.35
C THR B 271 4.14 42.61 -7.09
N ASN B 272 5.43 42.94 -7.11
CA ASN B 272 6.41 42.61 -6.03
C ASN B 272 6.13 43.33 -4.71
N LYS B 273 6.82 43.00 -3.64
CA LYS B 273 6.58 43.81 -2.43
C LYS B 273 6.88 45.34 -2.57
N VAL B 274 7.82 45.70 -3.45
CA VAL B 274 8.29 47.09 -3.61
C VAL B 274 7.32 48.05 -4.29
N HIS B 275 6.75 47.61 -5.41
CA HIS B 275 5.79 48.42 -6.15
C HIS B 275 4.39 48.33 -5.55
N GLN B 276 4.23 47.46 -4.57
CA GLN B 276 2.99 47.37 -3.82
C GLN B 276 2.57 48.77 -3.38
N ASN B 277 3.25 49.29 -2.37
CA ASN B 277 2.88 50.59 -1.82
C ASN B 277 2.92 51.67 -2.89
N PHE B 278 4.04 51.77 -3.59
CA PHE B 278 4.19 52.83 -4.59
C PHE B 278 3.10 52.82 -5.65
N GLY B 279 2.87 51.66 -6.26
CA GLY B 279 1.88 51.52 -7.30
C GLY B 279 0.46 51.85 -6.86
N ALA B 280 0.13 51.55 -5.61
CA ALA B 280 -1.21 51.81 -5.12
C ALA B 280 -1.44 53.31 -4.94
N ASN B 281 -0.34 54.03 -4.70
CA ASN B 281 -0.39 55.49 -4.54
C ASN B 281 -0.56 56.20 -5.86
N VAL B 282 0.15 55.69 -6.88
CA VAL B 282 0.01 56.20 -8.24
C VAL B 282 -1.42 56.00 -8.73
N THR B 283 -1.95 54.81 -8.45
CA THR B 283 -3.31 54.50 -8.83
C THR B 283 -4.27 55.38 -8.07
N LEU B 284 -4.06 55.44 -6.76
CA LEU B 284 -4.95 56.19 -5.90
C LEU B 284 -4.95 57.68 -6.27
N ALA B 285 -3.80 58.15 -6.71
CA ALA B 285 -3.66 59.54 -7.13
C ALA B 285 -4.42 59.82 -8.43
N LEU B 286 -4.52 58.81 -9.30
CA LEU B 286 -5.27 58.96 -10.53
C LEU B 286 -6.78 58.75 -10.32
N GLY B 287 -7.22 58.85 -9.07
CA GLY B 287 -8.63 58.75 -8.74
C GLY B 287 -9.25 57.40 -9.04
N SER B 288 -8.47 56.35 -8.85
CA SER B 288 -8.97 54.99 -9.06
C SER B 288 -8.46 54.04 -7.98
N SER B 289 -9.33 53.13 -7.54
CA SER B 289 -9.03 52.27 -6.41
C SER B 289 -8.18 51.05 -6.78
N PRO B 290 -7.06 50.86 -6.07
CA PRO B 290 -6.20 49.71 -6.34
C PRO B 290 -6.49 48.55 -5.40
N ILE B 291 -6.40 47.33 -5.93
CA ILE B 291 -6.50 46.12 -5.12
C ILE B 291 -5.28 45.24 -5.34
N MET B 292 -4.70 44.72 -4.27
CA MET B 292 -3.46 43.95 -4.39
C MET B 292 -3.69 42.45 -4.20
N SER B 293 -4.86 41.97 -4.60
CA SER B 293 -5.26 40.59 -4.40
C SER B 293 -4.50 39.61 -5.28
N GLU B 294 -3.76 38.70 -4.65
CA GLU B 294 -3.15 37.58 -5.35
C GLU B 294 -3.88 36.28 -5.01
N ILE B 295 -5.18 36.42 -4.76
CA ILE B 295 -6.04 35.33 -4.31
C ILE B 295 -6.85 34.79 -5.49
N GLN B 296 -6.72 33.49 -5.76
CA GLN B 296 -7.30 32.86 -6.97
C GLN B 296 -8.82 32.86 -7.09
N SER B 297 -9.49 32.59 -5.98
CA SER B 297 -10.95 32.55 -5.94
C SER B 297 -11.62 33.89 -6.21
N GLU B 298 -11.00 34.96 -5.72
CA GLU B 298 -11.48 36.33 -5.87
C GLU B 298 -11.44 36.78 -7.32
N VAL B 299 -10.46 36.25 -8.03
CA VAL B 299 -10.09 36.73 -9.36
C VAL B 299 -11.25 36.93 -10.33
N ASN B 300 -12.25 36.06 -10.27
CA ASN B 300 -13.41 36.26 -11.15
C ASN B 300 -14.39 37.35 -10.68
N ASP B 301 -14.65 37.37 -9.38
CA ASP B 301 -15.52 38.38 -8.78
C ASP B 301 -14.91 39.76 -8.97
N LEU B 302 -13.58 39.82 -8.87
CA LEU B 302 -12.82 41.08 -8.96
C LEU B 302 -12.94 41.71 -10.35
N ALA B 303 -12.70 40.91 -11.39
CA ALA B 303 -12.79 41.37 -12.77
C ALA B 303 -14.22 41.64 -13.25
N ALA B 304 -15.21 41.33 -12.42
CA ALA B 304 -16.61 41.56 -12.78
C ALA B 304 -17.00 43.01 -12.51
N ILE B 305 -16.37 43.60 -11.50
CA ILE B 305 -16.58 45.00 -11.12
C ILE B 305 -16.35 45.96 -12.29
N PRO B 306 -17.20 46.99 -12.44
CA PRO B 306 -17.14 47.86 -13.62
C PRO B 306 -15.81 48.58 -13.79
N HIS B 307 -15.45 48.84 -15.05
CA HIS B 307 -14.17 49.46 -15.38
C HIS B 307 -12.99 48.88 -14.57
N ALA B 308 -12.94 47.55 -14.46
CA ALA B 308 -11.84 46.86 -13.79
C ALA B 308 -10.66 46.67 -14.74
N THR B 309 -9.48 46.37 -14.17
CA THR B 309 -8.25 46.37 -14.95
C THR B 309 -7.15 45.57 -14.26
N LEU B 310 -6.42 44.77 -15.01
CA LEU B 310 -5.38 43.97 -14.39
C LEU B 310 -4.00 44.52 -14.73
N LEU B 311 -3.21 44.84 -13.71
CA LEU B 311 -1.81 45.22 -13.92
C LEU B 311 -0.96 44.06 -13.42
N LEU B 312 -0.02 43.64 -14.25
CA LEU B 312 0.68 42.40 -13.99
C LEU B 312 2.20 42.54 -14.04
N ASN B 313 2.84 42.28 -12.90
CA ASN B 313 4.29 42.25 -12.83
C ASN B 313 4.80 40.81 -12.78
N THR B 314 5.95 40.61 -13.37
CA THR B 314 6.68 39.39 -13.17
C THR B 314 7.60 39.65 -11.99
N GLY B 315 8.11 38.60 -11.38
CA GLY B 315 8.86 38.75 -10.16
C GLY B 315 7.87 38.93 -9.02
N SER B 316 6.60 38.71 -9.35
CA SER B 316 5.56 38.64 -8.33
C SER B 316 5.70 37.32 -7.58
N VAL B 317 5.13 37.27 -6.39
CA VAL B 317 5.24 36.11 -5.52
C VAL B 317 4.12 35.08 -5.80
N ALA B 318 3.13 35.47 -6.60
CA ALA B 318 1.98 34.60 -6.89
C ALA B 318 2.31 33.48 -7.88
N PRO B 319 1.68 32.31 -7.70
CA PRO B 319 1.94 31.08 -8.45
C PRO B 319 1.41 31.14 -9.88
N PRO B 320 2.20 30.66 -10.87
CA PRO B 320 1.74 30.59 -12.26
C PRO B 320 0.29 30.14 -12.41
N GLU B 321 -0.14 29.10 -11.70
CA GLU B 321 -1.54 28.64 -11.79
C GLU B 321 -2.58 29.78 -11.52
N MET B 322 -2.19 30.78 -10.73
CA MET B 322 -3.10 31.89 -10.37
C MET B 322 -2.99 33.04 -11.36
N LEU B 323 -1.78 33.36 -11.81
CA LEU B 323 -1.59 34.33 -12.87
C LEU B 323 -2.42 33.90 -14.09
N LYS B 324 -2.28 32.65 -14.50
CA LYS B 324 -3.14 32.10 -15.53
C LYS B 324 -4.59 32.32 -15.14
N ALA B 325 -4.95 31.93 -13.93
CA ALA B 325 -6.32 32.07 -13.43
C ALA B 325 -6.85 33.46 -13.68
N ALA B 326 -6.01 34.47 -13.45
CA ALA B 326 -6.42 35.88 -13.53
C ALA B 326 -6.41 36.38 -14.97
N ILE B 327 -5.26 36.24 -15.64
CA ILE B 327 -5.13 36.63 -17.03
C ILE B 327 -6.34 36.16 -17.80
N ARG B 328 -6.74 34.93 -17.53
CA ARG B 328 -7.95 34.38 -18.13
C ARG B 328 -9.21 35.11 -17.64
N ALA B 329 -9.34 35.24 -16.33
CA ALA B 329 -10.52 35.86 -15.75
C ALA B 329 -10.87 37.20 -16.40
N TYR B 330 -9.85 37.98 -16.74
CA TYR B 330 -10.04 39.31 -17.32
C TYR B 330 -10.35 39.26 -18.80
N ASN B 331 -9.73 38.33 -19.53
CA ASN B 331 -10.04 38.16 -20.95
C ASN B 331 -11.47 37.69 -21.17
N ASP B 332 -11.98 36.90 -20.22
CA ASP B 332 -13.32 36.34 -20.32
C ASP B 332 -14.32 37.46 -20.32
N VAL B 333 -14.10 38.40 -19.41
CA VAL B 333 -14.99 39.56 -19.24
C VAL B 333 -14.60 40.76 -20.15
N LYS B 334 -13.58 40.56 -20.99
CA LYS B 334 -13.13 41.57 -21.95
C LYS B 334 -12.64 42.88 -21.33
N ARG B 335 -12.02 42.76 -20.16
CA ARG B 335 -11.36 43.89 -19.52
C ARG B 335 -9.86 43.86 -19.79
N PRO B 336 -9.20 45.00 -19.65
CA PRO B 336 -7.81 45.21 -20.07
C PRO B 336 -6.75 44.67 -19.12
N ILE B 337 -5.75 43.97 -19.67
CA ILE B 337 -4.56 43.63 -18.91
C ILE B 337 -3.33 44.42 -19.35
N VAL B 338 -2.63 44.99 -18.39
CA VAL B 338 -1.33 45.61 -18.66
C VAL B 338 -0.21 44.73 -18.12
N PHE B 339 0.71 44.37 -19.00
CA PHE B 339 1.77 43.43 -18.66
C PHE B 339 3.10 44.14 -18.54
N ASP B 340 3.73 44.01 -17.39
CA ASP B 340 5.00 44.67 -17.14
C ASP B 340 6.02 43.60 -16.76
N PRO B 341 6.76 43.06 -17.75
CA PRO B 341 7.72 41.99 -17.52
C PRO B 341 9.02 42.60 -16.96
N VAL B 342 9.26 42.52 -15.65
CA VAL B 342 10.40 43.21 -15.07
C VAL B 342 11.59 42.28 -14.93
N GLY B 343 11.83 41.42 -15.92
CA GLY B 343 12.89 40.45 -15.75
C GLY B 343 13.03 39.51 -16.94
N TYR B 344 13.62 40.03 -17.99
CA TYR B 344 13.73 39.23 -19.18
C TYR B 344 15.22 39.03 -19.23
N SER B 345 15.66 37.88 -18.72
CA SER B 345 17.07 37.55 -18.68
C SER B 345 18.12 38.45 -17.96
N ALA B 346 18.20 38.41 -16.61
CA ALA B 346 17.30 37.71 -15.70
C ALA B 346 17.26 36.21 -16.02
N THR B 347 18.11 35.88 -16.99
CA THR B 347 17.97 34.72 -17.85
C THR B 347 18.08 33.40 -17.13
N GLU B 348 17.16 33.15 -16.22
CA GLU B 348 16.47 31.90 -16.44
C GLU B 348 15.09 31.72 -15.89
N THR B 349 14.93 31.78 -14.58
CA THR B 349 13.62 31.54 -13.99
C THR B 349 12.57 32.56 -14.44
N ARG B 350 12.97 33.83 -14.58
CA ARG B 350 12.03 34.90 -14.97
C ARG B 350 11.70 34.84 -16.45
N LEU B 351 12.74 34.66 -17.27
CA LEU B 351 12.54 34.45 -18.69
C LEU B 351 11.48 33.38 -18.89
N LEU B 352 11.64 32.29 -18.15
CA LEU B 352 10.73 31.16 -18.22
C LEU B 352 9.31 31.56 -17.88
N LEU B 353 9.15 32.21 -16.73
CA LEU B 353 7.84 32.62 -16.24
C LEU B 353 7.11 33.55 -17.20
N ASN B 354 7.86 34.52 -17.76
CA ASN B 354 7.28 35.49 -18.70
C ASN B 354 6.72 34.82 -19.93
N ASN B 355 7.56 34.05 -20.60
CA ASN B 355 7.13 33.34 -21.78
C ASN B 355 5.88 32.51 -21.49
N LYS B 356 5.82 31.98 -20.27
CA LYS B 356 4.70 31.16 -19.87
C LYS B 356 3.45 32.04 -19.75
N LEU B 357 3.61 33.24 -19.20
CA LEU B 357 2.48 34.14 -19.01
C LEU B 357 1.93 34.65 -20.33
N LEU B 358 2.83 34.93 -21.28
CA LEU B 358 2.46 35.53 -22.57
C LEU B 358 1.62 34.60 -23.42
N THR B 359 1.41 33.39 -22.91
CA THR B 359 0.59 32.42 -23.62
C THR B 359 -0.65 32.07 -22.81
N PHE B 360 -0.87 32.78 -21.71
CA PHE B 360 -2.06 32.54 -20.90
C PHE B 360 -3.27 33.33 -21.40
N GLY B 361 -3.02 34.45 -22.09
CA GLY B 361 -4.08 35.33 -22.54
C GLY B 361 -3.62 36.49 -23.43
N GLN B 362 -4.56 37.38 -23.73
CA GLN B 362 -4.30 38.55 -24.58
C GLN B 362 -4.09 39.84 -23.78
N PHE B 363 -2.92 40.45 -23.90
CA PHE B 363 -2.65 41.68 -23.16
C PHE B 363 -3.00 42.96 -23.95
N SER B 364 -3.65 43.90 -23.28
CA SER B 364 -3.94 45.19 -23.90
C SER B 364 -2.69 46.06 -23.98
N CYS B 365 -1.74 45.85 -23.08
CA CYS B 365 -0.50 46.61 -23.17
C CYS B 365 0.68 45.92 -22.50
N ILE B 366 1.79 45.87 -23.22
CA ILE B 366 3.06 45.37 -22.68
C ILE B 366 4.02 46.54 -22.54
N LYS B 367 4.58 46.71 -21.34
CA LYS B 367 5.45 47.83 -21.03
C LYS B 367 6.83 47.35 -20.57
N GLY B 368 7.87 47.88 -21.19
CA GLY B 368 9.22 47.56 -20.75
C GLY B 368 10.21 48.67 -21.08
N ASN B 369 11.46 48.48 -20.69
CA ASN B 369 12.50 49.43 -21.05
C ASN B 369 13.55 48.73 -21.92
N SER B 370 14.37 49.52 -22.62
CA SER B 370 15.42 49.01 -23.51
C SER B 370 15.66 47.47 -23.44
N SER B 371 16.18 47.00 -22.31
CA SER B 371 16.51 45.58 -22.14
C SER B 371 15.32 44.65 -22.36
N GLU B 372 14.28 44.87 -21.55
CA GLU B 372 13.07 44.05 -21.59
C GLU B 372 12.38 44.08 -22.94
N ILE B 373 12.43 45.21 -23.65
CA ILE B 373 11.76 45.31 -24.94
C ILE B 373 12.57 44.69 -26.06
N LEU B 374 13.90 44.85 -26.01
CA LEU B 374 14.75 44.16 -26.97
C LEU B 374 14.66 42.63 -26.78
N GLY B 375 14.68 42.20 -25.53
CA GLY B 375 14.52 40.79 -25.20
C GLY B 375 13.23 40.19 -25.73
N LEU B 376 12.12 40.88 -25.51
CA LEU B 376 10.79 40.46 -25.96
C LEU B 376 10.68 40.41 -27.48
N ALA B 377 11.42 41.28 -28.17
CA ALA B 377 11.39 41.34 -29.62
C ALA B 377 12.31 40.28 -30.19
N GLU B 378 13.17 39.74 -29.34
CA GLU B 378 14.12 38.71 -29.75
C GLU B 378 15.20 39.31 -30.65
N LEU B 379 15.97 40.22 -30.04
CA LEU B 379 17.05 40.94 -30.71
C LEU B 379 17.75 40.09 -31.75
N SER B 394 21.15 51.74 -29.05
CA SER B 394 20.75 52.65 -30.15
C SER B 394 19.40 53.34 -29.86
N ASN B 395 18.82 54.00 -30.87
CA ASN B 395 17.51 54.67 -30.72
C ASN B 395 16.51 54.31 -31.81
N GLU B 396 16.99 54.09 -33.03
CA GLU B 396 16.12 53.62 -34.10
C GLU B 396 15.83 52.18 -33.82
N LEU B 397 16.78 51.53 -33.14
CA LEU B 397 16.66 50.11 -32.81
C LEU B 397 15.54 49.86 -31.80
N LEU B 398 15.49 50.71 -30.77
CA LEU B 398 14.42 50.66 -29.80
C LEU B 398 13.07 50.85 -30.47
N ILE B 399 13.01 51.71 -31.50
CA ILE B 399 11.78 51.93 -32.22
C ILE B 399 11.36 50.67 -32.99
N GLN B 400 12.34 50.06 -33.66
CA GLN B 400 12.08 48.82 -34.39
C GLN B 400 11.61 47.72 -33.43
N ALA B 401 12.30 47.57 -32.30
CA ALA B 401 11.95 46.56 -31.29
C ALA B 401 10.55 46.78 -30.71
N THR B 402 10.23 48.03 -30.37
CA THR B 402 8.90 48.35 -29.87
C THR B 402 7.77 47.98 -30.84
N LYS B 403 7.99 48.16 -32.14
CA LYS B 403 6.98 47.76 -33.11
C LYS B 403 6.92 46.22 -33.19
N ILE B 404 8.08 45.59 -33.17
CA ILE B 404 8.13 44.12 -33.22
C ILE B 404 7.31 43.52 -32.09
N VAL B 405 7.54 43.99 -30.86
CA VAL B 405 6.82 43.51 -29.69
C VAL B 405 5.34 43.78 -29.80
N ALA B 406 4.97 45.00 -30.17
CA ALA B 406 3.56 45.37 -30.29
C ALA B 406 2.86 44.42 -31.26
N PHE B 407 3.49 44.20 -32.42
CA PHE B 407 2.90 43.35 -33.41
C PHE B 407 2.83 41.90 -32.94
N LYS B 408 3.98 41.40 -32.45
CA LYS B 408 4.10 40.01 -32.05
C LYS B 408 2.97 39.58 -31.13
N TYR B 409 2.78 40.32 -30.04
CA TYR B 409 1.82 39.95 -29.01
C TYR B 409 0.50 40.69 -29.19
N LYS B 410 0.29 41.20 -30.41
CA LYS B 410 -0.92 41.95 -30.79
C LYS B 410 -1.43 42.87 -29.69
N THR B 411 -0.66 43.92 -29.42
CA THR B 411 -0.89 44.73 -28.24
C THR B 411 -0.26 46.12 -28.40
N VAL B 412 -0.70 47.07 -27.60
CA VAL B 412 0.05 48.31 -27.47
C VAL B 412 1.30 48.07 -26.62
N ALA B 413 2.49 48.28 -27.20
CA ALA B 413 3.73 48.07 -26.48
C ALA B 413 4.44 49.39 -26.19
N VAL B 414 4.86 49.56 -24.94
CA VAL B 414 5.50 50.79 -24.52
C VAL B 414 6.93 50.49 -24.16
N CYS B 415 7.85 51.27 -24.70
CA CYS B 415 9.25 51.15 -24.36
C CYS B 415 9.77 52.42 -23.70
N THR B 416 10.03 52.36 -22.39
CA THR B 416 10.51 53.52 -21.64
C THR B 416 12.01 53.79 -21.72
N GLY B 417 12.37 55.08 -21.71
CA GLY B 417 13.75 55.51 -21.73
C GLY B 417 13.76 57.02 -21.66
N GLU B 418 14.76 57.65 -22.26
CA GLU B 418 14.77 59.09 -22.41
C GLU B 418 13.57 59.43 -23.27
N PHE B 419 13.46 58.75 -24.40
CA PHE B 419 12.26 58.78 -25.21
C PHE B 419 11.44 57.55 -24.86
N ASP B 420 10.13 57.72 -24.76
CA ASP B 420 9.22 56.60 -24.64
C ASP B 420 8.61 56.35 -26.01
N PHE B 421 8.63 55.10 -26.46
CA PHE B 421 8.00 54.76 -27.74
C PHE B 421 6.77 53.92 -27.52
N ILE B 422 5.68 54.29 -28.19
CA ILE B 422 4.44 53.54 -28.09
C ILE B 422 4.05 53.02 -29.47
N ALA B 423 3.86 51.72 -29.60
CA ALA B 423 3.46 51.14 -30.87
C ALA B 423 2.13 50.41 -30.71
N ASP B 424 1.22 50.62 -31.65
CA ASP B 424 -0.04 49.87 -31.66
C ASP B 424 0.02 48.67 -32.62
N GLY B 425 0.03 47.46 -32.06
CA GLY B 425 0.09 46.29 -32.90
C GLY B 425 -1.21 45.54 -32.90
N THR B 426 -2.29 46.17 -32.45
CA THR B 426 -3.57 45.47 -32.35
C THR B 426 -4.23 45.25 -33.71
N ILE B 427 -3.90 46.11 -34.66
CA ILE B 427 -4.49 46.00 -36.00
C ILE B 427 -6.02 45.84 -35.94
N GLU B 428 -6.65 46.59 -35.06
CA GLU B 428 -8.11 46.62 -34.95
C GLU B 428 -8.74 45.29 -34.54
N GLY B 429 -7.90 44.40 -34.01
CA GLY B 429 -8.37 43.08 -33.59
C GLY B 429 -8.68 42.14 -34.75
N LYS B 430 -8.08 42.41 -35.91
CA LYS B 430 -8.32 41.62 -37.11
C LYS B 430 -7.49 40.34 -37.13
N TYR B 431 -8.15 39.21 -37.42
CA TYR B 431 -7.45 37.98 -37.75
C TYR B 431 -8.15 37.30 -38.91
N SER B 432 -7.39 36.48 -39.63
CA SER B 432 -7.93 35.67 -40.70
C SER B 432 -7.08 34.43 -40.95
N LEU B 433 -7.68 33.43 -41.58
CA LEU B 433 -6.94 32.23 -41.93
C LEU B 433 -6.10 32.47 -43.19
N SER B 434 -4.85 32.02 -43.18
CA SER B 434 -3.87 32.31 -44.24
C SER B 434 -3.07 33.59 -43.98
N GLY B 436 -2.50 36.83 -43.82
CA GLY B 436 -3.29 36.66 -42.61
C GLY B 436 -3.69 38.03 -42.07
N THR B 437 -2.69 38.90 -42.01
CA THR B 437 -2.87 40.33 -41.88
C THR B 437 -2.87 41.00 -43.27
N ASN B 438 -3.89 41.82 -43.49
CA ASN B 438 -4.07 42.58 -44.72
C ASN B 438 -2.90 43.52 -45.04
N GLY B 439 -1.81 42.85 -45.45
CA GLY B 439 -0.47 43.38 -45.66
C GLY B 439 0.17 44.27 -44.60
N THR B 440 -0.35 44.23 -43.38
CA THR B 440 0.10 45.08 -42.27
C THR B 440 1.22 44.43 -41.45
N SER B 441 2.47 44.74 -41.77
CA SER B 441 3.58 44.05 -41.11
C SER B 441 4.10 44.76 -39.88
N VAL B 442 5.06 44.13 -39.21
CA VAL B 442 5.80 44.76 -38.13
C VAL B 442 6.25 46.17 -38.50
N GLU B 443 6.64 46.37 -39.75
CA GLU B 443 7.27 47.62 -40.19
C GLU B 443 6.36 48.83 -40.12
N ASP B 444 5.08 48.63 -40.44
CA ASP B 444 4.19 49.76 -40.73
C ASP B 444 2.97 49.94 -39.81
N ILE B 445 3.09 49.53 -38.55
CA ILE B 445 2.09 49.87 -37.54
C ILE B 445 2.40 51.24 -36.92
N PRO B 446 1.35 51.95 -36.45
CA PRO B 446 1.53 53.23 -35.74
C PRO B 446 2.52 53.14 -34.58
N CYS B 447 3.56 53.96 -34.63
CA CYS B 447 4.48 54.08 -33.51
C CYS B 447 4.84 55.55 -33.30
N VAL B 448 4.54 56.05 -32.10
CA VAL B 448 4.79 57.43 -31.75
C VAL B 448 5.86 57.54 -30.66
N ALA B 449 6.41 58.73 -30.49
CA ALA B 449 7.43 58.96 -29.47
C ALA B 449 6.98 60.03 -28.48
N VAL B 450 7.51 59.98 -27.27
CA VAL B 450 7.21 60.97 -26.25
C VAL B 450 8.50 61.36 -25.53
N GLU B 451 8.96 62.59 -25.73
CA GLU B 451 10.18 63.02 -25.07
C GLU B 451 9.99 64.27 -24.21
N ALA B 452 10.87 64.45 -23.23
CA ALA B 452 10.86 65.65 -22.42
C ALA B 452 12.26 65.95 -21.89
N GLY B 453 13.25 65.72 -22.73
CA GLY B 453 14.63 65.92 -22.36
C GLY B 453 15.06 64.96 -21.26
N PRO B 454 16.33 65.07 -20.84
CA PRO B 454 16.91 64.25 -19.75
C PRO B 454 16.22 64.55 -18.41
N ILE B 455 16.24 63.58 -17.50
CA ILE B 455 15.56 63.74 -16.22
C ILE B 455 16.35 63.15 -15.05
N GLY B 465 9.02 53.82 -12.72
CA GLY B 465 8.91 53.22 -14.04
C GLY B 465 7.83 52.17 -14.05
N CYS B 466 7.71 51.43 -12.96
CA CYS B 466 6.59 50.51 -12.75
C CYS B 466 5.42 51.31 -12.17
N SER B 467 5.65 52.62 -12.07
CA SER B 467 4.61 53.60 -11.81
C SER B 467 3.90 53.89 -13.13
N LEU B 468 4.66 53.82 -14.21
CA LEU B 468 4.10 53.98 -15.55
C LEU B 468 3.09 52.92 -15.85
N GLY B 469 3.36 51.70 -15.41
CA GLY B 469 2.42 50.61 -15.54
C GLY B 469 1.08 50.98 -14.90
N SER B 470 1.13 51.37 -13.63
CA SER B 470 -0.08 51.69 -12.89
C SER B 470 -0.82 52.84 -13.53
N THR B 471 -0.06 53.79 -14.11
CA THR B 471 -0.66 54.94 -14.80
C THR B 471 -1.40 54.48 -16.05
N ILE B 472 -0.68 53.83 -16.94
CA ILE B 472 -1.27 53.27 -18.15
C ILE B 472 -2.50 52.44 -17.80
N ALA B 473 -2.41 51.70 -16.70
CA ALA B 473 -3.52 50.85 -16.27
C ALA B 473 -4.79 51.66 -15.99
N CYS B 474 -4.63 52.80 -15.33
CA CYS B 474 -5.75 53.66 -14.95
C CYS B 474 -6.36 54.40 -16.14
N MET B 475 -5.52 54.76 -17.11
CA MET B 475 -5.99 55.45 -18.30
C MET B 475 -6.85 54.53 -19.16
N ILE B 476 -6.34 53.33 -19.42
CA ILE B 476 -7.07 52.31 -20.15
C ILE B 476 -8.31 51.88 -19.37
N GLY B 477 -8.20 51.88 -18.05
CA GLY B 477 -9.28 51.43 -17.20
C GLY B 477 -10.54 52.25 -17.34
N GLY B 478 -10.35 53.56 -17.49
CA GLY B 478 -11.44 54.52 -17.58
C GLY B 478 -12.15 54.59 -18.92
N GLN B 479 -11.44 54.21 -19.98
CA GLN B 479 -12.05 54.14 -21.31
C GLN B 479 -13.35 53.34 -21.34
N PRO B 480 -14.36 53.89 -22.03
CA PRO B 480 -15.68 53.31 -22.19
C PRO B 480 -15.74 52.57 -23.52
N SER B 481 -16.83 51.84 -23.72
CA SER B 481 -17.08 51.12 -24.96
C SER B 481 -16.50 51.86 -26.19
N GLU B 482 -16.82 53.15 -26.29
CA GLU B 482 -16.50 53.95 -27.48
C GLU B 482 -15.08 54.51 -27.47
N GLY B 483 -14.31 54.18 -26.44
CA GLY B 483 -12.98 54.73 -26.27
C GLY B 483 -11.98 54.32 -27.34
N ASN B 484 -10.70 54.52 -27.03
CA ASN B 484 -9.66 54.01 -27.88
C ASN B 484 -8.45 53.63 -27.05
N LEU B 485 -8.05 52.36 -27.17
CA LEU B 485 -6.98 51.79 -26.36
C LEU B 485 -5.65 52.49 -26.62
N PHE B 486 -5.33 52.73 -27.88
CA PHE B 486 -4.03 53.31 -28.22
C PHE B 486 -3.86 54.70 -27.60
N HIS B 487 -4.85 55.57 -27.78
CA HIS B 487 -4.77 56.92 -27.23
C HIS B 487 -4.60 56.87 -25.73
N ALA B 488 -5.36 55.97 -25.09
CA ALA B 488 -5.30 55.85 -23.64
C ALA B 488 -3.87 55.57 -23.21
N VAL B 489 -3.21 54.63 -23.87
CA VAL B 489 -1.83 54.32 -23.48
C VAL B 489 -0.93 55.53 -23.64
N VAL B 490 -1.03 56.21 -24.79
CA VAL B 490 -0.20 57.40 -25.03
C VAL B 490 -0.49 58.43 -23.94
N ALA B 491 -1.77 58.66 -23.66
CA ALA B 491 -2.14 59.59 -22.59
C ALA B 491 -1.38 59.27 -21.30
N GLY B 492 -1.40 58.00 -20.91
CA GLY B 492 -0.68 57.57 -19.73
C GLY B 492 0.82 57.85 -19.76
N VAL B 493 1.46 57.60 -20.91
CA VAL B 493 2.89 57.84 -21.03
C VAL B 493 3.21 59.34 -20.97
N MET B 494 2.29 60.15 -21.51
CA MET B 494 2.42 61.60 -21.44
C MET B 494 2.28 62.04 -19.99
N LEU B 495 1.13 61.69 -19.40
CA LEU B 495 0.80 62.04 -18.03
C LEU B 495 1.96 61.68 -17.11
N TYR B 496 2.53 60.51 -17.32
CA TYR B 496 3.63 60.07 -16.47
C TYR B 496 4.87 60.90 -16.74
N LYS B 497 5.27 60.98 -18.00
CA LYS B 497 6.44 61.74 -18.40
C LYS B 497 6.30 63.20 -17.91
N ALA B 498 5.08 63.72 -17.95
CA ALA B 498 4.81 65.08 -17.53
C ALA B 498 5.02 65.27 -16.03
N ALA B 499 4.42 64.38 -15.25
CA ALA B 499 4.58 64.39 -13.80
C ALA B 499 6.01 64.11 -13.41
N GLY B 500 6.81 63.66 -14.38
CA GLY B 500 8.22 63.38 -14.15
C GLY B 500 9.02 64.67 -14.20
N LYS B 501 8.83 65.46 -15.24
CA LYS B 501 9.52 66.74 -15.35
C LYS B 501 9.22 67.56 -14.10
N ILE B 502 7.93 67.71 -13.79
CA ILE B 502 7.50 68.52 -12.65
C ILE B 502 8.13 68.07 -11.33
N ALA B 503 8.11 66.77 -11.09
CA ALA B 503 8.67 66.23 -9.85
C ALA B 503 10.18 66.45 -9.76
N SER B 504 10.90 66.12 -10.83
CA SER B 504 12.34 66.31 -10.84
C SER B 504 12.74 67.76 -10.50
N GLU B 505 11.88 68.73 -10.84
CA GLU B 505 12.14 70.12 -10.51
C GLU B 505 11.85 70.40 -9.04
N LYS B 506 10.67 69.97 -8.56
CA LYS B 506 10.20 70.34 -7.23
C LYS B 506 10.80 69.53 -6.09
N CYS B 507 11.87 68.78 -6.37
CA CYS B 507 12.35 67.80 -5.38
C CYS B 507 13.80 67.99 -4.95
N ASN B 508 14.14 67.41 -3.79
CA ASN B 508 15.45 67.56 -3.19
C ASN B 508 16.26 66.27 -3.19
N GLY B 509 15.75 65.23 -3.84
CA GLY B 509 16.42 63.92 -3.90
C GLY B 509 15.51 62.74 -4.33
N SER B 510 16.01 61.51 -4.23
CA SER B 510 15.21 60.32 -4.57
C SER B 510 13.89 60.28 -3.81
N GLY B 511 13.99 60.45 -2.50
CA GLY B 511 12.84 60.39 -1.62
C GLY B 511 11.73 61.34 -2.02
N SER B 512 12.00 62.63 -2.04
CA SER B 512 10.93 63.55 -2.39
C SER B 512 10.53 63.36 -3.85
N PHE B 513 11.47 62.97 -4.71
CA PHE B 513 11.12 62.85 -6.12
C PHE B 513 9.92 61.95 -6.29
N GLN B 514 9.87 60.94 -5.45
CA GLN B 514 8.83 59.97 -5.54
C GLN B 514 7.50 60.57 -5.05
N VAL B 515 7.50 61.15 -3.86
CA VAL B 515 6.28 61.72 -3.32
C VAL B 515 5.80 62.89 -4.18
N GLU B 516 6.73 63.59 -4.83
CA GLU B 516 6.36 64.71 -5.70
C GLU B 516 5.75 64.22 -7.01
N LEU B 517 6.19 63.05 -7.44
CA LEU B 517 5.66 62.45 -8.65
C LEU B 517 4.19 62.08 -8.43
N ILE B 518 3.90 61.46 -7.29
CA ILE B 518 2.53 61.14 -6.95
C ILE B 518 1.68 62.41 -6.87
N ASP B 519 2.22 63.43 -6.23
CA ASP B 519 1.56 64.72 -6.16
C ASP B 519 1.25 65.25 -7.54
N ALA B 520 2.27 65.29 -8.40
CA ALA B 520 2.16 65.87 -9.73
C ALA B 520 1.11 65.15 -10.56
N LEU B 521 1.00 63.85 -10.35
CA LEU B 521 -0.03 63.07 -11.02
C LEU B 521 -1.40 63.51 -10.52
N TYR B 522 -1.50 63.70 -9.21
CA TYR B 522 -2.74 64.14 -8.60
C TYR B 522 -3.16 65.51 -9.14
N ARG B 523 -2.24 66.47 -9.09
CA ARG B 523 -2.49 67.83 -9.56
C ARG B 523 -2.77 67.87 -11.06
N LEU B 524 -1.93 67.18 -11.83
CA LEU B 524 -2.04 67.18 -13.29
C LEU B 524 -3.42 66.75 -13.81
N THR B 525 -4.03 65.79 -13.13
CA THR B 525 -5.30 65.22 -13.58
C THR B 525 -6.51 65.95 -13.01
N ARG B 526 -6.34 66.62 -11.88
CA ARG B 526 -7.41 67.41 -11.30
C ARG B 526 -7.68 68.66 -12.15
N GLU B 527 -6.67 69.07 -12.92
CA GLU B 527 -6.85 70.10 -13.94
C GLU B 527 -6.41 69.55 -15.31
N ASN B 528 -7.36 69.09 -16.11
CA ASN B 528 -6.98 68.64 -17.45
C ASN B 528 -6.58 69.84 -18.27
N THR B 529 -5.30 70.17 -18.27
CA THR B 529 -4.86 71.26 -19.09
C THR B 529 -3.69 70.80 -19.94
N PRO B 530 -3.87 69.65 -20.59
CA PRO B 530 -2.78 68.99 -21.30
C PRO B 530 -1.98 69.94 -22.23
N VAL B 531 -2.59 71.01 -22.71
CA VAL B 531 -1.87 72.01 -23.47
C VAL B 531 -0.68 72.52 -22.63
N THR B 532 -0.85 72.51 -21.31
CA THR B 532 0.18 72.89 -20.34
C THR B 532 1.42 72.01 -20.34
N TRP B 533 1.22 70.70 -20.50
CA TRP B 533 2.25 69.70 -20.18
C TRP B 533 3.54 69.66 -21.01
N ALA B 534 4.65 69.51 -20.28
CA ALA B 534 6.03 69.54 -20.80
C ALA B 534 6.41 68.59 -21.97
N PRO B 535 5.85 67.36 -22.01
CA PRO B 535 6.29 66.35 -22.99
C PRO B 535 5.75 66.52 -24.42
N LYS B 536 6.67 66.41 -25.37
CA LYS B 536 6.40 66.64 -26.78
C LYS B 536 6.13 65.29 -27.46
N LEU B 537 4.98 65.20 -28.12
CA LEU B 537 4.53 63.94 -28.73
C LEU B 537 4.70 63.92 -30.25
N THR B 538 5.80 63.37 -30.74
CA THR B 538 6.10 63.35 -32.17
C THR B 538 5.70 62.03 -32.83
N HIS B 539 6.01 61.88 -34.11
CA HIS B 539 5.89 60.57 -34.78
C HIS B 539 7.22 59.86 -34.75
N THR B 540 7.21 58.55 -34.98
CA THR B 540 8.45 57.78 -34.97
C THR B 540 8.86 57.47 -36.40
N LYS C 2 -40.38 12.11 37.51
CA LYS C 2 -40.92 13.00 36.48
C LYS C 2 -40.63 14.47 36.79
N PHE C 3 -40.00 15.16 35.82
CA PHE C 3 -39.79 16.61 35.89
C PHE C 3 -40.81 17.31 35.01
N SER C 4 -41.14 18.55 35.36
CA SER C 4 -41.96 19.38 34.47
C SER C 4 -41.04 20.24 33.62
N LYS C 5 -41.46 20.56 32.40
CA LYS C 5 -40.63 21.32 31.46
C LYS C 5 -39.82 22.46 32.14
N GLU C 6 -40.40 23.08 33.15
CA GLU C 6 -39.79 24.26 33.78
C GLU C 6 -38.74 23.95 34.83
N GLN C 7 -38.71 22.72 35.33
CA GLN C 7 -37.68 22.29 36.28
C GLN C 7 -36.35 21.96 35.57
N PHE C 8 -36.33 22.10 34.26
CA PHE C 8 -35.18 21.69 33.47
C PHE C 8 -34.07 22.72 33.51
N ASP C 9 -32.95 22.35 34.10
CA ASP C 9 -31.79 23.25 34.22
C ASP C 9 -30.80 23.00 33.11
N TYR C 10 -30.80 23.83 32.08
CA TYR C 10 -29.96 23.58 30.91
C TYR C 10 -28.53 24.06 31.09
N SER C 11 -28.23 24.64 32.25
CA SER C 11 -26.91 25.20 32.56
C SER C 11 -25.77 24.45 31.87
N LEU C 12 -25.43 23.27 32.39
CA LEU C 12 -24.34 22.48 31.83
C LEU C 12 -24.87 21.14 31.37
N TYR C 13 -25.18 21.06 30.09
CA TYR C 13 -25.87 19.94 29.47
C TYR C 13 -24.83 18.99 28.89
N LEU C 14 -24.65 17.85 29.56
CA LEU C 14 -23.64 16.87 29.17
C LEU C 14 -24.19 15.86 28.19
N VAL C 15 -23.80 16.00 26.93
CA VAL C 15 -24.17 15.06 25.88
C VAL C 15 -23.09 13.99 25.79
N THR C 16 -23.44 12.75 26.13
CA THR C 16 -22.47 11.65 26.13
C THR C 16 -22.26 11.06 24.75
N ASP C 17 -21.02 10.67 24.49
CA ASP C 17 -20.67 9.93 23.28
C ASP C 17 -19.87 8.72 23.74
N SER C 18 -20.57 7.61 23.93
CA SER C 18 -19.99 6.39 24.48
C SER C 18 -18.65 6.00 23.84
N GLY C 19 -18.56 6.15 22.52
CA GLY C 19 -17.39 5.73 21.79
C GLY C 19 -16.24 6.73 21.79
N MET C 20 -15.83 7.15 22.99
CA MET C 20 -14.66 8.02 23.14
C MET C 20 -14.33 8.21 24.62
N ILE C 21 -14.63 7.19 25.40
CA ILE C 21 -14.26 7.16 26.81
C ILE C 21 -12.83 6.65 26.94
N PRO C 22 -12.03 7.28 27.81
CA PRO C 22 -10.65 6.86 28.04
C PRO C 22 -10.59 5.52 28.76
N GLU C 23 -9.57 4.72 28.44
CA GLU C 23 -9.45 3.39 29.01
C GLU C 23 -9.46 3.41 30.53
N GLY C 24 -10.03 2.36 31.13
CA GLY C 24 -10.09 2.23 32.58
C GLY C 24 -11.17 3.11 33.18
N LYS C 25 -11.98 3.71 32.30
CA LYS C 25 -13.08 4.57 32.72
C LYS C 25 -14.39 4.17 32.02
N THR C 26 -15.49 4.26 32.75
CA THR C 26 -16.79 3.90 32.22
C THR C 26 -17.61 5.13 31.84
N LEU C 27 -18.75 4.90 31.19
CA LEU C 27 -19.70 5.99 30.95
C LEU C 27 -20.33 6.36 32.29
N TYR C 28 -20.56 5.38 33.13
CA TYR C 28 -21.08 5.63 34.48
C TYR C 28 -20.09 6.48 35.25
N GLY C 29 -18.82 6.08 35.21
CA GLY C 29 -17.76 6.80 35.89
C GLY C 29 -17.69 8.29 35.56
N GLN C 30 -17.61 8.58 34.25
CA GLN C 30 -17.60 9.96 33.78
C GLN C 30 -18.87 10.72 34.13
N VAL C 31 -20.02 10.23 33.65
CA VAL C 31 -21.29 10.92 33.89
C VAL C 31 -21.59 11.12 35.37
N GLU C 32 -20.99 10.29 36.23
CA GLU C 32 -21.13 10.48 37.68
C GLU C 32 -20.32 11.68 38.14
N ALA C 33 -19.02 11.64 37.85
CA ALA C 33 -18.14 12.77 38.15
C ALA C 33 -18.74 14.11 37.71
N GLY C 34 -19.22 14.16 36.47
CA GLY C 34 -19.83 15.36 35.94
C GLY C 34 -21.08 15.80 36.69
N LEU C 35 -21.75 14.88 37.36
CA LEU C 35 -22.98 15.19 38.07
C LEU C 35 -22.70 15.82 39.43
N GLN C 36 -21.64 15.33 40.07
CA GLN C 36 -21.26 15.80 41.38
C GLN C 36 -20.71 17.22 41.31
N ASN C 37 -20.25 17.62 40.13
CA ASN C 37 -19.54 18.89 40.00
C ASN C 37 -20.16 19.88 39.05
N GLY C 38 -21.39 19.65 38.60
CA GLY C 38 -22.02 20.60 37.71
C GLY C 38 -23.12 20.12 36.78
N VAL C 39 -22.80 19.16 35.93
CA VAL C 39 -23.78 18.70 34.95
C VAL C 39 -25.18 18.73 35.54
N THR C 40 -26.11 19.33 34.81
CA THR C 40 -27.47 19.59 35.27
C THR C 40 -28.48 19.01 34.30
N LEU C 41 -27.96 18.31 33.30
CA LEU C 41 -28.77 17.65 32.29
C LEU C 41 -27.88 16.68 31.51
N VAL C 42 -28.37 15.46 31.28
CA VAL C 42 -27.58 14.45 30.58
C VAL C 42 -28.36 13.88 29.40
N GLN C 43 -27.70 13.84 28.24
CA GLN C 43 -28.27 13.17 27.09
C GLN C 43 -27.39 11.96 26.73
N ILE C 44 -28.03 10.83 26.48
CA ILE C 44 -27.31 9.63 26.06
C ILE C 44 -27.50 9.42 24.57
N ARG C 45 -26.40 9.14 23.87
CA ARG C 45 -26.43 8.84 22.45
C ARG C 45 -26.05 7.37 22.28
N GLU C 46 -26.66 6.69 21.32
CA GLU C 46 -26.20 5.34 21.00
C GLU C 46 -26.42 4.78 19.60
N ALA C 49 -24.75 1.37 19.15
CA ALA C 49 -24.62 -0.01 19.64
C ALA C 49 -25.90 -0.86 19.43
N ASP C 50 -26.06 -1.91 20.22
CA ASP C 50 -27.23 -2.80 20.14
C ASP C 50 -28.40 -2.23 20.92
N THR C 51 -29.51 -1.97 20.24
CA THR C 51 -30.62 -1.22 20.84
C THR C 51 -31.16 -1.83 22.14
N LYS C 52 -30.58 -2.95 22.57
CA LYS C 52 -30.97 -3.56 23.84
C LYS C 52 -29.92 -3.37 24.90
N PHE C 53 -28.66 -3.41 24.50
CA PHE C 53 -27.59 -3.05 25.42
C PHE C 53 -27.75 -1.56 25.76
N PHE C 54 -28.08 -0.78 24.75
CA PHE C 54 -28.46 0.62 24.91
C PHE C 54 -29.40 0.75 26.11
N ILE C 55 -30.48 -0.01 26.08
CA ILE C 55 -31.55 0.11 27.07
C ILE C 55 -31.09 -0.23 28.49
N GLU C 56 -30.04 -1.04 28.59
CA GLU C 56 -29.54 -1.43 29.90
C GLU C 56 -28.64 -0.35 30.46
N GLU C 57 -27.91 0.32 29.58
CA GLU C 57 -27.04 1.42 29.95
C GLU C 57 -27.91 2.62 30.30
N ALA C 58 -28.99 2.80 29.55
CA ALA C 58 -29.90 3.92 29.74
C ALA C 58 -30.62 3.82 31.07
N LEU C 59 -31.07 2.63 31.44
CA LEU C 59 -31.72 2.44 32.72
C LEU C 59 -30.70 2.63 33.84
N GLN C 60 -29.49 2.16 33.62
CA GLN C 60 -28.45 2.19 34.63
C GLN C 60 -28.00 3.60 34.90
N ILE C 61 -28.04 4.44 33.87
CA ILE C 61 -27.67 5.86 33.98
C ILE C 61 -28.83 6.76 34.41
N LYS C 62 -30.06 6.35 34.13
CA LYS C 62 -31.24 7.08 34.59
C LYS C 62 -31.37 7.00 36.09
N GLU C 63 -30.89 5.91 36.69
CA GLU C 63 -30.82 5.78 38.15
C GLU C 63 -29.80 6.74 38.73
N LEU C 64 -28.64 6.84 38.09
CA LEU C 64 -27.58 7.77 38.49
C LEU C 64 -28.08 9.20 38.43
N CYS C 65 -28.64 9.59 37.29
CA CYS C 65 -29.14 10.94 37.09
C CYS C 65 -30.26 11.30 38.08
N HIS C 66 -31.36 10.56 38.05
CA HIS C 66 -32.46 10.78 38.99
C HIS C 66 -31.96 10.92 40.43
N ALA C 67 -30.86 10.22 40.73
CA ALA C 67 -30.27 10.23 42.07
C ALA C 67 -29.68 11.58 42.41
N HIS C 68 -29.21 12.30 41.40
CA HIS C 68 -28.75 13.68 41.56
C HIS C 68 -29.84 14.68 41.15
N ASN C 69 -31.05 14.17 41.00
CA ASN C 69 -32.20 15.00 40.64
C ASN C 69 -32.05 15.72 39.30
N VAL C 70 -31.29 15.13 38.39
CA VAL C 70 -31.10 15.68 37.05
C VAL C 70 -31.74 14.76 35.99
N PRO C 71 -32.48 15.34 35.04
CA PRO C 71 -33.23 14.60 34.03
C PRO C 71 -32.32 13.83 33.08
N LEU C 72 -32.88 12.85 32.39
CA LEU C 72 -32.14 12.12 31.35
C LEU C 72 -32.85 12.28 30.01
N ILE C 73 -32.08 12.58 28.98
CA ILE C 73 -32.63 12.78 27.65
C ILE C 73 -32.02 11.78 26.68
N ILE C 74 -32.76 11.42 25.63
CA ILE C 74 -32.28 10.38 24.72
C ILE C 74 -32.32 10.74 23.24
N ASN C 75 -31.23 10.43 22.55
CA ASN C 75 -31.05 10.78 21.14
C ASN C 75 -30.81 9.50 20.35
N ASP C 76 -31.59 9.26 19.32
CA ASP C 76 -32.79 10.03 19.03
C ASP C 76 -33.95 9.05 19.11
N ARG C 77 -33.67 7.88 19.65
CA ARG C 77 -34.63 6.80 19.74
C ARG C 77 -35.81 7.14 20.66
N ILE C 78 -36.90 7.57 20.05
CA ILE C 78 -38.14 7.87 20.78
C ILE C 78 -38.61 6.64 21.56
N ASP C 79 -38.54 5.48 20.91
CA ASP C 79 -38.95 4.20 21.51
C ASP C 79 -38.15 3.82 22.76
N VAL C 80 -36.83 3.81 22.67
CA VAL C 80 -36.01 3.59 23.86
C VAL C 80 -36.42 4.57 24.95
N ALA C 81 -36.82 5.78 24.55
CA ALA C 81 -37.16 6.83 25.50
C ALA C 81 -38.46 6.55 26.20
N MET C 82 -39.53 6.34 25.44
CA MET C 82 -40.83 5.98 26.02
C MET C 82 -40.64 4.75 26.90
N ALA C 83 -39.86 3.80 26.39
CA ALA C 83 -39.66 2.51 27.03
C ALA C 83 -39.09 2.63 28.44
N ILE C 84 -37.97 3.33 28.57
CA ILE C 84 -37.30 3.40 29.86
C ILE C 84 -37.74 4.58 30.71
N GLY C 85 -38.85 5.22 30.34
CA GLY C 85 -39.35 6.36 31.09
C GLY C 85 -38.34 7.50 31.17
N ALA C 86 -37.82 7.88 30.01
CA ALA C 86 -36.84 8.96 29.92
C ALA C 86 -37.57 10.30 30.04
N ASP C 87 -36.83 11.33 30.44
CA ASP C 87 -37.41 12.63 30.74
C ASP C 87 -37.54 13.51 29.52
N GLY C 88 -36.81 13.17 28.47
CA GLY C 88 -36.84 13.93 27.24
C GLY C 88 -36.12 13.25 26.10
N ILE C 89 -36.35 13.71 24.89
CA ILE C 89 -35.70 13.14 23.74
C ILE C 89 -35.21 14.24 22.83
N HIS C 90 -34.00 14.09 22.33
CA HIS C 90 -33.45 15.06 21.40
C HIS C 90 -33.45 14.44 20.02
N VAL C 91 -34.04 15.12 19.05
CA VAL C 91 -33.98 14.64 17.68
C VAL C 91 -33.34 15.71 16.81
N GLY C 92 -32.82 15.32 15.66
CA GLY C 92 -32.22 16.24 14.73
C GLY C 92 -33.16 16.62 13.60
N GLN C 93 -32.62 17.36 12.65
CA GLN C 93 -33.42 17.86 11.55
C GLN C 93 -33.79 16.68 10.63
N ASP C 94 -32.91 15.69 10.58
CA ASP C 94 -33.09 14.59 9.68
C ASP C 94 -33.74 13.41 10.40
N ASP C 95 -34.11 13.64 11.66
CA ASP C 95 -34.79 12.59 12.44
C ASP C 95 -36.31 12.80 12.40
N MET C 96 -37.05 11.98 13.14
CA MET C 96 -38.52 11.96 13.05
C MET C 96 -39.21 13.31 13.20
N PRO C 97 -40.13 13.65 12.25
CA PRO C 97 -40.87 14.90 12.33
C PRO C 97 -41.44 15.12 13.73
N ILE C 98 -41.47 16.36 14.21
CA ILE C 98 -41.79 16.61 15.61
C ILE C 98 -43.24 16.34 15.98
N PRO C 99 -44.20 16.86 15.19
CA PRO C 99 -45.60 16.52 15.47
C PRO C 99 -45.80 15.04 15.75
N MET C 100 -45.24 14.15 14.92
CA MET C 100 -45.32 12.71 15.16
C MET C 100 -44.74 12.32 16.51
N ILE C 101 -43.57 12.87 16.81
CA ILE C 101 -42.91 12.53 18.06
C ILE C 101 -43.82 12.86 19.23
N ARG C 102 -44.36 14.07 19.21
CA ARG C 102 -45.27 14.53 20.25
C ARG C 102 -46.47 13.59 20.35
N LYS C 103 -47.05 13.24 19.22
CA LYS C 103 -48.17 12.30 19.21
C LYS C 103 -47.85 11.02 20.00
N LEU C 104 -46.62 10.50 19.90
CA LEU C 104 -46.27 9.23 20.58
C LEU C 104 -45.97 9.41 22.06
N VAL C 105 -45.17 10.41 22.40
CA VAL C 105 -44.72 10.59 23.78
C VAL C 105 -45.72 11.37 24.63
N GLY C 106 -46.72 11.97 23.96
CA GLY C 106 -47.68 12.85 24.62
C GLY C 106 -46.99 14.01 25.32
N PRO C 107 -47.78 15.01 25.78
CA PRO C 107 -47.07 16.11 26.47
C PRO C 107 -46.36 15.58 27.70
N ASP C 108 -45.80 16.47 28.52
CA ASP C 108 -45.10 16.08 29.75
C ASP C 108 -43.63 15.70 29.54
N MET C 109 -43.28 15.34 28.31
CA MET C 109 -41.90 14.98 28.01
C MET C 109 -41.23 16.05 27.14
N VAL C 110 -39.97 16.32 27.42
CA VAL C 110 -39.23 17.35 26.71
C VAL C 110 -38.74 16.91 25.33
N ILE C 111 -38.96 17.74 24.33
CA ILE C 111 -38.47 17.46 23.00
C ILE C 111 -37.39 18.47 22.59
N GLY C 112 -36.17 17.99 22.40
CA GLY C 112 -35.10 18.81 21.91
C GLY C 112 -34.91 18.66 20.42
N TRP C 113 -34.70 19.77 19.74
CA TRP C 113 -34.55 19.78 18.30
C TRP C 113 -33.22 20.46 17.94
N SER C 114 -32.53 19.95 16.93
CA SER C 114 -31.27 20.54 16.52
C SER C 114 -31.48 21.61 15.45
N VAL C 115 -31.47 22.87 15.86
CA VAL C 115 -31.66 23.97 14.93
C VAL C 115 -30.34 24.65 14.63
N GLY C 116 -30.13 25.08 13.39
CA GLY C 116 -28.90 25.73 12.96
C GLY C 116 -29.17 26.97 12.13
N PHE C 117 -30.41 27.08 11.66
CA PHE C 117 -30.82 28.21 10.83
C PHE C 117 -32.16 28.76 11.30
N PRO C 118 -32.40 30.06 11.06
CA PRO C 118 -33.65 30.74 11.38
C PRO C 118 -34.86 30.07 10.77
N GLU C 119 -34.75 29.65 9.50
CA GLU C 119 -35.83 28.98 8.79
C GLU C 119 -36.45 27.87 9.63
N GLU C 120 -35.59 27.17 10.35
CA GLU C 120 -36.01 26.09 11.25
C GLU C 120 -36.69 26.61 12.51
N VAL C 121 -36.45 27.87 12.88
CA VAL C 121 -37.12 28.43 14.03
C VAL C 121 -38.50 28.84 13.60
N ASP C 122 -38.63 29.29 12.35
CA ASP C 122 -39.92 29.65 11.78
C ASP C 122 -40.85 28.45 11.87
N GLU C 123 -40.37 27.29 11.44
CA GLU C 123 -41.12 26.04 11.50
C GLU C 123 -41.48 25.63 12.94
N LEU C 124 -40.48 25.63 13.80
CA LEU C 124 -40.64 25.36 15.25
C LEU C 124 -41.74 26.20 15.88
N SER C 125 -41.97 27.39 15.32
CA SER C 125 -42.96 28.34 15.84
C SER C 125 -44.36 28.12 15.28
N LYS C 126 -44.45 27.78 13.99
CA LYS C 126 -45.74 27.42 13.37
C LYS C 126 -46.36 26.23 14.07
N MET C 127 -45.58 25.56 14.90
CA MET C 127 -46.03 24.39 15.66
C MET C 127 -46.51 24.77 17.07
N GLY C 128 -46.30 26.01 17.47
CA GLY C 128 -46.72 26.46 18.77
C GLY C 128 -46.04 25.68 19.89
N PRO C 129 -46.43 25.96 21.15
CA PRO C 129 -45.86 25.31 22.33
C PRO C 129 -46.28 23.86 22.42
N ASP C 130 -45.63 23.11 23.31
CA ASP C 130 -45.88 21.68 23.51
C ASP C 130 -45.17 20.84 22.45
N MET C 131 -44.91 21.42 21.28
CA MET C 131 -44.07 20.78 20.30
C MET C 131 -42.60 20.84 20.79
N VAL C 132 -41.79 21.78 20.29
CA VAL C 132 -40.38 21.86 20.69
C VAL C 132 -40.22 22.58 22.02
N ASP C 133 -39.47 22.00 22.94
CA ASP C 133 -39.35 22.54 24.29
C ASP C 133 -37.98 23.17 24.50
N TYR C 134 -37.05 22.86 23.60
CA TYR C 134 -35.72 23.45 23.64
C TYR C 134 -35.00 23.03 22.38
N ILE C 135 -34.09 23.87 21.90
CA ILE C 135 -33.28 23.51 20.75
C ILE C 135 -31.78 23.58 21.07
N GLY C 136 -31.01 22.73 20.41
CA GLY C 136 -29.57 22.83 20.45
C GLY C 136 -29.18 23.66 19.24
N VAL C 137 -28.46 24.76 19.44
CA VAL C 137 -28.19 25.65 18.33
C VAL C 137 -26.99 25.24 17.51
N GLY C 138 -27.31 24.85 16.27
CA GLY C 138 -26.41 24.45 15.18
C GLY C 138 -25.21 23.67 15.61
N THR C 139 -24.19 23.61 14.78
CA THR C 139 -22.87 23.26 15.31
C THR C 139 -22.05 24.54 15.28
N LEU C 140 -21.83 25.11 16.46
CA LEU C 140 -21.18 26.40 16.57
C LEU C 140 -19.80 26.35 15.91
N PHE C 141 -19.04 25.32 16.24
CA PHE C 141 -17.67 25.20 15.76
C PHE C 141 -17.42 23.84 15.13
N PRO C 142 -16.43 23.75 14.24
CA PRO C 142 -16.08 22.45 13.67
C PRO C 142 -15.63 21.51 14.77
N THR C 143 -15.95 20.23 14.63
CA THR C 143 -15.71 19.26 15.69
C THR C 143 -15.00 18.02 15.18
N MET C 154 -20.28 28.14 11.29
CA MET C 154 -21.47 28.98 11.49
C MET C 154 -21.30 29.92 12.69
N GLY C 155 -20.70 29.42 13.76
CA GLY C 155 -20.24 30.25 14.86
C GLY C 155 -21.28 31.05 15.59
N THR C 156 -20.81 31.94 16.47
CA THR C 156 -21.69 32.76 17.28
C THR C 156 -22.61 33.62 16.44
N ALA C 157 -22.07 34.15 15.35
CA ALA C 157 -22.87 34.97 14.45
C ALA C 157 -24.14 34.24 14.04
N GLY C 158 -23.99 32.98 13.63
CA GLY C 158 -25.10 32.18 13.17
C GLY C 158 -26.04 31.79 14.28
N ALA C 159 -25.52 31.70 15.49
CA ALA C 159 -26.34 31.41 16.67
C ALA C 159 -27.20 32.62 16.98
N ILE C 160 -26.61 33.80 16.93
CA ILE C 160 -27.40 35.02 17.09
C ILE C 160 -28.58 35.04 16.13
N ARG C 161 -28.32 34.76 14.85
CA ARG C 161 -29.39 34.78 13.86
C ARG C 161 -30.58 33.92 14.26
N VAL C 162 -30.31 32.82 14.98
CA VAL C 162 -31.36 31.93 15.50
C VAL C 162 -32.07 32.51 16.72
N LEU C 163 -31.33 32.87 17.76
CA LEU C 163 -31.92 33.54 18.92
C LEU C 163 -32.79 34.70 18.49
N ASP C 164 -32.38 35.37 17.41
CA ASP C 164 -33.15 36.51 16.88
C ASP C 164 -34.48 36.09 16.25
N ALA C 165 -34.49 34.96 15.57
CA ALA C 165 -35.74 34.41 15.05
C ALA C 165 -36.63 33.91 16.18
N LEU C 166 -36.02 33.41 17.24
CA LEU C 166 -36.77 32.93 18.40
C LEU C 166 -37.47 34.08 19.09
N GLU C 167 -37.11 35.29 18.68
CA GLU C 167 -37.60 36.49 19.33
C GLU C 167 -38.61 37.20 18.42
N ARG C 168 -38.24 37.33 17.15
CA ARG C 168 -39.14 37.84 16.13
C ARG C 168 -40.39 36.96 16.06
N ASN C 169 -40.23 35.70 16.43
CA ASN C 169 -41.33 34.74 16.42
C ASN C 169 -42.02 34.59 17.76
N ASN C 170 -41.55 35.32 18.75
CA ASN C 170 -42.00 35.13 20.12
C ASN C 170 -42.22 33.67 20.50
N ALA C 171 -41.14 32.91 20.56
CA ALA C 171 -41.22 31.54 20.97
C ALA C 171 -40.83 31.46 22.43
N HIS C 172 -41.50 32.27 23.26
CA HIS C 172 -41.27 32.31 24.71
C HIS C 172 -41.05 30.93 25.36
N TRP C 173 -41.61 29.88 24.76
CA TRP C 173 -41.68 28.58 25.40
C TRP C 173 -40.45 27.71 25.16
N CYS C 174 -39.62 28.12 24.21
CA CYS C 174 -38.51 27.30 23.72
C CYS C 174 -37.17 27.73 24.27
N ARG C 175 -36.52 26.89 25.08
CA ARG C 175 -35.21 27.22 25.63
C ARG C 175 -34.12 26.92 24.59
N THR C 176 -32.87 27.31 24.89
CA THR C 176 -31.76 27.08 23.96
C THR C 176 -30.48 26.61 24.65
N VAL C 177 -29.81 25.63 24.05
CA VAL C 177 -28.46 25.31 24.47
C VAL C 177 -27.54 25.38 23.26
N GLY C 178 -26.33 25.86 23.48
CA GLY C 178 -25.35 25.94 22.42
C GLY C 178 -24.65 24.61 22.34
N ILE C 179 -24.30 24.19 21.14
CA ILE C 179 -23.65 22.90 21.02
C ILE C 179 -22.62 22.84 19.88
N GLY C 180 -21.55 22.09 20.12
CA GLY C 180 -20.63 21.74 19.06
C GLY C 180 -19.25 22.36 19.15
N GLY C 181 -18.32 21.62 19.73
CA GLY C 181 -16.95 22.07 19.79
C GLY C 181 -16.79 23.11 20.86
N LEU C 182 -17.61 23.04 21.90
CA LEU C 182 -17.54 23.96 23.02
C LEU C 182 -16.51 23.50 24.04
N HIS C 183 -15.55 24.35 24.33
CA HIS C 183 -14.47 24.03 25.27
C HIS C 183 -14.17 25.24 26.14
N PRO C 184 -13.27 25.09 27.13
CA PRO C 184 -12.96 26.25 27.96
C PRO C 184 -12.33 27.40 27.18
N ASP C 185 -11.73 27.08 26.04
CA ASP C 185 -11.04 28.07 25.22
C ASP C 185 -11.98 28.94 24.39
N ASN C 186 -13.29 28.82 24.64
CA ASN C 186 -14.29 29.53 23.84
C ASN C 186 -15.71 29.52 24.42
N ILE C 187 -15.88 28.97 25.60
CA ILE C 187 -17.20 28.92 26.22
C ILE C 187 -17.64 30.32 26.66
N GLU C 188 -16.73 31.08 27.26
CA GLU C 188 -17.10 32.39 27.75
C GLU C 188 -17.45 33.30 26.59
N ARG C 189 -16.73 33.17 25.48
CA ARG C 189 -17.02 33.98 24.30
C ARG C 189 -18.37 33.61 23.69
N VAL C 190 -18.69 32.32 23.73
CA VAL C 190 -19.98 31.85 23.20
C VAL C 190 -21.13 32.35 24.06
N LEU C 191 -21.02 32.19 25.38
CA LEU C 191 -22.03 32.72 26.28
C LEU C 191 -22.21 34.22 26.08
N TYR C 192 -21.09 34.88 25.86
CA TYR C 192 -21.00 36.33 25.87
C TYR C 192 -21.66 37.00 24.68
N GLN C 193 -21.40 36.46 23.48
CA GLN C 193 -21.92 37.09 22.28
C GLN C 193 -23.11 36.40 21.63
N CYS C 194 -23.45 35.21 22.12
CA CYS C 194 -24.71 34.57 21.73
C CYS C 194 -25.86 35.14 22.52
N VAL C 195 -26.23 36.38 22.20
CA VAL C 195 -27.40 37.04 22.80
C VAL C 195 -28.29 37.58 21.70
N SER C 196 -29.59 37.65 21.99
CA SER C 196 -30.56 38.14 21.04
C SER C 196 -30.15 39.57 20.70
N SER C 197 -30.61 40.09 19.56
CA SER C 197 -30.25 41.45 19.16
C SER C 197 -30.99 42.47 19.99
N ASN C 198 -32.07 42.07 20.63
CA ASN C 198 -32.78 42.96 21.55
C ASN C 198 -32.39 42.72 23.00
N GLY C 199 -31.27 42.05 23.20
CA GLY C 199 -30.73 41.82 24.53
C GLY C 199 -31.59 40.95 25.42
N LYS C 200 -32.79 40.61 24.98
CA LYS C 200 -33.73 39.94 25.86
C LYS C 200 -33.54 38.44 26.03
N ARG C 201 -32.72 37.82 25.20
CA ARG C 201 -32.52 36.36 25.29
C ARG C 201 -31.11 35.90 24.98
N SER C 202 -30.53 35.07 25.85
CA SER C 202 -29.26 34.42 25.56
C SER C 202 -29.36 32.89 25.67
N LEU C 203 -28.23 32.21 25.64
CA LEU C 203 -28.24 30.75 25.70
C LEU C 203 -28.61 30.28 27.11
N ASP C 204 -29.51 29.32 27.20
CA ASP C 204 -29.94 28.82 28.49
C ASP C 204 -28.93 27.83 29.08
N GLY C 205 -28.00 27.40 28.23
CA GLY C 205 -26.96 26.50 28.67
C GLY C 205 -25.97 26.10 27.57
N ILE C 206 -25.01 25.29 27.96
CA ILE C 206 -23.93 24.90 27.09
C ILE C 206 -23.83 23.38 27.02
N CYS C 207 -23.70 22.83 25.81
CA CYS C 207 -23.51 21.40 25.64
C CYS C 207 -22.05 21.03 25.45
N VAL C 208 -21.49 20.32 26.43
CA VAL C 208 -20.15 19.76 26.29
C VAL C 208 -20.22 18.27 26.01
N VAL C 209 -19.29 17.78 25.21
CA VAL C 209 -19.24 16.38 24.85
C VAL C 209 -17.85 15.86 25.16
N SER C 210 -16.93 16.10 24.24
CA SER C 210 -15.56 15.62 24.36
C SER C 210 -14.80 16.20 25.54
N ASP C 211 -15.39 17.17 26.22
CA ASP C 211 -14.65 17.90 27.25
C ASP C 211 -14.81 17.31 28.64
N ILE C 212 -15.88 16.55 28.86
CA ILE C 212 -16.06 15.85 30.11
C ILE C 212 -15.89 14.37 29.90
N ILE C 213 -16.49 13.87 28.83
CA ILE C 213 -16.45 12.43 28.49
C ILE C 213 -15.02 11.94 28.32
N ALA C 214 -14.26 12.62 27.46
CA ALA C 214 -12.91 12.21 27.11
C ALA C 214 -11.87 12.68 28.13
N SER C 215 -12.34 13.32 29.19
CA SER C 215 -11.44 13.85 30.22
C SER C 215 -10.83 12.73 31.04
N LEU C 216 -9.52 12.82 31.27
CA LEU C 216 -8.83 11.88 32.14
C LEU C 216 -9.18 12.16 33.61
N ASP C 217 -9.63 13.39 33.87
CA ASP C 217 -10.16 13.75 35.18
C ASP C 217 -11.48 14.51 35.01
N ALA C 218 -12.57 13.78 34.81
CA ALA C 218 -13.85 14.39 34.52
C ALA C 218 -14.36 15.30 35.65
N ALA C 219 -14.02 14.97 36.88
CA ALA C 219 -14.46 15.78 38.02
C ALA C 219 -13.91 17.18 37.90
N LYS C 220 -12.64 17.28 37.51
CA LYS C 220 -11.94 18.56 37.35
C LYS C 220 -12.47 19.32 36.15
N SER C 221 -12.46 18.68 34.98
CA SER C 221 -12.95 19.30 33.75
C SER C 221 -14.35 19.89 33.91
N THR C 222 -15.17 19.28 34.77
CA THR C 222 -16.53 19.77 34.99
C THR C 222 -16.55 20.97 35.93
N LYS C 223 -15.72 20.90 36.98
CA LYS C 223 -15.58 21.98 37.96
C LYS C 223 -15.20 23.28 37.25
N ILE C 224 -14.36 23.14 36.22
CA ILE C 224 -13.91 24.24 35.37
C ILE C 224 -15.03 24.84 34.52
N LEU C 225 -15.76 24.00 33.80
CA LEU C 225 -16.84 24.46 32.94
C LEU C 225 -17.97 25.06 33.75
N ARG C 226 -18.12 24.64 35.00
CA ARG C 226 -19.06 25.28 35.90
C ARG C 226 -18.59 26.68 36.26
N GLY C 227 -17.33 26.80 36.65
CA GLY C 227 -16.74 28.09 36.96
C GLY C 227 -16.98 29.12 35.87
N LEU C 228 -16.88 28.68 34.62
CA LEU C 228 -17.10 29.53 33.44
C LEU C 228 -18.57 29.85 33.19
N ILE C 229 -19.44 28.86 33.38
CA ILE C 229 -20.84 29.04 33.06
C ILE C 229 -21.58 30.00 34.03
N ASP C 230 -21.25 29.95 35.31
CA ASP C 230 -21.97 30.78 36.29
C ASP C 230 -21.17 31.98 36.77
N LYS C 231 -20.08 32.27 36.06
CA LYS C 231 -19.41 33.56 36.15
C LYS C 231 -20.26 34.55 35.35
N THR C 232 -19.96 35.84 35.42
CA THR C 232 -20.72 36.80 34.62
C THR C 232 -19.87 37.88 33.96
N ASP C 233 -18.55 37.76 34.12
CA ASP C 233 -17.60 38.71 33.53
C ASP C 233 -16.68 38.03 32.53
N TYR C 234 -16.76 38.44 31.27
CA TYR C 234 -15.75 38.01 30.31
C TYR C 234 -14.70 39.11 30.12
N LYS C 235 -13.70 39.13 30.99
CA LYS C 235 -12.60 40.07 30.85
C LYS C 235 -11.69 39.62 29.71
N PHE C 236 -12.12 39.88 28.47
CA PHE C 236 -11.44 39.33 27.28
C PHE C 236 -10.22 40.13 26.87
N VAL C 237 -10.14 41.35 27.39
CA VAL C 237 -8.97 42.18 27.17
C VAL C 237 -8.59 42.89 28.47
N ASN C 238 -7.30 42.97 28.74
CA ASN C 238 -6.80 43.57 29.98
C ASN C 238 -6.86 45.10 29.94
N ILE C 239 -8.07 45.61 29.77
CA ILE C 239 -8.35 47.03 29.72
C ILE C 239 -9.72 47.20 30.33
N GLY C 240 -9.97 48.34 30.96
CA GLY C 240 -11.31 48.61 31.45
C GLY C 240 -12.35 48.53 30.35
N LEU C 241 -13.51 47.96 30.68
CA LEU C 241 -14.61 47.89 29.73
C LEU C 241 -15.83 48.65 30.21
N SER C 242 -15.66 49.43 31.28
CA SER C 242 -16.72 50.23 31.87
C SER C 242 -17.43 51.04 30.79
N THR C 243 -18.76 51.16 30.92
CA THR C 243 -19.53 51.93 29.95
C THR C 243 -19.39 53.40 30.24
N LYS C 244 -18.90 54.13 29.25
CA LYS C 244 -18.72 55.57 29.36
C LYS C 244 -19.72 56.30 28.47
N ASN C 245 -20.52 57.17 29.09
CA ASN C 245 -21.53 57.95 28.37
C ASN C 245 -21.09 59.41 28.24
N SER C 246 -20.24 59.82 29.17
CA SER C 246 -19.62 61.14 29.11
C SER C 246 -18.66 61.15 27.94
N LEU C 247 -18.88 62.06 26.99
CA LEU C 247 -17.98 62.23 25.86
C LEU C 247 -16.52 62.21 26.32
N THR C 248 -15.66 61.64 25.49
CA THR C 248 -14.26 61.52 25.83
C THR C 248 -13.67 62.91 25.98
N THR C 249 -13.21 63.24 27.18
CA THR C 249 -12.71 64.59 27.46
C THR C 249 -11.31 64.78 26.90
N THR C 250 -10.95 66.04 26.68
CA THR C 250 -9.61 66.39 26.26
C THR C 250 -8.56 65.79 27.20
N ASP C 251 -8.80 65.89 28.49
CA ASP C 251 -7.86 65.39 29.47
C ASP C 251 -7.69 63.87 29.39
N GLU C 252 -8.78 63.19 29.04
CA GLU C 252 -8.75 61.74 28.85
C GLU C 252 -7.92 61.35 27.61
N ILE C 253 -8.27 61.94 26.47
CA ILE C 253 -7.50 61.77 25.23
C ILE C 253 -6.02 62.02 25.46
N GLN C 254 -5.73 63.07 26.23
CA GLN C 254 -4.37 63.44 26.55
C GLN C 254 -3.69 62.31 27.31
N SER C 255 -4.42 61.67 28.21
CA SER C 255 -3.84 60.62 29.03
C SER C 255 -3.63 59.36 28.20
N ILE C 256 -4.53 59.13 27.25
CA ILE C 256 -4.42 57.99 26.37
C ILE C 256 -3.08 58.08 25.64
N ILE C 257 -2.86 59.21 24.95
CA ILE C 257 -1.67 59.37 24.13
C ILE C 257 -0.40 59.27 24.95
N SER C 258 -0.42 59.84 26.16
CA SER C 258 0.72 59.77 27.05
C SER C 258 1.08 58.32 27.34
N ASN C 259 0.05 57.53 27.61
CA ASN C 259 0.22 56.10 27.93
C ASN C 259 0.80 55.29 26.80
N THR C 260 0.25 55.44 25.60
CA THR C 260 0.80 54.72 24.44
C THR C 260 2.21 55.19 24.08
N LEU C 261 2.54 56.45 24.34
CA LEU C 261 3.91 56.92 24.11
C LEU C 261 4.87 56.34 25.14
N LYS C 262 4.43 56.35 26.39
CA LYS C 262 5.22 55.83 27.51
C LYS C 262 5.35 54.31 27.49
N ALA C 263 4.36 53.63 26.93
CA ALA C 263 4.32 52.16 26.97
C ALA C 263 4.92 51.49 25.74
N ARG C 264 5.18 52.25 24.68
CA ARG C 264 5.75 51.74 23.44
C ARG C 264 5.15 50.38 23.07
N PRO C 265 3.84 50.35 22.75
CA PRO C 265 3.14 49.12 22.43
C PRO C 265 3.71 48.44 21.18
N LEU C 266 3.75 47.12 21.20
CA LEU C 266 4.12 46.35 20.02
C LEU C 266 2.85 45.95 19.26
N VAL C 267 2.71 46.45 18.05
CA VAL C 267 1.51 46.20 17.27
C VAL C 267 1.83 45.27 16.12
N GLN C 268 1.42 44.02 16.26
CA GLN C 268 1.62 43.03 15.22
C GLN C 268 0.64 43.28 14.08
N HIS C 269 1.16 43.50 12.89
CA HIS C 269 0.33 43.76 11.71
C HIS C 269 0.21 42.53 10.82
N ILE C 270 -1.00 42.02 10.68
CA ILE C 270 -1.28 41.00 9.68
C ILE C 270 -2.15 41.67 8.60
N THR C 271 -1.52 42.14 7.55
CA THR C 271 -2.21 42.95 6.56
C THR C 271 -1.59 42.77 5.15
N ASN C 272 -2.15 43.44 4.14
CA ASN C 272 -1.81 43.20 2.73
C ASN C 272 -0.39 43.59 2.33
N VAL C 274 0.24 46.36 0.64
CA VAL C 274 0.06 47.81 0.51
C VAL C 274 0.11 48.57 1.83
N HIS C 275 -0.63 48.08 2.83
CA HIS C 275 -0.67 48.72 4.14
C HIS C 275 0.52 48.30 4.99
N GLN C 276 1.29 47.34 4.48
CA GLN C 276 2.52 46.94 5.14
C GLN C 276 3.33 48.18 5.48
N ASN C 277 3.95 48.78 4.48
CA ASN C 277 4.81 49.94 4.70
C ASN C 277 4.06 51.09 5.36
N PHE C 278 2.92 51.48 4.78
CA PHE C 278 2.18 52.60 5.33
C PHE C 278 1.81 52.43 6.80
N GLY C 279 1.20 51.29 7.14
CA GLY C 279 0.77 51.01 8.50
C GLY C 279 1.90 51.01 9.51
N ALA C 280 3.08 50.55 9.11
CA ALA C 280 4.19 50.47 10.03
C ALA C 280 4.68 51.86 10.35
N ASN C 281 4.48 52.79 9.41
CA ASN C 281 4.89 54.17 9.58
C ASN C 281 3.95 54.92 10.53
N VAL C 282 2.65 54.67 10.38
CA VAL C 282 1.65 55.24 11.26
C VAL C 282 1.91 54.76 12.67
N THR C 283 2.22 53.49 12.80
CA THR C 283 2.50 52.90 14.10
C THR C 283 3.75 53.50 14.66
N LEU C 284 4.79 53.54 13.83
CA LEU C 284 6.08 54.01 14.26
C LEU C 284 6.01 55.50 14.66
N ALA C 285 5.14 56.23 13.98
CA ALA C 285 4.94 57.63 14.28
C ALA C 285 4.25 57.82 15.63
N LEU C 286 3.41 56.87 16.02
CA LEU C 286 2.74 56.96 17.32
C LEU C 286 3.62 56.44 18.46
N GLY C 287 4.92 56.36 18.20
CA GLY C 287 5.87 55.92 19.19
C GLY C 287 5.70 54.49 19.68
N SER C 288 5.31 53.60 18.77
CA SER C 288 5.17 52.18 19.10
C SER C 288 5.71 51.31 17.97
N SER C 289 6.36 50.21 18.33
CA SER C 289 7.05 49.35 17.35
C SER C 289 6.12 48.38 16.65
N PRO C 290 6.14 48.36 15.32
CA PRO C 290 5.30 47.46 14.55
C PRO C 290 6.04 46.20 14.13
N ILE C 291 5.36 45.06 14.14
CA ILE C 291 5.90 43.81 13.64
C ILE C 291 4.95 43.24 12.60
N MET C 292 5.49 42.76 11.48
CA MET C 292 4.66 42.27 10.38
C MET C 292 4.72 40.76 10.24
N SER C 293 4.90 40.08 11.37
CA SER C 293 5.03 38.62 11.40
C SER C 293 3.73 37.87 11.08
N GLU C 294 3.76 37.08 10.01
CA GLU C 294 2.67 36.17 9.67
C GLU C 294 3.13 34.75 9.92
N ILE C 295 4.02 34.61 10.89
CA ILE C 295 4.65 33.34 11.27
C ILE C 295 3.94 32.70 12.48
N GLN C 296 3.44 31.48 12.30
CA GLN C 296 2.59 30.82 13.31
C GLN C 296 3.24 30.53 14.65
N SER C 297 4.48 30.03 14.61
CA SER C 297 5.24 29.69 15.82
C SER C 297 5.57 30.91 16.71
N GLU C 298 5.84 32.04 16.08
CA GLU C 298 6.16 33.27 16.79
C GLU C 298 4.96 33.79 17.56
N VAL C 299 3.78 33.50 17.03
CA VAL C 299 2.55 34.15 17.47
C VAL C 299 2.33 34.17 18.98
N ASN C 300 2.73 33.10 19.67
CA ASN C 300 2.57 33.12 21.12
C ASN C 300 3.63 33.95 21.85
N ASP C 301 4.88 33.83 21.42
CA ASP C 301 5.97 34.60 22.01
C ASP C 301 5.73 36.08 21.78
N LEU C 302 5.18 36.40 20.62
CA LEU C 302 4.93 37.78 20.21
C LEU C 302 3.91 38.46 21.11
N ALA C 303 2.79 37.78 21.35
CA ALA C 303 1.71 38.29 22.20
C ALA C 303 2.05 38.31 23.69
N ALA C 304 3.20 37.77 24.05
CA ALA C 304 3.62 37.73 25.45
C ALA C 304 4.28 39.03 25.86
N ILE C 305 4.92 39.69 24.89
CA ILE C 305 5.57 40.99 25.07
C ILE C 305 4.60 42.05 25.63
N PRO C 306 5.06 42.85 26.59
CA PRO C 306 4.15 43.78 27.27
C PRO C 306 3.46 44.76 26.32
N HIS C 307 2.25 45.16 26.69
CA HIS C 307 1.42 46.07 25.90
C HIS C 307 1.45 45.70 24.41
N ALA C 308 1.33 44.40 24.12
CA ALA C 308 1.24 43.93 22.73
C ALA C 308 -0.18 44.05 22.18
N THR C 309 -0.32 44.01 20.86
CA THR C 309 -1.58 44.32 20.20
C THR C 309 -1.66 43.75 18.80
N LEU C 310 -2.79 43.15 18.45
CA LEU C 310 -2.91 42.54 17.13
C LEU C 310 -3.79 43.38 16.25
N LEU C 311 -3.26 43.80 15.11
CA LEU C 311 -4.07 44.47 14.09
C LEU C 311 -4.25 43.50 12.93
N LEU C 312 -5.49 43.33 12.48
CA LEU C 312 -5.81 42.24 11.58
C LEU C 312 -6.57 42.68 10.36
N ASN C 313 -5.96 42.50 9.19
CA ASN C 313 -6.62 42.77 7.92
C ASN C 313 -7.05 41.49 7.25
N THR C 314 -8.17 41.56 6.56
CA THR C 314 -8.57 40.51 5.65
C THR C 314 -7.97 40.89 4.31
N GLY C 315 -7.87 39.93 3.40
CA GLY C 315 -7.16 40.15 2.17
C GLY C 315 -5.67 40.05 2.44
N SER C 316 -5.34 39.60 3.66
CA SER C 316 -3.97 39.25 3.99
C SER C 316 -3.61 37.95 3.29
N VAL C 317 -2.31 37.69 3.19
CA VAL C 317 -1.82 36.52 2.47
C VAL C 317 -1.67 35.30 3.39
N ALA C 318 -1.79 35.52 4.70
CA ALA C 318 -1.63 34.45 5.69
C ALA C 318 -2.83 33.49 5.73
N PRO C 319 -2.55 32.22 6.04
CA PRO C 319 -3.51 31.11 6.01
C PRO C 319 -4.47 31.16 7.20
N PRO C 320 -5.78 30.91 6.97
CA PRO C 320 -6.75 30.83 8.06
C PRO C 320 -6.19 30.12 9.30
N GLU C 321 -5.48 29.02 9.11
CA GLU C 321 -4.99 28.28 10.26
C GLU C 321 -4.14 29.16 11.18
N MET C 322 -3.45 30.13 10.59
CA MET C 322 -2.53 30.98 11.35
C MET C 322 -3.25 32.20 11.93
N LEU C 323 -4.18 32.75 11.18
CA LEU C 323 -5.03 33.79 11.71
C LEU C 323 -5.72 33.27 12.97
N LYS C 324 -6.34 32.09 12.87
CA LYS C 324 -6.90 31.45 14.05
C LYS C 324 -5.81 31.35 15.12
N ALA C 325 -4.66 30.82 14.75
CA ALA C 325 -3.54 30.67 15.68
C ALA C 325 -3.25 31.95 16.46
N ALA C 326 -3.34 33.08 15.77
CA ALA C 326 -2.99 34.38 16.36
C ALA C 326 -4.14 34.99 17.17
N ILE C 327 -5.29 35.12 16.53
CA ILE C 327 -6.48 35.59 17.22
C ILE C 327 -6.62 34.91 18.58
N ARG C 328 -6.37 33.61 18.61
CA ARG C 328 -6.39 32.86 19.86
C ARG C 328 -5.23 33.27 20.76
N ALA C 329 -4.02 33.26 20.22
CA ALA C 329 -2.84 33.59 21.01
C ALA C 329 -2.99 34.87 21.83
N TYR C 330 -3.66 35.86 21.26
CA TYR C 330 -3.87 37.16 21.90
C TYR C 330 -5.00 37.14 22.92
N ASN C 331 -6.08 36.43 22.62
CA ASN C 331 -7.17 36.30 23.59
C ASN C 331 -6.74 35.55 24.85
N ASP C 332 -5.81 34.60 24.67
CA ASP C 332 -5.30 33.78 25.77
C ASP C 332 -4.60 34.65 26.78
N VAL C 333 -3.78 35.56 26.27
CA VAL C 333 -3.03 36.49 27.10
C VAL C 333 -3.82 37.78 27.45
N LYS C 334 -5.07 37.85 26.98
CA LYS C 334 -5.96 39.00 27.24
C LYS C 334 -5.46 40.33 26.69
N ARG C 335 -4.81 40.29 25.54
CA ARG C 335 -4.38 41.49 24.82
C ARG C 335 -5.38 41.80 23.70
N PRO C 336 -5.40 43.06 23.24
CA PRO C 336 -6.41 43.58 22.31
C PRO C 336 -6.20 43.24 20.84
N ILE C 337 -7.26 42.79 20.18
CA ILE C 337 -7.23 42.62 18.73
C ILE C 337 -8.10 43.65 18.03
N VAL C 338 -7.53 44.29 17.01
CA VAL C 338 -8.30 45.21 16.18
C VAL C 338 -8.53 44.56 14.83
N PHE C 339 -9.79 44.47 14.44
CA PHE C 339 -10.16 43.76 13.24
C PHE C 339 -10.60 44.74 12.18
N ASP C 340 -9.96 44.67 11.02
CA ASP C 340 -10.27 45.54 9.90
C ASP C 340 -10.63 44.71 8.67
N PRO C 341 -11.93 44.41 8.49
CA PRO C 341 -12.38 43.53 7.40
C PRO C 341 -12.46 44.33 6.10
N VAL C 342 -11.47 44.21 5.23
CA VAL C 342 -11.46 44.95 3.97
C VAL C 342 -11.97 44.08 2.83
N GLY C 343 -13.11 44.47 2.25
CA GLY C 343 -13.69 43.73 1.15
C GLY C 343 -15.08 43.20 1.48
N TYR C 344 -15.24 42.72 2.71
CA TYR C 344 -16.52 42.18 3.17
C TYR C 344 -17.65 42.62 2.24
N SER C 345 -17.81 41.91 1.13
CA SER C 345 -18.85 42.22 0.16
C SER C 345 -18.37 42.02 -1.27
N THR C 347 -15.83 40.21 -2.79
CA THR C 347 -15.83 38.82 -3.21
C THR C 347 -16.33 37.74 -2.24
N GLU C 348 -17.08 36.79 -2.77
CA GLU C 348 -17.43 35.58 -2.04
C GLU C 348 -16.28 35.06 -1.18
N THR C 349 -15.07 35.02 -1.73
CA THR C 349 -13.94 34.45 -0.98
C THR C 349 -13.64 35.21 0.30
N ARG C 350 -13.75 36.53 0.25
CA ARG C 350 -13.46 37.36 1.41
C ARG C 350 -14.57 37.31 2.44
N LEU C 351 -15.80 37.42 1.97
CA LEU C 351 -16.96 37.25 2.83
C LEU C 351 -16.77 35.99 3.67
N LEU C 352 -16.41 34.91 2.99
CA LEU C 352 -16.20 33.63 3.63
C LEU C 352 -15.12 33.73 4.71
N LEU C 353 -13.97 34.28 4.34
CA LEU C 353 -12.83 34.35 5.24
C LEU C 353 -13.14 35.18 6.50
N ASN C 354 -13.84 36.31 6.31
CA ASN C 354 -14.18 37.17 7.44
C ASN C 354 -15.07 36.48 8.43
N ASN C 355 -16.16 35.91 7.95
CA ASN C 355 -17.10 35.21 8.81
C ASN C 355 -16.37 34.13 9.59
N LYS C 356 -15.37 33.54 8.94
CA LYS C 356 -14.59 32.49 9.55
C LYS C 356 -13.73 33.06 10.68
N LEU C 357 -13.14 34.21 10.43
CA LEU C 357 -12.31 34.88 11.42
C LEU C 357 -13.10 35.35 12.64
N LEU C 358 -14.30 35.85 12.41
CA LEU C 358 -15.12 36.42 13.48
C LEU C 358 -15.56 35.39 14.49
N THR C 359 -15.24 34.12 14.22
CA THR C 359 -15.60 33.06 15.14
C THR C 359 -14.36 32.42 15.74
N PHE C 360 -13.20 32.99 15.45
CA PHE C 360 -11.95 32.49 16.00
C PHE C 360 -11.64 33.05 17.39
N GLY C 361 -12.22 34.20 17.71
CA GLY C 361 -11.94 34.86 18.98
C GLY C 361 -12.72 36.15 19.19
N GLN C 362 -12.35 36.89 20.25
CA GLN C 362 -13.03 38.12 20.66
C GLN C 362 -12.24 39.34 20.28
N PHE C 363 -12.83 40.22 19.47
CA PHE C 363 -12.13 41.43 19.02
C PHE C 363 -12.43 42.64 19.88
N SER C 364 -11.38 43.38 20.22
CA SER C 364 -11.55 44.61 21.00
C SER C 364 -12.13 45.73 20.13
N CYS C 365 -11.87 45.68 18.83
CA CYS C 365 -12.41 46.68 17.93
C CYS C 365 -12.53 46.24 16.49
N ILE C 366 -13.72 46.41 15.91
CA ILE C 366 -13.93 46.14 14.50
C ILE C 366 -14.11 47.46 13.79
N LYS C 367 -13.35 47.68 12.72
CA LYS C 367 -13.30 48.96 12.00
C LYS C 367 -13.63 48.80 10.53
N GLY C 368 -14.55 49.61 10.02
CA GLY C 368 -14.90 49.52 8.61
C GLY C 368 -15.50 50.82 8.12
N ASN C 369 -15.86 50.86 6.85
CA ASN C 369 -16.55 52.00 6.29
C ASN C 369 -17.92 51.59 5.74
N SER C 370 -18.80 52.58 5.54
CA SER C 370 -20.15 52.36 5.03
C SER C 370 -20.48 50.93 4.55
N SER C 371 -19.81 50.48 3.47
CA SER C 371 -20.09 49.16 2.90
C SER C 371 -19.82 48.02 3.88
N GLU C 372 -18.59 47.98 4.37
CA GLU C 372 -18.16 46.95 5.30
C GLU C 372 -18.99 46.91 6.60
N ILE C 373 -19.40 48.06 7.10
CA ILE C 373 -20.20 48.11 8.32
C ILE C 373 -21.65 47.70 8.09
N LEU C 374 -22.24 48.12 6.97
CA LEU C 374 -23.59 47.68 6.66
C LEU C 374 -23.61 46.17 6.41
N GLY C 375 -22.60 45.69 5.69
CA GLY C 375 -22.46 44.26 5.44
C GLY C 375 -22.36 43.44 6.70
N LEU C 376 -21.52 43.90 7.63
CA LEU C 376 -21.34 43.23 8.91
C LEU C 376 -22.59 43.24 9.79
N ALA C 377 -23.39 44.30 9.68
CA ALA C 377 -24.62 44.42 10.43
C ALA C 377 -25.75 43.60 9.81
N GLU C 378 -25.53 43.19 8.55
CA GLU C 378 -26.51 42.40 7.81
C GLU C 378 -27.71 43.28 7.47
N LEU C 379 -27.43 44.33 6.69
CA LEU C 379 -28.42 45.29 6.19
C LEU C 379 -29.81 44.66 6.01
N SER C 394 -27.33 56.61 3.46
CA SER C 394 -27.92 57.47 4.50
C SER C 394 -26.89 57.83 5.59
N ASN C 395 -27.36 58.40 6.71
CA ASN C 395 -26.46 58.75 7.80
C ASN C 395 -26.95 58.26 9.18
N GLU C 396 -28.27 58.23 9.36
CA GLU C 396 -28.83 57.66 10.58
C GLU C 396 -28.68 56.16 10.47
N LEU C 397 -28.69 55.68 9.23
CA LEU C 397 -28.57 54.26 8.96
C LEU C 397 -27.19 53.75 9.36
N LEU C 398 -26.16 54.53 9.00
CA LEU C 398 -24.80 54.18 9.38
C LEU C 398 -24.69 54.10 10.88
N ILE C 399 -25.38 55.00 11.57
CA ILE C 399 -25.36 54.97 13.03
C ILE C 399 -26.00 53.71 13.58
N GLN C 400 -27.15 53.35 13.01
CA GLN C 400 -27.85 52.13 13.42
C GLN C 400 -26.95 50.92 13.17
N ALA C 401 -26.33 50.87 11.99
CA ALA C 401 -25.49 49.74 11.59
C ALA C 401 -24.27 49.63 12.49
N THR C 402 -23.61 50.73 12.78
CA THR C 402 -22.47 50.72 13.70
C THR C 402 -22.81 50.20 15.09
N LYS C 403 -23.99 50.52 15.61
CA LYS C 403 -24.41 49.96 16.90
C LYS C 403 -24.66 48.45 16.75
N ILE C 404 -25.31 48.07 15.67
CA ILE C 404 -25.64 46.66 15.42
C ILE C 404 -24.38 45.81 15.45
N VAL C 405 -23.37 46.25 14.70
CA VAL C 405 -22.10 45.55 14.66
C VAL C 405 -21.43 45.51 16.03
N ALA C 406 -21.40 46.65 16.70
CA ALA C 406 -20.74 46.73 17.99
C ALA C 406 -21.35 45.72 18.93
N PHE C 407 -22.68 45.69 18.96
CA PHE C 407 -23.38 44.79 19.85
C PHE C 407 -23.15 43.35 19.43
N LYS C 408 -23.37 43.09 18.15
CA LYS C 408 -23.30 41.73 17.62
C LYS C 408 -22.04 41.01 18.03
N TYR C 409 -20.89 41.64 17.76
CA TYR C 409 -19.59 41.02 18.00
C TYR C 409 -18.98 41.50 19.32
N LYS C 410 -19.86 42.03 20.17
CA LYS C 410 -19.49 42.51 21.50
C LYS C 410 -18.15 43.22 21.48
N THR C 411 -18.13 44.40 20.88
CA THR C 411 -16.88 45.07 20.57
C THR C 411 -17.10 46.55 20.32
N VAL C 412 -16.04 47.35 20.42
CA VAL C 412 -16.10 48.72 19.94
C VAL C 412 -16.02 48.68 18.41
N ALA C 413 -17.06 49.18 17.74
CA ALA C 413 -17.11 49.19 16.28
C ALA C 413 -16.97 50.59 15.76
N VAL C 414 -16.08 50.77 14.79
CA VAL C 414 -15.84 52.07 14.19
C VAL C 414 -16.29 52.05 12.74
N CYS C 415 -17.08 53.04 12.36
CA CYS C 415 -17.48 53.19 10.96
C CYS C 415 -17.00 54.52 10.38
N THR C 416 -16.02 54.44 9.48
CA THR C 416 -15.43 55.64 8.89
C THR C 416 -16.20 56.21 7.70
N GLY C 417 -16.13 57.53 7.56
CA GLY C 417 -16.80 58.25 6.50
C GLY C 417 -16.50 59.72 6.66
N GLU C 418 -17.42 60.56 6.20
CA GLU C 418 -17.31 61.99 6.49
C GLU C 418 -17.40 62.14 8.01
N PHE C 419 -18.42 61.54 8.59
CA PHE C 419 -18.49 61.36 10.03
C PHE C 419 -17.99 59.96 10.36
N ASP C 420 -17.21 59.83 11.44
CA ASP C 420 -16.86 58.52 11.98
C ASP C 420 -17.77 58.22 13.17
N PHE C 421 -18.36 57.04 13.21
CA PHE C 421 -19.19 56.70 14.34
C PHE C 421 -18.50 55.61 15.13
N ILE C 422 -18.50 55.76 16.45
CA ILE C 422 -17.92 54.76 17.34
C ILE C 422 -18.99 54.25 18.29
N ALA C 423 -19.21 52.93 18.32
CA ALA C 423 -20.21 52.36 19.22
C ALA C 423 -19.55 51.37 20.15
N ASP C 424 -19.94 51.39 21.43
CA ASP C 424 -19.41 50.45 22.42
C ASP C 424 -20.46 49.36 22.68
N GLY C 425 -20.17 48.16 22.20
CA GLY C 425 -21.07 47.03 22.40
C GLY C 425 -20.54 46.00 23.37
N THR C 426 -19.50 46.35 24.12
CA THR C 426 -18.92 45.41 25.07
C THR C 426 -19.78 45.18 26.31
N ILE C 427 -20.63 46.12 26.64
CA ILE C 427 -21.49 45.97 27.80
C ILE C 427 -20.71 45.50 29.02
N GLU C 428 -19.53 46.09 29.24
CA GLU C 428 -18.73 45.82 30.43
C GLU C 428 -18.28 44.34 30.55
N GLY C 429 -18.36 43.62 29.44
CA GLY C 429 -18.00 42.21 29.42
C GLY C 429 -18.98 41.28 30.12
N LYS C 430 -20.22 41.75 30.28
CA LYS C 430 -21.25 41.00 30.98
C LYS C 430 -21.89 39.93 30.10
N TYR C 431 -21.96 38.71 30.63
CA TYR C 431 -22.81 37.68 30.02
C TYR C 431 -23.61 36.98 31.12
N SER C 432 -24.73 36.38 30.71
CA SER C 432 -25.47 35.52 31.62
C SER C 432 -26.31 34.53 30.84
N LEU C 433 -26.74 33.47 31.53
CA LEU C 433 -27.54 32.45 30.90
C LEU C 433 -28.99 32.89 30.82
N SER C 434 -29.55 32.66 29.64
CA SER C 434 -30.98 32.83 29.32
C SER C 434 -31.62 34.20 29.53
N LYS C 435 -30.85 35.19 29.95
CA LYS C 435 -31.46 36.44 30.40
C LYS C 435 -31.63 37.36 29.20
N GLY C 436 -30.56 37.96 28.64
CA GLY C 436 -29.19 37.55 28.82
C GLY C 436 -28.36 38.78 29.07
N THR C 437 -28.67 39.84 28.34
CA THR C 437 -28.27 41.20 28.68
C THR C 437 -29.45 41.84 29.46
N ASN C 438 -29.35 42.04 30.76
CA ASN C 438 -30.53 42.45 31.52
C ASN C 438 -31.61 43.05 30.61
N GLY C 439 -31.32 44.19 29.99
CA GLY C 439 -32.15 44.77 28.95
C GLY C 439 -31.43 45.77 28.03
N THR C 440 -30.13 45.57 27.85
CA THR C 440 -29.30 46.45 27.04
C THR C 440 -29.28 45.99 25.59
N SER C 441 -30.14 46.54 24.76
CA SER C 441 -30.22 46.11 23.36
C SER C 441 -29.31 46.86 22.38
N VAL C 442 -29.34 46.44 21.13
CA VAL C 442 -28.62 47.11 20.05
C VAL C 442 -28.91 48.60 20.05
N GLU C 443 -30.15 48.95 20.39
CA GLU C 443 -30.61 50.34 20.28
C GLU C 443 -29.91 51.31 21.21
N ASP C 444 -29.60 50.88 22.42
CA ASP C 444 -29.24 51.82 23.49
C ASP C 444 -27.83 51.69 24.05
N ILE C 445 -26.88 51.27 23.22
CA ILE C 445 -25.47 51.28 23.63
C ILE C 445 -24.84 52.63 23.24
N PRO C 446 -23.81 53.07 24.00
CA PRO C 446 -23.13 54.31 23.67
C PRO C 446 -22.65 54.34 22.23
N CYS C 447 -23.06 55.37 21.49
CA CYS C 447 -22.53 55.62 20.16
C CYS C 447 -22.28 57.11 19.96
N VAL C 448 -21.02 57.47 19.67
CA VAL C 448 -20.62 58.85 19.50
C VAL C 448 -20.20 59.11 18.05
N ALA C 449 -20.12 60.38 17.68
CA ALA C 449 -19.71 60.76 16.33
C ALA C 449 -18.49 61.67 16.36
N VAL C 450 -17.72 61.64 15.27
CA VAL C 450 -16.54 62.49 15.14
C VAL C 450 -16.50 63.08 13.73
N GLU C 451 -16.70 64.40 13.63
CA GLU C 451 -16.68 65.07 12.32
C GLU C 451 -15.69 66.24 12.19
N GLY C 465 -7.00 54.96 5.61
CA GLY C 465 -8.20 54.52 6.28
C GLY C 465 -7.85 53.27 7.06
N CYS C 466 -6.96 52.47 6.48
CA CYS C 466 -6.38 51.31 7.18
C CYS C 466 -5.18 51.81 7.98
N SER C 467 -4.98 53.12 7.92
CA SER C 467 -4.09 53.83 8.82
C SER C 467 -4.83 54.06 10.13
N LEU C 468 -6.13 54.23 10.02
CA LEU C 468 -6.98 54.37 11.20
C LEU C 468 -6.91 53.12 12.07
N GLY C 469 -6.87 51.95 11.42
CA GLY C 469 -6.68 50.71 12.12
C GLY C 469 -5.42 50.74 12.98
N SER C 470 -4.29 51.07 12.36
CA SER C 470 -3.01 51.09 13.05
C SER C 470 -3.04 52.10 14.19
N THR C 471 -3.75 53.20 13.99
CA THR C 471 -3.85 54.23 15.02
C THR C 471 -4.61 53.69 16.22
N ILE C 472 -5.88 53.36 16.01
CA ILE C 472 -6.68 52.72 17.02
C ILE C 472 -5.89 51.63 17.73
N ALA C 473 -5.15 50.84 16.97
CA ALA C 473 -4.36 49.75 17.56
C ALA C 473 -3.37 50.27 18.58
N CYS C 474 -2.72 51.40 18.29
CA CYS C 474 -1.69 51.94 19.17
C CYS C 474 -2.29 52.59 20.41
N MET C 475 -3.48 53.15 20.26
CA MET C 475 -4.14 53.82 21.37
C MET C 475 -4.60 52.80 22.40
N ILE C 476 -5.26 51.74 21.93
CA ILE C 476 -5.70 50.66 22.78
C ILE C 476 -4.51 49.94 23.38
N GLY C 477 -3.43 49.87 22.61
CA GLY C 477 -2.24 49.14 23.02
C GLY C 477 -1.62 49.70 24.28
N GLY C 478 -1.62 51.03 24.37
CA GLY C 478 -1.00 51.75 25.48
C GLY C 478 -1.78 51.76 26.78
N GLN C 479 -3.09 51.50 26.67
CA GLN C 479 -3.95 51.45 27.85
C GLN C 479 -3.48 50.43 28.84
N PRO C 480 -3.46 50.81 30.13
CA PRO C 480 -3.04 49.97 31.24
C PRO C 480 -4.25 49.30 31.85
N SER C 481 -4.02 48.38 32.78
CA SER C 481 -5.07 47.70 33.52
C SER C 481 -6.29 48.60 33.80
N GLU C 482 -6.02 49.78 34.32
CA GLU C 482 -7.05 50.72 34.78
C GLU C 482 -7.68 51.54 33.65
N GLY C 483 -7.20 51.33 32.42
CA GLY C 483 -7.63 52.14 31.29
C GLY C 483 -9.09 52.01 30.95
N ASN C 484 -9.43 52.43 29.74
CA ASN C 484 -10.77 52.22 29.20
C ASN C 484 -10.72 52.05 27.69
N LEU C 485 -11.27 50.93 27.24
CA LEU C 485 -11.17 50.56 25.83
C LEU C 485 -11.90 51.53 24.93
N PHE C 486 -13.11 51.89 25.33
CA PHE C 486 -13.91 52.78 24.51
C PHE C 486 -13.27 54.16 24.26
N HIS C 487 -12.83 54.84 25.32
CA HIS C 487 -12.16 56.11 25.17
C HIS C 487 -10.95 55.97 24.25
N ALA C 488 -10.17 54.92 24.45
CA ALA C 488 -8.99 54.71 23.63
C ALA C 488 -9.36 54.73 22.15
N VAL C 489 -10.39 53.97 21.78
CA VAL C 489 -10.80 53.93 20.38
C VAL C 489 -11.21 55.31 19.89
N VAL C 490 -12.04 56.01 20.66
CA VAL C 490 -12.43 57.35 20.25
C VAL C 490 -11.22 58.25 20.09
N ALA C 491 -10.31 58.24 21.07
CA ALA C 491 -9.05 59.00 20.95
C ALA C 491 -8.37 58.74 19.61
N GLY C 492 -8.19 57.47 19.25
CA GLY C 492 -7.63 57.14 17.97
C GLY C 492 -8.37 57.75 16.77
N VAL C 493 -9.69 57.68 16.78
CA VAL C 493 -10.46 58.22 15.64
C VAL C 493 -10.31 59.74 15.58
N MET C 494 -10.17 60.38 16.74
CA MET C 494 -9.95 61.82 16.81
C MET C 494 -8.56 62.12 16.26
N LEU C 495 -7.56 61.52 16.88
CA LEU C 495 -6.18 61.71 16.50
C LEU C 495 -6.04 61.55 14.99
N TYR C 496 -6.68 60.53 14.44
CA TYR C 496 -6.56 60.28 13.00
C TYR C 496 -7.29 61.35 12.21
N LYS C 497 -8.56 61.57 12.54
CA LYS C 497 -9.35 62.57 11.86
C LYS C 497 -8.65 63.93 11.95
N ALA C 498 -7.95 64.16 13.07
CA ALA C 498 -7.23 65.42 13.31
C ALA C 498 -6.01 65.59 12.40
N ALA C 499 -5.15 64.59 12.40
CA ALA C 499 -4.01 64.57 11.50
C ALA C 499 -4.46 64.58 10.03
N GLY C 500 -5.74 64.31 9.79
CA GLY C 500 -6.27 64.30 8.44
C GLY C 500 -6.50 65.72 7.97
N LYS C 501 -7.17 66.54 8.81
CA LYS C 501 -7.42 67.94 8.49
C LYS C 501 -6.08 68.60 8.21
N ILE C 502 -5.16 68.48 9.16
CA ILE C 502 -3.82 69.08 9.03
C ILE C 502 -3.10 68.69 7.74
N ALA C 503 -3.04 67.39 7.46
CA ALA C 503 -2.35 66.93 6.27
C ALA C 503 -3.00 67.50 5.00
N SER C 504 -4.33 67.42 4.91
CA SER C 504 -5.03 67.86 3.70
C SER C 504 -4.73 69.32 3.39
N GLU C 505 -4.42 70.08 4.43
CA GLU C 505 -4.03 71.48 4.26
C GLU C 505 -2.57 71.63 3.79
N LYS C 506 -1.64 70.97 4.48
CA LYS C 506 -0.21 71.12 4.21
C LYS C 506 0.33 70.35 3.00
N CYS C 507 -0.54 69.84 2.12
CA CYS C 507 -0.09 68.94 1.08
C CYS C 507 -0.40 69.40 -0.33
N ASN C 508 0.35 68.84 -1.28
CA ASN C 508 0.21 69.17 -2.70
C ASN C 508 -0.38 68.07 -3.57
N GLY C 509 -0.88 66.99 -2.96
CA GLY C 509 -1.49 65.89 -3.70
C GLY C 509 -1.59 64.60 -2.88
N SER C 510 -1.98 63.50 -3.52
CA SER C 510 -2.06 62.21 -2.86
C SER C 510 -0.77 61.89 -2.15
N GLY C 511 0.33 62.05 -2.88
CA GLY C 511 1.66 61.67 -2.43
C GLY C 511 2.03 62.30 -1.11
N SER C 512 2.09 63.62 -1.10
CA SER C 512 2.46 64.31 0.12
C SER C 512 1.37 64.15 1.19
N PHE C 513 0.11 64.05 0.80
CA PHE C 513 -0.93 63.98 1.81
C PHE C 513 -0.59 62.85 2.77
N GLN C 514 -0.03 61.79 2.22
CA GLN C 514 0.24 60.57 2.98
C GLN C 514 1.40 60.82 3.94
N VAL C 515 2.50 61.33 3.41
CA VAL C 515 3.66 61.62 4.26
C VAL C 515 3.37 62.71 5.28
N GLU C 516 2.48 63.65 4.94
CA GLU C 516 2.10 64.70 5.89
C GLU C 516 1.21 64.14 6.98
N LEU C 517 0.43 63.11 6.65
CA LEU C 517 -0.47 62.52 7.62
C LEU C 517 0.36 61.84 8.70
N ILE C 518 1.39 61.11 8.27
CA ILE C 518 2.29 60.47 9.20
C ILE C 518 2.98 61.53 10.06
N ASP C 519 3.41 62.60 9.42
CA ASP C 519 4.02 63.71 10.16
C ASP C 519 3.06 64.28 11.20
N ALA C 520 1.85 64.60 10.78
CA ALA C 520 0.89 65.24 11.66
C ALA C 520 0.58 64.33 12.85
N LEU C 521 0.58 63.01 12.63
CA LEU C 521 0.39 62.07 13.71
C LEU C 521 1.57 62.14 14.67
N TYR C 522 2.76 62.22 14.12
CA TYR C 522 3.95 62.38 14.94
C TYR C 522 3.91 63.65 15.77
N ARG C 523 3.63 64.78 15.11
CA ARG C 523 3.60 66.09 15.77
C ARG C 523 2.47 66.18 16.79
N LEU C 524 1.27 65.73 16.39
CA LEU C 524 0.07 65.80 17.22
C LEU C 524 0.25 65.13 18.58
N THR C 525 0.96 64.01 18.61
CA THR C 525 1.13 63.23 19.82
C THR C 525 2.34 63.63 20.65
N ARG C 526 3.32 64.25 20.02
CA ARG C 526 4.47 64.77 20.77
C ARG C 526 4.08 65.99 21.64
N GLU C 527 3.00 66.67 21.23
CA GLU C 527 2.38 67.69 22.06
C GLU C 527 0.91 67.32 22.30
N ASN C 528 0.61 66.75 23.47
CA ASN C 528 -0.79 66.48 23.77
C ASN C 528 -1.51 67.78 24.03
N THR C 529 -2.09 68.37 23.00
CA THR C 529 -2.85 69.59 23.20
C THR C 529 -4.22 69.42 22.59
N PRO C 530 -4.88 68.29 22.89
CA PRO C 530 -6.12 67.91 22.22
C PRO C 530 -7.14 69.06 22.18
N VAL C 531 -7.05 70.03 23.10
CA VAL C 531 -7.88 71.23 23.04
C VAL C 531 -7.70 71.94 21.68
N THR C 532 -6.48 71.86 21.15
CA THR C 532 -6.12 72.30 19.79
C THR C 532 -6.87 71.66 18.62
N TRP C 533 -7.10 70.36 18.67
CA TRP C 533 -7.48 69.58 17.47
C TRP C 533 -8.83 69.87 16.81
N ALA C 534 -8.79 69.92 15.48
CA ALA C 534 -9.92 70.25 14.59
C ALA C 534 -11.27 69.50 14.74
N PRO C 535 -11.24 68.18 15.06
CA PRO C 535 -12.46 67.35 15.03
C PRO C 535 -13.38 67.48 16.25
N LYS C 536 -14.66 67.63 15.96
CA LYS C 536 -15.70 67.87 16.94
C LYS C 536 -16.36 66.54 17.32
N LEU C 537 -16.36 66.24 18.61
CA LEU C 537 -16.88 64.98 19.12
C LEU C 537 -18.26 65.11 19.77
N THR C 538 -19.31 64.80 19.01
CA THR C 538 -20.70 64.94 19.49
C THR C 538 -21.27 63.60 20.00
N HIS C 539 -22.55 63.58 20.35
CA HIS C 539 -23.27 62.32 20.60
C HIS C 539 -24.03 61.93 19.34
N THR C 540 -24.44 60.66 19.27
CA THR C 540 -25.15 60.17 18.10
C THR C 540 -26.62 60.03 18.44
N LYS D 2 -56.09 -2.21 9.86
CA LYS D 2 -55.71 -3.04 11.00
C LYS D 2 -56.03 -4.52 10.72
N PHE D 3 -55.02 -5.38 10.91
CA PHE D 3 -55.20 -6.83 10.82
C PHE D 3 -55.24 -7.43 12.21
N SER D 4 -55.93 -8.55 12.38
CA SER D 4 -55.85 -9.31 13.62
C SER D 4 -54.76 -10.39 13.50
N LYS D 5 -54.08 -10.67 14.61
CA LYS D 5 -53.01 -11.67 14.63
C LYS D 5 -53.23 -12.87 13.70
N GLU D 6 -54.49 -13.29 13.51
CA GLU D 6 -54.81 -14.50 12.75
C GLU D 6 -54.94 -14.28 11.24
N GLN D 7 -55.11 -13.03 10.83
CA GLN D 7 -55.21 -12.72 9.41
C GLN D 7 -53.84 -12.67 8.74
N PHE D 8 -52.81 -12.96 9.52
CA PHE D 8 -51.42 -12.84 9.07
C PHE D 8 -50.96 -14.03 8.26
N ASP D 9 -50.71 -13.81 6.97
CA ASP D 9 -50.29 -14.89 6.08
C ASP D 9 -48.78 -14.85 5.96
N TYR D 10 -48.10 -15.75 6.67
CA TYR D 10 -46.64 -15.76 6.67
C TYR D 10 -46.03 -16.49 5.46
N SER D 11 -46.87 -16.98 4.56
CA SER D 11 -46.42 -17.72 3.38
C SER D 11 -45.07 -17.26 2.84
N LEU D 12 -45.09 -16.14 2.11
CA LEU D 12 -43.89 -15.58 1.55
C LEU D 12 -43.62 -14.19 2.16
N TYR D 13 -42.78 -14.17 3.19
CA TYR D 13 -42.51 -12.99 4.01
C TYR D 13 -41.29 -12.27 3.46
N LEU D 14 -41.51 -11.15 2.78
CA LEU D 14 -40.45 -10.41 2.13
C LEU D 14 -39.81 -9.42 3.07
N VAL D 15 -38.59 -9.72 3.52
CA VAL D 15 -37.85 -8.80 4.37
C VAL D 15 -36.98 -7.93 3.48
N THR D 16 -37.24 -6.63 3.46
CA THR D 16 -36.48 -5.71 2.61
C THR D 16 -35.16 -5.29 3.22
N ASP D 17 -34.14 -5.14 2.37
CA ASP D 17 -32.87 -4.56 2.77
C ASP D 17 -32.57 -3.45 1.76
N SER D 18 -32.96 -2.23 2.11
CA SER D 18 -32.85 -1.10 1.20
C SER D 18 -31.48 -1.00 0.50
N GLY D 19 -30.42 -1.27 1.24
CA GLY D 19 -29.07 -1.11 0.73
C GLY D 19 -28.56 -2.29 -0.11
N MET D 20 -29.34 -2.67 -1.10
CA MET D 20 -28.92 -3.70 -2.04
C MET D 20 -29.92 -3.83 -3.17
N ILE D 21 -30.55 -2.71 -3.51
CA ILE D 21 -31.43 -2.64 -4.66
C ILE D 21 -30.61 -2.37 -5.92
N PRO D 22 -30.92 -3.06 -7.03
CA PRO D 22 -30.22 -2.88 -8.31
C PRO D 22 -30.52 -1.50 -8.90
N GLU D 23 -29.54 -0.92 -9.59
CA GLU D 23 -29.70 0.43 -10.15
C GLU D 23 -30.91 0.52 -11.07
N GLY D 24 -31.54 1.70 -11.10
CA GLY D 24 -32.71 1.92 -11.92
C GLY D 24 -33.96 1.28 -11.35
N LYS D 25 -33.86 0.79 -10.11
CA LYS D 25 -34.99 0.17 -9.42
C LYS D 25 -35.15 0.73 -8.01
N THR D 26 -36.39 0.88 -7.58
CA THR D 26 -36.67 1.42 -6.25
C THR D 26 -37.06 0.32 -5.27
N LEU D 27 -37.18 0.67 -4.00
CA LEU D 27 -37.72 -0.26 -3.02
C LEU D 27 -39.19 -0.44 -3.30
N TYR D 28 -39.86 0.65 -3.68
CA TYR D 28 -41.26 0.59 -4.06
C TYR D 28 -41.44 -0.34 -5.26
N GLY D 29 -40.58 -0.15 -6.26
CA GLY D 29 -40.63 -0.98 -7.46
C GLY D 29 -40.58 -2.47 -7.16
N GLN D 30 -39.56 -2.87 -6.39
CA GLN D 30 -39.40 -4.28 -6.03
C GLN D 30 -40.54 -4.77 -5.16
N VAL D 31 -40.75 -4.15 -4.01
CA VAL D 31 -41.79 -4.60 -3.09
C VAL D 31 -43.17 -4.62 -3.74
N GLU D 32 -43.36 -3.84 -4.80
CA GLU D 32 -44.61 -3.86 -5.55
C GLU D 32 -44.70 -5.15 -6.36
N ALA D 33 -43.70 -5.36 -7.21
CA ALA D 33 -43.61 -6.58 -8.00
C ALA D 33 -43.85 -7.83 -7.14
N GLY D 34 -43.15 -7.90 -6.00
CA GLY D 34 -43.28 -9.03 -5.10
C GLY D 34 -44.68 -9.20 -4.52
N LEU D 35 -45.46 -8.12 -4.48
CA LEU D 35 -46.80 -8.16 -3.92
C LEU D 35 -47.82 -8.71 -4.91
N GLN D 36 -47.63 -8.36 -6.17
CA GLN D 36 -48.52 -8.80 -7.25
C GLN D 36 -48.37 -10.28 -7.53
N ASN D 37 -47.23 -10.85 -7.13
CA ASN D 37 -46.92 -12.21 -7.49
C ASN D 37 -46.70 -13.17 -6.33
N GLY D 38 -47.03 -12.76 -5.12
CA GLY D 38 -46.84 -13.66 -3.98
C GLY D 38 -46.65 -13.07 -2.59
N VAL D 39 -45.62 -12.25 -2.37
CA VAL D 39 -45.36 -11.71 -1.04
C VAL D 39 -46.69 -11.49 -0.32
N THR D 40 -46.76 -11.94 0.92
CA THR D 40 -47.98 -11.91 1.71
C THR D 40 -47.71 -11.27 3.06
N LEU D 41 -46.49 -10.74 3.18
CA LEU D 41 -46.05 -10.03 4.38
C LEU D 41 -44.76 -9.30 4.05
N VAL D 42 -44.66 -8.05 4.47
CA VAL D 42 -43.48 -7.22 4.21
C VAL D 42 -42.89 -6.62 5.49
N GLN D 43 -41.60 -6.78 5.66
CA GLN D 43 -40.89 -6.13 6.75
C GLN D 43 -39.91 -5.13 6.16
N ILE D 44 -39.89 -3.92 6.71
CA ILE D 44 -38.94 -2.90 6.29
C ILE D 44 -37.82 -2.82 7.32
N ARG D 45 -36.58 -2.78 6.84
CA ARG D 45 -35.43 -2.58 7.71
C ARG D 45 -34.86 -1.22 7.38
N GLU D 46 -34.44 -0.49 8.39
CA GLU D 46 -33.68 0.71 8.12
C GLU D 46 -32.62 0.88 9.16
N LYS D 47 -31.73 -0.10 8.99
CA LYS D 47 -30.32 0.01 9.13
C LYS D 47 -29.90 1.30 8.43
N ASP D 48 -29.26 2.16 9.20
CA ASP D 48 -28.33 3.14 8.70
C ASP D 48 -28.91 4.44 8.13
N ALA D 49 -30.18 4.44 7.70
CA ALA D 49 -30.71 5.70 7.18
C ALA D 49 -31.15 6.66 8.29
N ASP D 50 -31.70 7.79 7.86
CA ASP D 50 -32.16 8.84 8.78
C ASP D 50 -33.55 8.53 9.27
N THR D 51 -33.71 8.40 10.58
CA THR D 51 -34.96 7.88 11.14
C THR D 51 -36.20 8.68 10.71
N LYS D 52 -36.00 9.73 9.92
CA LYS D 52 -37.12 10.52 9.39
C LYS D 52 -37.38 10.23 7.94
N PHE D 53 -36.32 10.01 7.17
CA PHE D 53 -36.49 9.55 5.82
C PHE D 53 -37.10 8.14 5.86
N PHE D 54 -36.62 7.34 6.80
CA PHE D 54 -37.20 6.04 7.12
C PHE D 54 -38.72 6.16 7.15
N ILE D 55 -39.22 7.06 7.99
CA ILE D 55 -40.65 7.21 8.22
C ILE D 55 -41.43 7.58 6.96
N GLU D 56 -40.77 8.21 6.00
CA GLU D 56 -41.43 8.64 4.77
C GLU D 56 -41.53 7.46 3.81
N GLU D 57 -40.51 6.62 3.85
CA GLU D 57 -40.48 5.42 3.04
C GLU D 57 -41.46 4.40 3.60
N ALA D 58 -41.55 4.35 4.93
CA ALA D 58 -42.43 3.42 5.62
C ALA D 58 -43.90 3.75 5.38
N LEU D 59 -44.24 5.03 5.40
CA LEU D 59 -45.60 5.44 5.12
C LEU D 59 -45.92 5.19 3.66
N GLN D 60 -44.95 5.46 2.80
CA GLN D 60 -45.14 5.30 1.36
C GLN D 60 -45.33 3.83 0.98
N ILE D 61 -44.69 2.94 1.72
CA ILE D 61 -44.78 1.50 1.47
C ILE D 61 -45.96 0.84 2.19
N LYS D 62 -46.39 1.42 3.31
CA LYS D 62 -47.57 0.94 4.01
C LYS D 62 -48.83 1.17 3.19
N GLU D 63 -48.83 2.18 2.33
CA GLU D 63 -49.92 2.42 1.40
C GLU D 63 -49.95 1.35 0.31
N LEU D 64 -48.76 1.03 -0.19
CA LEU D 64 -48.61 -0.03 -1.19
C LEU D 64 -49.08 -1.37 -0.64
N CYS D 65 -48.59 -1.73 0.54
CA CYS D 65 -48.96 -2.99 1.19
C CYS D 65 -50.45 -3.09 1.50
N HIS D 66 -50.95 -2.17 2.31
CA HIS D 66 -52.38 -2.11 2.62
C HIS D 66 -53.23 -2.21 1.36
N ALA D 67 -52.72 -1.68 0.25
CA ALA D 67 -53.44 -1.71 -1.02
C ALA D 67 -53.58 -3.12 -1.56
N HIS D 68 -52.61 -3.98 -1.27
CA HIS D 68 -52.69 -5.40 -1.61
C HIS D 68 -53.17 -6.20 -0.41
N ASN D 69 -53.68 -5.52 0.61
CA ASN D 69 -54.22 -6.17 1.80
C ASN D 69 -53.19 -7.02 2.55
N VAL D 70 -51.92 -6.63 2.44
CA VAL D 70 -50.85 -7.31 3.16
C VAL D 70 -50.25 -6.38 4.22
N PRO D 71 -50.05 -6.89 5.44
CA PRO D 71 -49.56 -6.11 6.58
C PRO D 71 -48.14 -5.60 6.36
N LEU D 72 -47.75 -4.60 7.16
CA LEU D 72 -46.38 -4.12 7.14
C LEU D 72 -45.75 -4.25 8.52
N ILE D 73 -44.52 -4.75 8.55
CA ILE D 73 -43.84 -4.98 9.81
C ILE D 73 -42.53 -4.20 9.82
N ILE D 74 -42.08 -3.79 11.00
CA ILE D 74 -40.91 -2.91 11.09
C ILE D 74 -39.85 -3.38 12.05
N ASN D 75 -38.61 -3.31 11.62
CA ASN D 75 -37.46 -3.80 12.35
C ASN D 75 -36.46 -2.67 12.52
N ASP D 76 -36.04 -2.35 13.75
CA ASP D 76 -36.56 -2.86 15.00
C ASP D 76 -36.90 -1.61 15.82
N ARG D 77 -37.45 -0.63 15.12
CA ARG D 77 -37.78 0.66 15.71
C ARG D 77 -39.24 0.72 16.15
N ILE D 78 -39.49 0.22 17.35
CA ILE D 78 -40.83 0.22 17.92
C ILE D 78 -41.53 1.57 17.72
N ASP D 79 -40.78 2.66 17.93
CA ASP D 79 -41.28 4.02 17.80
C ASP D 79 -41.75 4.35 16.37
N VAL D 80 -40.90 4.13 15.37
CA VAL D 80 -41.32 4.29 13.99
C VAL D 80 -42.57 3.46 13.71
N ALA D 81 -42.69 2.31 14.38
CA ALA D 81 -43.83 1.44 14.18
C ALA D 81 -45.11 2.02 14.76
N MET D 82 -45.08 2.35 16.06
CA MET D 82 -46.22 3.00 16.70
C MET D 82 -46.61 4.25 15.92
N ALA D 83 -45.60 5.00 15.51
CA ALA D 83 -45.78 6.28 14.84
C ALA D 83 -46.57 6.19 13.54
N ILE D 84 -46.15 5.30 12.65
CA ILE D 84 -46.78 5.20 11.34
C ILE D 84 -47.92 4.16 11.27
N GLY D 85 -48.39 3.69 12.43
CA GLY D 85 -49.47 2.73 12.45
C GLY D 85 -49.12 1.44 11.71
N ALA D 86 -47.96 0.90 12.06
CA ALA D 86 -47.51 -0.31 11.43
C ALA D 86 -48.24 -1.49 12.05
N ASP D 87 -48.30 -2.60 11.31
CA ASP D 87 -49.09 -3.75 11.71
C ASP D 87 -48.34 -4.69 12.63
N GLY D 88 -47.01 -4.53 12.67
CA GLY D 88 -46.20 -5.38 13.52
C GLY D 88 -44.77 -4.91 13.57
N ILE D 89 -44.01 -5.43 14.53
CA ILE D 89 -42.61 -5.09 14.66
C ILE D 89 -41.79 -6.34 14.92
N HIS D 90 -40.66 -6.44 14.24
CA HIS D 90 -39.75 -7.54 14.44
C HIS D 90 -38.55 -7.05 15.23
N VAL D 91 -38.26 -7.70 16.35
CA VAL D 91 -37.07 -7.35 17.11
C VAL D 91 -36.18 -8.58 17.23
N GLY D 92 -34.91 -8.37 17.52
CA GLY D 92 -33.97 -9.46 17.64
C GLY D 92 -33.70 -9.76 19.09
N GLN D 93 -32.72 -10.63 19.32
CA GLN D 93 -32.42 -11.10 20.65
C GLN D 93 -31.69 -10.01 21.41
N ASP D 94 -30.97 -9.19 20.66
CA ASP D 94 -30.20 -8.11 21.24
C ASP D 94 -30.96 -6.79 21.20
N ASP D 95 -32.22 -6.84 20.78
CA ASP D 95 -33.08 -5.65 20.75
C ASP D 95 -33.97 -5.58 22.01
N MET D 96 -34.83 -4.56 22.09
CA MET D 96 -35.63 -4.31 23.28
C MET D 96 -36.36 -5.54 23.83
N PRO D 97 -36.21 -5.81 25.15
CA PRO D 97 -36.95 -6.92 25.79
C PRO D 97 -38.42 -6.91 25.42
N ILE D 98 -39.03 -8.10 25.27
CA ILE D 98 -40.37 -8.17 24.70
C ILE D 98 -41.48 -7.62 25.59
N PRO D 99 -41.50 -8.02 26.87
CA PRO D 99 -42.47 -7.41 27.80
C PRO D 99 -42.56 -5.88 27.64
N MET D 100 -41.41 -5.17 27.64
CA MET D 100 -41.34 -3.72 27.40
C MET D 100 -42.00 -3.29 26.10
N ILE D 101 -41.74 -4.05 25.05
CA ILE D 101 -42.27 -3.73 23.75
C ILE D 101 -43.79 -3.79 23.81
N ARG D 102 -44.30 -4.89 24.37
CA ARG D 102 -45.74 -5.13 24.46
C ARG D 102 -46.39 -4.00 25.23
N LYS D 103 -45.76 -3.64 26.35
CA LYS D 103 -46.23 -2.52 27.16
C LYS D 103 -46.47 -1.23 26.34
N LEU D 104 -45.58 -0.95 25.38
CA LEU D 104 -45.70 0.27 24.57
C LEU D 104 -46.73 0.16 23.44
N VAL D 105 -46.69 -0.93 22.69
CA VAL D 105 -47.54 -1.09 21.52
C VAL D 105 -48.92 -1.64 21.88
N GLY D 106 -49.07 -2.14 23.10
CA GLY D 106 -50.31 -2.76 23.55
C GLY D 106 -50.67 -3.96 22.68
N PRO D 107 -51.65 -4.76 23.10
CA PRO D 107 -51.99 -5.90 22.23
C PRO D 107 -52.43 -5.40 20.87
N ASP D 108 -52.91 -6.30 20.01
CA ASP D 108 -53.41 -5.92 18.67
C ASP D 108 -52.31 -5.82 17.61
N MET D 109 -51.07 -5.62 18.05
CA MET D 109 -49.96 -5.52 17.12
C MET D 109 -49.03 -6.73 17.20
N VAL D 110 -48.57 -7.20 16.05
CA VAL D 110 -47.76 -8.40 15.97
C VAL D 110 -46.33 -8.13 16.42
N ILE D 111 -45.78 -9.02 17.26
CA ILE D 111 -44.39 -8.92 17.66
C ILE D 111 -43.60 -10.14 17.16
N GLY D 112 -42.63 -9.89 16.28
CA GLY D 112 -41.76 -10.94 15.77
C GLY D 112 -40.46 -10.94 16.53
N TRP D 113 -39.96 -12.12 16.84
CA TRP D 113 -38.73 -12.25 17.62
C TRP D 113 -37.79 -13.16 16.84
N SER D 114 -36.49 -12.88 16.87
CA SER D 114 -35.53 -13.72 16.17
C SER D 114 -34.96 -14.82 17.08
N VAL D 115 -35.50 -16.02 16.93
CA VAL D 115 -35.07 -17.14 17.76
C VAL D 115 -34.18 -18.07 16.96
N GLY D 116 -33.14 -18.63 17.59
CA GLY D 116 -32.18 -19.50 16.92
C GLY D 116 -31.91 -20.75 17.74
N PHE D 117 -32.28 -20.71 19.01
CA PHE D 117 -32.05 -21.80 19.93
C PHE D 117 -33.31 -22.08 20.74
N PRO D 118 -33.48 -23.32 21.21
CA PRO D 118 -34.59 -23.75 22.07
C PRO D 118 -34.70 -22.92 23.35
N GLU D 119 -33.58 -22.65 24.00
CA GLU D 119 -33.54 -21.85 25.23
C GLU D 119 -34.36 -20.58 25.10
N GLU D 120 -34.34 -20.00 23.91
CA GLU D 120 -35.10 -18.79 23.61
C GLU D 120 -36.58 -19.08 23.42
N VAL D 121 -36.92 -20.32 23.10
CA VAL D 121 -38.32 -20.68 22.99
C VAL D 121 -38.88 -20.90 24.39
N ASP D 122 -38.04 -21.38 25.29
CA ASP D 122 -38.42 -21.56 26.69
C ASP D 122 -38.82 -20.22 27.27
N GLU D 123 -38.01 -19.21 27.02
CA GLU D 123 -38.29 -17.84 27.47
C GLU D 123 -39.55 -17.27 26.84
N LEU D 124 -39.65 -17.39 25.52
CA LEU D 124 -40.83 -16.97 24.76
C LEU D 124 -42.13 -17.55 25.31
N SER D 125 -42.03 -18.71 25.94
CA SER D 125 -43.18 -19.44 26.48
C SER D 125 -43.52 -19.05 27.92
N LYS D 126 -42.52 -18.83 28.76
CA LYS D 126 -42.74 -18.32 30.11
C LYS D 126 -43.44 -16.96 30.06
N MET D 127 -43.53 -16.35 28.88
CA MET D 127 -44.20 -15.05 28.72
C MET D 127 -45.66 -15.21 28.27
N GLY D 128 -46.05 -16.44 27.92
CA GLY D 128 -47.42 -16.68 27.51
C GLY D 128 -47.78 -15.95 26.23
N PRO D 129 -49.05 -16.04 25.82
CA PRO D 129 -49.55 -15.42 24.58
C PRO D 129 -49.66 -13.93 24.77
N ASP D 130 -50.08 -13.21 23.73
CA ASP D 130 -50.08 -11.74 23.75
C ASP D 130 -48.68 -11.21 23.56
N MET D 131 -47.69 -12.02 23.89
CA MET D 131 -46.29 -11.59 23.83
C MET D 131 -45.71 -11.78 22.44
N VAL D 132 -44.93 -12.84 22.24
CA VAL D 132 -44.41 -13.11 20.92
C VAL D 132 -45.50 -13.73 20.07
N ASP D 133 -45.68 -13.21 18.86
CA ASP D 133 -46.75 -13.66 17.98
C ASP D 133 -46.23 -14.53 16.84
N TYR D 134 -44.92 -14.48 16.63
CA TYR D 134 -44.27 -15.27 15.62
C TYR D 134 -42.78 -15.08 15.76
N ILE D 135 -42.00 -16.10 15.43
CA ILE D 135 -40.56 -15.97 15.44
C ILE D 135 -39.96 -16.27 14.08
N GLY D 136 -38.83 -15.63 13.80
CA GLY D 136 -38.02 -15.96 12.64
C GLY D 136 -36.95 -16.91 13.13
N VAL D 137 -36.87 -18.10 12.55
CA VAL D 137 -35.99 -19.12 13.07
C VAL D 137 -34.55 -18.98 12.60
N GLY D 138 -33.70 -18.63 13.58
CA GLY D 138 -32.25 -18.51 13.51
C GLY D 138 -31.77 -17.92 12.22
N THR D 139 -30.49 -18.10 11.90
CA THR D 139 -30.08 -17.91 10.53
C THR D 139 -29.78 -19.30 10.00
N LEU D 140 -30.69 -19.81 9.16
CA LEU D 140 -30.59 -21.19 8.70
C LEU D 140 -29.26 -21.42 8.01
N PHE D 141 -28.90 -20.50 7.12
CA PHE D 141 -27.69 -20.66 6.33
C PHE D 141 -26.82 -19.40 6.37
N PRO D 142 -25.51 -19.54 6.14
CA PRO D 142 -24.64 -18.37 6.11
C PRO D 142 -25.11 -17.44 5.00
N THR D 143 -24.97 -16.14 5.21
CA THR D 143 -25.50 -15.16 4.28
C THR D 143 -24.46 -14.10 3.94
N MET D 154 -26.19 -23.44 11.32
CA MET D 154 -27.18 -24.05 12.21
C MET D 154 -28.17 -24.91 11.45
N GLY D 155 -28.58 -24.42 10.29
CA GLY D 155 -29.33 -25.22 9.32
C GLY D 155 -30.65 -25.80 9.79
N THR D 156 -31.22 -26.68 8.96
CA THR D 156 -32.52 -27.27 9.23
C THR D 156 -32.53 -28.04 10.54
N ALA D 157 -31.43 -28.73 10.84
CA ALA D 157 -31.33 -29.49 12.08
C ALA D 157 -31.64 -28.58 13.27
N GLY D 158 -31.02 -27.42 13.27
CA GLY D 158 -31.19 -26.46 14.35
C GLY D 158 -32.58 -25.83 14.38
N ALA D 159 -33.20 -25.71 13.22
CA ALA D 159 -34.56 -25.21 13.12
C ALA D 159 -35.51 -26.22 13.74
N ILE D 160 -35.30 -27.49 13.43
CA ILE D 160 -36.10 -28.54 14.04
C ILE D 160 -36.04 -28.45 15.55
N ARG D 161 -34.83 -28.31 16.09
CA ARG D 161 -34.68 -28.23 17.55
C ARG D 161 -35.57 -27.15 18.16
N VAL D 162 -35.78 -26.06 17.43
CA VAL D 162 -36.67 -24.97 17.86
C VAL D 162 -38.15 -25.33 17.74
N LEU D 163 -38.61 -25.74 16.55
CA LEU D 163 -39.98 -26.19 16.37
C LEU D 163 -40.33 -27.22 17.42
N ASP D 164 -39.35 -28.01 17.82
CA ASP D 164 -39.57 -29.04 18.83
C ASP D 164 -39.80 -28.44 20.21
N ALA D 165 -39.08 -27.38 20.54
CA ALA D 165 -39.32 -26.70 21.81
C ALA D 165 -40.64 -25.95 21.79
N LEU D 166 -41.04 -25.47 20.61
CA LEU D 166 -42.33 -24.79 20.44
C LEU D 166 -43.47 -25.75 20.67
N GLU D 167 -43.14 -27.03 20.77
CA GLU D 167 -44.14 -28.06 20.87
C GLU D 167 -44.11 -28.64 22.28
N ARG D 168 -42.90 -28.92 22.76
CA ARG D 168 -42.72 -29.36 24.13
C ARG D 168 -43.28 -28.33 25.08
N ASN D 169 -43.28 -27.08 24.63
CA ASN D 169 -43.76 -25.95 25.43
C ASN D 169 -45.19 -25.58 25.12
N ASN D 170 -45.81 -26.30 24.20
CA ASN D 170 -47.12 -25.94 23.71
C ASN D 170 -47.29 -24.44 23.56
N ALA D 171 -46.58 -23.87 22.60
CA ALA D 171 -46.75 -22.46 22.28
C ALA D 171 -47.67 -22.32 21.08
N HIS D 172 -48.86 -22.89 21.20
CA HIS D 172 -49.86 -22.90 20.12
C HIS D 172 -50.02 -21.55 19.43
N TRP D 173 -49.71 -20.48 20.14
CA TRP D 173 -50.03 -19.13 19.70
C TRP D 173 -48.97 -18.50 18.78
N CYS D 174 -47.79 -19.11 18.74
CA CYS D 174 -46.63 -18.51 18.10
C CYS D 174 -46.35 -19.13 16.75
N ARG D 175 -46.47 -18.36 15.67
CA ARG D 175 -46.17 -18.88 14.33
C ARG D 175 -44.66 -18.85 14.07
N THR D 176 -44.22 -19.39 12.94
CA THR D 176 -42.78 -19.42 12.60
C THR D 176 -42.52 -19.11 11.14
N VAL D 177 -41.48 -18.34 10.88
CA VAL D 177 -40.95 -18.24 9.53
C VAL D 177 -39.46 -18.58 9.54
N GLY D 178 -39.01 -19.29 8.52
CA GLY D 178 -37.60 -19.59 8.38
C GLY D 178 -36.92 -18.39 7.77
N ILE D 179 -35.69 -18.12 8.17
CA ILE D 179 -35.00 -16.96 7.60
C ILE D 179 -33.49 -17.18 7.48
N GLY D 180 -32.92 -16.61 6.43
CA GLY D 180 -31.48 -16.49 6.34
C GLY D 180 -30.84 -17.32 5.24
N GLY D 181 -30.62 -16.70 4.09
CA GLY D 181 -29.93 -17.38 3.02
C GLY D 181 -30.84 -18.38 2.35
N LEU D 182 -32.14 -18.06 2.37
CA LEU D 182 -33.16 -18.88 1.70
C LEU D 182 -33.30 -18.51 0.23
N HIS D 183 -33.10 -19.49 -0.65
CA HIS D 183 -33.14 -19.26 -2.09
C HIS D 183 -33.85 -20.43 -2.76
N PRO D 184 -34.10 -20.36 -4.07
CA PRO D 184 -34.75 -21.50 -4.73
C PRO D 184 -33.93 -22.81 -4.63
N ASP D 185 -32.61 -22.67 -4.50
CA ASP D 185 -31.73 -23.83 -4.43
C ASP D 185 -31.78 -24.58 -3.10
N ASN D 186 -32.76 -24.24 -2.25
CA ASN D 186 -32.81 -24.82 -0.91
C ASN D 186 -34.09 -24.55 -0.14
N ILE D 187 -35.04 -23.89 -0.78
CA ILE D 187 -36.30 -23.55 -0.09
C ILE D 187 -37.14 -24.79 0.11
N GLU D 188 -37.21 -25.65 -0.90
CA GLU D 188 -38.03 -26.85 -0.79
C GLU D 188 -37.46 -27.77 0.27
N ARG D 189 -36.13 -27.89 0.33
CA ARG D 189 -35.50 -28.71 1.36
C ARG D 189 -35.79 -28.18 2.77
N VAL D 190 -35.80 -26.85 2.90
CA VAL D 190 -36.04 -26.21 4.19
C VAL D 190 -37.47 -26.44 4.62
N LEU D 191 -38.41 -26.18 3.72
CA LEU D 191 -39.81 -26.44 4.01
C LEU D 191 -40.01 -27.90 4.40
N TYR D 192 -39.28 -28.77 3.71
CA TYR D 192 -39.50 -30.21 3.77
C TYR D 192 -39.06 -30.84 5.07
N GLN D 193 -37.87 -30.47 5.55
CA GLN D 193 -37.33 -31.10 6.74
C GLN D 193 -37.42 -30.27 8.01
N CYS D 194 -37.82 -29.01 7.88
CA CYS D 194 -38.15 -28.19 9.05
C CYS D 194 -39.56 -28.49 9.52
N VAL D 195 -39.70 -29.65 10.16
CA VAL D 195 -40.98 -30.06 10.75
C VAL D 195 -40.72 -30.52 12.17
N SER D 196 -41.71 -30.36 13.03
CA SER D 196 -41.60 -30.74 14.41
C SER D 196 -41.33 -32.25 14.42
N SER D 197 -40.78 -32.75 15.52
CA SER D 197 -40.48 -34.17 15.59
C SER D 197 -41.74 -35.01 15.76
N ASN D 198 -42.83 -34.37 16.18
CA ASN D 198 -44.11 -35.06 16.26
C ASN D 198 -44.99 -34.81 15.04
N GLY D 199 -44.38 -34.28 13.99
CA GLY D 199 -45.04 -34.05 12.73
C GLY D 199 -46.10 -32.97 12.78
N LYS D 200 -46.43 -32.50 13.98
CA LYS D 200 -47.57 -31.62 14.14
C LYS D 200 -47.35 -30.17 13.72
N ARG D 201 -46.11 -29.74 13.54
CA ARG D 201 -45.82 -28.34 13.20
C ARG D 201 -44.67 -28.14 12.24
N SER D 202 -44.86 -27.36 11.19
CA SER D 202 -43.76 -26.97 10.31
C SER D 202 -43.67 -25.45 10.20
N LEU D 203 -42.90 -24.96 9.24
CA LEU D 203 -42.72 -23.52 9.09
C LEU D 203 -43.96 -22.89 8.48
N ASP D 204 -44.42 -21.79 9.06
CA ASP D 204 -45.61 -21.10 8.58
C ASP D 204 -45.29 -20.24 7.35
N GLY D 205 -44.01 -19.98 7.13
CA GLY D 205 -43.60 -19.26 5.95
C GLY D 205 -42.10 -19.17 5.77
N ILE D 206 -41.72 -18.49 4.70
CA ILE D 206 -40.33 -18.38 4.32
C ILE D 206 -39.96 -16.89 4.16
N CYS D 207 -38.83 -16.48 4.73
CA CYS D 207 -38.34 -15.12 4.58
C CYS D 207 -37.28 -15.03 3.51
N VAL D 208 -37.61 -14.37 2.41
CA VAL D 208 -36.60 -14.06 1.40
C VAL D 208 -36.15 -12.61 1.50
N VAL D 209 -34.89 -12.37 1.20
CA VAL D 209 -34.33 -11.02 1.25
C VAL D 209 -33.67 -10.71 -0.08
N SER D 210 -32.45 -11.18 -0.23
CA SER D 210 -31.65 -10.92 -1.43
C SER D 210 -32.24 -11.53 -2.68
N ASP D 211 -33.28 -12.34 -2.55
CA ASP D 211 -33.78 -13.09 -3.69
C ASP D 211 -34.87 -12.35 -4.46
N ILE D 212 -35.54 -11.42 -3.81
CA ILE D 212 -36.53 -10.60 -4.49
C ILE D 212 -36.02 -9.19 -4.63
N ILE D 213 -35.47 -8.67 -3.54
CA ILE D 213 -34.93 -7.31 -3.51
C ILE D 213 -33.85 -7.08 -4.57
N ALA D 214 -32.85 -7.97 -4.58
CA ALA D 214 -31.70 -7.82 -5.48
C ALA D 214 -31.97 -8.39 -6.87
N SER D 215 -33.20 -8.85 -7.09
CA SER D 215 -33.57 -9.42 -8.38
C SER D 215 -33.68 -8.36 -9.46
N LEU D 216 -33.10 -8.66 -10.62
CA LEU D 216 -33.22 -7.78 -11.78
C LEU D 216 -34.63 -7.87 -12.36
N ASP D 217 -35.31 -8.97 -12.05
CA ASP D 217 -36.72 -9.13 -12.40
C ASP D 217 -37.48 -9.68 -11.20
N ALA D 218 -37.86 -8.78 -10.29
CA ALA D 218 -38.47 -9.20 -9.05
C ALA D 218 -39.81 -9.89 -9.25
N ALA D 219 -40.52 -9.55 -10.31
CA ALA D 219 -41.82 -10.17 -10.58
C ALA D 219 -41.64 -11.67 -10.84
N LYS D 220 -40.59 -12.00 -11.59
CA LYS D 220 -40.28 -13.39 -11.92
C LYS D 220 -39.79 -14.14 -10.69
N SER D 221 -38.77 -13.60 -10.04
CA SER D 221 -38.16 -14.22 -8.87
C SER D 221 -39.22 -14.58 -7.82
N THR D 222 -40.29 -13.78 -7.77
CA THR D 222 -41.32 -13.98 -6.75
C THR D 222 -42.28 -15.05 -7.18
N LYS D 223 -42.63 -15.07 -8.47
CA LYS D 223 -43.54 -16.07 -8.99
C LYS D 223 -42.94 -17.46 -8.77
N ILE D 224 -41.60 -17.54 -8.90
CA ILE D 224 -40.82 -18.77 -8.65
C ILE D 224 -40.90 -19.26 -7.20
N LEU D 225 -40.62 -18.36 -6.26
CA LEU D 225 -40.66 -18.70 -4.84
C LEU D 225 -42.08 -19.04 -4.41
N ARG D 226 -43.07 -18.51 -5.10
CA ARG D 226 -44.45 -18.91 -4.83
C ARG D 226 -44.68 -20.32 -5.30
N GLY D 227 -44.27 -20.63 -6.52
CA GLY D 227 -44.36 -21.98 -7.06
C GLY D 227 -43.82 -23.03 -6.11
N LEU D 228 -42.70 -22.72 -5.47
CA LEU D 228 -42.05 -23.61 -4.51
C LEU D 228 -42.79 -23.69 -3.17
N ILE D 229 -43.28 -22.57 -2.70
CA ILE D 229 -43.87 -22.52 -1.37
C ILE D 229 -45.22 -23.23 -1.27
N ASP D 230 -46.03 -23.15 -2.32
CA ASP D 230 -47.37 -23.77 -2.28
C ASP D 230 -47.49 -25.07 -3.10
N LYS D 231 -46.33 -25.59 -3.52
CA LYS D 231 -46.22 -26.96 -3.99
C LYS D 231 -46.25 -27.84 -2.74
N THR D 232 -46.32 -29.16 -2.91
CA THR D 232 -46.30 -30.04 -1.74
C THR D 232 -45.46 -31.30 -1.93
N ASP D 233 -44.79 -31.41 -3.06
CA ASP D 233 -43.93 -32.54 -3.37
C ASP D 233 -42.48 -32.08 -3.54
N TYR D 234 -41.60 -32.58 -2.68
CA TYR D 234 -40.17 -32.40 -2.92
C TYR D 234 -39.59 -33.70 -3.53
N LYS D 235 -39.66 -33.81 -4.85
CA LYS D 235 -39.05 -34.93 -5.56
C LYS D 235 -37.55 -34.72 -5.64
N PHE D 236 -36.87 -34.99 -4.52
CA PHE D 236 -35.44 -34.67 -4.39
C PHE D 236 -34.53 -35.70 -5.04
N VAL D 237 -35.09 -36.88 -5.33
CA VAL D 237 -34.37 -37.91 -6.03
C VAL D 237 -35.29 -38.58 -7.05
N ASN D 238 -34.75 -38.84 -8.24
CA ASN D 238 -35.54 -39.40 -9.32
C ASN D 238 -35.82 -40.91 -9.12
N ILE D 239 -36.47 -41.22 -8.02
CA ILE D 239 -36.82 -42.58 -7.65
C ILE D 239 -38.15 -42.48 -6.91
N GLY D 240 -38.96 -43.52 -6.97
CA GLY D 240 -40.21 -43.53 -6.21
C GLY D 240 -39.94 -43.32 -4.72
N LEU D 241 -40.80 -42.56 -4.06
CA LEU D 241 -40.68 -42.34 -2.63
C LEU D 241 -41.90 -42.85 -1.88
N SER D 242 -42.78 -43.54 -2.61
CA SER D 242 -44.00 -44.11 -2.05
C SER D 242 -43.72 -44.86 -0.76
N THR D 243 -44.62 -44.76 0.21
CA THR D 243 -44.42 -45.47 1.46
C THR D 243 -44.81 -46.93 1.29
N LYS D 244 -43.86 -47.82 1.58
CA LYS D 244 -44.09 -49.25 1.49
C LYS D 244 -44.09 -49.88 2.88
N ASN D 245 -45.19 -50.53 3.24
CA ASN D 245 -45.30 -51.16 4.53
C ASN D 245 -45.19 -52.68 4.40
N SER D 246 -45.49 -53.16 3.20
CA SER D 246 -45.31 -54.56 2.87
C SER D 246 -43.82 -54.83 2.84
N LEU D 247 -43.36 -55.76 3.67
CA LEU D 247 -41.97 -56.19 3.63
C LEU D 247 -41.47 -56.36 2.20
N THR D 248 -40.21 -56.01 1.97
CA THR D 248 -39.64 -56.10 0.64
C THR D 248 -39.63 -57.57 0.21
N THR D 249 -40.36 -57.86 -0.86
CA THR D 249 -40.51 -59.24 -1.31
C THR D 249 -39.27 -59.73 -2.06
N THR D 250 -39.08 -61.05 -2.07
CA THR D 250 -38.03 -61.66 -2.86
C THR D 250 -38.04 -61.18 -4.31
N ASP D 251 -39.22 -61.12 -4.90
CA ASP D 251 -39.36 -60.72 -6.29
C ASP D 251 -38.96 -59.27 -6.49
N GLU D 252 -39.20 -58.43 -5.48
CA GLU D 252 -38.80 -57.02 -5.51
C GLU D 252 -37.26 -56.88 -5.45
N ILE D 253 -36.65 -57.49 -4.43
CA ILE D 253 -35.19 -57.55 -4.30
C ILE D 253 -34.52 -58.05 -5.57
N GLN D 254 -35.13 -59.06 -6.18
CA GLN D 254 -34.65 -59.62 -7.43
C GLN D 254 -34.67 -58.57 -8.54
N SER D 255 -35.73 -57.76 -8.58
CA SER D 255 -35.85 -56.76 -9.62
C SER D 255 -34.87 -55.61 -9.38
N ILE D 256 -34.63 -55.31 -8.10
CA ILE D 256 -33.66 -54.27 -7.74
C ILE D 256 -32.31 -54.63 -8.34
N ILE D 257 -31.82 -55.82 -8.02
CA ILE D 257 -30.50 -56.25 -8.44
C ILE D 257 -30.38 -56.33 -9.96
N SER D 258 -31.43 -56.79 -10.63
CA SER D 258 -31.43 -56.83 -12.08
C SER D 258 -31.23 -55.45 -12.64
N ASN D 259 -31.91 -54.47 -12.05
CA ASN D 259 -31.85 -53.09 -12.52
C ASN D 259 -30.47 -52.48 -12.37
N THR D 260 -29.87 -52.63 -11.20
CA THR D 260 -28.53 -52.10 -10.98
C THR D 260 -27.46 -52.82 -11.81
N LEU D 261 -27.67 -54.10 -12.11
CA LEU D 261 -26.77 -54.81 -13.03
C LEU D 261 -26.93 -54.29 -14.47
N LYS D 262 -28.18 -54.17 -14.91
CA LYS D 262 -28.50 -53.69 -16.26
C LYS D 262 -28.15 -52.20 -16.47
N ALA D 263 -28.18 -51.42 -15.39
CA ALA D 263 -28.02 -49.98 -15.50
C ALA D 263 -26.59 -49.49 -15.28
N ARG D 264 -25.73 -50.38 -14.79
CA ARG D 264 -24.32 -50.06 -14.53
C ARG D 264 -24.15 -48.65 -13.95
N PRO D 265 -24.66 -48.43 -12.73
CA PRO D 265 -24.63 -47.14 -12.06
C PRO D 265 -23.21 -46.68 -11.82
N LEU D 266 -22.97 -45.38 -11.98
CA LEU D 266 -21.70 -44.78 -11.64
C LEU D 266 -21.77 -44.24 -10.21
N VAL D 267 -20.99 -44.83 -9.32
CA VAL D 267 -21.00 -44.43 -7.93
C VAL D 267 -19.76 -43.65 -7.58
N GLN D 268 -19.90 -42.33 -7.46
CA GLN D 268 -18.81 -41.48 -7.02
C GLN D 268 -18.55 -41.66 -5.53
N HIS D 269 -17.33 -42.05 -5.20
CA HIS D 269 -16.96 -42.25 -3.81
C HIS D 269 -16.12 -41.08 -3.30
N ILE D 270 -16.63 -40.39 -2.29
CA ILE D 270 -15.83 -39.43 -1.56
C ILE D 270 -15.62 -40.02 -0.17
N THR D 271 -14.49 -40.68 0.02
CA THR D 271 -14.24 -41.42 1.26
C THR D 271 -12.74 -41.45 1.60
N ASN D 272 -12.38 -42.08 2.72
CA ASN D 272 -11.00 -42.04 3.28
C ASN D 272 -9.91 -42.71 2.44
N VAL D 274 -8.66 -45.65 3.21
CA VAL D 274 -8.91 -47.06 3.55
C VAL D 274 -10.05 -47.70 2.78
N HIS D 275 -11.19 -47.02 2.72
CA HIS D 275 -12.36 -47.54 2.01
C HIS D 275 -12.26 -47.26 0.51
N GLN D 276 -11.23 -46.50 0.12
CA GLN D 276 -10.96 -46.25 -1.28
C GLN D 276 -10.95 -47.58 -2.03
N ASN D 277 -9.89 -48.36 -1.83
CA ASN D 277 -9.75 -49.61 -2.55
C ASN D 277 -10.92 -50.56 -2.26
N PHE D 278 -11.20 -50.81 -0.98
CA PHE D 278 -12.26 -51.76 -0.63
C PHE D 278 -13.60 -51.41 -1.24
N GLY D 279 -14.03 -50.16 -1.06
CA GLY D 279 -15.31 -49.70 -1.58
C GLY D 279 -15.44 -49.83 -3.08
N ALA D 280 -14.35 -49.60 -3.81
CA ALA D 280 -14.40 -49.64 -5.27
C ALA D 280 -14.59 -51.07 -5.73
N ASN D 281 -14.13 -52.00 -4.92
CA ASN D 281 -14.28 -53.42 -5.21
C ASN D 281 -15.71 -53.93 -4.99
N VAL D 282 -16.32 -53.47 -3.89
CA VAL D 282 -17.69 -53.78 -3.59
C VAL D 282 -18.58 -53.23 -4.70
N THR D 283 -18.26 -52.01 -5.13
CA THR D 283 -19.02 -51.40 -6.20
C THR D 283 -18.83 -52.17 -7.48
N LEU D 284 -17.57 -52.44 -7.78
CA LEU D 284 -17.21 -53.11 -9.02
C LEU D 284 -17.81 -54.52 -9.07
N ALA D 285 -17.92 -55.16 -7.91
CA ALA D 285 -18.52 -56.47 -7.81
C ALA D 285 -20.02 -56.41 -8.07
N LEU D 286 -20.65 -55.28 -7.75
CA LEU D 286 -22.09 -55.13 -7.97
C LEU D 286 -22.40 -54.67 -9.40
N GLY D 287 -21.39 -54.83 -10.26
CA GLY D 287 -21.57 -54.53 -11.67
C GLY D 287 -21.81 -53.07 -11.96
N SER D 288 -21.18 -52.20 -11.17
CA SER D 288 -21.28 -50.76 -11.38
C SER D 288 -19.93 -50.06 -11.19
N SER D 289 -19.66 -49.06 -12.02
CA SER D 289 -18.35 -48.42 -12.07
C SER D 289 -18.16 -47.36 -11.00
N PRO D 290 -17.09 -47.48 -10.21
CA PRO D 290 -16.85 -46.51 -9.14
C PRO D 290 -15.87 -45.43 -9.59
N ILE D 291 -16.08 -44.19 -9.16
CA ILE D 291 -15.15 -43.09 -9.39
C ILE D 291 -14.80 -42.43 -8.07
N MET D 292 -13.52 -42.17 -7.85
CA MET D 292 -13.07 -41.62 -6.57
C MET D 292 -12.67 -40.15 -6.66
N SER D 293 -13.34 -39.42 -7.54
CA SER D 293 -13.03 -38.01 -7.79
C SER D 293 -13.43 -37.07 -6.64
N GLU D 294 -12.44 -36.40 -6.07
CA GLU D 294 -12.68 -35.35 -5.09
C GLU D 294 -12.36 -34.00 -5.73
N ILE D 295 -12.60 -33.94 -7.03
CA ILE D 295 -12.31 -32.76 -7.86
C ILE D 295 -13.57 -31.92 -8.09
N GLN D 296 -13.54 -30.65 -7.68
CA GLN D 296 -14.72 -29.78 -7.70
C GLN D 296 -15.33 -29.50 -9.07
N SER D 297 -14.50 -29.18 -10.04
CA SER D 297 -14.96 -28.90 -11.41
C SER D 297 -15.68 -30.07 -12.10
N GLU D 298 -15.20 -31.29 -11.84
CA GLU D 298 -15.78 -32.50 -12.41
C GLU D 298 -17.18 -32.78 -11.89
N VAL D 299 -17.40 -32.34 -10.65
CA VAL D 299 -18.58 -32.73 -9.89
C VAL D 299 -19.90 -32.59 -10.64
N ASN D 300 -20.04 -31.55 -11.46
CA ASN D 300 -21.27 -31.43 -12.24
C ASN D 300 -21.36 -32.35 -13.44
N ASP D 301 -20.26 -32.50 -14.18
CA ASP D 301 -20.21 -33.38 -15.33
C ASP D 301 -20.43 -34.81 -14.86
N LEU D 302 -19.88 -35.12 -13.70
CA LEU D 302 -19.93 -36.46 -13.14
C LEU D 302 -21.37 -36.90 -12.83
N ALA D 303 -22.10 -36.03 -12.14
CA ALA D 303 -23.48 -36.29 -11.76
C ALA D 303 -24.47 -36.26 -12.94
N ALA D 304 -23.99 -35.86 -14.11
CA ALA D 304 -24.83 -35.79 -15.29
C ALA D 304 -24.98 -37.15 -15.94
N ILE D 305 -23.95 -37.98 -15.79
CA ILE D 305 -23.93 -39.34 -16.31
C ILE D 305 -25.10 -40.19 -15.79
N PRO D 306 -25.72 -41.00 -16.67
CA PRO D 306 -26.96 -41.70 -16.30
C PRO D 306 -26.79 -42.61 -15.08
N HIS D 307 -27.87 -42.78 -14.32
CA HIS D 307 -27.89 -43.58 -13.10
C HIS D 307 -26.63 -43.34 -12.24
N ALA D 308 -26.25 -42.08 -12.09
CA ALA D 308 -25.13 -41.69 -11.22
C ALA D 308 -25.57 -41.61 -9.76
N THR D 309 -24.60 -41.63 -8.85
CA THR D 309 -24.87 -41.77 -7.43
C THR D 309 -23.71 -41.28 -6.57
N LEU D 310 -24.01 -40.54 -5.51
CA LEU D 310 -22.95 -40.05 -4.64
C LEU D 310 -22.90 -40.82 -3.33
N LEU D 311 -21.75 -41.41 -3.02
CA LEU D 311 -21.51 -42.02 -1.72
C LEU D 311 -20.54 -41.11 -0.98
N LEU D 312 -20.87 -40.79 0.27
CA LEU D 312 -20.19 -39.71 0.97
C LEU D 312 -19.74 -40.11 2.35
N ASN D 313 -18.44 -40.10 2.58
CA ASN D 313 -17.89 -40.37 3.89
C ASN D 313 -17.41 -39.10 4.55
N THR D 314 -17.52 -39.05 5.85
CA THR D 314 -16.86 -38.02 6.61
C THR D 314 -15.51 -38.60 6.98
N GLY D 315 -14.57 -37.74 7.35
CA GLY D 315 -13.21 -38.18 7.57
C GLY D 315 -12.54 -38.31 6.22
N SER D 316 -13.23 -37.82 5.20
CA SER D 316 -12.64 -37.67 3.88
C SER D 316 -11.65 -36.51 3.91
N VAL D 317 -10.76 -36.49 2.93
CA VAL D 317 -9.70 -35.49 2.87
C VAL D 317 -10.15 -34.25 2.08
N ALA D 318 -11.29 -34.34 1.42
CA ALA D 318 -11.80 -33.25 0.60
C ALA D 318 -12.39 -32.08 1.41
N PRO D 319 -12.24 -30.85 0.90
CA PRO D 319 -12.60 -29.60 1.58
C PRO D 319 -14.11 -29.37 1.62
N PRO D 320 -14.65 -28.93 2.77
CA PRO D 320 -16.07 -28.62 2.85
C PRO D 320 -16.63 -27.91 1.61
N GLU D 321 -15.90 -26.93 1.08
CA GLU D 321 -16.38 -26.19 -0.08
C GLU D 321 -16.68 -27.10 -1.28
N MET D 322 -16.01 -28.25 -1.35
CA MET D 322 -16.22 -29.21 -2.45
C MET D 322 -17.31 -30.24 -2.14
N LEU D 323 -17.37 -30.69 -0.88
CA LEU D 323 -18.47 -31.53 -0.45
C LEU D 323 -19.78 -30.82 -0.70
N LYS D 324 -19.88 -29.56 -0.27
CA LYS D 324 -21.03 -28.74 -0.61
C LYS D 324 -21.22 -28.74 -2.12
N ALA D 325 -20.15 -28.46 -2.86
CA ALA D 325 -20.21 -28.41 -4.32
C ALA D 325 -20.87 -29.64 -4.92
N ALA D 326 -20.56 -30.79 -4.34
CA ALA D 326 -21.02 -32.07 -4.86
C ALA D 326 -22.42 -32.38 -4.38
N ILE D 327 -22.63 -32.35 -3.07
CA ILE D 327 -23.94 -32.59 -2.49
C ILE D 327 -24.99 -31.80 -3.25
N ARG D 328 -24.66 -30.56 -3.58
CA ARG D 328 -25.53 -29.74 -4.40
C ARG D 328 -25.63 -30.28 -5.84
N ALA D 329 -24.49 -30.53 -6.46
CA ALA D 329 -24.46 -30.99 -7.85
C ALA D 329 -25.40 -32.16 -8.11
N TYR D 330 -25.52 -33.06 -7.12
CA TYR D 330 -26.37 -34.25 -7.27
C TYR D 330 -27.84 -33.96 -7.01
N ASN D 331 -28.13 -33.07 -6.05
CA ASN D 331 -29.51 -32.69 -5.77
C ASN D 331 -30.12 -31.92 -6.94
N ASP D 332 -29.29 -31.15 -7.63
CA ASP D 332 -29.73 -30.36 -8.77
C ASP D 332 -30.25 -31.28 -9.87
N VAL D 333 -29.53 -32.36 -10.11
CA VAL D 333 -29.87 -33.33 -11.13
C VAL D 333 -30.81 -34.43 -10.62
N LYS D 334 -31.19 -34.33 -9.35
CA LYS D 334 -32.11 -35.27 -8.70
C LYS D 334 -31.61 -36.71 -8.63
N ARG D 335 -30.30 -36.88 -8.48
CA ARG D 335 -29.67 -38.18 -8.27
C ARG D 335 -29.40 -38.40 -6.78
N PRO D 336 -29.28 -39.67 -6.37
CA PRO D 336 -29.24 -40.10 -4.97
C PRO D 336 -27.90 -39.90 -4.26
N ILE D 337 -27.95 -39.33 -3.06
CA ILE D 337 -26.78 -39.28 -2.20
C ILE D 337 -26.89 -40.22 -1.01
N VAL D 338 -25.87 -41.03 -0.80
CA VAL D 338 -25.80 -41.85 0.41
C VAL D 338 -24.79 -41.28 1.36
N PHE D 339 -25.20 -41.01 2.58
CA PHE D 339 -24.33 -40.35 3.53
C PHE D 339 -23.91 -41.32 4.61
N ASP D 340 -22.60 -41.46 4.79
CA ASP D 340 -22.05 -42.34 5.80
C ASP D 340 -21.16 -41.54 6.75
N PRO D 341 -21.74 -41.05 7.84
CA PRO D 341 -20.99 -40.26 8.83
C PRO D 341 -20.17 -41.16 9.76
N VAL D 342 -18.87 -41.24 9.50
CA VAL D 342 -17.99 -42.07 10.32
C VAL D 342 -17.47 -41.28 11.53
N GLY D 343 -18.39 -40.93 12.43
CA GLY D 343 -18.03 -40.18 13.62
C GLY D 343 -17.43 -38.83 13.30
N SER D 345 -19.37 -38.34 17.06
CA SER D 345 -18.95 -38.25 18.42
C SER D 345 -17.65 -39.02 18.42
N ALA D 346 -16.69 -38.51 17.66
CA ALA D 346 -15.38 -39.17 17.49
C ALA D 346 -14.34 -38.09 17.81
N THR D 347 -14.59 -36.88 17.35
CA THR D 347 -13.67 -35.76 17.55
C THR D 347 -14.29 -34.44 17.12
N GLU D 348 -14.56 -33.58 18.10
CA GLU D 348 -15.16 -32.27 17.83
C GLU D 348 -15.09 -31.87 16.35
N THR D 349 -13.95 -32.08 15.71
CA THR D 349 -13.77 -31.66 14.32
C THR D 349 -14.72 -32.36 13.37
N ARG D 350 -14.97 -33.65 13.61
CA ARG D 350 -15.87 -34.43 12.75
C ARG D 350 -17.33 -34.12 13.01
N LEU D 351 -17.70 -34.07 14.28
CA LEU D 351 -19.03 -33.63 14.66
C LEU D 351 -19.38 -32.35 13.88
N LEU D 352 -18.45 -31.40 13.92
CA LEU D 352 -18.61 -30.14 13.26
C LEU D 352 -18.83 -30.33 11.76
N LEU D 353 -17.94 -31.07 11.12
CA LEU D 353 -18.02 -31.28 9.68
C LEU D 353 -19.32 -31.94 9.24
N ASN D 354 -19.77 -32.94 10.00
CA ASN D 354 -21.02 -33.66 9.68
C ASN D 354 -22.23 -32.74 9.70
N ASN D 355 -22.40 -32.06 10.82
CA ASN D 355 -23.52 -31.14 10.95
C ASN D 355 -23.51 -30.14 9.80
N LYS D 356 -22.32 -29.77 9.38
CA LYS D 356 -22.17 -28.81 8.29
C LYS D 356 -22.67 -29.43 7.00
N LEU D 357 -22.32 -30.69 6.78
CA LEU D 357 -22.71 -31.41 5.56
C LEU D 357 -24.21 -31.63 5.48
N LEU D 358 -24.82 -31.95 6.62
CA LEU D 358 -26.24 -32.30 6.67
C LEU D 358 -27.13 -31.12 6.30
N THR D 359 -26.52 -29.96 6.09
CA THR D 359 -27.27 -28.78 5.72
C THR D 359 -26.89 -28.31 4.33
N PHE D 360 -26.10 -29.12 3.64
CA PHE D 360 -25.70 -28.78 2.28
C PHE D 360 -26.70 -29.26 1.25
N GLY D 361 -27.48 -30.28 1.61
CA GLY D 361 -28.46 -30.85 0.71
C GLY D 361 -29.34 -31.93 1.30
N GLN D 362 -30.06 -32.63 0.42
CA GLN D 362 -30.97 -33.71 0.82
C GLN D 362 -30.39 -35.08 0.53
N PHE D 363 -30.24 -35.90 1.56
CA PHE D 363 -29.69 -37.24 1.37
C PHE D 363 -30.76 -38.33 1.20
N SER D 364 -30.54 -39.22 0.23
CA SER D 364 -31.45 -40.33 0.00
C SER D 364 -31.27 -41.39 1.07
N CYS D 365 -30.08 -41.47 1.64
CA CYS D 365 -29.87 -42.45 2.71
C CYS D 365 -28.73 -42.08 3.65
N ILE D 366 -28.99 -42.12 4.95
CA ILE D 366 -27.96 -41.96 5.97
C ILE D 366 -27.73 -43.30 6.64
N LYS D 367 -26.46 -43.72 6.70
CA LYS D 367 -26.10 -45.04 7.22
C LYS D 367 -25.10 -44.93 8.36
N GLY D 368 -25.39 -45.59 9.48
CA GLY D 368 -24.45 -45.59 10.58
C GLY D 368 -24.62 -46.80 11.46
N ASN D 369 -23.82 -46.87 12.52
CA ASN D 369 -23.97 -47.92 13.52
C ASN D 369 -24.29 -47.32 14.90
N SER D 370 -24.78 -48.15 15.80
CA SER D 370 -25.16 -47.74 17.16
C SER D 370 -24.73 -46.31 17.58
N SER D 371 -23.42 -46.07 17.65
CA SER D 371 -22.90 -44.78 18.11
C SER D 371 -23.31 -43.62 17.23
N GLU D 372 -22.97 -43.74 15.95
CA GLU D 372 -23.28 -42.71 14.96
C GLU D 372 -24.79 -42.45 14.79
N ILE D 373 -25.63 -43.48 14.93
CA ILE D 373 -27.08 -43.28 14.81
C ILE D 373 -27.70 -42.66 16.05
N LEU D 374 -27.24 -43.07 17.23
CA LEU D 374 -27.73 -42.46 18.46
C LEU D 374 -27.30 -40.99 18.51
N GLY D 375 -26.06 -40.73 18.12
CA GLY D 375 -25.54 -39.38 18.04
C GLY D 375 -26.35 -38.49 17.12
N LEU D 376 -26.66 -39.00 15.93
CA LEU D 376 -27.45 -38.27 14.94
C LEU D 376 -28.89 -38.02 15.37
N ALA D 377 -29.41 -38.90 16.22
CA ALA D 377 -30.78 -38.76 16.72
C ALA D 377 -30.80 -37.83 17.93
N GLU D 378 -29.61 -37.56 18.46
CA GLU D 378 -29.47 -36.68 19.60
C GLU D 378 -30.05 -37.36 20.84
N LEU D 379 -29.42 -38.49 21.20
CA LEU D 379 -29.77 -39.30 22.36
C LEU D 379 -30.36 -38.48 23.52
N SER D 394 -28.85 -50.87 24.12
CA SER D 394 -30.16 -51.53 24.05
C SER D 394 -30.47 -51.96 22.62
N ASN D 395 -31.73 -52.33 22.36
CA ASN D 395 -32.14 -52.74 21.02
C ASN D 395 -33.43 -52.09 20.52
N GLU D 396 -34.35 -51.82 21.43
CA GLU D 396 -35.54 -51.07 21.07
C GLU D 396 -35.12 -49.64 20.89
N LEU D 397 -34.04 -49.26 21.59
CA LEU D 397 -33.53 -47.89 21.57
C LEU D 397 -32.96 -47.58 20.21
N LEU D 398 -32.19 -48.52 19.67
CA LEU D 398 -31.63 -48.39 18.33
C LEU D 398 -32.74 -48.22 17.31
N ILE D 399 -33.84 -48.94 17.50
CA ILE D 399 -34.99 -48.82 16.60
C ILE D 399 -35.59 -47.42 16.69
N GLN D 400 -35.78 -46.93 17.92
CA GLN D 400 -36.31 -45.59 18.12
C GLN D 400 -35.37 -44.57 17.47
N ALA D 401 -34.06 -44.70 17.71
CA ALA D 401 -33.08 -43.78 17.15
C ALA D 401 -33.06 -43.79 15.62
N THR D 402 -33.11 -44.99 15.03
CA THR D 402 -33.14 -45.10 13.58
C THR D 402 -34.33 -44.37 12.96
N LYS D 403 -35.50 -44.47 13.60
CA LYS D 403 -36.66 -43.75 13.08
C LYS D 403 -36.48 -42.24 13.24
N ILE D 404 -35.95 -41.82 14.39
CA ILE D 404 -35.71 -40.40 14.67
C ILE D 404 -34.82 -39.79 13.59
N VAL D 405 -33.72 -40.46 13.29
CA VAL D 405 -32.81 -40.01 12.25
C VAL D 405 -33.48 -39.98 10.89
N ALA D 406 -34.18 -41.05 10.55
CA ALA D 406 -34.83 -41.13 9.26
C ALA D 406 -35.76 -39.94 9.08
N PHE D 407 -36.57 -39.70 10.10
CA PHE D 407 -37.53 -38.61 10.02
C PHE D 407 -36.82 -37.27 9.98
N LYS D 408 -35.92 -37.06 10.93
CA LYS D 408 -35.24 -35.79 11.08
C LYS D 408 -34.70 -35.26 9.76
N TYR D 409 -33.90 -36.09 9.09
CA TYR D 409 -33.21 -35.70 7.85
C TYR D 409 -33.96 -36.15 6.60
N LYS D 410 -35.25 -36.49 6.81
CA LYS D 410 -36.18 -36.91 5.77
C LYS D 410 -35.49 -37.83 4.78
N THR D 411 -35.15 -39.03 5.25
CA THR D 411 -34.31 -39.92 4.49
C THR D 411 -34.49 -41.35 4.96
N VAL D 412 -34.08 -42.31 4.13
CA VAL D 412 -33.95 -43.68 4.59
C VAL D 412 -32.68 -43.80 5.44
N ALA D 413 -32.85 -44.14 6.72
CA ALA D 413 -31.72 -44.27 7.64
C ALA D 413 -31.45 -45.73 7.96
N VAL D 414 -30.19 -46.13 7.85
CA VAL D 414 -29.80 -47.50 8.14
C VAL D 414 -28.92 -47.53 9.37
N CYS D 415 -29.26 -48.39 10.32
CA CYS D 415 -28.43 -48.57 11.50
C CYS D 415 -27.89 -49.99 11.59
N THR D 416 -26.59 -50.14 11.34
CA THR D 416 -25.95 -51.45 11.37
C THR D 416 -25.58 -51.99 12.76
N GLY D 417 -25.69 -53.30 12.91
CA GLY D 417 -25.32 -54.00 14.13
C GLY D 417 -25.52 -55.48 13.91
N GLU D 418 -25.84 -56.20 14.98
CA GLU D 418 -26.24 -57.58 14.85
C GLU D 418 -27.50 -57.59 14.01
N PHE D 419 -28.46 -56.79 14.42
CA PHE D 419 -29.62 -56.49 13.58
C PHE D 419 -29.34 -55.19 12.85
N ASP D 420 -29.74 -55.13 11.57
CA ASP D 420 -29.74 -53.87 10.85
C ASP D 420 -31.15 -53.30 10.80
N PHE D 421 -31.33 -52.04 11.17
CA PHE D 421 -32.65 -51.44 11.11
C PHE D 421 -32.70 -50.45 9.98
N ILE D 422 -33.75 -50.51 9.18
CA ILE D 422 -33.96 -49.54 8.13
C ILE D 422 -35.27 -48.78 8.33
N ALA D 423 -35.22 -47.45 8.38
CA ALA D 423 -36.42 -46.66 8.56
C ALA D 423 -36.60 -45.71 7.39
N ASP D 424 -37.83 -45.58 6.91
CA ASP D 424 -38.16 -44.64 5.83
C ASP D 424 -38.80 -43.37 6.39
N GLY D 425 -38.05 -42.27 6.37
CA GLY D 425 -38.57 -41.02 6.86
C GLY D 425 -38.84 -40.03 5.76
N THR D 426 -38.90 -40.49 4.52
CA THR D 426 -39.12 -39.58 3.41
C THR D 426 -40.58 -39.10 3.32
N ILE D 427 -41.51 -39.87 3.85
CA ILE D 427 -42.91 -39.49 3.81
C ILE D 427 -43.33 -39.05 2.41
N GLU D 428 -42.90 -39.79 1.39
CA GLU D 428 -43.32 -39.55 0.02
C GLU D 428 -42.92 -38.17 -0.52
N GLY D 429 -41.97 -37.52 0.15
CA GLY D 429 -41.49 -36.22 -0.25
C GLY D 429 -42.48 -35.09 0.03
N LYS D 430 -43.40 -35.32 0.97
CA LYS D 430 -44.45 -34.36 1.30
C LYS D 430 -43.96 -33.27 2.25
N TYR D 431 -44.21 -32.01 1.88
CA TYR D 431 -44.04 -30.92 2.82
C TYR D 431 -45.25 -30.02 2.71
N SER D 432 -45.50 -29.24 3.76
CA SER D 432 -46.53 -28.22 3.73
C SER D 432 -46.26 -27.14 4.79
N LEU D 433 -46.90 -25.99 4.62
CA LEU D 433 -46.71 -24.90 5.55
C LEU D 433 -47.63 -25.07 6.74
N SER D 434 -47.11 -24.69 7.90
CA SER D 434 -47.80 -24.75 9.19
C SER D 434 -48.47 -26.02 9.75
N LYS D 435 -48.34 -27.13 9.03
CA LYS D 435 -49.28 -28.23 9.21
C LYS D 435 -48.59 -29.22 10.18
N GLY D 436 -47.60 -29.99 9.75
CA GLY D 436 -46.86 -29.79 8.52
C GLY D 436 -46.75 -31.12 7.83
N THR D 437 -46.54 -32.16 8.63
CA THR D 437 -46.75 -33.54 8.23
C THR D 437 -48.16 -34.03 8.65
N ASN D 438 -48.85 -34.63 7.68
CA ASN D 438 -50.21 -35.15 7.86
C ASN D 438 -50.28 -36.24 8.92
N GLY D 439 -50.13 -35.76 10.16
CA GLY D 439 -49.98 -36.49 11.39
C GLY D 439 -48.95 -37.61 11.49
N THR D 440 -47.99 -37.61 10.56
CA THR D 440 -47.00 -38.69 10.47
C THR D 440 -45.77 -38.34 11.30
N SER D 441 -45.69 -38.86 12.53
CA SER D 441 -44.58 -38.51 13.41
C SER D 441 -43.39 -39.48 13.37
N VAL D 442 -42.31 -39.11 14.05
CA VAL D 442 -41.16 -40.00 14.25
C VAL D 442 -41.61 -41.41 14.58
N GLU D 443 -42.67 -41.52 15.37
CA GLU D 443 -43.07 -42.79 15.95
C GLU D 443 -43.53 -43.82 14.93
N ASP D 444 -44.22 -43.35 13.89
CA ASP D 444 -45.02 -44.26 13.06
C ASP D 444 -44.61 -44.37 11.59
N ILE D 445 -43.33 -44.13 11.29
CA ILE D 445 -42.81 -44.35 9.94
C ILE D 445 -42.37 -45.80 9.79
N PRO D 446 -42.40 -46.33 8.56
CA PRO D 446 -41.94 -47.70 8.32
C PRO D 446 -40.54 -47.93 8.82
N CYS D 447 -40.38 -48.91 9.69
CA CYS D 447 -39.06 -49.37 10.10
C CYS D 447 -38.99 -50.90 10.16
N VAL D 448 -38.09 -51.46 9.36
CA VAL D 448 -37.92 -52.91 9.27
C VAL D 448 -36.57 -53.34 9.86
N ALA D 449 -36.46 -54.63 10.15
CA ALA D 449 -35.22 -55.18 10.69
C ALA D 449 -34.67 -56.29 9.78
N VAL D 450 -33.35 -56.46 9.80
CA VAL D 450 -32.69 -57.52 9.03
C VAL D 450 -31.65 -58.21 9.91
N GLU D 451 -31.90 -59.47 10.25
CA GLU D 451 -30.96 -60.21 11.08
C GLU D 451 -30.47 -61.50 10.41
N ALA D 452 -29.30 -61.97 10.84
CA ALA D 452 -28.79 -63.25 10.38
C ALA D 452 -27.88 -63.87 11.44
N GLY D 465 -18.30 -52.54 6.66
CA GLY D 465 -19.45 -51.81 7.14
C GLY D 465 -19.63 -50.57 6.29
N CYS D 466 -18.52 -49.98 5.87
CA CYS D 466 -18.54 -48.90 4.89
C CYS D 466 -18.55 -49.53 3.51
N SER D 467 -18.62 -50.85 3.49
CA SER D 467 -18.92 -51.61 2.30
C SER D 467 -20.43 -51.60 2.10
N LEU D 468 -21.15 -51.59 3.21
CA LEU D 468 -22.60 -51.50 3.17
C LEU D 468 -23.03 -50.20 2.48
N GLY D 469 -22.30 -49.12 2.74
CA GLY D 469 -22.55 -47.86 2.06
C GLY D 469 -22.48 -48.05 0.56
N SER D 470 -21.39 -48.63 0.08
CA SER D 470 -21.17 -48.78 -1.34
C SER D 470 -22.25 -49.65 -1.94
N THR D 471 -22.69 -50.65 -1.17
CA THR D 471 -23.73 -51.56 -1.61
C THR D 471 -25.04 -50.82 -1.79
N ILE D 472 -25.53 -50.27 -0.69
CA ILE D 472 -26.72 -49.42 -0.72
C ILE D 472 -26.65 -48.44 -1.87
N ALA D 473 -25.48 -47.84 -2.08
CA ALA D 473 -25.31 -46.87 -3.16
C ALA D 473 -25.61 -47.47 -4.52
N CYS D 474 -25.15 -48.69 -4.76
CA CYS D 474 -25.36 -49.36 -6.06
C CYS D 474 -26.80 -49.81 -6.28
N MET D 475 -27.48 -50.17 -5.20
CA MET D 475 -28.86 -50.60 -5.29
C MET D 475 -29.77 -49.44 -5.64
N ILE D 476 -29.61 -48.33 -4.92
CA ILE D 476 -30.38 -47.13 -5.20
C ILE D 476 -30.02 -46.59 -6.57
N GLY D 477 -28.77 -46.80 -6.97
CA GLY D 477 -28.28 -46.21 -8.21
C GLY D 477 -28.95 -46.78 -9.44
N GLY D 478 -29.25 -48.07 -9.39
CA GLY D 478 -29.88 -48.76 -10.50
C GLY D 478 -31.38 -48.53 -10.63
N GLN D 479 -32.03 -48.13 -9.55
CA GLN D 479 -33.45 -47.81 -9.58
C GLN D 479 -33.79 -46.80 -10.68
N PRO D 480 -34.87 -47.08 -11.43
CA PRO D 480 -35.37 -46.23 -12.52
C PRO D 480 -36.47 -45.34 -11.99
N SER D 481 -36.90 -44.40 -12.82
CA SER D 481 -38.00 -43.48 -12.49
C SER D 481 -39.07 -44.15 -11.61
N GLU D 482 -39.50 -45.33 -12.03
CA GLU D 482 -40.63 -46.02 -11.40
C GLU D 482 -40.24 -46.82 -10.17
N GLY D 483 -38.97 -46.76 -9.80
CA GLY D 483 -38.47 -47.58 -8.71
C GLY D 483 -39.05 -47.25 -7.35
N ASN D 484 -38.38 -47.71 -6.31
CA ASN D 484 -38.71 -47.31 -4.95
C ASN D 484 -37.46 -47.28 -4.09
N LEU D 485 -37.19 -46.11 -3.51
CA LEU D 485 -35.97 -45.88 -2.75
C LEU D 485 -35.88 -46.79 -1.53
N PHE D 486 -36.98 -46.92 -0.81
CA PHE D 486 -36.93 -47.69 0.42
C PHE D 486 -36.57 -49.15 0.16
N HIS D 487 -37.24 -49.78 -0.80
CA HIS D 487 -36.95 -51.18 -1.10
C HIS D 487 -35.50 -51.32 -1.51
N ALA D 488 -35.03 -50.40 -2.32
CA ALA D 488 -33.65 -50.46 -2.77
C ALA D 488 -32.72 -50.53 -1.55
N VAL D 489 -32.93 -49.67 -0.58
CA VAL D 489 -32.04 -49.66 0.58
C VAL D 489 -32.12 -50.99 1.30
N VAL D 490 -33.32 -51.49 1.55
CA VAL D 490 -33.45 -52.76 2.23
C VAL D 490 -32.73 -53.86 1.44
N ALA D 491 -32.95 -53.90 0.13
CA ALA D 491 -32.27 -54.87 -0.73
C ALA D 491 -30.77 -54.85 -0.46
N GLY D 492 -30.17 -53.68 -0.49
CA GLY D 492 -28.76 -53.53 -0.17
C GLY D 492 -28.35 -54.10 1.20
N VAL D 493 -29.15 -53.84 2.23
CA VAL D 493 -28.80 -54.32 3.57
C VAL D 493 -28.93 -55.85 3.63
N MET D 494 -29.86 -56.39 2.88
CA MET D 494 -30.02 -57.83 2.76
C MET D 494 -28.82 -58.40 2.03
N LEU D 495 -28.63 -57.96 0.80
CA LEU D 495 -27.54 -58.42 -0.03
C LEU D 495 -26.22 -58.40 0.75
N TYR D 496 -25.99 -57.33 1.52
CA TYR D 496 -24.74 -57.21 2.27
C TYR D 496 -24.72 -58.20 3.41
N LYS D 497 -25.77 -58.19 4.23
CA LYS D 497 -25.86 -59.09 5.36
C LYS D 497 -25.73 -60.54 4.86
N ALA D 498 -26.26 -60.81 3.67
CA ALA D 498 -26.23 -62.15 3.07
C ALA D 498 -24.82 -62.58 2.66
N ALA D 499 -24.14 -61.72 1.92
CA ALA D 499 -22.74 -61.94 1.56
C ALA D 499 -21.85 -62.00 2.80
N GLY D 500 -22.39 -61.56 3.93
CA GLY D 500 -21.65 -61.58 5.17
C GLY D 500 -21.66 -62.97 5.78
N LYS D 501 -22.84 -63.57 5.88
CA LYS D 501 -22.94 -64.94 6.37
C LYS D 501 -22.03 -65.84 5.52
N ILE D 502 -22.22 -65.79 4.22
CA ILE D 502 -21.44 -66.62 3.31
C ILE D 502 -19.93 -66.46 3.48
N ALA D 503 -19.45 -65.23 3.50
CA ALA D 503 -18.03 -64.98 3.65
C ALA D 503 -17.49 -65.53 4.97
N SER D 504 -18.18 -65.22 6.06
CA SER D 504 -17.72 -65.64 7.39
C SER D 504 -17.54 -67.15 7.47
N GLU D 505 -18.31 -67.88 6.66
CA GLU D 505 -18.18 -69.35 6.57
C GLU D 505 -16.99 -69.79 5.73
N LYS D 506 -16.88 -69.22 4.53
CA LYS D 506 -15.85 -69.60 3.56
C LYS D 506 -14.44 -69.04 3.81
N CYS D 507 -14.19 -68.47 4.97
CA CYS D 507 -12.95 -67.74 5.15
C CYS D 507 -12.09 -68.26 6.28
N ASN D 508 -10.80 -67.93 6.25
CA ASN D 508 -9.83 -68.34 7.27
C ASN D 508 -9.31 -67.23 8.18
N GLY D 509 -9.88 -66.03 8.09
CA GLY D 509 -9.46 -64.89 8.92
C GLY D 509 -9.94 -63.55 8.39
N SER D 510 -9.48 -62.45 8.98
CA SER D 510 -9.86 -61.11 8.53
C SER D 510 -9.61 -60.95 7.04
N GLY D 511 -8.40 -61.30 6.64
CA GLY D 511 -7.96 -61.13 5.27
C GLY D 511 -8.88 -61.75 4.26
N SER D 512 -9.04 -63.07 4.31
CA SER D 512 -9.92 -63.71 3.35
C SER D 512 -11.37 -63.28 3.54
N PHE D 513 -11.80 -63.02 4.76
CA PHE D 513 -13.19 -62.65 4.96
C PHE D 513 -13.57 -61.52 4.03
N GLN D 514 -12.64 -60.61 3.83
CA GLN D 514 -12.87 -59.43 3.03
C GLN D 514 -12.97 -59.82 1.56
N VAL D 515 -12.00 -60.55 1.06
CA VAL D 515 -12.02 -60.96 -0.35
C VAL D 515 -13.17 -61.91 -0.65
N GLU D 516 -13.56 -62.73 0.33
CA GLU D 516 -14.73 -63.58 0.16
C GLU D 516 -16.05 -62.80 0.18
N LEU D 517 -16.07 -61.66 0.88
CA LEU D 517 -17.27 -60.86 0.94
C LEU D 517 -17.49 -60.27 -0.43
N ILE D 518 -16.42 -59.76 -1.03
CA ILE D 518 -16.53 -59.20 -2.37
C ILE D 518 -16.98 -60.28 -3.33
N ASP D 519 -16.40 -61.47 -3.20
CA ASP D 519 -16.81 -62.59 -4.03
C ASP D 519 -18.30 -62.92 -3.88
N ALA D 520 -18.74 -63.07 -2.63
CA ALA D 520 -20.11 -63.44 -2.34
C ALA D 520 -21.07 -62.41 -2.91
N LEU D 521 -20.68 -61.14 -2.89
CA LEU D 521 -21.50 -60.09 -3.47
C LEU D 521 -21.58 -60.32 -4.97
N TYR D 522 -20.46 -60.66 -5.57
CA TYR D 522 -20.43 -60.92 -7.00
C TYR D 522 -21.31 -62.09 -7.38
N ARG D 523 -21.12 -63.21 -6.68
CA ARG D 523 -21.89 -64.43 -6.93
C ARG D 523 -23.39 -64.22 -6.65
N LEU D 524 -23.68 -63.63 -5.49
CA LEU D 524 -25.05 -63.43 -5.06
C LEU D 524 -25.90 -62.71 -6.10
N THR D 525 -25.31 -61.74 -6.78
CA THR D 525 -26.07 -60.88 -7.70
C THR D 525 -26.08 -61.40 -9.12
N ARG D 526 -25.11 -62.23 -9.46
CA ARG D 526 -25.11 -62.88 -10.78
C ARG D 526 -26.21 -63.94 -10.88
N GLU D 527 -26.65 -64.46 -9.74
CA GLU D 527 -27.84 -65.30 -9.63
C GLU D 527 -28.86 -64.69 -8.66
N ASN D 528 -29.84 -63.97 -9.17
CA ASN D 528 -30.86 -63.44 -8.29
C ASN D 528 -31.69 -64.56 -7.75
N THR D 529 -31.30 -65.12 -6.63
CA THR D 529 -32.12 -66.17 -6.05
C THR D 529 -32.44 -65.83 -4.61
N PRO D 530 -32.87 -64.58 -4.39
CA PRO D 530 -33.03 -64.07 -3.03
C PRO D 530 -33.76 -65.03 -2.08
N VAL D 531 -34.60 -65.92 -2.63
CA VAL D 531 -35.25 -66.97 -1.82
C VAL D 531 -34.18 -67.81 -1.08
N THR D 532 -33.03 -67.96 -1.73
CA THR D 532 -31.82 -68.58 -1.16
C THR D 532 -31.22 -67.91 0.09
N TRP D 533 -31.18 -66.57 0.12
CA TRP D 533 -30.35 -65.83 1.09
C TRP D 533 -30.68 -65.92 2.58
N ALA D 534 -29.60 -66.09 3.35
CA ALA D 534 -29.63 -66.29 4.82
C ALA D 534 -30.42 -65.31 5.73
N PRO D 535 -30.44 -64.01 5.39
CA PRO D 535 -30.99 -63.00 6.31
C PRO D 535 -32.52 -62.91 6.30
N LYS D 536 -33.07 -62.82 7.50
CA LYS D 536 -34.51 -62.81 7.75
C LYS D 536 -34.98 -61.36 7.93
N LEU D 537 -35.95 -60.96 7.11
CA LEU D 537 -36.45 -59.58 7.11
C LEU D 537 -37.79 -59.39 7.84
N THR D 538 -37.74 -59.00 9.10
CA THR D 538 -38.94 -58.88 9.90
C THR D 538 -39.48 -57.44 9.93
N HIS D 539 -40.53 -57.18 10.70
CA HIS D 539 -40.95 -55.81 11.01
C HIS D 539 -40.33 -55.36 12.34
N THR D 540 -40.28 -54.05 12.57
CA THR D 540 -39.71 -53.54 13.81
C THR D 540 -40.83 -53.12 14.74
N LYS E 2 34.32 -13.66 42.95
CA LYS E 2 35.00 -14.49 41.96
C LYS E 2 34.67 -15.98 42.16
N PHE E 3 34.22 -16.64 41.10
CA PHE E 3 34.01 -18.08 41.09
C PHE E 3 35.16 -18.79 40.35
N SER E 4 35.46 -20.01 40.74
CA SER E 4 36.41 -20.82 39.96
C SER E 4 35.60 -21.65 38.95
N LYS E 5 36.15 -21.90 37.77
CA LYS E 5 35.46 -22.68 36.72
C LYS E 5 34.59 -23.84 37.26
N GLU E 6 35.05 -24.50 38.33
CA GLU E 6 34.38 -25.68 38.83
C GLU E 6 33.18 -25.39 39.73
N GLN E 7 33.07 -24.16 40.23
CA GLN E 7 31.91 -23.77 41.05
C GLN E 7 30.69 -23.42 40.20
N PHE E 8 30.85 -23.53 38.87
CA PHE E 8 29.83 -23.12 37.93
C PHE E 8 28.72 -24.15 37.79
N ASP E 9 27.53 -23.80 38.24
CA ASP E 9 26.39 -24.70 38.16
C ASP E 9 25.59 -24.39 36.90
N TYR E 10 25.76 -25.20 35.86
CA TYR E 10 25.07 -24.94 34.58
C TYR E 10 23.61 -25.41 34.56
N SER E 11 23.15 -26.03 35.65
CA SER E 11 21.80 -26.57 35.76
C SER E 11 20.77 -25.80 34.92
N LEU E 12 20.34 -24.65 35.44
CA LEU E 12 19.34 -23.86 34.76
C LEU E 12 19.94 -22.51 34.40
N TYR E 13 20.44 -22.43 33.18
CA TYR E 13 21.18 -21.28 32.68
C TYR E 13 20.22 -20.33 32.00
N LEU E 14 19.91 -19.20 32.66
CA LEU E 14 18.97 -18.21 32.15
C LEU E 14 19.66 -17.17 31.28
N VAL E 15 19.46 -17.28 29.97
CA VAL E 15 19.99 -16.31 29.04
C VAL E 15 18.94 -15.23 28.82
N THR E 16 19.23 -14.00 29.23
CA THR E 16 18.27 -12.91 29.12
C THR E 16 18.25 -12.28 27.73
N ASP E 17 17.06 -11.88 27.30
CA ASP E 17 16.89 -11.11 26.09
C ASP E 17 16.04 -9.90 26.46
N SER E 18 16.72 -8.80 26.78
CA SER E 18 16.06 -7.59 27.28
C SER E 18 14.82 -7.21 26.46
N GLY E 19 14.93 -7.31 25.14
CA GLY E 19 13.87 -6.89 24.25
C GLY E 19 12.71 -7.87 24.08
N MET E 20 12.14 -8.33 25.18
CA MET E 20 10.96 -9.18 25.13
C MET E 20 10.40 -9.42 26.53
N ILE E 21 10.59 -8.43 27.39
CA ILE E 21 10.03 -8.45 28.74
C ILE E 21 8.60 -7.93 28.67
N PRO E 22 7.69 -8.60 29.40
CA PRO E 22 6.28 -8.18 29.44
C PRO E 22 6.10 -6.85 30.17
N GLU E 23 5.13 -6.05 29.73
CA GLU E 23 4.93 -4.73 30.31
C GLU E 23 4.71 -4.82 31.82
N GLY E 24 5.15 -3.78 32.53
CA GLY E 24 5.02 -3.71 33.98
C GLY E 24 6.03 -4.59 34.70
N LYS E 25 6.96 -5.16 33.93
CA LYS E 25 7.99 -6.01 34.48
C LYS E 25 9.38 -5.60 33.99
N THR E 26 10.37 -5.71 34.87
CA THR E 26 11.74 -5.33 34.54
C THR E 26 12.60 -6.55 34.26
N LEU E 27 13.82 -6.30 33.78
CA LEU E 27 14.79 -7.37 33.65
C LEU E 27 15.21 -7.79 35.05
N TYR E 28 15.34 -6.81 35.94
CA TYR E 28 15.66 -7.10 37.34
C TYR E 28 14.56 -7.99 37.93
N GLY E 29 13.31 -7.60 37.73
CA GLY E 29 12.17 -8.34 38.24
C GLY E 29 12.17 -9.80 37.86
N GLN E 30 12.30 -10.08 36.55
CA GLN E 30 12.34 -11.45 36.04
C GLN E 30 13.55 -12.21 36.55
N VAL E 31 14.75 -11.72 36.24
CA VAL E 31 15.98 -12.40 36.64
C VAL E 31 16.06 -12.65 38.15
N GLU E 32 15.37 -11.82 38.94
CA GLU E 32 15.29 -12.05 40.37
C GLU E 32 14.43 -13.26 40.67
N ALA E 33 13.18 -13.22 40.19
CA ALA E 33 12.26 -14.35 40.33
C ALA E 33 12.91 -15.69 39.96
N GLY E 34 13.57 -15.71 38.81
CA GLY E 34 14.25 -16.91 38.35
C GLY E 34 15.39 -17.37 39.24
N LEU E 35 15.96 -16.44 40.01
CA LEU E 35 17.08 -16.76 40.91
C LEU E 35 16.62 -17.43 42.21
N GLN E 36 15.49 -16.95 42.71
CA GLN E 36 14.90 -17.47 43.93
C GLN E 36 14.36 -18.89 43.74
N ASN E 37 14.09 -19.25 42.50
CA ASN E 37 13.40 -20.51 42.21
C ASN E 37 14.17 -21.50 41.34
N GLY E 38 15.44 -21.24 41.07
CA GLY E 38 16.21 -22.17 40.28
C GLY E 38 17.41 -21.67 39.52
N VAL E 39 17.23 -20.65 38.69
CA VAL E 39 18.32 -20.17 37.85
C VAL E 39 19.65 -20.21 38.62
N THR E 40 20.65 -20.83 38.00
CA THR E 40 21.94 -21.09 38.65
C THR E 40 23.09 -20.49 37.84
N LEU E 41 22.71 -19.74 36.81
CA LEU E 41 23.67 -19.04 35.95
C LEU E 41 22.88 -18.06 35.09
N VAL E 42 23.38 -16.84 34.98
CA VAL E 42 22.69 -15.82 34.18
C VAL E 42 23.62 -15.22 33.13
N GLN E 43 23.13 -15.12 31.90
CA GLN E 43 23.85 -14.44 30.84
C GLN E 43 23.04 -13.23 30.41
N ILE E 44 23.69 -12.08 30.30
CA ILE E 44 23.05 -10.87 29.80
C ILE E 44 23.46 -10.63 28.36
N ARG E 45 22.47 -10.32 27.52
CA ARG E 45 22.71 -9.97 26.12
C ARG E 45 22.33 -8.52 25.94
N GLU E 46 23.08 -7.81 25.13
CA GLU E 46 22.67 -6.46 24.75
C GLU E 46 23.21 -6.12 23.38
N LYS E 47 22.48 -6.52 22.34
CA LYS E 47 22.98 -6.44 20.96
C LYS E 47 22.36 -5.27 20.15
N ASP E 48 21.74 -4.33 20.86
CA ASP E 48 21.10 -3.16 20.27
C ASP E 48 21.07 -1.94 21.20
N ALA E 49 21.29 -2.14 22.51
CA ALA E 49 21.27 -0.97 23.38
C ALA E 49 22.58 -0.17 23.35
N ASP E 50 22.64 0.88 24.17
CA ASP E 50 23.81 1.75 24.26
C ASP E 50 24.85 1.12 25.18
N THR E 51 26.04 0.87 24.66
CA THR E 51 27.04 0.09 25.40
C THR E 51 27.38 0.67 26.79
N LYS E 52 26.76 1.81 27.14
CA LYS E 52 26.94 2.43 28.47
C LYS E 52 25.76 2.19 29.38
N PHE E 53 24.56 2.22 28.80
CA PHE E 53 23.38 1.80 29.55
C PHE E 53 23.47 0.30 29.86
N PHE E 54 23.95 -0.45 28.87
CA PHE E 54 24.33 -1.83 29.06
C PHE E 54 25.06 -1.98 30.38
N ILE E 55 26.17 -1.25 30.50
CA ILE E 55 27.05 -1.38 31.65
C ILE E 55 26.40 -1.06 33.00
N GLU E 56 25.35 -0.25 32.99
CA GLU E 56 24.66 0.11 34.22
C GLU E 56 23.69 -1.00 34.62
N GLU E 57 23.11 -1.64 33.60
CA GLU E 57 22.21 -2.78 33.81
C GLU E 57 23.01 -4.00 34.25
N ALA E 58 24.18 -4.17 33.64
CA ALA E 58 25.08 -5.26 33.94
C ALA E 58 25.59 -5.22 35.39
N LEU E 59 25.99 -4.04 35.84
CA LEU E 59 26.44 -3.88 37.22
C LEU E 59 25.28 -4.07 38.19
N GLN E 60 24.10 -3.58 37.79
CA GLN E 60 22.92 -3.66 38.63
C GLN E 60 22.45 -5.10 38.80
N ILE E 61 22.65 -5.90 37.77
CA ILE E 61 22.27 -7.32 37.77
C ILE E 61 23.36 -8.23 38.35
N LYS E 62 24.62 -7.82 38.22
CA LYS E 62 25.72 -8.54 38.84
C LYS E 62 25.62 -8.51 40.38
N GLU E 63 25.05 -7.43 40.93
CA GLU E 63 24.77 -7.35 42.37
C GLU E 63 23.66 -8.34 42.77
N LEU E 64 22.61 -8.39 41.97
CA LEU E 64 21.52 -9.33 42.18
C LEU E 64 22.04 -10.77 42.15
N CYS E 65 22.75 -11.11 41.07
CA CYS E 65 23.29 -12.45 40.92
C CYS E 65 24.24 -12.83 42.06
N HIS E 66 25.31 -12.07 42.22
CA HIS E 66 26.27 -12.31 43.28
C HIS E 66 25.59 -12.50 44.65
N ALA E 67 24.48 -11.79 44.83
CA ALA E 67 23.69 -11.88 46.05
C ALA E 67 23.05 -13.26 46.25
N HIS E 68 22.76 -13.94 45.15
CA HIS E 68 22.27 -15.32 45.19
C HIS E 68 23.42 -16.30 44.91
N ASN E 69 24.64 -15.80 44.97
CA ASN E 69 25.84 -16.61 44.78
C ASN E 69 25.89 -17.29 43.40
N VAL E 70 25.23 -16.67 42.42
CA VAL E 70 25.24 -17.18 41.04
C VAL E 70 26.02 -16.25 40.10
N PRO E 71 26.92 -16.83 39.28
CA PRO E 71 27.78 -16.05 38.39
C PRO E 71 27.01 -15.26 37.35
N LEU E 72 27.65 -14.25 36.77
CA LEU E 72 27.09 -13.51 35.66
C LEU E 72 27.99 -13.60 34.43
N ILE E 73 27.36 -13.89 33.29
CA ILE E 73 28.08 -14.08 32.03
C ILE E 73 27.60 -13.05 30.99
N ILE E 74 28.47 -12.68 30.07
CA ILE E 74 28.14 -11.60 29.14
C ILE E 74 28.43 -11.95 27.68
N ASN E 75 27.47 -11.60 26.84
CA ASN E 75 27.50 -11.91 25.42
C ASN E 75 27.35 -10.62 24.64
N ASP E 76 28.25 -10.31 23.72
CA ASP E 76 29.52 -10.97 23.49
C ASP E 76 30.58 -9.87 23.53
N ARG E 77 30.38 -8.96 24.46
CA ARG E 77 31.27 -7.84 24.59
C ARG E 77 32.30 -8.13 25.68
N ILE E 78 33.44 -8.64 25.24
CA ILE E 78 34.55 -8.95 26.13
C ILE E 78 34.91 -7.77 27.01
N ASP E 79 34.90 -6.59 26.40
CA ASP E 79 35.20 -5.34 27.08
C ASP E 79 34.23 -5.01 28.23
N VAL E 80 32.93 -5.04 27.95
CA VAL E 80 31.93 -4.83 28.99
C VAL E 80 32.20 -5.82 30.14
N ALA E 81 32.64 -7.03 29.77
CA ALA E 81 32.87 -8.08 30.74
C ALA E 81 34.08 -7.79 31.63
N MET E 82 35.22 -7.54 31.01
CA MET E 82 36.43 -7.16 31.76
C MET E 82 36.13 -5.97 32.62
N ALA E 83 35.41 -5.03 32.04
CA ALA E 83 35.09 -3.76 32.69
C ALA E 83 34.31 -3.91 34.00
N ILE E 84 33.20 -4.64 33.95
CA ILE E 84 32.35 -4.77 35.13
C ILE E 84 32.67 -5.99 36.00
N GLY E 85 33.82 -6.62 35.76
CA GLY E 85 34.24 -7.75 36.58
C GLY E 85 33.23 -8.87 36.48
N ALA E 86 32.90 -9.22 35.25
CA ALA E 86 31.94 -10.29 34.98
C ALA E 86 32.63 -11.63 35.14
N ASP E 87 31.84 -12.67 35.42
CA ASP E 87 32.39 -13.97 35.78
C ASP E 87 32.70 -14.81 34.58
N GLY E 88 32.11 -14.44 33.44
CA GLY E 88 32.34 -15.20 32.23
C GLY E 88 31.78 -14.50 31.02
N ILE E 89 32.19 -14.93 29.83
CA ILE E 89 31.72 -14.33 28.60
C ILE E 89 31.38 -15.39 27.59
N HIS E 90 30.25 -15.22 26.94
CA HIS E 90 29.83 -16.15 25.92
C HIS E 90 30.02 -15.51 24.57
N VAL E 91 30.75 -16.17 23.67
CA VAL E 91 30.89 -15.63 22.32
C VAL E 91 30.41 -16.66 21.35
N GLY E 92 30.09 -16.24 20.14
CA GLY E 92 29.60 -17.16 19.13
C GLY E 92 30.70 -17.56 18.16
N GLN E 93 30.31 -18.21 17.08
CA GLN E 93 31.25 -18.69 16.08
C GLN E 93 31.74 -17.53 15.23
N ASP E 94 30.88 -16.52 15.08
CA ASP E 94 31.19 -15.35 14.27
C ASP E 94 31.73 -14.22 15.11
N ASP E 95 31.92 -14.48 16.41
CA ASP E 95 32.46 -13.49 17.31
C ASP E 95 33.98 -13.66 17.45
N MET E 96 34.61 -12.85 18.30
CA MET E 96 36.08 -12.82 18.43
C MET E 96 36.71 -14.21 18.64
N PRO E 97 37.71 -14.58 17.82
CA PRO E 97 38.45 -15.84 18.01
C PRO E 97 38.84 -16.05 19.47
N ILE E 98 38.84 -17.31 19.90
CA ILE E 98 38.96 -17.61 21.33
C ILE E 98 40.34 -17.33 21.93
N PRO E 99 41.41 -17.84 21.31
CA PRO E 99 42.76 -17.48 21.77
C PRO E 99 42.86 -15.99 22.08
N MET E 100 42.37 -15.18 21.15
CA MET E 100 42.32 -13.72 21.31
C MET E 100 41.63 -13.31 22.60
N ILE E 101 40.47 -13.88 22.85
CA ILE E 101 39.68 -13.56 24.02
C ILE E 101 40.43 -13.91 25.31
N ARG E 102 40.98 -15.12 25.34
CA ARG E 102 41.70 -15.61 26.50
C ARG E 102 42.87 -14.66 26.81
N LYS E 103 43.60 -14.27 25.77
CA LYS E 103 44.69 -13.33 25.92
C LYS E 103 44.26 -12.06 26.71
N LEU E 104 43.06 -11.54 26.44
CA LEU E 104 42.59 -10.32 27.10
C LEU E 104 42.08 -10.53 28.53
N VAL E 105 41.24 -11.55 28.72
CA VAL E 105 40.60 -11.79 30.01
C VAL E 105 41.49 -12.59 30.96
N GLY E 106 42.55 -13.19 30.42
CA GLY E 106 43.42 -14.06 31.21
C GLY E 106 42.64 -15.24 31.77
N PRO E 107 43.35 -16.24 32.31
CA PRO E 107 42.57 -17.36 32.88
C PRO E 107 41.67 -16.85 34.00
N ASP E 108 41.03 -17.75 34.72
CA ASP E 108 40.17 -17.38 35.85
C ASP E 108 38.75 -16.99 35.44
N MET E 109 38.58 -16.58 34.18
CA MET E 109 37.26 -16.24 33.68
C MET E 109 36.72 -17.26 32.69
N VAL E 110 35.42 -17.52 32.77
CA VAL E 110 34.78 -18.56 31.95
C VAL E 110 34.52 -18.08 30.53
N ILE E 111 34.89 -18.90 29.56
CA ILE E 111 34.58 -18.61 28.16
C ILE E 111 33.59 -19.62 27.57
N GLY E 112 32.39 -19.14 27.23
CA GLY E 112 31.39 -19.96 26.58
C GLY E 112 31.45 -19.75 25.08
N TRP E 113 31.33 -20.83 24.34
CA TRP E 113 31.37 -20.79 22.89
C TRP E 113 30.13 -21.45 22.32
N SER E 114 29.60 -20.95 21.22
CA SER E 114 28.39 -21.53 20.63
C SER E 114 28.74 -22.57 19.57
N VAL E 115 28.67 -23.83 19.94
CA VAL E 115 29.04 -24.88 19.02
C VAL E 115 27.79 -25.58 18.52
N GLY E 116 27.78 -25.98 17.25
CA GLY E 116 26.62 -26.63 16.66
C GLY E 116 27.02 -27.85 15.84
N PHE E 117 28.31 -27.96 15.53
CA PHE E 117 28.82 -29.06 14.74
C PHE E 117 30.08 -29.61 15.38
N PRO E 118 30.37 -30.89 15.15
CA PRO E 118 31.58 -31.57 15.62
C PRO E 118 32.87 -30.86 15.21
N GLU E 119 32.95 -30.45 13.94
CA GLU E 119 34.14 -29.76 13.42
C GLU E 119 34.59 -28.66 14.39
N GLU E 120 33.62 -28.01 15.01
CA GLU E 120 33.89 -26.94 15.96
C GLU E 120 34.38 -27.48 17.29
N VAL E 121 34.09 -28.75 17.56
CA VAL E 121 34.60 -29.37 18.78
C VAL E 121 36.05 -29.78 18.56
N ASP E 122 36.37 -30.21 17.35
CA ASP E 122 37.75 -30.50 16.97
C ASP E 122 38.65 -29.30 17.21
N GLU E 123 38.21 -28.12 16.75
CA GLU E 123 38.94 -26.86 16.94
C GLU E 123 39.07 -26.53 18.42
N LEU E 124 37.94 -26.56 19.11
CA LEU E 124 37.86 -26.33 20.57
C LEU E 124 38.87 -27.16 21.35
N SER E 125 39.21 -28.33 20.80
CA SER E 125 40.11 -29.28 21.45
C SER E 125 41.58 -29.06 21.11
N LYS E 126 41.87 -28.72 19.85
CA LYS E 126 43.23 -28.34 19.45
C LYS E 126 43.72 -27.13 20.27
N MET E 127 42.81 -26.49 21.00
CA MET E 127 43.18 -25.34 21.82
C MET E 127 43.46 -25.73 23.26
N GLY E 128 43.20 -26.99 23.59
CA GLY E 128 43.42 -27.46 24.95
C GLY E 128 42.56 -26.74 25.97
N PRO E 129 42.77 -27.05 27.27
CA PRO E 129 42.04 -26.43 28.38
C PRO E 129 42.44 -24.98 28.63
N ASP E 130 41.71 -24.37 29.56
CA ASP E 130 41.79 -22.95 29.88
C ASP E 130 41.44 -22.05 28.69
N MET E 131 41.03 -22.68 27.59
CA MET E 131 40.45 -21.96 26.44
C MET E 131 38.92 -21.92 26.61
N VAL E 132 38.24 -22.80 25.89
CA VAL E 132 36.78 -22.92 26.05
C VAL E 132 36.45 -23.68 27.33
N ASP E 133 35.58 -23.10 28.15
CA ASP E 133 35.26 -23.68 29.45
C ASP E 133 33.89 -24.35 29.47
N TYR E 134 33.10 -24.05 28.43
CA TYR E 134 31.78 -24.65 28.26
C TYR E 134 31.23 -24.18 26.93
N ILE E 135 30.43 -25.02 26.28
CA ILE E 135 29.79 -24.62 25.04
C ILE E 135 28.27 -24.72 25.14
N GLY E 136 27.60 -23.83 24.41
CA GLY E 136 26.17 -23.94 24.22
C GLY E 136 25.99 -24.72 22.94
N VAL E 137 25.25 -25.83 23.01
CA VAL E 137 25.11 -26.70 21.85
C VAL E 137 24.04 -26.27 20.85
N GLY E 138 24.54 -25.87 19.67
CA GLY E 138 23.80 -25.47 18.46
C GLY E 138 22.57 -24.69 18.76
N THR E 139 21.66 -24.62 17.79
CA THR E 139 20.30 -24.22 18.15
C THR E 139 19.51 -25.49 17.98
N LEU E 140 19.14 -26.12 19.10
CA LEU E 140 18.46 -27.40 19.05
C LEU E 140 17.20 -27.31 18.21
N PHE E 141 16.40 -26.28 18.45
CA PHE E 141 15.11 -26.15 17.78
C PHE E 141 14.94 -24.78 17.17
N PRO E 142 14.09 -24.66 16.14
CA PRO E 142 13.83 -23.34 15.55
C PRO E 142 13.23 -22.44 16.62
N THR E 143 13.54 -21.15 16.55
CA THR E 143 13.14 -20.23 17.60
C THR E 143 12.50 -18.97 17.02
N MET E 154 18.34 -28.91 13.68
CA MET E 154 19.48 -29.78 14.01
C MET E 154 19.16 -30.75 15.14
N GLY E 155 18.39 -30.29 16.10
CA GLY E 155 17.81 -31.15 17.12
C GLY E 155 18.75 -32.00 17.96
N THR E 156 18.16 -32.89 18.76
CA THR E 156 18.91 -33.74 19.67
C THR E 156 19.93 -34.62 18.95
N ALA E 157 19.56 -35.12 17.77
CA ALA E 157 20.48 -35.92 16.97
C ALA E 157 21.80 -35.19 16.77
N GLY E 158 21.70 -33.92 16.40
CA GLY E 158 22.85 -33.08 16.12
C GLY E 158 23.64 -32.75 17.37
N ALA E 159 22.93 -32.68 18.51
CA ALA E 159 23.55 -32.43 19.80
C ALA E 159 24.39 -33.63 20.19
N ILE E 160 23.82 -34.80 20.04
CA ILE E 160 24.59 -36.01 20.25
C ILE E 160 25.90 -35.98 19.47
N ARG E 161 25.83 -35.69 18.18
CA ARG E 161 27.03 -35.69 17.35
C ARG E 161 28.12 -34.83 17.97
N VAL E 162 27.73 -33.76 18.66
CA VAL E 162 28.69 -32.88 19.32
C VAL E 162 29.24 -33.51 20.60
N LEU E 163 28.35 -33.92 21.50
CA LEU E 163 28.75 -34.60 22.74
C LEU E 163 29.69 -35.75 22.42
N ASP E 164 29.47 -36.38 21.27
CA ASP E 164 30.31 -37.49 20.84
C ASP E 164 31.71 -37.06 20.44
N ALA E 165 31.82 -35.90 19.80
CA ALA E 165 33.13 -35.36 19.45
C ALA E 165 33.85 -34.89 20.72
N LEU E 166 33.08 -34.39 21.69
CA LEU E 166 33.63 -33.95 22.98
C LEU E 166 34.21 -35.12 23.74
N GLU E 167 33.96 -36.31 23.21
CA GLU E 167 34.37 -37.54 23.89
C GLU E 167 35.47 -38.21 23.10
N ARG E 168 35.28 -38.35 21.80
CA ARG E 168 36.33 -38.80 20.91
C ARG E 168 37.57 -37.93 21.05
N ASN E 169 37.37 -36.68 21.46
CA ASN E 169 38.47 -35.71 21.62
C ASN E 169 38.95 -35.57 23.05
N ASN E 170 38.33 -36.34 23.94
CA ASN E 170 38.57 -36.20 25.37
C ASN E 170 38.72 -34.75 25.79
N ALA E 171 37.64 -33.99 25.70
CA ALA E 171 37.63 -32.62 26.18
C ALA E 171 37.02 -32.58 27.59
N HIS E 172 37.61 -33.36 28.49
CA HIS E 172 37.17 -33.45 29.88
C HIS E 172 36.86 -32.11 30.54
N TRP E 173 37.48 -31.05 30.04
CA TRP E 173 37.46 -29.76 30.72
C TRP E 173 36.25 -28.91 30.34
N CYS E 174 35.59 -29.30 29.26
CA CYS E 174 34.56 -28.45 28.63
C CYS E 174 33.16 -28.91 28.96
N ARG E 175 32.39 -28.10 29.70
CA ARG E 175 31.01 -28.46 30.03
C ARG E 175 30.07 -28.13 28.86
N THR E 176 28.80 -28.50 28.96
CA THR E 176 27.85 -28.23 27.89
C THR E 176 26.49 -27.82 28.40
N VAL E 177 25.89 -26.85 27.73
CA VAL E 177 24.49 -26.53 27.95
C VAL E 177 23.76 -26.60 26.61
N GLY E 178 22.54 -27.13 26.64
CA GLY E 178 21.70 -27.13 25.46
C GLY E 178 21.04 -25.79 25.32
N ILE E 179 20.85 -25.32 24.10
CA ILE E 179 20.22 -24.01 23.93
C ILE E 179 19.36 -23.91 22.67
N GLY E 180 18.28 -23.16 22.79
CA GLY E 180 17.52 -22.80 21.60
C GLY E 180 16.14 -23.42 21.48
N GLY E 181 15.14 -22.68 21.92
CA GLY E 181 13.78 -23.16 21.76
C GLY E 181 13.49 -24.27 22.74
N LEU E 182 14.16 -24.20 23.90
CA LEU E 182 13.90 -25.13 24.98
C LEU E 182 12.75 -24.68 25.86
N HIS E 183 11.74 -25.53 25.99
CA HIS E 183 10.55 -25.23 26.78
C HIS E 183 10.12 -26.47 27.58
N PRO E 184 9.11 -26.34 28.45
CA PRO E 184 8.69 -27.55 29.19
C PRO E 184 8.18 -28.67 28.26
N ASP E 185 7.71 -28.30 27.08
CA ASP E 185 7.17 -29.26 26.12
C ASP E 185 8.24 -30.12 25.41
N ASN E 186 9.49 -30.02 25.86
CA ASN E 186 10.59 -30.70 25.18
C ASN E 186 11.90 -30.72 25.96
N ILE E 187 11.87 -30.21 27.18
CA ILE E 187 13.09 -30.15 27.99
C ILE E 187 13.50 -31.55 28.47
N GLU E 188 12.53 -32.33 28.91
CA GLU E 188 12.82 -33.69 29.38
C GLU E 188 13.33 -34.57 28.25
N ARG E 189 12.74 -34.45 27.07
CA ARG E 189 13.24 -35.19 25.91
C ARG E 189 14.67 -34.81 25.53
N VAL E 190 15.01 -33.52 25.65
CA VAL E 190 16.34 -33.02 25.32
C VAL E 190 17.37 -33.53 26.30
N LEU E 191 17.05 -33.41 27.59
CA LEU E 191 17.91 -33.95 28.64
C LEU E 191 18.13 -35.43 28.43
N TYR E 192 17.04 -36.11 28.08
CA TYR E 192 16.98 -37.57 28.00
C TYR E 192 17.81 -38.18 26.88
N GLN E 193 17.69 -37.66 25.67
CA GLN E 193 18.40 -38.26 24.55
C GLN E 193 19.67 -37.54 24.12
N CYS E 194 19.91 -36.36 24.69
CA CYS E 194 21.21 -35.68 24.52
C CYS E 194 22.25 -36.26 25.46
N VAL E 195 22.73 -37.47 25.13
CA VAL E 195 23.78 -38.16 25.88
C VAL E 195 24.81 -38.70 24.92
N SER E 196 26.04 -38.78 25.39
CA SER E 196 27.15 -39.24 24.57
C SER E 196 26.82 -40.64 24.11
N SER E 197 27.43 -41.10 23.01
CA SER E 197 27.14 -42.46 22.53
C SER E 197 27.76 -43.51 23.42
N ASN E 198 28.74 -43.13 24.22
CA ASN E 198 29.30 -44.04 25.21
C ASN E 198 28.68 -43.86 26.60
N GLY E 199 27.53 -43.21 26.65
CA GLY E 199 26.81 -43.02 27.91
C GLY E 199 27.52 -42.17 28.95
N LYS E 200 28.78 -41.83 28.70
CA LYS E 200 29.59 -41.17 29.73
C LYS E 200 29.35 -39.67 29.92
N ARG E 201 28.66 -39.02 28.99
CA ARG E 201 28.45 -37.57 29.09
C ARG E 201 27.07 -37.15 28.60
N SER E 202 26.39 -36.33 29.38
CA SER E 202 25.16 -35.65 28.92
C SER E 202 25.24 -34.12 29.05
N LEU E 203 24.11 -33.44 28.92
CA LEU E 203 24.11 -31.98 29.04
C LEU E 203 24.27 -31.55 30.49
N ASP E 204 25.16 -30.60 30.73
CA ASP E 204 25.41 -30.11 32.08
C ASP E 204 24.33 -29.12 32.54
N GLY E 205 23.51 -28.67 31.58
CA GLY E 205 22.37 -27.86 31.91
C GLY E 205 21.57 -27.43 30.70
N ILE E 206 20.59 -26.58 30.97
CA ILE E 206 19.65 -26.14 29.95
C ILE E 206 19.59 -24.61 29.91
N CYS E 207 19.62 -24.04 28.70
CA CYS E 207 19.44 -22.60 28.53
C CYS E 207 18.00 -22.23 28.15
N VAL E 208 17.30 -21.57 29.06
CA VAL E 208 15.99 -21.02 28.73
C VAL E 208 16.08 -19.53 28.50
N VAL E 209 15.26 -19.02 27.57
CA VAL E 209 15.28 -17.62 27.24
C VAL E 209 13.87 -17.10 27.37
N SER E 210 13.09 -17.32 26.32
CA SER E 210 11.71 -16.83 26.25
C SER E 210 10.78 -17.48 27.28
N ASP E 211 11.28 -18.46 28.01
CA ASP E 211 10.40 -19.20 28.91
C ASP E 211 10.34 -18.63 30.34
N ILE E 212 11.37 -17.87 30.72
CA ILE E 212 11.37 -17.21 32.02
C ILE E 212 11.22 -15.73 31.81
N ILE E 213 12.00 -15.19 30.86
CA ILE E 213 11.98 -13.77 30.57
C ILE E 213 10.59 -13.26 30.19
N ALA E 214 9.98 -13.93 29.22
CA ALA E 214 8.68 -13.51 28.68
C ALA E 214 7.50 -14.00 29.53
N SER E 215 7.82 -14.68 30.62
CA SER E 215 6.79 -15.22 31.51
C SER E 215 6.06 -14.11 32.26
N LEU E 216 4.73 -14.22 32.28
CA LEU E 216 3.90 -13.31 33.08
C LEU E 216 4.04 -13.63 34.57
N ASP E 217 4.46 -14.85 34.87
CA ASP E 217 4.80 -15.26 36.22
C ASP E 217 6.13 -16.03 36.21
N ALA E 218 7.24 -15.29 36.24
CA ALA E 218 8.56 -15.88 36.11
C ALA E 218 8.92 -16.82 37.26
N ALA E 219 8.39 -16.54 38.44
CA ALA E 219 8.67 -17.38 39.61
C ALA E 219 8.13 -18.77 39.36
N LYS E 220 6.93 -18.85 38.80
CA LYS E 220 6.27 -20.12 38.51
C LYS E 220 6.99 -20.85 37.37
N SER E 221 7.15 -20.16 36.25
CA SER E 221 7.79 -20.76 35.08
C SER E 221 9.13 -21.38 35.45
N THR E 222 9.82 -20.79 36.42
CA THR E 222 11.15 -21.25 36.82
C THR E 222 11.07 -22.48 37.71
N LYS E 223 10.16 -22.45 38.69
CA LYS E 223 9.97 -23.62 39.55
C LYS E 223 9.66 -24.87 38.69
N ILE E 224 8.85 -24.68 37.64
CA ILE E 224 8.53 -25.76 36.69
C ILE E 224 9.76 -26.33 35.98
N LEU E 225 10.57 -25.45 35.39
CA LEU E 225 11.77 -25.90 34.69
C LEU E 225 12.76 -26.55 35.65
N ARG E 226 12.69 -26.18 36.92
CA ARG E 226 13.53 -26.81 37.92
C ARG E 226 13.04 -28.21 38.17
N GLY E 227 11.73 -28.34 38.38
CA GLY E 227 11.11 -29.65 38.55
C GLY E 227 11.51 -30.64 37.46
N LEU E 228 11.60 -30.17 36.23
CA LEU E 228 11.99 -30.99 35.08
C LEU E 228 13.48 -31.30 35.05
N ILE E 229 14.30 -30.33 35.39
CA ILE E 229 15.74 -30.48 35.26
C ILE E 229 16.35 -31.44 36.29
N ASP E 230 15.84 -31.42 37.52
CA ASP E 230 16.40 -32.28 38.56
C ASP E 230 15.52 -33.50 38.91
N LYS E 231 14.56 -33.80 38.03
CA LYS E 231 13.89 -35.10 37.98
C LYS E 231 14.86 -36.05 37.30
N THR E 232 14.56 -37.34 37.29
CA THR E 232 15.44 -38.29 36.58
C THR E 232 14.69 -39.35 35.77
N ASP E 233 13.36 -39.24 35.75
CA ASP E 233 12.50 -40.15 34.99
C ASP E 233 11.74 -39.44 33.89
N TYR E 234 11.98 -39.82 32.63
CA TYR E 234 11.12 -39.36 31.56
C TYR E 234 10.16 -40.48 31.19
N LYS E 235 9.02 -40.52 31.89
CA LYS E 235 7.95 -41.46 31.54
C LYS E 235 7.21 -40.97 30.31
N PHE E 236 7.80 -41.21 29.14
CA PHE E 236 7.31 -40.60 27.89
C PHE E 236 6.15 -41.40 27.30
N VAL E 237 6.01 -42.63 27.77
CA VAL E 237 4.89 -43.45 27.35
C VAL E 237 4.35 -44.20 28.56
N ASN E 238 3.03 -44.30 28.64
CA ASN E 238 2.36 -44.93 29.78
C ASN E 238 2.42 -46.47 29.73
N ILE E 239 3.64 -46.98 29.71
CA ILE E 239 3.92 -48.41 29.66
C ILE E 239 5.20 -48.59 30.42
N GLY E 240 5.39 -49.75 31.04
CA GLY E 240 6.63 -50.05 31.73
C GLY E 240 7.83 -49.93 30.81
N LEU E 241 8.92 -49.36 31.33
CA LEU E 241 10.13 -49.23 30.56
C LEU E 241 11.28 -50.01 31.18
N SER E 242 10.94 -50.81 32.19
CA SER E 242 11.92 -51.65 32.89
C SER E 242 12.79 -52.43 31.90
N THR E 243 14.07 -52.57 32.24
CA THR E 243 14.99 -53.29 31.36
C THR E 243 14.83 -54.78 31.58
N LYS E 244 14.50 -55.47 30.50
CA LYS E 244 14.29 -56.90 30.56
C LYS E 244 15.43 -57.60 29.81
N ASN E 245 16.13 -58.49 30.51
CA ASN E 245 17.23 -59.24 29.91
C ASN E 245 16.82 -60.69 29.68
N SER E 246 15.85 -61.14 30.47
CA SER E 246 15.25 -62.44 30.28
C SER E 246 14.48 -62.45 28.97
N LEU E 247 14.84 -63.34 28.06
CA LEU E 247 14.11 -63.47 26.80
C LEU E 247 12.60 -63.47 27.02
N THR E 248 11.87 -62.87 26.08
CA THR E 248 10.44 -62.74 26.22
C THR E 248 9.83 -64.13 26.25
N THR E 249 9.19 -64.48 27.37
CA THR E 249 8.65 -65.82 27.55
C THR E 249 7.35 -66.02 26.78
N THR E 250 7.04 -67.27 26.47
CA THR E 250 5.78 -67.62 25.84
C THR E 250 4.60 -67.06 26.62
N ASP E 251 4.64 -67.22 27.95
CA ASP E 251 3.56 -66.71 28.80
C ASP E 251 3.42 -65.18 28.74
N GLU E 252 4.55 -64.49 28.56
CA GLU E 252 4.55 -63.03 28.41
C GLU E 252 3.93 -62.60 27.09
N ILE E 253 4.42 -63.17 25.98
CA ILE E 253 3.84 -62.97 24.66
C ILE E 253 2.33 -63.25 24.64
N GLN E 254 1.94 -64.31 25.34
CA GLN E 254 0.54 -64.69 25.44
C GLN E 254 -0.26 -63.58 26.14
N SER E 255 0.33 -62.99 27.17
CA SER E 255 -0.38 -61.95 27.91
C SER E 255 -0.45 -60.67 27.08
N ILE E 256 0.59 -60.41 26.29
CA ILE E 256 0.60 -59.24 25.42
C ILE E 256 -0.62 -59.32 24.52
N ILE E 257 -0.72 -60.40 23.76
CA ILE E 257 -1.80 -60.55 22.78
C ILE E 257 -3.18 -60.49 23.41
N SER E 258 -3.34 -61.11 24.58
CA SER E 258 -4.60 -61.05 25.31
C SER E 258 -4.99 -59.61 25.58
N ASN E 259 -3.99 -58.81 25.99
CA ASN E 259 -4.23 -57.42 26.36
C ASN E 259 -4.67 -56.58 25.17
N THR E 260 -3.98 -56.73 24.05
CA THR E 260 -4.32 -55.97 22.87
C THR E 260 -5.66 -56.40 22.28
N LEU E 261 -6.02 -57.66 22.45
CA LEU E 261 -7.32 -58.10 22.00
C LEU E 261 -8.40 -57.52 22.89
N LYS E 262 -8.17 -57.58 24.20
CA LYS E 262 -9.13 -57.12 25.20
C LYS E 262 -9.27 -55.60 25.22
N ALA E 263 -8.20 -54.92 24.83
CA ALA E 263 -8.15 -53.46 24.93
C ALA E 263 -8.57 -52.73 23.64
N ARG E 264 -8.68 -53.47 22.54
CA ARG E 264 -9.07 -52.90 21.25
C ARG E 264 -8.42 -51.53 20.98
N PRO E 265 -7.07 -51.50 20.87
CA PRO E 265 -6.31 -50.26 20.70
C PRO E 265 -6.69 -49.54 19.41
N LEU E 266 -6.73 -48.21 19.46
CA LEU E 266 -6.96 -47.42 18.27
C LEU E 266 -5.60 -47.01 17.73
N VAL E 267 -5.27 -47.49 16.53
CA VAL E 267 -3.99 -47.19 15.93
C VAL E 267 -4.14 -46.22 14.77
N GLN E 268 -3.74 -44.98 14.99
CA GLN E 268 -3.79 -43.95 13.97
C GLN E 268 -2.65 -44.13 12.99
N HIS E 269 -3.00 -44.34 11.72
CA HIS E 269 -2.02 -44.56 10.67
C HIS E 269 -1.76 -43.30 9.86
N ILE E 270 -0.55 -42.81 9.90
CA ILE E 270 -0.15 -41.77 8.98
C ILE E 270 0.87 -42.39 8.01
N THR E 271 0.40 -42.84 6.85
CA THR E 271 1.23 -43.61 5.95
C THR E 271 0.82 -43.38 4.48
N ASN E 272 1.54 -43.98 3.54
CA ASN E 272 1.39 -43.73 2.09
C ASN E 272 0.05 -44.14 1.48
N VAL E 274 -0.29 -46.86 -0.34
CA VAL E 274 -0.12 -48.29 -0.50
C VAL E 274 -0.36 -49.08 0.77
N HIS E 275 0.22 -48.62 1.88
CA HIS E 275 0.08 -49.30 3.16
C HIS E 275 -1.24 -48.92 3.86
N GLN E 276 -1.93 -47.95 3.27
CA GLN E 276 -3.25 -47.57 3.75
C GLN E 276 -4.08 -48.84 3.93
N ASN E 277 -4.53 -49.41 2.82
CA ASN E 277 -5.43 -50.55 2.88
C ASN E 277 -4.76 -51.68 3.62
N PHE E 278 -3.54 -52.05 3.22
CA PHE E 278 -2.87 -53.21 3.83
C PHE E 278 -2.73 -53.06 5.35
N GLY E 279 -2.19 -51.94 5.79
CA GLY E 279 -1.96 -51.69 7.20
C GLY E 279 -3.22 -51.72 8.04
N ALA E 280 -4.32 -51.26 7.48
CA ALA E 280 -5.59 -51.25 8.22
C ALA E 280 -6.10 -52.66 8.44
N ASN E 281 -5.75 -53.55 7.51
CA ASN E 281 -6.18 -54.94 7.58
C ASN E 281 -5.38 -55.70 8.63
N VAL E 282 -4.08 -55.40 8.70
CA VAL E 282 -3.21 -56.00 9.69
C VAL E 282 -3.66 -55.57 11.07
N THR E 283 -4.00 -54.30 11.18
CA THR E 283 -4.48 -53.78 12.44
C THR E 283 -5.80 -54.40 12.79
N LEU E 284 -6.70 -54.41 11.83
CA LEU E 284 -8.06 -54.90 12.04
C LEU E 284 -8.04 -56.40 12.41
N ALA E 285 -7.08 -57.12 11.85
CA ALA E 285 -6.92 -58.52 12.13
C ALA E 285 -6.45 -58.72 13.56
N LEU E 286 -5.69 -57.78 14.08
CA LEU E 286 -5.18 -57.92 15.45
C LEU E 286 -6.22 -57.44 16.47
N GLY E 287 -7.47 -57.36 16.01
CA GLY E 287 -8.56 -56.96 16.88
C GLY E 287 -8.48 -55.55 17.43
N SER E 288 -7.95 -54.64 16.63
CA SER E 288 -7.86 -53.24 17.02
C SER E 288 -8.22 -52.33 15.85
N SER E 289 -8.93 -51.23 16.15
CA SER E 289 -9.48 -50.35 15.11
C SER E 289 -8.46 -49.33 14.56
N PRO E 290 -8.28 -49.29 13.24
CA PRO E 290 -7.34 -48.36 12.64
C PRO E 290 -8.02 -47.09 12.16
N ILE E 291 -7.36 -45.95 12.32
CA ILE E 291 -7.83 -44.68 11.77
C ILE E 291 -6.76 -44.07 10.90
N MET E 292 -7.13 -43.60 9.72
CA MET E 292 -6.15 -43.06 8.76
C MET E 292 -6.20 -41.56 8.66
N SER E 293 -6.55 -40.90 9.77
CA SER E 293 -6.68 -39.45 9.82
C SER E 293 -5.35 -38.68 9.71
N GLU E 294 -5.22 -37.86 8.66
CA GLU E 294 -4.09 -36.96 8.51
C GLU E 294 -4.59 -35.53 8.74
N ILE E 295 -5.60 -35.42 9.59
CA ILE E 295 -6.28 -34.16 9.89
C ILE E 295 -5.77 -33.57 11.21
N GLN E 296 -5.25 -32.35 11.14
CA GLN E 296 -4.57 -31.68 12.28
C GLN E 296 -5.41 -31.39 13.53
N SER E 297 -6.63 -30.91 13.32
CA SER E 297 -7.56 -30.63 14.43
C SER E 297 -7.97 -31.87 15.23
N GLU E 298 -8.17 -32.98 14.53
CA GLU E 298 -8.58 -34.23 15.13
C GLU E 298 -7.51 -34.79 16.05
N VAL E 299 -6.26 -34.47 15.72
CA VAL E 299 -5.11 -35.13 16.30
C VAL E 299 -5.10 -35.20 17.82
N ASN E 300 -5.59 -34.17 18.49
CA ASN E 300 -5.66 -34.23 19.94
C ASN E 300 -6.81 -35.08 20.50
N ASP E 301 -7.99 -34.94 19.90
CA ASP E 301 -9.15 -35.73 20.30
C ASP E 301 -8.89 -37.22 20.06
N LEU E 302 -8.19 -37.51 18.97
CA LEU E 302 -7.87 -38.87 18.56
C LEU E 302 -6.99 -39.58 19.60
N ALA E 303 -5.92 -38.92 20.02
CA ALA E 303 -4.96 -39.48 20.97
C ALA E 303 -5.51 -39.54 22.40
N ALA E 304 -6.69 -38.98 22.60
CA ALA E 304 -7.31 -38.97 23.92
C ALA E 304 -8.01 -40.29 24.20
N ILE E 305 -8.51 -40.92 23.14
CA ILE E 305 -9.18 -42.21 23.20
C ILE E 305 -8.30 -43.28 23.85
N PRO E 306 -8.87 -44.13 24.71
CA PRO E 306 -8.07 -45.07 25.50
C PRO E 306 -7.25 -46.02 24.65
N HIS E 307 -6.12 -46.45 25.17
CA HIS E 307 -5.19 -47.33 24.45
C HIS E 307 -4.99 -46.90 22.97
N ALA E 308 -4.80 -45.62 22.74
CA ALA E 308 -4.54 -45.10 21.40
C ALA E 308 -3.05 -45.21 21.08
N THR E 309 -2.73 -45.10 19.80
CA THR E 309 -1.36 -45.38 19.33
C THR E 309 -1.10 -44.74 17.97
N LEU E 310 0.08 -44.14 17.81
CA LEU E 310 0.41 -43.49 16.55
C LEU E 310 1.41 -44.30 15.76
N LEU E 311 1.04 -44.67 14.53
CA LEU E 311 1.98 -45.33 13.62
C LEU E 311 2.31 -44.32 12.54
N LEU E 312 3.60 -44.14 12.27
CA LEU E 312 4.06 -43.01 11.47
C LEU E 312 4.99 -43.41 10.34
N ASN E 313 4.56 -43.20 9.11
CA ASN E 313 5.39 -43.47 7.95
C ASN E 313 5.92 -42.17 7.38
N THR E 314 7.13 -42.22 6.88
CA THR E 314 7.64 -41.16 6.05
C THR E 314 7.24 -41.50 4.62
N GLY E 315 7.25 -40.51 3.74
CA GLY E 315 6.73 -40.69 2.40
C GLY E 315 5.23 -40.61 2.46
N SER E 316 4.74 -40.17 3.63
CA SER E 316 3.34 -39.83 3.79
C SER E 316 3.07 -38.51 3.09
N VAL E 317 1.80 -38.26 2.79
CA VAL E 317 1.40 -37.07 2.04
C VAL E 317 1.11 -35.88 2.95
N ALA E 318 1.06 -36.14 4.27
CA ALA E 318 0.74 -35.09 5.25
C ALA E 318 1.90 -34.14 5.51
N PRO E 319 1.57 -32.87 5.78
CA PRO E 319 2.53 -31.75 5.94
C PRO E 319 3.30 -31.82 7.25
N PRO E 320 4.63 -31.58 7.22
CA PRO E 320 5.43 -31.55 8.46
C PRO E 320 4.73 -30.85 9.64
N GLU E 321 4.08 -29.73 9.39
CA GLU E 321 3.40 -29.03 10.50
C GLU E 321 2.39 -29.93 11.23
N MET E 322 1.84 -30.92 10.53
CA MET E 322 0.80 -31.78 11.10
C MET E 322 1.42 -33.01 11.75
N LEU E 323 2.46 -33.56 11.13
CA LEU E 323 3.21 -34.65 11.73
C LEU E 323 3.72 -34.19 13.09
N LYS E 324 4.32 -32.99 13.13
CA LYS E 324 4.71 -32.36 14.40
C LYS E 324 3.49 -32.28 15.29
N ALA E 325 2.40 -31.73 14.76
CA ALA E 325 1.15 -31.60 15.50
C ALA E 325 0.78 -32.89 16.25
N ALA E 326 0.94 -34.02 15.55
CA ALA E 326 0.52 -35.34 16.03
C ALA E 326 1.55 -35.96 16.97
N ILE E 327 2.78 -36.10 16.50
CA ILE E 327 3.87 -36.58 17.34
C ILE E 327 3.80 -35.95 18.71
N ARG E 328 3.56 -34.64 18.74
CA ARG E 328 3.38 -33.92 19.99
C ARG E 328 2.12 -34.35 20.71
N ALA E 329 1.00 -34.34 20.00
CA ALA E 329 -0.29 -34.71 20.60
C ALA E 329 -0.26 -36.01 21.40
N TYR E 330 0.49 -37.01 20.90
CA TYR E 330 0.59 -38.31 21.55
C TYR E 330 1.56 -38.34 22.70
N ASN E 331 2.67 -37.60 22.60
CA ASN E 331 3.61 -37.47 23.72
C ASN E 331 3.02 -36.74 24.92
N ASP E 332 2.13 -35.79 24.63
CA ASP E 332 1.47 -35.02 25.67
C ASP E 332 0.64 -35.94 26.55
N VAL E 333 -0.10 -36.84 25.91
CA VAL E 333 -0.99 -37.78 26.60
C VAL E 333 -0.26 -39.07 27.01
N LYS E 334 1.04 -39.12 26.73
CA LYS E 334 1.90 -40.28 27.05
C LYS E 334 1.51 -41.59 26.39
N ARG E 335 1.00 -41.50 25.17
CA ARG E 335 0.70 -42.69 24.38
C ARG E 335 1.85 -42.97 23.40
N PRO E 336 1.93 -44.21 22.91
CA PRO E 336 3.08 -44.70 22.13
C PRO E 336 3.10 -44.29 20.65
N ILE E 337 4.26 -43.86 20.17
CA ILE E 337 4.44 -43.65 18.75
C ILE E 337 5.39 -44.69 18.16
N VAL E 338 5.00 -45.30 17.05
CA VAL E 338 5.90 -46.17 16.31
C VAL E 338 6.31 -45.49 15.02
N PHE E 339 7.61 -45.37 14.82
CA PHE E 339 8.13 -44.62 13.69
C PHE E 339 8.74 -45.56 12.65
N ASP E 340 8.25 -45.47 11.43
CA ASP E 340 8.74 -46.33 10.35
C ASP E 340 9.26 -45.45 9.24
N PRO E 341 10.57 -45.13 9.24
CA PRO E 341 11.16 -44.24 8.25
C PRO E 341 11.41 -45.00 6.95
N VAL E 342 10.55 -44.85 5.94
CA VAL E 342 10.63 -45.71 4.75
C VAL E 342 11.55 -45.15 3.69
N GLY E 343 12.77 -44.88 4.14
CA GLY E 343 13.90 -44.67 3.27
C GLY E 343 14.65 -43.41 3.59
N TYR E 344 15.74 -43.24 2.85
CA TYR E 344 16.21 -41.95 2.43
C TYR E 344 17.39 -42.07 1.49
N THR E 347 16.16 -40.67 -1.12
CA THR E 347 16.10 -39.27 -1.60
C THR E 347 16.42 -38.16 -0.56
N GLU E 348 17.22 -37.19 -0.96
CA GLU E 348 17.46 -35.98 -0.16
C GLU E 348 16.22 -35.45 0.57
N THR E 349 15.09 -35.34 -0.15
CA THR E 349 13.88 -34.81 0.48
C THR E 349 13.38 -35.65 1.66
N ARG E 350 13.51 -36.97 1.58
CA ARG E 350 13.04 -37.86 2.65
C ARG E 350 14.01 -37.84 3.82
N LEU E 351 15.30 -37.93 3.53
CA LEU E 351 16.32 -37.79 4.54
C LEU E 351 16.02 -36.56 5.39
N LEU E 352 15.73 -35.47 4.69
CA LEU E 352 15.42 -34.20 5.35
C LEU E 352 14.19 -34.30 6.25
N LEU E 353 13.11 -34.83 5.70
CA LEU E 353 11.87 -34.95 6.45
C LEU E 353 12.02 -35.80 7.69
N ASN E 354 12.73 -36.93 7.59
CA ASN E 354 12.92 -37.85 8.71
C ASN E 354 13.64 -37.19 9.86
N ASN E 355 14.80 -36.62 9.55
CA ASN E 355 15.59 -35.96 10.56
C ASN E 355 14.75 -34.90 11.27
N LYS E 356 13.86 -34.28 10.50
CA LYS E 356 13.01 -33.23 11.03
C LYS E 356 12.01 -33.86 12.02
N LEU E 357 11.45 -35.01 11.64
CA LEU E 357 10.47 -35.68 12.48
C LEU E 357 11.07 -36.21 13.78
N LEU E 358 12.32 -36.68 13.71
CA LEU E 358 12.97 -37.31 14.87
C LEU E 358 13.28 -36.32 15.98
N THR E 359 12.98 -35.05 15.71
CA THR E 359 13.19 -33.99 16.69
C THR E 359 11.87 -33.35 17.10
N PHE E 360 10.75 -33.91 16.64
CA PHE E 360 9.43 -33.41 17.01
C PHE E 360 8.92 -34.03 18.31
N GLY E 361 9.45 -35.20 18.67
CA GLY E 361 9.01 -35.90 19.87
C GLY E 361 9.78 -37.17 20.17
N GLN E 362 9.29 -37.92 21.17
CA GLN E 362 9.89 -39.17 21.62
C GLN E 362 9.16 -40.39 21.08
N PHE E 363 9.88 -41.25 20.34
CA PHE E 363 9.24 -42.43 19.77
C PHE E 363 9.39 -43.68 20.65
N SER E 364 8.32 -44.43 20.82
CA SER E 364 8.39 -45.67 21.56
C SER E 364 9.10 -46.76 20.76
N CYS E 365 9.00 -46.69 19.44
CA CYS E 365 9.71 -47.66 18.61
C CYS E 365 10.02 -47.15 17.21
N ILE E 366 11.28 -47.32 16.80
CA ILE E 366 11.71 -47.06 15.44
C ILE E 366 11.97 -48.40 14.70
N LYS E 367 11.38 -48.55 13.52
CA LYS E 367 11.46 -49.80 12.77
C LYS E 367 12.01 -49.54 11.38
N GLY E 368 13.04 -50.28 11.01
CA GLY E 368 13.58 -50.19 9.66
C GLY E 368 14.24 -51.50 9.22
N ASN E 369 14.76 -51.51 8.00
CA ASN E 369 15.51 -52.65 7.51
C ASN E 369 16.94 -52.23 7.19
N SER E 370 17.84 -53.20 7.13
CA SER E 370 19.26 -52.96 6.79
C SER E 370 19.63 -51.52 6.40
N SER E 371 19.14 -51.05 5.25
CA SER E 371 19.48 -49.72 4.76
C SER E 371 19.07 -48.60 5.71
N GLU E 372 17.77 -48.55 6.02
CA GLU E 372 17.23 -47.53 6.89
C GLU E 372 17.84 -47.53 8.30
N ILE E 373 18.20 -48.69 8.82
CA ILE E 373 18.79 -48.77 10.17
C ILE E 373 20.25 -48.39 10.18
N LEU E 374 20.99 -48.79 9.17
CA LEU E 374 22.38 -48.37 9.04
C LEU E 374 22.43 -46.84 8.86
N GLY E 375 21.56 -46.33 7.99
CA GLY E 375 21.47 -44.90 7.75
C GLY E 375 21.21 -44.12 9.03
N LEU E 376 20.23 -44.58 9.82
CA LEU E 376 19.84 -43.95 11.07
C LEU E 376 20.93 -43.99 12.12
N ALA E 377 21.77 -45.03 12.07
CA ALA E 377 22.85 -45.18 13.03
C ALA E 377 24.05 -44.34 12.57
N GLU E 378 24.00 -43.91 11.31
CA GLU E 378 25.06 -43.11 10.72
C GLU E 378 26.30 -43.96 10.52
N LEU E 379 26.16 -44.97 9.65
CA LEU E 379 27.21 -45.92 9.29
C LEU E 379 28.61 -45.31 9.33
N SER E 394 26.58 -57.17 6.16
CA SER E 394 27.02 -58.07 7.23
C SER E 394 25.85 -58.47 8.14
N ASN E 395 26.15 -59.04 9.31
CA ASN E 395 25.12 -59.44 10.26
C ASN E 395 25.40 -59.00 11.70
N GLU E 396 26.68 -58.97 12.08
CA GLU E 396 27.04 -58.43 13.39
C GLU E 396 26.91 -56.92 13.30
N LEU E 397 27.10 -56.40 12.08
CA LEU E 397 27.02 -54.97 11.84
C LEU E 397 25.60 -54.50 12.05
N LEU E 398 24.63 -55.23 11.50
CA LEU E 398 23.23 -54.89 11.68
C LEU E 398 22.89 -54.86 13.16
N ILE E 399 23.49 -55.76 13.94
CA ILE E 399 23.24 -55.80 15.38
C ILE E 399 23.80 -54.57 16.06
N GLN E 400 25.02 -54.22 15.69
CA GLN E 400 25.63 -53.00 16.20
C GLN E 400 24.78 -51.76 15.86
N ALA E 401 24.38 -51.66 14.60
CA ALA E 401 23.57 -50.53 14.13
C ALA E 401 22.23 -50.47 14.87
N THR E 402 21.57 -51.61 15.04
CA THR E 402 20.30 -51.63 15.74
C THR E 402 20.42 -51.11 17.19
N LYS E 403 21.50 -51.44 17.87
CA LYS E 403 21.72 -50.92 19.22
C LYS E 403 22.01 -49.42 19.17
N ILE E 404 22.81 -49.00 18.21
CA ILE E 404 23.15 -47.60 18.06
C ILE E 404 21.87 -46.76 17.93
N VAL E 405 20.98 -47.18 17.03
CA VAL E 405 19.73 -46.47 16.78
C VAL E 405 18.86 -46.46 18.04
N ALA E 406 18.72 -47.62 18.66
CA ALA E 406 17.88 -47.73 19.85
C ALA E 406 18.37 -46.74 20.89
N PHE E 407 19.67 -46.74 21.15
CA PHE E 407 20.21 -45.86 22.15
C PHE E 407 20.04 -44.39 21.73
N LYS E 408 20.44 -44.09 20.50
CA LYS E 408 20.47 -42.72 20.01
C LYS E 408 19.17 -42.02 20.27
N TYR E 409 18.08 -42.63 19.79
CA TYR E 409 16.76 -42.02 19.85
C TYR E 409 15.97 -42.50 21.06
N LYS E 410 16.70 -43.07 22.02
CA LYS E 410 16.15 -43.61 23.27
C LYS E 410 14.83 -44.35 23.06
N THR E 411 14.90 -45.49 22.41
CA THR E 411 13.71 -46.15 21.91
C THR E 411 13.97 -47.63 21.64
N VAL E 412 12.90 -48.42 21.56
CA VAL E 412 13.05 -49.76 21.04
C VAL E 412 13.19 -49.68 19.52
N ALA E 413 14.33 -50.13 19.00
CA ALA E 413 14.57 -50.13 17.56
C ALA E 413 14.53 -51.53 16.97
N VAL E 414 13.78 -51.66 15.89
CA VAL E 414 13.65 -52.94 15.22
C VAL E 414 14.33 -52.89 13.85
N CYS E 415 15.17 -53.86 13.57
CA CYS E 415 15.78 -53.97 12.26
C CYS E 415 15.35 -55.28 11.58
N THR E 416 14.52 -55.17 10.54
CA THR E 416 14.03 -56.34 9.80
C THR E 416 14.98 -56.88 8.73
N GLY E 417 14.96 -58.22 8.59
CA GLY E 417 15.74 -58.90 7.57
C GLY E 417 15.42 -60.38 7.63
N GLU E 418 16.40 -61.22 7.32
CA GLU E 418 16.26 -62.65 7.54
C GLU E 418 16.13 -62.83 9.04
N PHE E 419 17.06 -62.24 9.77
CA PHE E 419 16.93 -62.10 11.22
C PHE E 419 16.38 -60.70 11.52
N ASP E 420 15.46 -60.61 12.47
CA ASP E 420 15.02 -59.32 12.98
C ASP E 420 15.74 -59.07 14.30
N PHE E 421 16.30 -57.88 14.46
CA PHE E 421 16.97 -57.56 15.71
C PHE E 421 16.20 -56.51 16.44
N ILE E 422 16.01 -56.70 17.74
CA ILE E 422 15.29 -55.75 18.58
C ILE E 422 16.18 -55.29 19.72
N ALA E 423 16.41 -53.97 19.80
CA ALA E 423 17.26 -53.41 20.85
C ALA E 423 16.47 -52.42 21.71
N ASP E 424 16.62 -52.51 23.02
CA ASP E 424 15.95 -51.58 23.93
C ASP E 424 16.93 -50.50 24.38
N GLY E 425 16.71 -49.29 23.88
CA GLY E 425 17.57 -48.18 24.23
C GLY E 425 16.91 -47.18 25.15
N THR E 426 15.80 -47.57 25.76
CA THR E 426 15.08 -46.63 26.61
C THR E 426 15.77 -46.43 27.98
N ILE E 427 16.55 -47.41 28.41
CA ILE E 427 17.24 -47.30 29.70
C ILE E 427 16.29 -46.86 30.82
N GLU E 428 15.09 -47.41 30.82
CA GLU E 428 14.11 -47.17 31.89
C GLU E 428 13.65 -45.72 31.99
N GLY E 429 13.90 -44.95 30.94
CA GLY E 429 13.52 -43.53 30.89
C GLY E 429 14.37 -42.63 31.76
N LYS E 430 15.58 -43.09 32.06
CA LYS E 430 16.51 -42.37 32.94
C LYS E 430 17.27 -41.27 32.21
N TYR E 431 17.27 -40.07 32.77
CA TYR E 431 18.19 -39.02 32.30
C TYR E 431 18.79 -38.35 33.51
N SER E 432 19.93 -37.71 33.29
CA SER E 432 20.56 -36.89 34.33
C SER E 432 21.54 -35.89 33.71
N LEU E 433 21.89 -34.85 34.48
CA LEU E 433 22.85 -33.85 34.02
C LEU E 433 24.26 -34.24 34.51
N SER E 434 25.41 -33.99 33.89
CA SER E 434 25.75 -34.31 32.54
C SER E 434 26.48 -35.66 32.69
N LYS E 435 26.07 -36.43 33.71
CA LYS E 435 26.63 -37.78 34.01
C LYS E 435 27.00 -38.71 32.83
N GLY E 436 26.04 -39.29 32.11
CA GLY E 436 24.66 -38.84 32.08
C GLY E 436 23.81 -40.07 32.16
N THR E 437 24.25 -41.12 31.46
CA THR E 437 23.78 -42.49 31.65
C THR E 437 24.73 -43.26 32.57
N ASN E 438 24.13 -43.89 33.56
CA ASN E 438 24.83 -44.70 34.56
C ASN E 438 25.63 -45.85 33.96
N GLY E 439 26.71 -45.43 33.31
CA GLY E 439 27.60 -46.22 32.48
C GLY E 439 27.01 -47.11 31.40
N THR E 440 25.76 -46.89 31.03
CA THR E 440 25.05 -47.72 30.05
C THR E 440 25.23 -47.22 28.61
N SER E 441 26.19 -47.78 27.88
CA SER E 441 26.49 -47.27 26.54
C SER E 441 25.72 -47.98 25.43
N VAL E 442 25.92 -47.48 24.20
CA VAL E 442 25.41 -48.13 23.01
C VAL E 442 25.70 -49.63 23.02
N GLU E 443 26.88 -50.00 23.54
CA GLU E 443 27.38 -51.38 23.47
C GLU E 443 26.54 -52.41 24.25
N ASP E 444 26.05 -52.01 25.41
CA ASP E 444 25.54 -52.97 26.38
C ASP E 444 24.05 -52.86 26.75
N ILE E 445 23.23 -52.38 25.82
CA ILE E 445 21.77 -52.43 26.00
C ILE E 445 21.23 -53.77 25.50
N PRO E 446 20.13 -54.26 26.09
CA PRO E 446 19.48 -55.49 25.62
C PRO E 446 19.21 -55.50 24.11
N CYS E 447 19.70 -56.51 23.42
CA CYS E 447 19.37 -56.68 22.02
C CYS E 447 19.18 -58.18 21.73
N VAL E 448 17.98 -58.52 21.26
CA VAL E 448 17.64 -59.91 20.98
C VAL E 448 17.45 -60.11 19.47
N ALA E 449 17.44 -61.37 19.05
CA ALA E 449 17.22 -61.69 17.65
C ALA E 449 16.01 -62.61 17.47
N VAL E 450 15.40 -62.55 16.29
CA VAL E 450 14.24 -63.39 15.96
C VAL E 450 14.43 -63.93 14.55
N GLU E 451 14.67 -65.24 14.45
CA GLU E 451 14.82 -65.85 13.12
C GLU E 451 13.82 -66.97 12.84
N ALA E 452 13.56 -67.21 11.57
CA ALA E 452 12.70 -68.30 11.17
C ALA E 452 13.10 -68.81 9.79
N GLY E 453 14.40 -68.83 9.55
CA GLY E 453 14.94 -69.27 8.28
C GLY E 453 14.51 -68.34 7.17
N PRO E 454 14.95 -68.63 5.94
CA PRO E 454 14.60 -67.87 4.72
C PRO E 454 13.11 -67.93 4.45
N ILE E 455 12.56 -66.91 3.77
CA ILE E 455 11.13 -66.86 3.49
C ILE E 455 10.81 -66.34 2.08
N GLY E 465 6.18 -55.62 5.34
CA GLY E 465 7.26 -55.16 6.19
C GLY E 465 6.76 -53.96 6.96
N CYS E 466 5.96 -53.14 6.28
CA CYS E 466 5.29 -52.00 6.93
C CYS E 466 4.00 -52.52 7.53
N SER E 467 3.82 -53.84 7.41
CA SER E 467 2.81 -54.56 8.14
C SER E 467 3.35 -54.82 9.54
N LEU E 468 4.67 -54.97 9.62
CA LEU E 468 5.33 -55.14 10.91
C LEU E 468 5.13 -53.92 11.81
N GLY E 469 5.17 -52.75 11.19
CA GLY E 469 4.88 -51.50 11.90
C GLY E 469 3.51 -51.57 12.55
N SER E 470 2.48 -51.86 11.75
CA SER E 470 1.10 -51.91 12.26
C SER E 470 0.95 -52.96 13.35
N THR E 471 1.68 -54.08 13.23
CA THR E 471 1.65 -55.15 14.22
C THR E 471 2.25 -54.67 15.53
N ILE E 472 3.52 -54.26 15.47
CA ILE E 472 4.18 -53.67 16.63
C ILE E 472 3.30 -52.59 17.27
N ALA E 473 2.63 -51.80 16.44
CA ALA E 473 1.78 -50.74 16.95
C ALA E 473 0.66 -51.29 17.82
N CYS E 474 0.04 -52.39 17.38
CA CYS E 474 -1.09 -52.98 18.09
C CYS E 474 -0.68 -53.67 19.38
N MET E 475 0.52 -54.24 19.39
CA MET E 475 1.04 -54.92 20.57
C MET E 475 1.34 -53.93 21.70
N ILE E 476 2.08 -52.89 21.36
CA ILE E 476 2.36 -51.81 22.29
C ILE E 476 1.07 -51.11 22.72
N GLY E 477 0.12 -51.01 21.80
CA GLY E 477 -1.12 -50.30 22.05
C GLY E 477 -1.94 -50.91 23.18
N GLY E 478 -1.93 -52.24 23.25
CA GLY E 478 -2.69 -52.99 24.23
C GLY E 478 -2.10 -53.03 25.63
N GLN E 479 -0.78 -52.83 25.72
CA GLN E 479 -0.12 -52.77 27.02
C GLN E 479 -0.74 -51.76 27.97
N PRO E 480 -0.93 -52.17 29.22
CA PRO E 480 -1.53 -51.36 30.28
C PRO E 480 -0.41 -50.72 31.07
N SER E 481 -0.79 -49.81 31.98
CA SER E 481 0.14 -49.16 32.90
C SER E 481 1.31 -50.08 33.32
N GLU E 482 0.97 -51.29 33.74
CA GLU E 482 1.94 -52.22 34.33
C GLU E 482 2.72 -53.01 33.28
N GLY E 483 2.42 -52.77 32.00
CA GLY E 483 3.01 -53.55 30.94
C GLY E 483 4.53 -53.44 30.82
N ASN E 484 5.04 -53.84 29.67
CA ASN E 484 6.43 -53.60 29.33
C ASN E 484 6.60 -53.38 27.83
N LEU E 485 7.14 -52.20 27.48
CA LEU E 485 7.29 -51.79 26.10
C LEU E 485 8.16 -52.73 25.29
N PHE E 486 9.29 -53.14 25.86
CA PHE E 486 10.24 -53.98 25.14
C PHE E 486 9.65 -55.33 24.75
N HIS E 487 9.02 -56.01 25.71
CA HIS E 487 8.42 -57.30 25.42
C HIS E 487 7.38 -57.13 24.32
N ALA E 488 6.55 -56.11 24.44
CA ALA E 488 5.49 -55.88 23.46
C ALA E 488 6.08 -55.86 22.07
N VAL E 489 7.15 -55.11 21.88
CA VAL E 489 7.75 -55.02 20.56
C VAL E 489 8.23 -56.38 20.10
N VAL E 490 8.94 -57.10 20.95
CA VAL E 490 9.41 -58.42 20.58
C VAL E 490 8.23 -59.33 20.21
N ALA E 491 7.18 -59.31 21.03
CA ALA E 491 5.97 -60.07 20.72
C ALA E 491 5.51 -59.78 19.30
N GLY E 492 5.37 -58.50 18.95
CA GLY E 492 5.00 -58.11 17.59
C GLY E 492 5.90 -58.68 16.49
N VAL E 493 7.21 -58.64 16.70
CA VAL E 493 8.14 -59.14 15.69
C VAL E 493 8.02 -60.65 15.57
N MET E 494 7.71 -61.31 16.69
CA MET E 494 7.50 -62.74 16.69
C MET E 494 6.22 -63.03 15.93
N LEU E 495 5.12 -62.45 16.40
CA LEU E 495 3.80 -62.64 15.79
C LEU E 495 3.87 -62.42 14.29
N TYR E 496 4.60 -61.41 13.87
CA TYR E 496 4.68 -61.09 12.45
C TYR E 496 5.49 -62.15 11.72
N LYS E 497 6.69 -62.41 12.22
CA LYS E 497 7.58 -63.40 11.64
C LYS E 497 6.87 -64.77 11.61
N ALA E 498 6.08 -65.05 12.64
CA ALA E 498 5.32 -66.30 12.71
C ALA E 498 4.26 -66.40 11.63
N ALA E 499 3.44 -65.36 11.51
CA ALA E 499 2.41 -65.31 10.47
C ALA E 499 3.04 -65.25 9.08
N GLY E 500 4.36 -65.08 9.04
CA GLY E 500 5.07 -65.04 7.78
C GLY E 500 5.40 -66.42 7.30
N LYS E 501 5.95 -67.25 8.19
CA LYS E 501 6.23 -68.64 7.85
C LYS E 501 4.94 -69.29 7.38
N ILE E 502 3.89 -69.18 8.20
CA ILE E 502 2.59 -69.79 7.88
C ILE E 502 2.06 -69.38 6.52
N ALA E 503 2.06 -68.09 6.25
CA ALA E 503 1.55 -67.59 4.98
C ALA E 503 2.37 -68.09 3.81
N SER E 504 3.68 -67.98 3.90
CA SER E 504 4.54 -68.40 2.81
C SER E 504 4.26 -69.86 2.40
N GLU E 505 3.82 -70.67 3.37
CA GLU E 505 3.47 -72.07 3.12
C GLU E 505 2.13 -72.21 2.44
N LYS E 506 1.11 -71.54 2.98
CA LYS E 506 -0.28 -71.67 2.53
C LYS E 506 -0.65 -70.89 1.27
N CYS E 507 0.33 -70.35 0.57
CA CYS E 507 0.02 -69.41 -0.51
C CYS E 507 0.53 -69.83 -1.88
N ASN E 508 -0.04 -69.23 -2.92
CA ASN E 508 0.28 -69.54 -4.30
C ASN E 508 0.98 -68.43 -5.06
N GLY E 509 1.38 -67.38 -4.35
CA GLY E 509 2.05 -66.24 -4.98
C GLY E 509 2.06 -64.99 -4.11
N SER E 510 2.49 -63.87 -4.67
CA SER E 510 2.50 -62.58 -3.95
C SER E 510 1.13 -62.23 -3.41
N GLY E 511 0.15 -62.32 -4.31
CA GLY E 511 -1.23 -62.00 -3.99
C GLY E 511 -1.79 -62.72 -2.79
N SER E 512 -1.87 -64.05 -2.84
CA SER E 512 -2.38 -64.78 -1.70
C SER E 512 -1.46 -64.65 -0.49
N PHE E 513 -0.15 -64.51 -0.69
CA PHE E 513 0.77 -64.42 0.45
C PHE E 513 0.32 -63.33 1.37
N GLN E 514 -0.18 -62.26 0.77
CA GLN E 514 -0.59 -61.11 1.53
C GLN E 514 -1.87 -61.41 2.30
N VAL E 515 -2.91 -61.86 1.61
CA VAL E 515 -4.17 -62.18 2.29
C VAL E 515 -4.01 -63.33 3.31
N GLU E 516 -3.06 -64.24 3.07
CA GLU E 516 -2.81 -65.34 4.02
C GLU E 516 -2.05 -64.85 5.26
N LEU E 517 -1.30 -63.77 5.09
CA LEU E 517 -0.55 -63.19 6.19
C LEU E 517 -1.54 -62.57 7.15
N ILE E 518 -2.49 -61.82 6.59
CA ILE E 518 -3.53 -61.22 7.41
C ILE E 518 -4.33 -62.30 8.13
N ASP E 519 -4.69 -63.36 7.40
CA ASP E 519 -5.36 -64.49 8.01
C ASP E 519 -4.57 -65.08 9.16
N ALA E 520 -3.30 -65.40 8.90
CA ALA E 520 -2.45 -66.01 9.90
C ALA E 520 -2.33 -65.16 11.17
N LEU E 521 -2.30 -63.86 10.98
CA LEU E 521 -2.28 -62.96 12.12
C LEU E 521 -3.58 -63.06 12.89
N TYR E 522 -4.69 -63.15 12.16
CA TYR E 522 -6.00 -63.32 12.78
C TYR E 522 -6.08 -64.61 13.58
N ARG E 523 -5.69 -65.72 12.93
CA ARG E 523 -5.75 -67.03 13.54
C ARG E 523 -4.78 -67.16 14.69
N LEU E 524 -3.54 -66.71 14.47
CA LEU E 524 -2.49 -66.79 15.47
C LEU E 524 -2.87 -66.15 16.82
N THR E 525 -3.56 -65.02 16.78
CA THR E 525 -3.90 -64.31 18.00
C THR E 525 -5.21 -64.76 18.64
N ARG E 526 -6.10 -65.34 17.84
CA ARG E 526 -7.34 -65.87 18.40
C ARG E 526 -7.07 -67.10 19.26
N GLU E 527 -5.94 -67.76 19.01
CA GLU E 527 -5.44 -68.81 19.89
C GLU E 527 -4.02 -68.46 20.36
N ASN E 528 -3.89 -67.89 21.55
CA ASN E 528 -2.55 -67.63 22.07
C ASN E 528 -1.88 -68.92 22.39
N THR E 529 -1.15 -69.48 21.44
CA THR E 529 -0.43 -70.71 21.72
C THR E 529 1.00 -70.54 21.33
N PRO E 530 1.61 -69.42 21.76
CA PRO E 530 2.95 -69.04 21.31
C PRO E 530 3.98 -70.17 21.37
N VAL E 531 3.76 -71.18 22.23
CA VAL E 531 4.61 -72.37 22.25
C VAL E 531 4.62 -73.00 20.85
N THR E 532 3.49 -72.89 20.16
CA THR E 532 3.31 -73.33 18.77
C THR E 532 4.23 -72.68 17.74
N TRP E 533 4.45 -71.37 17.86
CA TRP E 533 5.00 -70.55 16.76
C TRP E 533 6.43 -70.80 16.27
N ALA E 534 6.56 -70.77 14.95
CA ALA E 534 7.80 -71.09 14.22
C ALA E 534 9.13 -70.37 14.57
N PRO E 535 9.05 -69.07 14.92
CA PRO E 535 10.27 -68.24 15.07
C PRO E 535 10.99 -68.41 16.42
N LYS E 536 12.31 -68.53 16.31
CA LYS E 536 13.19 -68.79 17.44
C LYS E 536 13.78 -67.48 17.97
N LEU E 537 13.59 -67.23 19.26
CA LEU E 537 14.02 -65.97 19.85
C LEU E 537 15.29 -66.13 20.69
N THR E 538 16.44 -65.81 20.11
CA THR E 538 17.72 -65.97 20.79
C THR E 538 18.22 -64.66 21.41
N HIS E 539 19.42 -64.67 21.96
CA HIS E 539 20.10 -63.43 22.35
C HIS E 539 21.02 -62.97 21.23
N THR E 540 21.39 -61.68 21.23
CA THR E 540 22.30 -61.14 20.21
C THR E 540 23.71 -61.01 20.77
N LYS F 2 18.68 -8.75 -52.09
CA LYS F 2 17.37 -9.36 -52.29
C LYS F 2 17.46 -10.90 -52.32
N PHE F 3 16.65 -11.55 -51.50
CA PHE F 3 16.53 -13.01 -51.53
C PHE F 3 15.22 -13.41 -52.23
N SER F 4 15.21 -14.58 -52.86
CA SER F 4 13.98 -15.14 -53.39
C SER F 4 13.34 -16.05 -52.35
N LYS F 5 12.02 -16.12 -52.35
CA LYS F 5 11.29 -16.90 -51.34
C LYS F 5 11.92 -18.27 -51.00
N GLU F 6 12.64 -18.87 -51.95
CA GLU F 6 13.19 -20.22 -51.77
C GLU F 6 14.58 -20.26 -51.15
N GLN F 7 15.27 -19.12 -51.15
CA GLN F 7 16.59 -19.04 -50.52
C GLN F 7 16.46 -18.90 -48.99
N PHE F 8 15.22 -18.88 -48.50
CA PHE F 8 14.98 -18.60 -47.10
C PHE F 8 15.22 -19.83 -46.23
N ASP F 9 16.24 -19.76 -45.38
CA ASP F 9 16.56 -20.87 -44.49
C ASP F 9 15.92 -20.66 -43.13
N TYR F 10 14.80 -21.32 -42.88
CA TYR F 10 14.09 -21.08 -41.62
C TYR F 10 14.68 -21.84 -40.42
N SER F 11 15.77 -22.58 -40.65
CA SER F 11 16.39 -23.44 -39.63
C SER F 11 16.28 -22.86 -38.21
N LEU F 12 17.10 -21.87 -37.92
CA LEU F 12 17.10 -21.23 -36.63
C LEU F 12 16.73 -19.76 -36.78
N TYR F 13 15.44 -19.48 -36.61
CA TYR F 13 14.84 -18.17 -36.85
C TYR F 13 14.86 -17.37 -35.55
N LEU F 14 15.74 -16.37 -35.48
CA LEU F 14 15.92 -15.57 -34.26
C LEU F 14 15.00 -14.37 -34.25
N VAL F 15 13.95 -14.45 -33.43
CA VAL F 15 13.04 -13.33 -33.26
C VAL F 15 13.53 -12.48 -32.09
N THR F 16 13.93 -11.23 -32.38
CA THR F 16 14.47 -10.35 -31.34
C THR F 16 13.38 -9.63 -30.55
N ASP F 17 13.64 -9.45 -29.26
CA ASP F 17 12.79 -8.67 -28.38
C ASP F 17 13.74 -7.71 -27.67
N SER F 18 13.86 -6.52 -28.24
CA SER F 18 14.79 -5.50 -27.74
C SER F 18 14.74 -5.31 -26.22
N GLY F 19 13.52 -5.30 -25.67
CA GLY F 19 13.34 -5.04 -24.26
C GLY F 19 13.57 -6.22 -23.34
N MET F 20 14.72 -6.88 -23.48
CA MET F 20 15.10 -7.97 -22.59
C MET F 20 16.54 -8.41 -22.86
N ILE F 21 17.34 -7.46 -23.30
CA ILE F 21 18.76 -7.66 -23.46
C ILE F 21 19.48 -7.44 -22.13
N PRO F 22 20.42 -8.33 -21.79
CA PRO F 22 21.20 -8.21 -20.55
C PRO F 22 22.11 -6.98 -20.57
N GLU F 23 22.33 -6.36 -19.42
CA GLU F 23 23.14 -5.15 -19.34
C GLU F 23 24.54 -5.36 -19.91
N GLY F 24 25.08 -4.32 -20.54
CA GLY F 24 26.41 -4.39 -21.11
C GLY F 24 26.41 -5.11 -22.44
N LYS F 25 25.22 -5.40 -22.94
CA LYS F 25 25.08 -6.07 -24.22
C LYS F 25 24.07 -5.35 -25.08
N THR F 26 24.33 -5.33 -26.39
CA THR F 26 23.47 -4.65 -27.35
C THR F 26 22.62 -5.64 -28.12
N LEU F 27 21.67 -5.14 -28.90
CA LEU F 27 20.93 -5.97 -29.83
C LEU F 27 21.86 -6.38 -30.95
N TYR F 28 22.72 -5.47 -31.37
CA TYR F 28 23.72 -5.80 -32.37
C TYR F 28 24.63 -6.91 -31.85
N GLY F 29 25.11 -6.75 -30.62
CA GLY F 29 25.99 -7.72 -30.00
C GLY F 29 25.43 -9.12 -30.02
N GLN F 30 24.20 -9.27 -29.54
CA GLN F 30 23.53 -10.57 -29.50
C GLN F 30 23.27 -11.10 -30.91
N VAL F 31 22.55 -10.34 -31.73
CA VAL F 31 22.18 -10.79 -33.06
C VAL F 31 23.39 -11.12 -33.91
N GLU F 32 24.53 -10.53 -33.58
CA GLU F 32 25.77 -10.88 -34.26
C GLU F 32 26.24 -12.27 -33.83
N ALA F 33 26.41 -12.46 -32.53
CA ALA F 33 26.81 -13.74 -31.98
C ALA F 33 25.96 -14.86 -32.56
N GLY F 34 24.66 -14.66 -32.55
CA GLY F 34 23.74 -15.66 -33.06
C GLY F 34 23.88 -15.95 -34.55
N LEU F 35 24.45 -15.00 -35.29
CA LEU F 35 24.63 -15.16 -36.73
C LEU F 35 25.87 -15.98 -37.07
N GLN F 36 26.91 -15.80 -36.27
CA GLN F 36 28.18 -16.50 -36.47
C GLN F 36 28.05 -17.97 -36.12
N ASN F 37 27.03 -18.31 -35.32
CA ASN F 37 26.92 -19.66 -34.79
C ASN F 37 25.64 -20.42 -35.15
N GLY F 38 24.84 -19.89 -36.07
CA GLY F 38 23.61 -20.57 -36.46
C GLY F 38 22.51 -19.66 -36.97
N THR F 40 19.98 -18.14 -38.91
CA THR F 40 19.72 -18.22 -40.36
C THR F 40 18.54 -17.37 -40.86
N LEU F 41 17.94 -16.64 -39.94
CA LEU F 41 16.87 -15.70 -40.24
C LEU F 41 16.66 -14.84 -39.00
N VAL F 42 16.49 -13.54 -39.18
CA VAL F 42 16.29 -12.63 -38.07
C VAL F 42 15.05 -11.77 -38.26
N GLN F 43 14.23 -11.69 -37.21
CA GLN F 43 13.07 -10.81 -37.21
C GLN F 43 13.29 -9.78 -36.13
N ILE F 44 13.04 -8.53 -36.45
CA ILE F 44 13.11 -7.45 -35.49
C ILE F 44 11.70 -7.03 -35.07
N ARG F 45 11.48 -6.90 -33.75
CA ARG F 45 10.23 -6.39 -33.20
C ARG F 45 10.45 -5.01 -32.64
N ALA F 49 9.03 1.16 -29.12
CA ALA F 49 9.95 2.28 -29.29
C ALA F 49 9.44 3.31 -30.29
N ASP F 50 10.28 4.29 -30.60
CA ASP F 50 9.95 5.38 -31.53
C ASP F 50 10.17 4.95 -32.97
N THR F 51 9.12 5.00 -33.78
CA THR F 51 9.16 4.38 -35.12
C THR F 51 10.26 4.96 -36.02
N LYS F 52 11.07 5.87 -35.51
CA LYS F 52 12.21 6.40 -36.26
C LYS F 52 13.52 5.87 -35.71
N PHE F 53 13.60 5.71 -34.40
CA PHE F 53 14.74 5.03 -33.81
C PHE F 53 14.74 3.58 -34.26
N PHE F 54 13.54 3.01 -34.32
CA PHE F 54 13.29 1.70 -34.90
C PHE F 54 14.06 1.58 -36.21
N ILE F 55 13.79 2.53 -37.11
CA ILE F 55 14.32 2.50 -38.47
C ILE F 55 15.84 2.59 -38.54
N GLU F 56 16.45 3.18 -37.52
CA GLU F 56 17.89 3.31 -37.49
C GLU F 56 18.52 2.00 -37.01
N GLU F 57 17.83 1.32 -36.09
CA GLU F 57 18.27 0.03 -35.57
C GLU F 57 18.08 -1.01 -36.67
N ALA F 58 16.99 -0.87 -37.42
CA ALA F 58 16.65 -1.82 -38.47
C ALA F 58 17.63 -1.78 -39.63
N LEU F 59 18.03 -0.58 -40.03
CA LEU F 59 19.03 -0.43 -41.08
C LEU F 59 20.39 -0.91 -40.59
N GLN F 60 20.69 -0.64 -39.32
CA GLN F 60 21.97 -1.02 -38.73
C GLN F 60 22.10 -2.53 -38.62
N ILE F 61 20.98 -3.21 -38.40
CA ILE F 61 20.95 -4.66 -38.26
C ILE F 61 20.80 -5.37 -39.61
N LYS F 62 20.19 -4.69 -40.59
CA LYS F 62 20.07 -5.26 -41.93
C LYS F 62 21.43 -5.32 -42.60
N GLU F 63 22.33 -4.43 -42.23
CA GLU F 63 23.71 -4.51 -42.71
C GLU F 63 24.41 -5.73 -42.10
N LEU F 64 24.18 -5.95 -40.81
CA LEU F 64 24.78 -7.08 -40.12
C LEU F 64 24.30 -8.39 -40.74
N CYS F 65 22.99 -8.51 -40.89
CA CYS F 65 22.37 -9.71 -41.45
C CYS F 65 22.82 -9.97 -42.89
N HIS F 66 22.57 -9.01 -43.77
CA HIS F 66 23.00 -9.13 -45.16
C HIS F 66 24.47 -9.55 -45.26
N ALA F 67 25.27 -9.11 -44.29
CA ALA F 67 26.70 -9.42 -44.26
C ALA F 67 26.96 -10.90 -44.02
N HIS F 68 26.05 -11.56 -43.31
CA HIS F 68 26.12 -13.01 -43.11
C HIS F 68 25.18 -13.72 -44.10
N ASN F 69 24.70 -12.98 -45.08
CA ASN F 69 23.83 -13.54 -46.11
C ASN F 69 22.52 -14.14 -45.55
N VAL F 70 22.05 -13.57 -44.44
CA VAL F 70 20.78 -13.96 -43.86
C VAL F 70 19.78 -12.81 -43.93
N PRO F 71 18.54 -13.10 -44.34
CA PRO F 71 17.47 -12.10 -44.55
C PRO F 71 17.05 -11.42 -43.25
N LEU F 72 16.40 -10.26 -43.38
CA LEU F 72 15.83 -9.57 -42.23
C LEU F 72 14.33 -9.42 -42.39
N ILE F 73 13.59 -9.76 -41.34
CA ILE F 73 12.14 -9.71 -41.38
C ILE F 73 11.66 -8.72 -40.31
N ILE F 74 10.50 -8.11 -40.53
CA ILE F 74 10.02 -7.06 -39.64
C ILE F 74 8.58 -7.24 -39.18
N ASN F 75 8.37 -7.05 -37.88
CA ASN F 75 7.07 -7.25 -37.23
C ASN F 75 6.67 -5.95 -36.55
N ASP F 76 5.48 -5.40 -36.82
CA ASP F 76 4.57 -5.81 -37.88
C ASP F 76 4.28 -4.52 -38.63
N ARG F 77 5.34 -3.75 -38.81
CA ARG F 77 5.23 -2.47 -39.47
C ARG F 77 5.63 -2.61 -40.93
N ILE F 78 4.63 -2.89 -41.77
CA ILE F 78 4.81 -3.03 -43.21
C ILE F 78 5.57 -1.85 -43.77
N ASP F 79 5.23 -0.65 -43.29
CA ASP F 79 5.86 0.61 -43.72
C ASP F 79 7.36 0.67 -43.43
N VAL F 80 7.76 0.41 -42.20
CA VAL F 80 9.18 0.35 -41.83
C VAL F 80 9.88 -0.66 -42.74
N ALA F 81 9.15 -1.72 -43.11
CA ALA F 81 9.69 -2.79 -43.95
C ALA F 81 9.93 -2.32 -45.39
N MET F 82 8.88 -1.83 -46.04
CA MET F 82 9.03 -1.25 -47.38
C MET F 82 10.13 -0.20 -47.37
N ALA F 83 10.11 0.62 -46.32
CA ALA F 83 11.02 1.75 -46.23
C ALA F 83 12.49 1.34 -46.24
N ILE F 84 12.87 0.42 -45.37
CA ILE F 84 14.27 0.07 -45.23
C ILE F 84 14.70 -1.09 -46.11
N GLY F 85 13.85 -1.46 -47.07
CA GLY F 85 14.15 -2.57 -47.96
C GLY F 85 14.37 -3.87 -47.21
N ALA F 86 13.41 -4.20 -46.36
CA ALA F 86 13.47 -5.42 -45.58
C ALA F 86 13.10 -6.60 -46.46
N ASP F 87 13.53 -7.80 -46.07
CA ASP F 87 13.37 -8.98 -46.90
C ASP F 87 12.02 -9.67 -46.69
N GLY F 88 11.38 -9.34 -45.57
CA GLY F 88 10.09 -9.94 -45.26
C GLY F 88 9.42 -9.28 -44.08
N ILE F 89 8.13 -9.52 -43.92
CA ILE F 89 7.41 -8.97 -42.80
C ILE F 89 6.54 -10.02 -42.15
N HIS F 90 6.56 -10.05 -40.83
CA HIS F 90 5.71 -10.97 -40.09
C HIS F 90 4.55 -10.19 -39.50
N VAL F 91 3.32 -10.61 -39.78
CA VAL F 91 2.15 -10.00 -39.16
C VAL F 91 1.36 -11.04 -38.41
N GLY F 92 0.53 -10.61 -37.48
CA GLY F 92 -0.24 -11.52 -36.67
C GLY F 92 -1.68 -11.56 -37.15
N GLN F 93 -2.50 -12.29 -36.40
CA GLN F 93 -3.87 -12.51 -36.79
C GLN F 93 -4.64 -11.21 -36.61
N ASP F 94 -4.19 -10.41 -35.65
CA ASP F 94 -4.87 -9.16 -35.34
C ASP F 94 -4.25 -7.98 -36.08
N ASP F 95 -3.27 -8.26 -36.93
CA ASP F 95 -2.58 -7.21 -37.68
C ASP F 95 -3.21 -7.11 -39.09
N MET F 96 -2.62 -6.28 -39.95
CA MET F 96 -3.21 -5.95 -41.25
C MET F 96 -3.56 -7.16 -42.09
N PRO F 97 -4.79 -7.22 -42.63
CA PRO F 97 -5.21 -8.31 -43.53
C PRO F 97 -4.16 -8.57 -44.62
N ILE F 98 -3.93 -9.84 -44.97
CA ILE F 98 -2.81 -10.20 -45.84
C ILE F 98 -2.90 -9.71 -47.28
N PRO F 99 -4.04 -9.94 -47.95
CA PRO F 99 -4.23 -9.35 -49.28
C PRO F 99 -3.75 -7.89 -49.37
N MET F 100 -4.17 -7.01 -48.47
CA MET F 100 -3.72 -5.60 -48.50
C MET F 100 -2.22 -5.46 -48.28
N ILE F 101 -1.64 -6.32 -47.45
CA ILE F 101 -0.20 -6.28 -47.24
C ILE F 101 0.52 -6.57 -48.53
N ARG F 102 0.06 -7.64 -49.19
CA ARG F 102 0.62 -8.06 -50.47
C ARG F 102 0.50 -6.92 -51.47
N LYS F 103 -0.69 -6.34 -51.55
CA LYS F 103 -0.92 -5.20 -52.45
C LYS F 103 0.17 -4.12 -52.30
N LEU F 104 0.58 -3.82 -51.06
CA LEU F 104 1.58 -2.75 -50.79
C LEU F 104 3.02 -3.18 -51.10
N VAL F 105 3.41 -4.35 -50.62
CA VAL F 105 4.80 -4.81 -50.73
C VAL F 105 5.10 -5.51 -52.06
N ASP F 108 7.67 -10.72 -54.27
CA ASP F 108 9.12 -10.71 -54.06
C ASP F 108 9.52 -10.62 -52.59
N MET F 109 8.59 -10.20 -51.75
CA MET F 109 8.89 -10.09 -50.33
C MET F 109 8.11 -11.13 -49.53
N VAL F 110 8.75 -11.67 -48.50
CA VAL F 110 8.17 -12.72 -47.69
C VAL F 110 7.13 -12.20 -46.70
N ILE F 111 5.99 -12.89 -46.62
CA ILE F 111 4.98 -12.55 -45.63
C ILE F 111 4.79 -13.70 -44.64
N GLY F 112 5.14 -13.44 -43.38
CA GLY F 112 4.91 -14.40 -42.31
C GLY F 112 3.62 -14.08 -41.58
N TRP F 113 2.86 -15.10 -41.24
CA TRP F 113 1.59 -14.94 -40.58
C TRP F 113 1.60 -15.82 -39.33
N SER F 114 1.00 -15.35 -38.25
CA SER F 114 0.94 -16.13 -37.03
C SER F 114 -0.31 -17.00 -36.97
N VAL F 115 -0.14 -18.28 -37.26
CA VAL F 115 -1.28 -19.20 -37.24
C VAL F 115 -1.22 -20.08 -36.00
N GLY F 116 -2.38 -20.37 -35.40
CA GLY F 116 -2.45 -21.21 -34.22
C GLY F 116 -3.54 -22.28 -34.33
N PHE F 117 -4.43 -22.11 -35.30
CA PHE F 117 -5.54 -23.01 -35.53
C PHE F 117 -5.67 -23.34 -37.01
N PRO F 118 -6.20 -24.54 -37.32
CA PRO F 118 -6.46 -25.00 -38.68
C PRO F 118 -7.31 -24.01 -39.48
N GLU F 119 -8.37 -23.49 -38.85
CA GLU F 119 -9.29 -22.54 -39.48
C GLU F 119 -8.50 -21.43 -40.20
N GLU F 120 -7.40 -21.02 -39.60
CA GLU F 120 -6.56 -20.00 -40.16
C GLU F 120 -5.72 -20.50 -41.33
N VAL F 121 -5.52 -21.82 -41.41
CA VAL F 121 -4.80 -22.40 -42.54
C VAL F 121 -5.76 -22.48 -43.73
N ASP F 122 -7.03 -22.79 -43.46
CA ASP F 122 -8.07 -22.78 -44.48
C ASP F 122 -8.08 -21.43 -45.21
N GLU F 123 -8.12 -20.35 -44.43
CA GLU F 123 -8.10 -18.98 -44.96
C GLU F 123 -6.82 -18.68 -45.75
N LEU F 124 -5.68 -19.02 -45.15
CA LEU F 124 -4.35 -18.88 -45.78
C LEU F 124 -4.30 -19.53 -47.17
N SER F 125 -5.09 -20.59 -47.34
CA SER F 125 -5.15 -21.40 -48.55
C SER F 125 -6.10 -20.83 -49.60
N LYS F 126 -7.27 -20.35 -49.16
CA LYS F 126 -8.22 -19.69 -50.07
C LYS F 126 -7.57 -18.48 -50.74
N MET F 127 -6.39 -18.08 -50.25
CA MET F 127 -5.69 -16.94 -50.80
C MET F 127 -4.63 -17.36 -51.83
N GLY F 128 -4.40 -18.67 -51.95
CA GLY F 128 -3.39 -19.18 -52.87
C GLY F 128 -1.99 -18.70 -52.54
N PRO F 129 -1.02 -19.04 -53.41
CA PRO F 129 0.39 -18.67 -53.24
C PRO F 129 0.63 -17.21 -53.52
N ASP F 130 1.89 -16.79 -53.38
CA ASP F 130 2.28 -15.38 -53.39
C ASP F 130 1.41 -14.55 -52.42
N MET F 131 0.80 -15.22 -51.43
CA MET F 131 0.19 -14.55 -50.28
C MET F 131 1.05 -14.84 -49.03
N VAL F 132 0.63 -15.77 -48.18
CA VAL F 132 1.40 -16.09 -46.98
C VAL F 132 2.50 -17.11 -47.28
N ASP F 133 3.76 -16.70 -47.13
CA ASP F 133 4.93 -17.45 -47.59
C ASP F 133 5.48 -18.36 -46.51
N TYR F 134 5.03 -18.15 -45.28
CA TYR F 134 5.42 -18.99 -44.15
C TYR F 134 4.61 -18.57 -42.95
N ILE F 135 4.32 -19.50 -42.06
CA ILE F 135 3.60 -19.15 -40.84
C ILE F 135 4.41 -19.55 -39.61
N GLY F 136 4.25 -18.78 -38.55
CA GLY F 136 4.75 -19.18 -37.24
C GLY F 136 3.60 -19.88 -36.53
N VAL F 137 3.82 -21.13 -36.12
CA VAL F 137 2.74 -21.93 -35.57
C VAL F 137 2.49 -21.66 -34.10
N GLY F 138 1.31 -21.03 -33.89
CA GLY F 138 0.65 -20.71 -32.61
C GLY F 138 1.62 -20.23 -31.57
N THR F 139 1.21 -20.31 -30.30
CA THR F 139 2.22 -20.26 -29.26
C THR F 139 2.26 -21.66 -28.67
N LEU F 140 3.33 -22.39 -28.97
CA LEU F 140 3.40 -23.78 -28.58
C LEU F 140 3.30 -23.92 -27.06
N PHE F 141 4.04 -23.08 -26.35
CA PHE F 141 4.11 -23.20 -24.90
C PHE F 141 3.88 -21.84 -24.26
N PRO F 142 3.41 -21.82 -22.99
CA PRO F 142 3.21 -20.54 -22.30
C PRO F 142 4.53 -19.80 -22.16
N MET F 154 -1.40 -24.98 -26.01
CA MET F 154 -1.80 -25.59 -27.29
C MET F 154 -0.83 -26.70 -27.72
N GLY F 155 0.46 -26.45 -27.47
CA GLY F 155 1.49 -27.47 -27.60
C GLY F 155 1.61 -28.18 -28.93
N THR F 156 2.39 -29.26 -28.94
CA THR F 156 2.70 -29.99 -30.16
C THR F 156 1.46 -30.55 -30.80
N ALA F 157 0.54 -31.01 -29.98
CA ALA F 157 -0.71 -31.57 -30.48
C ALA F 157 -1.38 -30.57 -31.40
N GLY F 158 -1.47 -29.33 -30.94
CA GLY F 158 -2.13 -28.27 -31.69
C GLY F 158 -1.38 -27.83 -32.92
N ALA F 159 -0.05 -27.96 -32.87
CA ALA F 159 0.79 -27.68 -34.03
C ALA F 159 0.52 -28.72 -35.11
N ILE F 160 0.47 -29.98 -34.70
CA ILE F 160 0.13 -31.05 -35.62
C ILE F 160 -1.15 -30.72 -36.36
N ARG F 161 -2.16 -30.31 -35.62
CA ARG F 161 -3.46 -30.03 -36.23
C ARG F 161 -3.33 -29.00 -37.36
N VAL F 162 -2.36 -28.09 -37.22
CA VAL F 162 -2.09 -27.09 -38.25
C VAL F 162 -1.33 -27.65 -39.45
N LEU F 163 -0.18 -28.27 -39.21
CA LEU F 163 0.55 -28.96 -40.27
C LEU F 163 -0.39 -29.86 -41.07
N ASP F 164 -1.35 -30.49 -40.39
CA ASP F 164 -2.31 -31.37 -41.03
C ASP F 164 -3.24 -30.63 -41.96
N ALA F 165 -3.67 -29.43 -41.57
CA ALA F 165 -4.48 -28.60 -42.44
C ALA F 165 -3.65 -28.08 -43.63
N LEU F 166 -2.37 -27.84 -43.39
CA LEU F 166 -1.48 -27.38 -44.45
C LEU F 166 -1.31 -28.45 -45.50
N GLU F 167 -1.82 -29.64 -45.19
CA GLU F 167 -1.61 -30.79 -46.04
C GLU F 167 -2.93 -31.13 -46.71
N ARG F 168 -3.97 -31.20 -45.90
CA ARG F 168 -5.31 -31.40 -46.42
C ARG F 168 -5.61 -30.32 -47.44
N ASN F 169 -4.98 -29.16 -47.28
CA ASN F 169 -5.21 -28.01 -48.15
C ASN F 169 -4.19 -27.90 -49.27
N ASN F 170 -3.25 -28.83 -49.27
CA ASN F 170 -2.11 -28.75 -50.18
C ASN F 170 -1.63 -27.31 -50.32
N ALA F 171 -1.03 -26.79 -49.25
CA ALA F 171 -0.38 -25.48 -49.28
C ALA F 171 1.11 -25.67 -49.46
N HIS F 172 1.49 -26.43 -50.48
CA HIS F 172 2.89 -26.68 -50.85
C HIS F 172 3.82 -25.46 -50.70
N TRP F 173 3.26 -24.26 -50.81
CA TRP F 173 4.05 -23.04 -50.96
C TRP F 173 4.42 -22.40 -49.64
N CYS F 174 3.75 -22.84 -48.58
CA CYS F 174 3.85 -22.20 -47.28
C CYS F 174 4.73 -22.96 -46.30
N ARG F 175 5.85 -22.37 -45.90
CA ARG F 175 6.74 -23.01 -44.92
C ARG F 175 6.24 -22.78 -43.50
N THR F 176 6.86 -23.41 -42.52
CA THR F 176 6.43 -23.28 -41.14
C THR F 176 7.61 -23.19 -40.18
N VAL F 177 7.47 -22.31 -39.19
CA VAL F 177 8.37 -22.31 -38.04
C VAL F 177 7.57 -22.40 -36.76
N GLY F 178 8.07 -23.17 -35.81
CA GLY F 178 7.43 -23.28 -34.51
C GLY F 178 7.84 -22.08 -33.68
N ILE F 179 6.95 -21.61 -32.83
CA ILE F 179 7.32 -20.45 -32.01
C ILE F 179 6.64 -20.43 -30.64
N GLY F 180 7.34 -19.87 -29.66
CA GLY F 180 6.76 -19.60 -28.36
C GLY F 180 7.19 -20.49 -27.22
N GLY F 181 8.21 -20.04 -26.49
CA GLY F 181 8.67 -20.77 -25.32
C GLY F 181 9.47 -21.99 -25.71
N LEU F 182 10.16 -21.87 -26.83
CA LEU F 182 11.05 -22.92 -27.31
C LEU F 182 12.43 -22.78 -26.69
N HIS F 183 12.87 -23.82 -26.00
CA HIS F 183 14.17 -23.84 -25.32
C HIS F 183 14.84 -25.19 -25.52
N PRO F 184 16.10 -25.33 -25.06
CA PRO F 184 16.77 -26.63 -25.26
C PRO F 184 16.04 -27.77 -24.54
N ASP F 185 15.27 -27.43 -23.51
CA ASP F 185 14.57 -28.43 -22.71
C ASP F 185 13.30 -28.97 -23.40
N ASN F 186 13.11 -28.62 -24.66
CA ASN F 186 11.91 -29.06 -25.38
C ASN F 186 11.96 -28.86 -26.89
N ILE F 187 13.10 -28.43 -27.41
CA ILE F 187 13.21 -28.19 -28.84
C ILE F 187 13.20 -29.50 -29.62
N GLU F 188 13.93 -30.49 -29.11
CA GLU F 188 14.01 -31.76 -29.81
C GLU F 188 12.64 -32.41 -29.81
N ARG F 189 11.92 -32.35 -28.69
CA ARG F 189 10.58 -32.92 -28.66
C ARG F 189 9.62 -32.23 -29.60
N VAL F 190 9.80 -30.92 -29.78
CA VAL F 190 8.94 -30.15 -30.68
C VAL F 190 9.23 -30.52 -32.12
N LEU F 191 10.51 -30.56 -32.47
CA LEU F 191 10.89 -30.96 -33.82
C LEU F 191 10.37 -32.36 -34.12
N TYR F 192 10.41 -33.20 -33.09
CA TYR F 192 10.21 -34.64 -33.22
C TYR F 192 8.76 -35.02 -33.45
N GLN F 193 7.85 -34.38 -32.72
CA GLN F 193 6.44 -34.75 -32.83
C GLN F 193 5.58 -33.77 -33.60
N CYS F 194 6.13 -32.62 -33.93
CA CYS F 194 5.47 -31.70 -34.84
C CYS F 194 5.68 -32.13 -36.29
N VAL F 195 5.00 -33.20 -36.68
CA VAL F 195 5.03 -33.69 -38.06
C VAL F 195 3.61 -33.89 -38.55
N SER F 196 3.42 -33.76 -39.85
CA SER F 196 2.12 -33.95 -40.45
C SER F 196 1.68 -35.38 -40.12
N SER F 197 0.38 -35.66 -40.20
CA SER F 197 -0.09 -37.00 -39.89
C SER F 197 0.19 -37.97 -41.02
N ASN F 198 0.49 -37.43 -42.20
CA ASN F 198 0.93 -38.28 -43.31
C ASN F 198 2.44 -38.31 -43.47
N GLY F 199 3.14 -37.87 -42.43
CA GLY F 199 4.60 -37.91 -42.39
C GLY F 199 5.30 -36.99 -43.38
N LYS F 200 4.54 -36.40 -44.29
CA LYS F 200 5.15 -35.69 -45.40
C LYS F 200 5.65 -34.30 -45.08
N ARG F 201 5.29 -33.76 -43.92
CA ARG F 201 5.67 -32.38 -43.56
C ARG F 201 5.96 -32.16 -42.08
N SER F 202 7.10 -31.56 -41.76
CA SER F 202 7.40 -31.15 -40.39
C SER F 202 7.75 -29.66 -40.34
N LEU F 203 8.26 -29.21 -39.20
CA LEU F 203 8.58 -27.80 -39.03
C LEU F 203 9.83 -27.41 -39.82
N ASP F 204 9.76 -26.31 -40.57
CA ASP F 204 10.89 -25.88 -41.39
C ASP F 204 11.95 -25.17 -40.56
N GLY F 205 11.59 -24.81 -39.34
CA GLY F 205 12.54 -24.22 -38.43
C GLY F 205 11.96 -23.92 -37.06
N ILE F 206 12.80 -23.35 -36.21
CA ILE F 206 12.44 -23.07 -34.84
C ILE F 206 12.67 -21.60 -34.50
N CYS F 207 11.71 -20.97 -33.85
CA CYS F 207 11.89 -19.58 -33.43
C CYS F 207 12.30 -19.46 -31.97
N VAL F 208 13.53 -19.01 -31.74
CA VAL F 208 13.95 -18.71 -30.37
C VAL F 208 13.94 -17.20 -30.12
N VAL F 209 13.62 -16.83 -28.90
CA VAL F 209 13.54 -15.42 -28.53
C VAL F 209 14.39 -15.22 -27.29
N SER F 210 13.82 -15.51 -26.13
CA SER F 210 14.50 -15.30 -24.86
C SER F 210 15.75 -16.18 -24.69
N ASP F 211 15.97 -17.10 -25.61
CA ASP F 211 17.05 -18.07 -25.41
C ASP F 211 18.39 -17.62 -26.00
N ILE F 212 18.34 -16.71 -26.95
CA ILE F 212 19.58 -16.17 -27.49
C ILE F 212 19.72 -14.73 -27.04
N ILE F 213 18.62 -13.98 -27.15
CA ILE F 213 18.60 -12.57 -26.81
C ILE F 213 19.02 -12.35 -25.36
N ALA F 214 18.37 -13.06 -24.45
CA ALA F 214 18.59 -12.87 -23.01
C ALA F 214 19.80 -13.65 -22.49
N SER F 215 20.48 -14.34 -23.40
CA SER F 215 21.64 -15.13 -23.02
C SER F 215 22.81 -14.23 -22.61
N LEU F 216 23.47 -14.60 -21.52
CA LEU F 216 24.68 -13.93 -21.09
C LEU F 216 25.86 -14.31 -21.98
N ASP F 217 25.73 -15.44 -22.67
CA ASP F 217 26.69 -15.85 -23.69
C ASP F 217 25.93 -16.33 -24.94
N ALA F 218 25.54 -15.38 -25.79
CA ALA F 218 24.69 -15.69 -26.93
C ALA F 218 25.36 -16.60 -27.95
N ALA F 219 26.69 -16.51 -28.04
CA ALA F 219 27.43 -17.37 -28.97
C ALA F 219 27.26 -18.85 -28.60
N LYS F 220 27.33 -19.14 -27.31
CA LYS F 220 27.18 -20.49 -26.77
C LYS F 220 25.75 -20.97 -26.93
N SER F 221 24.80 -20.20 -26.40
CA SER F 221 23.39 -20.55 -26.47
C SER F 221 22.93 -20.88 -27.89
N THR F 222 23.55 -20.24 -28.88
CA THR F 222 23.21 -20.48 -30.28
C THR F 222 23.85 -21.76 -30.81
N LYS F 223 25.10 -22.03 -30.44
CA LYS F 223 25.80 -23.25 -30.90
C LYS F 223 25.11 -24.49 -30.35
N ILE F 224 24.43 -24.34 -29.21
CA ILE F 224 23.63 -25.39 -28.60
C ILE F 224 22.35 -25.66 -29.40
N LEU F 225 21.59 -24.61 -29.68
CA LEU F 225 20.34 -24.74 -30.43
C LEU F 225 20.61 -25.24 -31.84
N ARG F 226 21.78 -24.94 -32.39
CA ARG F 226 22.14 -25.48 -33.69
C ARG F 226 22.37 -26.97 -33.58
N GLY F 227 23.16 -27.38 -32.60
CA GLY F 227 23.39 -28.80 -32.34
C GLY F 227 22.11 -29.61 -32.28
N LEU F 228 21.07 -29.04 -31.66
CA LEU F 228 19.77 -29.69 -31.54
C LEU F 228 18.97 -29.68 -32.84
N ILE F 229 19.04 -28.59 -33.57
CA ILE F 229 18.21 -28.45 -34.75
C ILE F 229 18.67 -29.33 -35.93
N ASP F 230 19.97 -29.50 -36.10
CA ASP F 230 20.48 -30.30 -37.23
C ASP F 230 20.98 -31.71 -36.83
N LYS F 231 20.64 -32.11 -35.60
CA LYS F 231 20.73 -33.50 -35.20
C LYS F 231 19.52 -34.19 -35.83
N THR F 232 19.45 -35.52 -35.75
CA THR F 232 18.27 -36.22 -36.27
C THR F 232 17.76 -37.34 -35.38
N ASP F 233 18.38 -37.50 -34.21
CA ASP F 233 18.00 -38.54 -33.26
C ASP F 233 17.52 -37.91 -31.97
N TYR F 234 16.26 -38.13 -31.61
CA TYR F 234 15.81 -37.80 -30.26
C TYR F 234 15.77 -39.06 -29.39
N LYS F 235 16.91 -39.40 -28.80
CA LYS F 235 16.99 -40.52 -27.85
C LYS F 235 16.35 -40.10 -26.53
N PHE F 236 15.01 -40.10 -26.48
CA PHE F 236 14.26 -39.56 -25.35
C PHE F 236 14.15 -40.52 -24.19
N VAL F 237 14.44 -41.80 -24.48
CA VAL F 237 14.50 -42.81 -23.45
C VAL F 237 15.70 -43.74 -23.68
N ASN F 238 16.38 -44.11 -22.60
CA ASN F 238 17.57 -44.94 -22.68
C ASN F 238 17.24 -46.42 -22.90
N ILE F 239 16.55 -46.66 -24.01
CA ILE F 239 16.17 -47.98 -24.46
C ILE F 239 16.21 -47.95 -25.98
N GLY F 240 16.49 -49.09 -26.60
CA GLY F 240 16.45 -49.14 -28.06
C GLY F 240 15.09 -48.73 -28.60
N LEU F 241 15.10 -48.01 -29.71
CA LEU F 241 13.86 -47.59 -30.35
C LEU F 241 13.74 -48.15 -31.77
N SER F 242 14.66 -49.05 -32.11
CA SER F 242 14.67 -49.72 -33.41
C SER F 242 13.29 -50.24 -33.77
N THR F 243 12.93 -50.13 -35.05
CA THR F 243 11.63 -50.61 -35.49
C THR F 243 11.68 -52.14 -35.65
N LYS F 244 10.78 -52.82 -34.95
CA LYS F 244 10.71 -54.26 -35.03
C LYS F 244 9.41 -54.65 -35.72
N ASN F 245 9.53 -55.41 -36.80
CA ASN F 245 8.37 -55.88 -37.54
C ASN F 245 8.14 -57.36 -37.27
N SER F 246 9.21 -58.05 -36.90
CA SER F 246 9.11 -59.43 -36.47
C SER F 246 8.36 -59.51 -35.16
N LEU F 247 7.24 -60.23 -35.16
CA LEU F 247 6.49 -60.41 -33.93
C LEU F 247 7.43 -60.71 -32.76
N THR F 248 7.07 -60.21 -31.58
CA THR F 248 7.88 -60.44 -30.40
C THR F 248 7.97 -61.93 -30.12
N THR F 249 9.18 -62.47 -30.16
CA THR F 249 9.35 -63.92 -29.98
C THR F 249 9.27 -64.31 -28.52
N THR F 250 8.93 -65.58 -28.29
CA THR F 250 8.97 -66.15 -26.94
C THR F 250 10.30 -65.88 -26.24
N ASP F 251 11.40 -66.09 -26.96
CA ASP F 251 12.72 -65.90 -26.38
C ASP F 251 12.99 -64.45 -26.02
N GLU F 252 12.42 -63.51 -26.79
CA GLU F 252 12.53 -62.07 -26.49
C GLU F 252 11.75 -61.72 -25.23
N ILE F 253 10.48 -62.11 -25.18
CA ILE F 253 9.62 -61.94 -24.00
C ILE F 253 10.28 -62.49 -22.75
N GLN F 254 10.92 -63.64 -22.92
CA GLN F 254 11.60 -64.30 -21.83
C GLN F 254 12.74 -63.44 -21.32
N SER F 255 13.45 -62.80 -22.24
CA SER F 255 14.61 -61.99 -21.87
C SER F 255 14.14 -60.69 -21.22
N ILE F 256 12.99 -60.17 -21.67
CA ILE F 256 12.42 -58.96 -21.08
C ILE F 256 12.17 -59.21 -19.61
N ILE F 257 11.45 -60.28 -19.29
CA ILE F 257 11.06 -60.58 -17.92
C ILE F 257 12.27 -60.85 -17.03
N SER F 258 13.26 -61.53 -17.58
CA SER F 258 14.49 -61.79 -16.84
C SER F 258 15.15 -60.48 -16.44
N ASN F 259 15.17 -59.54 -17.39
CA ASN F 259 15.79 -58.24 -17.17
C ASN F 259 15.10 -57.44 -16.08
N THR F 260 13.77 -57.35 -16.15
CA THR F 260 13.03 -56.61 -15.14
C THR F 260 13.10 -57.29 -13.77
N LEU F 261 13.20 -58.61 -13.74
CA LEU F 261 13.41 -59.29 -12.46
C LEU F 261 14.80 -59.00 -11.90
N LYS F 262 15.80 -59.10 -12.76
CA LYS F 262 17.19 -58.89 -12.35
C LYS F 262 17.49 -57.42 -12.02
N ALA F 263 16.75 -56.51 -12.64
CA ALA F 263 17.03 -55.08 -12.51
C ALA F 263 16.24 -54.38 -11.41
N ARG F 264 15.24 -55.06 -10.86
CA ARG F 264 14.38 -54.49 -9.82
C ARG F 264 14.09 -53.00 -10.05
N PRO F 265 13.35 -52.68 -11.14
CA PRO F 265 13.03 -51.30 -11.51
C PRO F 265 12.21 -50.61 -10.44
N LEU F 266 12.50 -49.34 -10.19
CA LEU F 266 11.67 -48.53 -9.32
C LEU F 266 10.61 -47.82 -10.17
N VAL F 267 9.35 -48.15 -9.93
CA VAL F 267 8.27 -47.55 -10.68
C VAL F 267 7.49 -46.56 -9.84
N GLN F 268 7.70 -45.27 -10.08
CA GLN F 268 6.99 -44.22 -9.39
C GLN F 268 5.56 -44.14 -9.91
N HIS F 269 4.60 -44.31 -9.01
CA HIS F 269 3.19 -44.25 -9.36
C HIS F 269 2.54 -42.92 -9.00
N ILE F 270 2.09 -42.19 -9.99
CA ILE F 270 1.27 -41.03 -9.73
C ILE F 270 -0.11 -41.40 -10.23
N THR F 271 -0.98 -41.83 -9.31
CA THR F 271 -2.29 -42.34 -9.68
C THR F 271 -3.31 -42.12 -8.56
N ASN F 272 -4.57 -42.52 -8.80
CA ASN F 272 -5.71 -42.19 -7.91
C ASN F 272 -5.67 -42.82 -6.51
N VAL F 274 -7.48 -45.38 -5.68
CA VAL F 274 -7.94 -46.74 -5.98
C VAL F 274 -6.86 -47.67 -6.52
N HIS F 275 -6.12 -47.18 -7.52
CA HIS F 275 -5.04 -47.95 -8.12
C HIS F 275 -3.78 -47.87 -7.29
N GLN F 276 -3.81 -47.05 -6.25
CA GLN F 276 -2.70 -46.96 -5.31
C GLN F 276 -2.33 -48.37 -4.86
N ASN F 277 -3.16 -48.95 -4.01
CA ASN F 277 -2.86 -50.26 -3.46
C ASN F 277 -2.72 -51.32 -4.56
N PHE F 278 -3.71 -51.41 -5.43
CA PHE F 278 -3.67 -52.43 -6.48
C PHE F 278 -2.41 -52.36 -7.34
N GLY F 279 -2.12 -51.18 -7.88
CA GLY F 279 -0.97 -51.01 -8.74
C GLY F 279 0.35 -51.36 -8.07
N ALA F 280 0.47 -51.09 -6.78
CA ALA F 280 1.73 -51.34 -6.09
C ALA F 280 1.94 -52.83 -5.95
N ASN F 281 0.83 -53.56 -5.89
CA ASN F 281 0.88 -55.01 -5.80
C ASN F 281 1.28 -55.68 -7.11
N VAL F 282 0.72 -55.19 -8.21
CA VAL F 282 1.10 -55.64 -9.54
C VAL F 282 2.58 -55.37 -9.75
N THR F 283 3.04 -54.21 -9.33
CA THR F 283 4.43 -53.85 -9.48
C THR F 283 5.28 -54.76 -8.61
N LEU F 284 4.86 -54.89 -7.36
CA LEU F 284 5.62 -55.64 -6.38
C LEU F 284 5.70 -57.12 -6.79
N ALA F 285 4.66 -57.59 -7.46
CA ALA F 285 4.62 -58.96 -7.95
C ALA F 285 5.57 -59.17 -9.12
N LEU F 286 5.81 -58.14 -9.91
CA LEU F 286 6.75 -58.27 -11.02
C LEU F 286 8.19 -58.05 -10.56
N GLY F 287 8.43 -58.22 -9.26
CA GLY F 287 9.76 -58.07 -8.69
C GLY F 287 10.40 -56.68 -8.83
N SER F 288 9.59 -55.63 -8.74
CA SER F 288 10.10 -54.28 -8.81
C SER F 288 9.41 -53.37 -7.78
N SER F 289 10.17 -52.48 -7.16
CA SER F 289 9.68 -51.68 -6.05
C SER F 289 8.88 -50.46 -6.52
N PRO F 290 7.66 -50.30 -5.98
CA PRO F 290 6.84 -49.16 -6.35
C PRO F 290 6.95 -48.02 -5.34
N ILE F 291 6.91 -46.77 -5.81
CA ILE F 291 6.88 -45.61 -4.95
C ILE F 291 5.72 -44.72 -5.36
N MET F 292 4.95 -44.23 -4.39
CA MET F 292 3.75 -43.45 -4.68
C MET F 292 3.91 -42.00 -4.35
N SER F 293 5.13 -41.50 -4.53
CA SER F 293 5.47 -40.11 -4.21
C SER F 293 4.85 -39.10 -5.18
N GLU F 294 4.02 -38.21 -4.65
CA GLU F 294 3.51 -37.08 -5.42
C GLU F 294 4.16 -35.81 -4.90
N ILE F 295 5.40 -35.95 -4.44
CA ILE F 295 6.19 -34.87 -3.83
C ILE F 295 7.17 -34.27 -4.86
N GLN F 296 7.04 -32.96 -5.10
CA GLN F 296 7.81 -32.28 -6.14
C GLN F 296 9.33 -32.29 -5.99
N SER F 297 9.81 -32.06 -4.77
CA SER F 297 11.25 -32.01 -4.48
C SER F 297 11.97 -33.33 -4.71
N GLU F 298 11.28 -34.42 -4.37
CA GLU F 298 11.80 -35.78 -4.51
C GLU F 298 11.98 -36.17 -5.96
N VAL F 299 11.12 -35.62 -6.80
CA VAL F 299 10.99 -36.06 -8.19
C VAL F 299 12.32 -36.22 -8.94
N ASN F 300 13.28 -35.34 -8.71
CA ASN F 300 14.57 -35.49 -9.38
C ASN F 300 15.46 -36.57 -8.79
N ASP F 301 15.54 -36.64 -7.45
CA ASP F 301 16.33 -37.66 -6.77
C ASP F 301 15.76 -39.04 -7.11
N LEU F 302 14.44 -39.10 -7.24
CA LEU F 302 13.70 -40.34 -7.49
C LEU F 302 14.04 -40.91 -8.86
N ALA F 303 14.00 -40.06 -9.88
CA ALA F 303 14.30 -40.48 -11.26
C ALA F 303 15.80 -40.76 -11.51
N ALA F 304 16.62 -40.48 -10.52
CA ALA F 304 18.07 -40.70 -10.64
C ALA F 304 18.41 -42.16 -10.38
N ILE F 305 17.63 -42.79 -9.51
CA ILE F 305 17.80 -44.20 -9.15
C ILE F 305 17.78 -45.10 -10.39
N PRO F 306 18.66 -46.11 -10.43
CA PRO F 306 18.82 -46.92 -11.64
C PRO F 306 17.54 -47.63 -12.07
N HIS F 307 17.41 -47.83 -13.37
CA HIS F 307 16.21 -48.43 -13.95
C HIS F 307 14.91 -47.90 -13.34
N ALA F 308 14.82 -46.57 -13.19
CA ALA F 308 13.60 -45.93 -12.66
C ALA F 308 12.61 -45.68 -13.78
N THR F 309 11.35 -45.47 -13.43
CA THR F 309 10.25 -45.44 -14.40
C THR F 309 9.04 -44.67 -13.86
N LEU F 310 8.41 -43.87 -14.70
CA LEU F 310 7.28 -43.09 -14.22
C LEU F 310 6.01 -43.63 -14.81
N LEU F 311 5.06 -43.99 -13.94
CA LEU F 311 3.71 -44.38 -14.36
C LEU F 311 2.75 -43.27 -13.96
N LEU F 312 1.95 -42.81 -14.92
CA LEU F 312 1.22 -41.57 -14.74
C LEU F 312 -0.25 -41.73 -15.05
N ASN F 313 -1.08 -41.53 -14.03
CA ASN F 313 -2.53 -41.49 -14.19
C ASN F 313 -3.08 -40.07 -14.17
N THR F 314 -4.11 -39.85 -14.98
CA THR F 314 -4.87 -38.63 -14.85
C THR F 314 -5.96 -38.95 -13.85
N GLY F 315 -6.57 -37.91 -13.28
CA GLY F 315 -7.51 -38.10 -12.20
C GLY F 315 -6.72 -38.33 -10.93
N SER F 316 -5.42 -38.10 -11.01
CA SER F 316 -4.57 -38.07 -9.84
C SER F 316 -4.85 -36.79 -9.06
N VAL F 317 -4.46 -36.79 -7.79
CA VAL F 317 -4.73 -35.66 -6.91
C VAL F 317 -3.61 -34.61 -6.97
N ALA F 318 -2.49 -34.97 -7.61
CA ALA F 318 -1.33 -34.08 -7.69
C ALA F 318 -1.51 -32.91 -8.66
N PRO F 319 -0.91 -31.76 -8.33
CA PRO F 319 -1.07 -30.50 -9.06
C PRO F 319 -0.32 -30.51 -10.39
N PRO F 320 -0.94 -30.01 -11.48
CA PRO F 320 -0.24 -29.86 -12.76
C PRO F 320 1.23 -29.39 -12.62
N GLU F 321 1.51 -28.37 -11.81
CA GLU F 321 2.89 -27.91 -11.65
C GLU F 321 3.87 -29.03 -11.24
N MET F 322 3.38 -30.08 -10.59
CA MET F 322 4.23 -31.18 -10.14
C MET F 322 4.29 -32.32 -11.17
N LEU F 323 3.17 -32.58 -11.84
CA LEU F 323 3.19 -33.52 -12.94
C LEU F 323 4.20 -33.02 -13.99
N LYS F 324 4.10 -31.74 -14.35
CA LYS F 324 5.11 -31.15 -15.23
C LYS F 324 6.47 -31.40 -14.63
N ALA F 325 6.63 -31.06 -13.35
CA ALA F 325 7.90 -31.24 -12.66
C ALA F 325 8.49 -32.63 -12.86
N ALA F 326 7.63 -33.65 -12.81
CA ALA F 326 8.06 -35.04 -12.87
C ALA F 326 8.30 -35.51 -14.31
N ILE F 327 7.28 -35.36 -15.15
CA ILE F 327 7.40 -35.66 -16.58
C ILE F 327 8.71 -35.12 -17.13
N ARG F 328 9.06 -33.89 -16.76
CA ARG F 328 10.36 -33.32 -17.10
C ARG F 328 11.51 -34.06 -16.42
N ALA F 329 11.43 -34.23 -15.11
CA ALA F 329 12.50 -34.87 -14.35
C ALA F 329 12.96 -36.19 -14.96
N TYR F 330 12.01 -36.96 -15.49
CA TYR F 330 12.31 -38.25 -16.12
C TYR F 330 12.87 -38.13 -17.52
N ASN F 331 12.35 -37.20 -18.33
CA ASN F 331 12.89 -36.97 -19.66
C ASN F 331 14.33 -36.48 -19.62
N ASP F 332 14.66 -35.72 -18.58
CA ASP F 332 16.00 -35.16 -18.42
C ASP F 332 17.00 -36.29 -18.28
N VAL F 333 16.65 -37.27 -17.46
CA VAL F 333 17.51 -38.42 -17.18
C VAL F 333 17.31 -39.55 -18.21
N LYS F 334 16.44 -39.32 -19.19
CA LYS F 334 16.17 -40.29 -20.25
C LYS F 334 15.58 -41.64 -19.77
N ARG F 335 14.78 -41.58 -18.72
CA ARG F 335 14.06 -42.73 -18.24
C ARG F 335 12.63 -42.70 -18.78
N PRO F 336 11.95 -43.86 -18.78
CA PRO F 336 10.66 -44.07 -19.45
C PRO F 336 9.44 -43.60 -18.66
N ILE F 337 8.54 -42.88 -19.33
CA ILE F 337 7.25 -42.55 -18.76
C ILE F 337 6.13 -43.33 -19.43
N VAL F 338 5.28 -43.96 -18.63
CA VAL F 338 4.06 -44.56 -19.16
C VAL F 338 2.83 -43.75 -18.78
N PHE F 339 2.08 -43.32 -19.78
CA PHE F 339 0.97 -42.41 -19.56
C PHE F 339 -0.34 -43.15 -19.70
N ASP F 340 -1.15 -43.08 -18.66
CA ASP F 340 -2.47 -43.73 -18.65
C ASP F 340 -3.56 -42.67 -18.42
N PRO F 341 -4.11 -42.13 -19.50
CA PRO F 341 -5.17 -41.11 -19.40
C PRO F 341 -6.53 -41.74 -19.09
N VAL F 342 -6.91 -41.72 -17.81
CA VAL F 342 -8.18 -42.29 -17.40
C VAL F 342 -9.22 -41.20 -17.13
N GLY F 343 -9.36 -40.29 -18.07
CA GLY F 343 -10.31 -39.19 -17.95
C GLY F 343 -10.54 -38.46 -19.26
N TYR F 344 -9.78 -38.85 -20.29
CA TYR F 344 -9.91 -38.23 -21.60
C TYR F 344 -11.29 -38.46 -22.19
N THR F 347 -14.84 -35.86 -18.44
CA THR F 347 -15.24 -34.54 -17.98
C THR F 347 -14.34 -33.48 -18.64
N GLU F 348 -14.91 -32.33 -18.99
CA GLU F 348 -14.13 -31.16 -19.41
C GLU F 348 -12.82 -30.95 -18.62
N THR F 349 -12.88 -31.08 -17.30
CA THR F 349 -11.69 -30.85 -16.47
C THR F 349 -10.54 -31.82 -16.75
N ARG F 350 -10.89 -33.07 -17.03
CA ARG F 350 -9.87 -34.09 -17.31
C ARG F 350 -9.32 -33.96 -18.72
N LEU F 351 -10.21 -33.79 -19.68
CA LEU F 351 -9.79 -33.49 -21.04
C LEU F 351 -8.72 -32.41 -21.02
N LEU F 352 -9.01 -31.33 -20.31
CA LEU F 352 -8.11 -30.20 -20.16
C LEU F 352 -6.76 -30.61 -19.58
N LEU F 353 -6.80 -31.33 -18.47
CA LEU F 353 -5.59 -31.76 -17.77
C LEU F 353 -4.70 -32.67 -18.63
N ASN F 354 -5.32 -33.61 -19.34
CA ASN F 354 -4.56 -34.52 -20.21
C ASN F 354 -3.82 -33.77 -21.30
N ASN F 355 -4.55 -32.94 -22.03
CA ASN F 355 -3.95 -32.20 -23.11
C ASN F 355 -2.79 -31.38 -22.60
N LYS F 356 -2.92 -30.92 -21.36
CA LYS F 356 -1.88 -30.11 -20.74
C LYS F 356 -0.65 -30.98 -20.45
N LEU F 357 -0.90 -32.19 -19.97
CA LEU F 357 0.19 -33.12 -19.67
C LEU F 357 0.94 -33.57 -20.91
N LEU F 358 0.22 -33.81 -22.00
CA LEU F 358 0.81 -34.35 -23.21
C LEU F 358 1.78 -33.37 -23.87
N THR F 359 1.88 -32.18 -23.29
CA THR F 359 2.79 -31.17 -23.82
C THR F 359 3.89 -30.85 -22.81
N PHE F 360 3.92 -31.60 -21.71
CA PHE F 360 4.96 -31.44 -20.70
C PHE F 360 6.24 -32.24 -21.00
N GLY F 361 6.12 -33.30 -21.79
CA GLY F 361 7.27 -34.12 -22.12
C GLY F 361 6.97 -35.22 -23.13
N GLN F 362 7.92 -36.14 -23.28
CA GLN F 362 7.81 -37.25 -24.23
C GLN F 362 7.53 -38.53 -23.51
N PHE F 363 6.43 -39.18 -23.87
CA PHE F 363 6.05 -40.45 -23.21
C PHE F 363 6.53 -41.68 -23.96
N SER F 364 7.10 -42.63 -23.23
CA SER F 364 7.50 -43.89 -23.85
C SER F 364 6.28 -44.75 -24.22
N CYS F 365 5.20 -44.63 -23.45
CA CYS F 365 3.99 -45.38 -23.75
C CYS F 365 2.69 -44.72 -23.28
N ILE F 366 1.73 -44.59 -24.18
CA ILE F 366 0.39 -44.16 -23.84
C ILE F 366 -0.57 -45.35 -23.90
N LYS F 367 -1.33 -45.55 -22.82
CA LYS F 367 -2.22 -46.72 -22.67
C LYS F 367 -3.66 -46.31 -22.41
N GLY F 368 -4.59 -46.83 -23.21
CA GLY F 368 -5.99 -46.52 -22.99
C GLY F 368 -6.89 -47.60 -23.54
N ASN F 369 -8.19 -47.42 -23.37
CA ASN F 369 -9.17 -48.33 -23.95
C ASN F 369 -10.06 -47.61 -24.95
N SER F 370 -10.75 -48.36 -25.81
CA SER F 370 -11.63 -47.83 -26.84
C SER F 370 -11.92 -46.33 -26.77
N SER F 371 -12.59 -45.88 -25.71
CA SER F 371 -12.97 -44.47 -25.56
C SER F 371 -11.78 -43.53 -25.52
N GLU F 372 -10.89 -43.78 -24.57
CA GLU F 372 -9.70 -42.96 -24.38
C GLU F 372 -8.77 -42.92 -25.60
N ILE F 373 -8.66 -44.03 -26.32
CA ILE F 373 -7.81 -44.08 -27.52
C ILE F 373 -8.45 -43.38 -28.72
N LEU F 374 -9.76 -43.56 -28.91
CA LEU F 374 -10.46 -42.84 -29.98
C LEU F 374 -10.40 -41.33 -29.72
N GLY F 375 -10.62 -40.95 -28.46
CA GLY F 375 -10.57 -39.56 -28.05
C GLY F 375 -9.21 -38.94 -28.32
N LEU F 376 -8.16 -39.66 -27.96
CA LEU F 376 -6.78 -39.20 -28.16
C LEU F 376 -6.40 -39.07 -29.63
N ALA F 377 -6.99 -39.92 -30.46
CA ALA F 377 -6.72 -39.90 -31.90
C ALA F 377 -7.54 -38.80 -32.57
N GLU F 378 -8.55 -38.31 -31.85
CA GLU F 378 -9.42 -37.29 -32.36
C GLU F 378 -10.32 -37.85 -33.46
N LEU F 379 -11.14 -38.82 -33.05
CA LEU F 379 -12.12 -39.50 -33.90
C LEU F 379 -12.64 -38.61 -35.03
N SER F 394 -16.36 -50.44 -33.40
CA SER F 394 -15.75 -51.28 -34.45
C SER F 394 -14.47 -51.98 -33.96
N ASN F 395 -13.70 -52.55 -34.89
CA ASN F 395 -12.43 -53.21 -34.54
C ASN F 395 -11.25 -52.81 -35.44
N GLU F 396 -11.51 -52.57 -36.71
CA GLU F 396 -10.48 -52.03 -37.59
C GLU F 396 -10.27 -50.58 -37.23
N LEU F 397 -11.32 -49.95 -36.69
CA LEU F 397 -11.27 -48.55 -36.30
C LEU F 397 -10.35 -48.37 -35.11
N LEU F 398 -10.48 -49.25 -34.13
CA LEU F 398 -9.58 -49.24 -32.97
C LEU F 398 -8.11 -49.37 -33.41
N ILE F 399 -7.87 -50.20 -34.41
CA ILE F 399 -6.52 -50.37 -34.92
C ILE F 399 -6.04 -49.07 -35.56
N GLN F 400 -6.88 -48.45 -36.37
CA GLN F 400 -6.53 -47.17 -37.01
C GLN F 400 -6.23 -46.11 -35.95
N ALA F 401 -7.09 -46.03 -34.93
CA ALA F 401 -6.92 -45.07 -33.85
C ALA F 401 -5.65 -45.30 -33.04
N THR F 402 -5.36 -46.56 -32.71
CA THR F 402 -4.14 -46.88 -31.98
C THR F 402 -2.88 -46.45 -32.73
N LYS F 403 -2.87 -46.61 -34.06
CA LYS F 403 -1.73 -46.14 -34.84
C LYS F 403 -1.66 -44.61 -34.85
N ILE F 404 -2.81 -43.98 -35.02
CA ILE F 404 -2.91 -42.51 -35.00
C ILE F 404 -2.32 -41.92 -33.71
N VAL F 405 -2.73 -42.46 -32.58
CA VAL F 405 -2.20 -42.04 -31.28
C VAL F 405 -0.70 -42.30 -31.16
N ALA F 406 -0.27 -43.51 -31.51
CA ALA F 406 1.13 -43.87 -31.42
C ALA F 406 1.98 -42.86 -32.22
N PHE F 407 1.57 -42.61 -33.45
CA PHE F 407 2.32 -41.69 -34.29
C PHE F 407 2.27 -40.28 -33.74
N LYS F 408 1.07 -39.81 -33.42
CA LYS F 408 0.84 -38.44 -33.00
C LYS F 408 1.78 -38.02 -31.88
N TYR F 409 1.81 -38.82 -30.81
CA TYR F 409 2.59 -38.50 -29.62
C TYR F 409 3.91 -39.26 -29.61
N LYS F 410 4.31 -39.71 -30.80
CA LYS F 410 5.58 -40.41 -31.04
C LYS F 410 5.88 -41.36 -29.89
N THR F 411 5.09 -42.43 -29.80
CA THR F 411 5.15 -43.28 -28.62
C THR F 411 4.55 -44.64 -28.92
N VAL F 412 4.88 -45.64 -28.11
CA VAL F 412 4.17 -46.91 -28.17
C VAL F 412 2.78 -46.74 -27.54
N ALA F 413 1.72 -46.90 -28.33
CA ALA F 413 0.37 -46.73 -27.81
C ALA F 413 -0.33 -48.06 -27.65
N VAL F 414 -0.91 -48.30 -26.48
CA VAL F 414 -1.63 -49.53 -26.22
C VAL F 414 -3.12 -49.27 -26.09
N CYS F 415 -3.93 -50.04 -26.82
CA CYS F 415 -5.38 -49.91 -26.73
C CYS F 415 -6.01 -51.20 -26.21
N THR F 416 -6.47 -51.20 -24.97
CA THR F 416 -7.05 -52.40 -24.37
C THR F 416 -8.51 -52.70 -24.74
N GLY F 417 -8.83 -53.98 -24.82
CA GLY F 417 -10.19 -54.41 -25.10
C GLY F 417 -10.21 -55.92 -25.07
N GLU F 418 -11.09 -56.52 -25.87
CA GLU F 418 -11.04 -57.97 -26.07
C GLU F 418 -9.71 -58.29 -26.74
N PHE F 419 -9.43 -57.58 -27.82
CA PHE F 419 -8.10 -57.55 -28.41
C PHE F 419 -7.36 -56.32 -27.89
N ASP F 420 -6.08 -56.48 -27.56
CA ASP F 420 -5.22 -55.35 -27.24
C ASP F 420 -4.38 -55.03 -28.46
N PHE F 421 -4.34 -53.78 -28.86
CA PHE F 421 -3.53 -53.39 -30.00
C PHE F 421 -2.36 -52.56 -29.54
N ILE F 422 -1.17 -52.91 -30.02
CA ILE F 422 0.03 -52.14 -29.71
C ILE F 422 0.63 -51.56 -30.98
N ALA F 423 0.81 -50.24 -31.01
CA ALA F 423 1.41 -49.58 -32.17
C ALA F 423 2.70 -48.85 -31.77
N ASP F 424 3.74 -48.98 -32.59
CA ASP F 424 5.00 -48.26 -32.34
C ASP F 424 5.09 -47.03 -33.24
N GLY F 425 4.95 -45.87 -32.64
CA GLY F 425 5.03 -44.64 -33.41
C GLY F 425 6.29 -43.84 -33.15
N THR F 426 7.30 -44.47 -32.54
CA THR F 426 8.53 -43.75 -32.22
C THR F 426 9.41 -43.53 -33.45
N ILE F 427 9.24 -44.34 -34.48
CA ILE F 427 10.04 -44.17 -35.69
C ILE F 427 11.53 -44.00 -35.34
N GLU F 428 12.03 -44.82 -34.41
CA GLU F 428 13.45 -44.86 -34.08
C GLU F 428 13.98 -43.55 -33.53
N GLY F 429 13.07 -42.67 -33.14
CA GLY F 429 13.42 -41.37 -32.59
C GLY F 429 13.89 -40.36 -33.63
N LYS F 430 13.49 -40.58 -34.87
CA LYS F 430 13.94 -39.76 -35.99
C LYS F 430 13.12 -38.47 -36.11
N TYR F 431 13.80 -37.34 -36.21
CA TYR F 431 13.14 -36.09 -36.61
C TYR F 431 13.99 -35.34 -37.61
N SER F 432 13.37 -34.49 -38.40
CA SER F 432 14.10 -33.67 -39.33
C SER F 432 13.27 -32.45 -39.70
N LEU F 433 13.94 -31.42 -40.19
CA LEU F 433 13.27 -30.19 -40.57
C LEU F 433 12.69 -30.30 -41.95
N SER F 434 11.50 -29.70 -42.06
CA SER F 434 10.77 -29.61 -43.30
C SER F 434 10.36 -30.86 -44.12
N LYS F 435 10.73 -32.05 -43.64
CA LYS F 435 10.74 -33.27 -44.48
C LYS F 435 9.40 -33.99 -44.33
N GLY F 436 9.14 -34.69 -43.21
CA GLY F 436 9.85 -34.58 -41.96
C GLY F 436 10.16 -35.97 -41.48
N THR F 437 9.20 -36.87 -41.66
CA THR F 437 9.40 -38.31 -41.59
C THR F 437 9.58 -38.80 -43.06
N ASN F 438 10.78 -39.18 -43.48
CA ASN F 438 11.00 -39.41 -44.91
C ASN F 438 9.68 -39.72 -45.67
N GLY F 439 8.97 -40.78 -45.27
CA GLY F 439 7.62 -41.05 -45.73
C GLY F 439 6.85 -42.06 -44.86
N THR F 440 7.18 -42.08 -43.57
CA THR F 440 6.57 -43.01 -42.64
C THR F 440 5.33 -42.40 -42.02
N SER F 441 4.16 -42.68 -42.58
CA SER F 441 2.93 -42.09 -42.07
C SER F 441 2.21 -42.88 -40.97
N VAL F 442 1.14 -42.29 -40.43
CA VAL F 442 0.25 -42.97 -39.49
C VAL F 442 -0.11 -44.36 -39.96
N GLU F 443 -0.31 -44.51 -41.27
CA GLU F 443 -0.84 -45.74 -41.86
C GLU F 443 0.08 -46.95 -41.68
N ASP F 444 1.38 -46.73 -41.77
CA ASP F 444 2.31 -47.83 -41.98
C ASP F 444 3.34 -48.08 -40.86
N ILE F 445 3.01 -47.70 -39.63
CA ILE F 445 3.86 -48.06 -38.49
C ILE F 445 3.48 -49.43 -37.95
N PRO F 446 4.44 -50.15 -37.33
CA PRO F 446 4.16 -51.48 -36.75
C PRO F 446 3.00 -51.43 -35.76
N CYS F 447 1.99 -52.26 -36.01
CA CYS F 447 0.90 -52.44 -35.08
C CYS F 447 0.50 -53.90 -34.98
N VAL F 448 0.60 -54.44 -33.78
CA VAL F 448 0.33 -55.84 -33.52
C VAL F 448 -0.92 -55.99 -32.64
N ALA F 449 -1.46 -57.20 -32.60
CA ALA F 449 -2.63 -57.48 -31.77
C ALA F 449 -2.33 -58.60 -30.78
N VAL F 450 -3.06 -58.60 -29.66
CA VAL F 450 -2.93 -59.63 -28.66
C VAL F 450 -4.31 -60.04 -28.19
N GLU F 451 -4.70 -61.27 -28.50
CA GLU F 451 -6.02 -61.76 -28.08
C GLU F 451 -5.96 -63.04 -27.25
N ALA F 452 -6.99 -63.26 -26.45
CA ALA F 452 -7.09 -64.50 -25.67
C ALA F 452 -8.56 -64.81 -25.40
N GLY F 453 -9.40 -64.55 -26.39
CA GLY F 453 -10.83 -64.78 -26.26
C GLY F 453 -11.46 -63.87 -25.22
N PRO F 454 -12.78 -64.01 -25.02
CA PRO F 454 -13.53 -63.26 -24.02
C PRO F 454 -13.07 -63.59 -22.58
N ILE F 455 -13.24 -62.65 -21.65
CA ILE F 455 -12.79 -62.85 -20.28
C ILE F 455 -13.77 -62.32 -19.23
N SER F 467 -3.88 -51.81 -14.07
CA SER F 467 -2.88 -52.82 -13.71
C SER F 467 -1.96 -53.09 -14.88
N LEU F 468 -2.53 -52.99 -16.08
CA LEU F 468 -1.77 -53.12 -17.31
C LEU F 468 -0.72 -52.01 -17.40
N GLY F 469 -1.09 -50.81 -16.95
CA GLY F 469 -0.16 -49.70 -16.88
C GLY F 469 1.06 -50.09 -16.05
N SER F 470 0.82 -50.56 -14.82
CA SER F 470 1.92 -50.91 -13.90
C SER F 470 2.77 -52.04 -14.46
N THR F 471 2.16 -52.97 -15.18
CA THR F 471 2.89 -54.06 -15.82
C THR F 471 3.81 -53.52 -16.90
N ILE F 472 3.22 -52.90 -17.91
CA ILE F 472 3.98 -52.26 -18.97
C ILE F 472 5.12 -51.45 -18.38
N ALA F 473 4.84 -50.74 -17.28
CA ALA F 473 5.85 -49.91 -16.64
C ALA F 473 7.05 -50.72 -16.16
N CYS F 474 6.78 -51.89 -15.59
CA CYS F 474 7.85 -52.75 -15.08
C CYS F 474 8.66 -53.43 -16.19
N MET F 475 8.01 -53.72 -17.30
CA MET F 475 8.70 -54.37 -18.42
C MET F 475 9.65 -53.40 -19.07
N ILE F 476 9.18 -52.20 -19.37
CA ILE F 476 10.02 -51.17 -19.95
C ILE F 476 11.12 -50.75 -18.97
N GLY F 477 10.79 -50.81 -17.68
CA GLY F 477 11.72 -50.39 -16.64
C GLY F 477 12.99 -51.20 -16.58
N GLY F 478 12.84 -52.51 -16.78
CA GLY F 478 13.95 -53.45 -16.74
C GLY F 478 14.87 -53.47 -17.96
N GLN F 479 14.35 -53.02 -19.09
CA GLN F 479 15.15 -52.91 -20.32
C GLN F 479 16.43 -52.12 -20.09
N PRO F 480 17.55 -52.63 -20.62
CA PRO F 480 18.87 -52.03 -20.54
C PRO F 480 19.14 -51.23 -21.80
N SER F 481 20.23 -50.48 -21.80
CA SER F 481 20.68 -49.72 -22.95
C SER F 481 20.35 -50.42 -24.27
N GLU F 482 20.71 -51.71 -24.32
CA GLU F 482 20.64 -52.52 -25.53
C GLU F 482 19.24 -53.06 -25.83
N GLY F 483 18.27 -52.74 -24.98
CA GLY F 483 16.92 -53.29 -25.07
C GLY F 483 16.10 -52.82 -26.26
N ASN F 484 14.79 -53.00 -26.16
CA ASN F 484 13.88 -52.48 -27.18
C ASN F 484 12.56 -52.16 -26.55
N LEU F 485 12.16 -50.89 -26.68
CA LEU F 485 10.96 -50.39 -26.06
C LEU F 485 9.70 -51.09 -26.55
N PHE F 486 9.59 -51.27 -27.86
CA PHE F 486 8.38 -51.85 -28.42
C PHE F 486 8.13 -53.29 -27.92
N HIS F 487 9.16 -54.13 -27.94
CA HIS F 487 8.99 -55.51 -27.47
C HIS F 487 8.58 -55.51 -26.01
N ALA F 488 9.21 -54.64 -25.21
CA ALA F 488 8.91 -54.57 -23.79
C ALA F 488 7.42 -54.32 -23.59
N VAL F 489 6.87 -53.35 -24.30
CA VAL F 489 5.45 -53.06 -24.16
C VAL F 489 4.62 -54.27 -24.54
N VAL F 490 4.90 -54.89 -25.68
CA VAL F 490 4.15 -56.08 -26.09
C VAL F 490 4.25 -57.19 -25.04
N ALA F 491 5.45 -57.43 -24.54
CA ALA F 491 5.65 -58.39 -23.44
C ALA F 491 4.70 -58.11 -22.28
N GLY F 492 4.66 -56.87 -21.81
CA GLY F 492 3.72 -56.48 -20.78
C GLY F 492 2.26 -56.79 -21.09
N VAL F 493 1.81 -56.49 -22.30
CA VAL F 493 0.41 -56.72 -22.67
C VAL F 493 0.12 -58.21 -22.74
N MET F 494 1.13 -58.99 -23.12
CA MET F 494 1.01 -60.45 -23.12
C MET F 494 0.93 -60.97 -21.69
N LEU F 495 1.97 -60.69 -20.92
CA LEU F 495 2.03 -61.08 -19.52
C LEU F 495 0.74 -60.75 -18.79
N TYR F 496 0.20 -59.55 -19.02
CA TYR F 496 -1.04 -59.16 -18.37
C TYR F 496 -2.22 -59.96 -18.89
N LYS F 497 -2.39 -59.97 -20.20
CA LYS F 497 -3.47 -60.71 -20.82
C LYS F 497 -3.40 -62.19 -20.40
N ALA F 498 -2.18 -62.70 -20.23
CA ALA F 498 -1.96 -64.09 -19.82
C ALA F 498 -2.39 -64.35 -18.38
N ALA F 499 -1.92 -63.52 -17.45
CA ALA F 499 -2.34 -63.63 -16.05
C ALA F 499 -3.84 -63.34 -15.91
N GLY F 500 -4.46 -62.83 -16.97
CA GLY F 500 -5.89 -62.58 -16.97
C GLY F 500 -6.68 -63.84 -17.22
N LYS F 501 -6.32 -64.59 -18.26
CA LYS F 501 -6.97 -65.87 -18.53
C LYS F 501 -6.85 -66.73 -17.28
N ILE F 502 -5.63 -66.88 -16.76
CA ILE F 502 -5.41 -67.74 -15.60
C ILE F 502 -6.25 -67.35 -14.40
N ALA F 503 -6.27 -66.06 -14.08
CA ALA F 503 -7.03 -65.59 -12.93
C ALA F 503 -8.54 -65.83 -13.12
N SER F 504 -9.08 -65.47 -14.28
CA SER F 504 -10.51 -65.64 -14.52
C SER F 504 -10.95 -67.08 -14.33
N GLU F 505 -10.05 -68.04 -14.55
CA GLU F 505 -10.34 -69.45 -14.34
C GLU F 505 -10.27 -69.82 -12.85
N LYS F 506 -9.20 -69.40 -12.16
CA LYS F 506 -8.94 -69.82 -10.78
C LYS F 506 -9.73 -69.04 -9.73
N CYS F 507 -10.75 -68.29 -10.14
CA CYS F 507 -11.37 -67.36 -9.20
C CYS F 507 -12.87 -67.60 -9.01
N ASN F 508 -13.38 -67.06 -7.89
CA ASN F 508 -14.79 -67.18 -7.54
C ASN F 508 -15.62 -65.89 -7.61
N GLY F 509 -15.03 -64.81 -8.13
CA GLY F 509 -15.71 -63.54 -8.25
C GLY F 509 -14.76 -62.38 -8.48
N SER F 510 -15.28 -61.15 -8.41
CA SER F 510 -14.45 -59.96 -8.59
C SER F 510 -13.30 -59.95 -7.62
N GLY F 511 -13.62 -60.21 -6.36
CA GLY F 511 -12.65 -60.18 -5.28
C GLY F 511 -11.45 -61.06 -5.51
N SER F 512 -11.67 -62.36 -5.61
CA SER F 512 -10.55 -63.24 -5.87
C SER F 512 -9.91 -63.00 -7.24
N PHE F 513 -10.69 -62.61 -8.25
CA PHE F 513 -10.10 -62.42 -9.57
C PHE F 513 -8.90 -61.50 -9.49
N GLN F 514 -9.01 -60.52 -8.61
CA GLN F 514 -7.98 -59.50 -8.47
C GLN F 514 -6.74 -60.12 -7.79
N VAL F 515 -6.93 -60.73 -6.62
CA VAL F 515 -5.80 -61.35 -5.92
C VAL F 515 -5.20 -62.52 -6.71
N GLU F 516 -5.99 -63.23 -7.50
CA GLU F 516 -5.44 -64.26 -8.39
C GLU F 516 -4.64 -63.67 -9.56
N LEU F 517 -5.00 -62.47 -9.99
CA LEU F 517 -4.31 -61.82 -11.10
C LEU F 517 -2.90 -61.46 -10.63
N ILE F 518 -2.81 -60.88 -9.44
CA ILE F 518 -1.52 -60.57 -8.87
C ILE F 518 -0.69 -61.85 -8.71
N ASP F 519 -1.31 -62.90 -8.20
CA ASP F 519 -0.65 -64.21 -8.10
C ASP F 519 -0.14 -64.70 -9.43
N ALA F 520 -1.01 -64.75 -10.43
CA ALA F 520 -0.65 -65.24 -11.76
C ALA F 520 0.50 -64.45 -12.36
N LEU F 521 0.54 -63.14 -12.09
CA LEU F 521 1.65 -62.34 -12.54
C LEU F 521 2.93 -62.78 -11.82
N TYR F 522 2.82 -63.04 -10.53
CA TYR F 522 3.96 -63.49 -9.76
C TYR F 522 4.48 -64.81 -10.27
N ARG F 523 3.59 -65.79 -10.40
CA ARG F 523 3.95 -67.12 -10.88
C ARG F 523 4.46 -67.10 -12.32
N LEU F 524 3.74 -66.42 -13.20
CA LEU F 524 4.11 -66.36 -14.62
C LEU F 524 5.54 -65.91 -14.86
N THR F 525 6.00 -64.94 -14.07
CA THR F 525 7.34 -64.36 -14.27
C THR F 525 8.45 -65.09 -13.52
N ARG F 526 8.10 -65.81 -12.45
CA ARG F 526 9.10 -66.60 -11.76
C ARG F 526 9.54 -67.79 -12.61
N GLU F 527 8.69 -68.19 -13.55
CA GLU F 527 9.02 -69.20 -14.55
C GLU F 527 8.81 -68.60 -15.95
N ASN F 528 9.86 -68.11 -16.58
CA ASN F 528 9.70 -67.62 -17.93
C ASN F 528 9.46 -68.79 -18.85
N THR F 529 8.21 -69.12 -19.09
CA THR F 529 7.91 -70.19 -20.04
C THR F 529 6.91 -69.70 -21.06
N PRO F 530 7.19 -68.52 -21.63
CA PRO F 530 6.21 -67.82 -22.48
C PRO F 530 5.59 -68.71 -23.54
N VAL F 531 6.28 -69.78 -23.93
CA VAL F 531 5.70 -70.79 -24.83
C VAL F 531 4.38 -71.31 -24.23
N THR F 532 4.35 -71.41 -22.91
CA THR F 532 3.15 -71.77 -22.13
C THR F 532 1.92 -70.87 -22.32
N TRP F 533 2.12 -69.55 -22.37
CA TRP F 533 1.04 -68.57 -22.16
C TRP F 533 -0.07 -68.50 -23.20
N ALA F 534 -1.29 -68.39 -22.67
CA ALA F 534 -2.57 -68.40 -23.41
C ALA F 534 -2.77 -67.43 -24.59
N PRO F 535 -2.22 -66.19 -24.51
CA PRO F 535 -2.51 -65.15 -25.51
C PRO F 535 -1.73 -65.25 -26.83
N LYS F 536 -2.47 -65.12 -27.93
CA LYS F 536 -1.96 -65.27 -29.28
C LYS F 536 -1.61 -63.91 -29.86
N LEU F 537 -0.36 -63.79 -30.31
CA LEU F 537 0.15 -62.51 -30.78
C LEU F 537 0.23 -62.42 -32.31
N THR F 538 -0.78 -61.85 -32.94
CA THR F 538 -0.82 -61.76 -34.40
C THR F 538 -0.31 -60.42 -34.93
N HIS F 539 -0.44 -60.21 -36.24
CA HIS F 539 -0.21 -58.88 -36.82
C HIS F 539 -1.56 -58.18 -36.99
N THR F 540 -1.53 -56.86 -37.13
CA THR F 540 -2.75 -56.07 -37.31
C THR F 540 -2.93 -55.69 -38.77
#